data_7U6R
#
_entry.id   7U6R
#
_cell.length_a   1.00
_cell.length_b   1.00
_cell.length_c   1.00
_cell.angle_alpha   90.00
_cell.angle_beta   90.00
_cell.angle_gamma   90.00
#
_symmetry.space_group_name_H-M   'P 1'
#
loop_
_entity.id
_entity.type
_entity.pdbx_description
1 polymer 'PDF-2180 Spike glycoprotein'
2 branched 2-acetamido-2-deoxy-beta-D-glucopyranose-(1-4)-2-acetamido-2-deoxy-beta-D-glucopyranose
3 non-polymer 2-acetamido-2-deoxy-beta-D-glucopyranose
#
_entity_poly.entity_id   1
_entity_poly.type   'polypeptide(L)'
_entity_poly.pdbx_seq_one_letter_code
;MTYSVSLLMCLLTFIGANAKIVSIPGGVGTGACPQVDMQPSYFIKHNWPEPIDMNKADGVIYPNGRTYSNITLQTTNLFP
RNGDLGTQYVYSASNEKSRTSNVAFISNYSYYGNPFGDGIVIRIGQNSNKTGSVIVGTAQTTIKKIYPALMLGSSFGNFS
VNNKSGAYFNHTLLILPSKCGTVFQVAYCLLQPRTDSYCPGNANYVSYALIDSPTDCTSADESKRRNGLEDIKKYFNLVN
CTYFEEFNVTADERAEWFGITQDSQGVHLYTSRKNGFNSNNLFLFASVPIYDKINYYTVIPRSIITPANQRSAWAAFYVY
PLHQLSYLLNFDVNGYITQAADCGYNDYTQLVCSYGDFNMKSGVYSTSYYSAKPVGAYYEAHVYPDCNFTDLFRENAPTI
MQYKRQVFTRCNYNLTLLLSLVQVDEFVCDKITPEALATGCYSSLTVDWFAFPYAWKSYLAIGSADRIVRFNYNQDYSNP
SCRIHSKVNSSVGISYSGLYSYITNCNYGGFNKDDVVKPGGRASQPCVTGALNSPTNGQVWSFNFGGVPYRTSRLTYTDH
LKNPLDMVYVITVKYEPGAETVCPKQVRPDYSTNITGLLGSCISYDIYGITGTGVFQLCNATGIPQQKFVYDKFDNIIGF
HSDDGNYYCVAPCVSVPVSVIYDDNTNQYATLFGSVACQHISTMAAQFSRETRASLVSRNMQNLLQTSVGCVMGFHETND
TVEDCNLSLGQSLCAIPPNTNLRVGRSTFGLGSLAYNSPLRVDALNSSEFKVSLPLNFTFGVTQEYIETSIQKITVDCKQ
YVCNGFAKCEKLLEQYGQFCSKINQALHGANLRQDDFVRNLFESVKTPQTVPLTTGFGGEFNLTLLEPLSVSTGSSNARS
ALEELLFDKVTIADPGYMQGYDDCMQQGPASARDLICAQYVAGYKVLPPLMDVNMEAAYTSSLLGSIAGAGWTAGLSSFA
AIPFAQSIFYRLNGVGITQQVLSENQKIIANKFNQALGAMQTGFTTTNEAFQKVQDAVNTNAQALAKLASELSNTFGAIS
SSIGDIIQRLDVLEQEVQIDRLINGRLTTLNAFVAQQLVRSESAARSAQLAKDKVNECVKSQSTRSGFCGQGTHIVSFVI
NAPNGLYFMHVGYHPSQHIEVVAAYGLCDAANPTNCIAPVNGYFIKNQTTRGVDDWSYTGSSFYAPEPITTLNTRYVAPQ
VTFQNISTNLPPPLLGNSTGTDFKDELDEFFKNVSTSIPNFGALTQINTTLLDLSDEMLALQQVVKALNESYIDLKELGN
YTYYNKGSGRENLYFQGGGGSGYIPEAPRDGQAYVRKDGEWVLLSTFLGHHHHHHHH
;
_entity_poly.pdbx_strand_id   A,B,C
#
# COMPACT_ATOMS: atom_id res chain seq x y z
N CYS A 33 -41.29 63.35 7.62
CA CYS A 33 -39.94 62.84 7.80
C CYS A 33 -39.00 63.90 8.36
N PRO A 34 -38.04 63.52 9.22
CA PRO A 34 -36.95 64.35 9.71
C PRO A 34 -36.06 64.88 8.59
N GLN A 35 -35.53 66.08 8.79
CA GLN A 35 -34.60 66.71 7.86
C GLN A 35 -33.19 66.21 8.09
N VAL A 36 -32.49 65.89 7.02
CA VAL A 36 -31.11 65.47 7.15
C VAL A 36 -30.19 66.45 6.42
N ASP A 37 -29.02 66.66 6.98
CA ASP A 37 -27.97 67.45 6.36
C ASP A 37 -26.91 66.49 5.86
N MET A 38 -26.88 66.25 4.56
CA MET A 38 -25.97 65.26 4.04
C MET A 38 -24.73 65.92 3.44
N GLN A 39 -23.59 65.71 4.10
CA GLN A 39 -22.33 66.35 3.73
C GLN A 39 -21.18 65.35 3.71
N PRO A 40 -21.09 64.49 2.70
CA PRO A 40 -20.19 63.35 2.59
C PRO A 40 -18.71 63.72 2.80
N SER A 41 -18.34 64.97 2.50
CA SER A 41 -16.96 65.40 2.63
C SER A 41 -16.43 65.31 4.05
N TYR A 42 -17.31 65.53 5.03
CA TYR A 42 -16.92 65.51 6.43
C TYR A 42 -16.43 64.15 6.89
N PHE A 43 -16.86 63.12 6.20
CA PHE A 43 -16.63 61.76 6.65
C PHE A 43 -15.39 61.16 6.01
N ILE A 44 -14.65 61.99 5.28
CA ILE A 44 -13.41 61.59 4.65
C ILE A 44 -12.24 61.81 5.61
N LYS A 45 -12.30 62.89 6.36
CA LYS A 45 -11.22 63.25 7.29
C LYS A 45 -11.04 62.24 8.41
N HIS A 46 -12.04 61.39 8.62
CA HIS A 46 -11.99 60.37 9.66
C HIS A 46 -11.50 59.03 9.14
N ASN A 47 -11.06 59.00 7.88
CA ASN A 47 -10.57 57.78 7.29
C ASN A 47 -9.28 57.31 7.95
N TRP A 48 -9.27 56.05 8.35
CA TRP A 48 -8.15 55.42 9.02
C TRP A 48 -8.11 53.93 8.68
N PRO A 49 -7.12 53.45 7.92
CA PRO A 49 -7.07 52.09 7.43
C PRO A 49 -6.92 51.08 8.55
N GLU A 50 -7.71 50.02 8.47
CA GLU A 50 -7.67 48.91 9.42
C GLU A 50 -7.74 47.59 8.67
N PRO A 51 -6.67 47.11 8.07
CA PRO A 51 -6.64 45.94 7.23
C PRO A 51 -6.84 44.70 8.06
N ILE A 52 -7.38 43.66 7.45
CA ILE A 52 -7.50 42.39 8.16
C ILE A 52 -6.14 41.82 8.46
N ASP A 53 -5.92 41.49 9.73
CA ASP A 53 -4.67 40.87 10.14
C ASP A 53 -4.92 39.40 10.45
N MET A 54 -4.45 38.54 9.57
CA MET A 54 -4.64 37.10 9.74
C MET A 54 -3.91 36.59 10.97
N ASN A 55 -2.92 37.33 11.43
CA ASN A 55 -2.12 36.87 12.56
C ASN A 55 -2.83 37.13 13.88
N LYS A 56 -3.99 37.77 13.80
CA LYS A 56 -4.86 38.01 14.95
C LYS A 56 -6.19 37.32 14.71
N ALA A 57 -6.28 36.57 13.61
CA ALA A 57 -7.51 35.92 13.18
C ALA A 57 -8.67 36.92 13.04
N ASP A 58 -8.39 38.10 12.50
CA ASP A 58 -9.44 39.10 12.32
C ASP A 58 -10.52 38.65 11.36
N GLY A 59 -11.76 38.72 11.81
CA GLY A 59 -12.90 38.43 10.96
C GLY A 59 -13.12 36.95 10.74
N VAL A 60 -12.38 36.11 11.46
CA VAL A 60 -12.50 34.68 11.31
C VAL A 60 -13.70 34.15 12.06
N ILE A 61 -14.52 33.36 11.37
CA ILE A 61 -15.68 32.74 11.94
C ILE A 61 -15.33 31.38 12.46
N TYR A 62 -15.61 31.16 13.73
CA TYR A 62 -15.30 29.94 14.41
C TYR A 62 -16.25 28.84 13.90
N PRO A 63 -15.79 27.60 13.71
CA PRO A 63 -16.61 26.45 13.31
C PRO A 63 -17.82 26.32 14.24
N ASN A 64 -18.95 25.90 13.69
CA ASN A 64 -20.20 25.88 14.47
C ASN A 64 -20.52 24.56 15.17
N GLY A 65 -19.58 23.64 15.18
CA GLY A 65 -19.78 22.35 15.82
C GLY A 65 -19.02 22.26 17.15
N ARG A 66 -18.11 21.30 17.21
CA ARG A 66 -17.28 21.07 18.37
C ARG A 66 -16.23 22.15 18.57
N THR A 67 -15.72 22.24 19.79
CA THR A 67 -14.61 23.12 20.10
C THR A 67 -13.29 22.41 19.84
N TYR A 68 -12.37 23.10 19.19
CA TYR A 68 -11.05 22.58 18.91
C TYR A 68 -10.05 23.22 19.85
N SER A 69 -9.06 22.47 20.31
CA SER A 69 -8.02 23.04 21.15
C SER A 69 -6.61 22.57 20.93
N ASN A 70 -5.64 23.50 20.98
CA ASN A 70 -4.21 23.31 20.82
C ASN A 70 -3.89 22.51 19.54
N ILE A 71 -4.68 22.75 18.46
CA ILE A 71 -4.49 22.15 17.13
C ILE A 71 -4.47 23.14 15.99
N THR A 72 -4.00 22.69 14.84
CA THR A 72 -4.11 23.48 13.63
C THR A 72 -5.09 22.75 12.72
N LEU A 73 -6.07 23.48 12.21
CA LEU A 73 -7.10 22.91 11.34
C LEU A 73 -7.05 23.53 9.95
N GLN A 74 -7.10 22.72 8.92
CA GLN A 74 -7.11 23.24 7.56
C GLN A 74 -8.55 23.32 7.07
N THR A 75 -9.01 24.53 6.78
CA THR A 75 -10.40 24.76 6.43
C THR A 75 -10.60 25.61 5.18
N THR A 76 -11.52 25.21 4.32
CA THR A 76 -11.95 26.06 3.21
C THR A 76 -13.34 26.56 3.55
N ASN A 77 -13.49 27.86 3.64
CA ASN A 77 -14.73 28.45 4.13
C ASN A 77 -14.76 29.94 3.85
N LEU A 78 -15.82 30.61 4.29
CA LEU A 78 -15.93 32.03 4.10
C LEU A 78 -15.12 32.82 5.11
N PHE A 79 -14.02 33.38 4.62
CA PHE A 79 -13.07 34.13 5.41
C PHE A 79 -12.76 35.44 4.69
N PRO A 80 -12.33 36.49 5.39
CA PRO A 80 -11.84 37.72 4.82
C PRO A 80 -10.47 37.50 4.20
N ARG A 81 -10.07 38.35 3.26
CA ARG A 81 -8.73 38.23 2.71
C ARG A 81 -7.72 39.00 3.55
N ASN A 82 -6.59 38.39 3.86
CA ASN A 82 -5.56 39.07 4.61
C ASN A 82 -5.09 40.31 3.88
N GLY A 83 -4.99 41.41 4.61
CA GLY A 83 -4.52 42.67 4.06
C GLY A 83 -5.64 43.51 3.49
N ASP A 84 -6.84 42.94 3.41
CA ASP A 84 -7.98 43.63 2.85
C ASP A 84 -8.40 44.82 3.68
N LEU A 85 -8.55 45.95 3.01
CA LEU A 85 -9.08 47.15 3.64
C LEU A 85 -10.55 47.19 3.33
N GLY A 86 -11.37 47.15 4.34
CA GLY A 86 -12.79 47.12 4.12
C GLY A 86 -13.26 48.52 3.88
N THR A 87 -14.55 48.68 3.66
CA THR A 87 -15.05 50.01 3.46
C THR A 87 -15.28 50.61 4.83
N GLN A 88 -14.76 51.81 5.04
CA GLN A 88 -14.97 52.46 6.32
C GLN A 88 -16.22 53.29 6.29
N TYR A 89 -17.01 53.16 7.34
CA TYR A 89 -18.20 53.95 7.48
C TYR A 89 -18.08 54.76 8.75
N VAL A 90 -18.54 55.99 8.68
CA VAL A 90 -18.45 56.90 9.81
C VAL A 90 -19.80 57.49 10.18
N TYR A 91 -20.10 57.48 11.47
CA TYR A 91 -21.31 58.07 12.01
C TYR A 91 -20.97 59.30 12.84
N SER A 92 -21.89 60.27 12.91
CA SER A 92 -21.71 61.48 13.69
C SER A 92 -23.06 62.06 14.10
N ALA A 104 -30.27 65.52 11.32
CA ALA A 104 -29.20 64.53 11.25
C ALA A 104 -28.02 65.07 10.43
N PHE A 105 -26.81 64.56 10.70
CA PHE A 105 -25.58 64.89 9.98
C PHE A 105 -25.00 63.60 9.42
N ILE A 106 -25.18 63.40 8.12
CA ILE A 106 -24.89 62.12 7.50
C ILE A 106 -24.08 62.17 6.21
N SER A 107 -23.59 61.00 5.81
CA SER A 107 -22.95 60.77 4.52
C SER A 107 -23.97 60.02 3.64
N ASN A 108 -23.68 59.92 2.34
CA ASN A 108 -24.61 59.30 1.36
C ASN A 108 -24.46 57.77 1.30
N TYR A 109 -24.57 57.11 2.47
CA TYR A 109 -24.44 55.65 2.58
C TYR A 109 -25.68 54.96 2.06
N SER A 110 -26.81 55.65 2.18
CA SER A 110 -28.07 55.09 1.76
C SER A 110 -28.16 54.97 0.24
N TYR A 111 -27.25 55.61 -0.48
CA TYR A 111 -27.28 55.58 -1.92
C TYR A 111 -26.56 54.36 -2.45
N TYR A 112 -25.91 53.63 -1.57
CA TYR A 112 -25.15 52.47 -1.99
C TYR A 112 -25.85 51.18 -1.72
N GLY A 113 -25.73 50.27 -2.67
CA GLY A 113 -26.18 48.90 -2.56
C GLY A 113 -24.96 48.07 -2.85
N ASN A 114 -24.22 47.76 -1.80
CA ASN A 114 -22.96 47.09 -1.90
C ASN A 114 -23.20 45.61 -2.09
N PRO A 115 -22.50 44.93 -3.00
CA PRO A 115 -22.63 43.51 -3.22
C PRO A 115 -22.42 42.75 -1.93
N PHE A 116 -23.33 41.85 -1.64
CA PHE A 116 -23.27 41.04 -0.44
C PHE A 116 -22.27 39.91 -0.64
N GLY A 117 -22.29 39.32 -1.82
CA GLY A 117 -21.45 38.19 -2.13
C GLY A 117 -21.84 37.01 -1.27
N ASP A 118 -20.87 36.44 -0.58
CA ASP A 118 -21.10 35.29 0.27
C ASP A 118 -21.47 35.68 1.68
N GLY A 119 -21.00 36.85 2.09
CA GLY A 119 -21.25 37.37 3.41
C GLY A 119 -20.28 38.49 3.73
N ILE A 120 -20.51 39.14 4.87
CA ILE A 120 -19.65 40.22 5.31
C ILE A 120 -19.29 40.08 6.79
N VAL A 121 -18.17 40.68 7.17
CA VAL A 121 -17.78 40.81 8.57
C VAL A 121 -17.51 42.26 8.89
N ILE A 122 -17.87 42.66 10.09
CA ILE A 122 -17.75 44.05 10.47
C ILE A 122 -16.93 44.26 11.72
N ARG A 123 -15.94 45.14 11.61
CA ARG A 123 -15.12 45.55 12.74
C ARG A 123 -15.73 46.78 13.36
N ILE A 124 -16.15 46.68 14.60
CA ILE A 124 -16.81 47.81 15.25
C ILE A 124 -15.83 48.48 16.22
N GLY A 125 -15.49 49.76 15.95
CA GLY A 125 -14.52 50.52 16.70
C GLY A 125 -13.98 51.33 15.52
N LYS A 145 -18.61 54.12 19.52
CA LYS A 145 -18.81 52.77 18.95
C LYS A 145 -20.24 52.59 18.51
N ILE A 146 -20.88 53.57 17.87
CA ILE A 146 -22.19 53.12 17.42
C ILE A 146 -22.28 51.83 16.64
N TYR A 147 -23.06 50.90 17.17
CA TYR A 147 -23.19 49.56 16.60
C TYR A 147 -24.04 49.72 15.33
N PRO A 148 -23.48 49.38 14.16
CA PRO A 148 -24.04 49.67 12.84
C PRO A 148 -25.38 49.06 12.48
N ALA A 149 -26.18 49.83 11.75
CA ALA A 149 -27.48 49.40 11.25
C ALA A 149 -27.39 49.08 9.78
N LEU A 150 -27.96 47.96 9.38
CA LEU A 150 -27.89 47.50 8.00
C LEU A 150 -29.24 47.22 7.38
N MET A 151 -29.33 47.46 6.08
CA MET A 151 -30.48 47.07 5.29
C MET A 151 -29.98 46.09 4.22
N LEU A 152 -30.61 44.93 4.10
CA LEU A 152 -30.15 43.92 3.15
C LEU A 152 -31.28 43.37 2.29
N GLY A 153 -31.01 43.08 1.03
CA GLY A 153 -32.08 42.52 0.21
C GLY A 153 -31.59 41.93 -1.11
N SER A 154 -32.54 41.44 -1.91
CA SER A 154 -32.26 40.78 -3.17
C SER A 154 -32.22 41.70 -4.38
N SER A 155 -32.78 42.88 -4.25
CA SER A 155 -32.83 43.81 -5.38
C SER A 155 -32.72 45.23 -4.91
N PHE A 156 -31.94 46.02 -5.65
CA PHE A 156 -31.64 47.39 -5.27
C PHE A 156 -31.74 48.33 -6.47
N GLY A 157 -32.31 49.51 -6.25
CA GLY A 157 -32.46 50.50 -7.31
C GLY A 157 -32.86 51.87 -6.79
N ASN A 158 -33.55 52.67 -7.63
CA ASN A 158 -33.96 54.02 -7.35
C ASN A 158 -35.39 54.10 -6.84
N PHE A 159 -35.75 55.18 -6.13
CA PHE A 159 -37.12 55.51 -5.75
C PHE A 159 -37.78 56.19 -6.96
N SER A 160 -38.97 55.75 -7.32
CA SER A 160 -39.66 56.18 -8.54
C SER A 160 -40.07 57.66 -8.64
N VAL A 161 -40.11 58.36 -7.52
CA VAL A 161 -40.55 59.76 -7.52
C VAL A 161 -39.40 60.76 -7.70
N ASN A 162 -38.32 60.53 -6.99
CA ASN A 162 -37.20 61.46 -6.94
C ASN A 162 -35.91 60.94 -7.58
N ASN A 163 -35.94 59.70 -8.05
CA ASN A 163 -34.81 59.05 -8.73
C ASN A 163 -33.56 58.95 -7.86
N LYS A 164 -33.74 58.95 -6.54
CA LYS A 164 -32.61 58.75 -5.66
C LYS A 164 -32.34 57.28 -5.47
N SER A 165 -31.07 56.91 -5.51
CA SER A 165 -30.67 55.54 -5.28
C SER A 165 -30.90 55.20 -3.82
N GLY A 166 -31.25 53.94 -3.53
CA GLY A 166 -31.44 53.54 -2.13
C GLY A 166 -32.68 52.71 -1.89
N ALA A 167 -33.44 52.43 -2.95
CA ALA A 167 -34.65 51.64 -2.81
C ALA A 167 -34.36 50.15 -2.81
N TYR A 168 -35.07 49.42 -1.97
CA TYR A 168 -35.05 47.98 -2.00
C TYR A 168 -36.40 47.48 -2.42
N PHE A 169 -36.41 46.36 -3.11
CA PHE A 169 -37.65 45.81 -3.58
C PHE A 169 -37.94 44.48 -2.90
N ASN A 170 -39.23 44.14 -2.77
CA ASN A 170 -39.75 42.95 -2.14
C ASN A 170 -39.37 42.92 -0.65
N HIS A 171 -39.12 41.77 -0.04
CA HIS A 171 -38.82 41.72 1.40
C HIS A 171 -37.37 42.06 1.66
N THR A 172 -37.18 42.96 2.61
CA THR A 172 -35.90 43.50 2.99
C THR A 172 -35.61 43.16 4.44
N LEU A 173 -34.37 42.78 4.70
CA LEU A 173 -33.91 42.47 6.04
C LEU A 173 -33.30 43.70 6.68
N LEU A 174 -33.80 44.06 7.84
CA LEU A 174 -33.30 45.21 8.55
C LEU A 174 -32.72 44.80 9.88
N ILE A 175 -31.46 45.13 10.08
CA ILE A 175 -30.79 44.83 11.34
C ILE A 175 -30.47 46.14 12.02
N LEU A 176 -31.21 46.46 13.07
CA LEU A 176 -31.13 47.76 13.70
C LEU A 176 -30.80 47.65 15.19
N PRO A 177 -29.53 47.75 15.59
CA PRO A 177 -29.07 47.74 16.96
C PRO A 177 -29.62 48.96 17.70
N SER A 178 -30.00 48.75 18.97
CA SER A 178 -30.50 49.79 19.89
C SER A 178 -30.50 49.24 21.31
N THR A 182 -26.90 46.41 24.65
CA THR A 182 -27.24 46.48 23.23
C THR A 182 -28.04 45.22 22.80
N VAL A 183 -29.16 45.47 22.10
CA VAL A 183 -30.05 44.46 21.52
C VAL A 183 -30.23 44.73 20.03
N PHE A 184 -30.26 43.66 19.24
CA PHE A 184 -30.52 43.80 17.82
C PHE A 184 -31.99 43.66 17.49
N GLN A 185 -32.54 44.62 16.77
CA GLN A 185 -33.90 44.46 16.28
C GLN A 185 -33.81 43.95 14.84
N VAL A 186 -34.25 42.73 14.60
CA VAL A 186 -34.10 42.16 13.27
C VAL A 186 -35.45 41.90 12.63
N ALA A 187 -35.70 42.51 11.47
CA ALA A 187 -36.99 42.39 10.81
C ALA A 187 -36.84 41.98 9.35
N TYR A 188 -37.81 41.21 8.87
CA TYR A 188 -37.88 40.89 7.45
C TYR A 188 -39.26 41.31 6.97
N CYS A 189 -39.33 42.48 6.31
CA CYS A 189 -40.54 43.19 5.95
C CYS A 189 -40.46 43.76 4.56
N LEU A 190 -41.58 44.06 3.97
CA LEU A 190 -41.57 44.73 2.69
C LEU A 190 -41.69 46.20 2.97
N LEU A 191 -40.90 47.02 2.27
CA LEU A 191 -40.94 48.44 2.53
C LEU A 191 -41.76 49.19 1.50
N GLN A 192 -42.61 50.08 2.01
CA GLN A 192 -43.43 50.93 1.18
C GLN A 192 -43.21 52.38 1.59
N PRO A 193 -42.30 53.11 0.93
CA PRO A 193 -41.79 54.41 1.32
C PRO A 193 -42.91 55.43 1.44
N ARG A 194 -42.85 56.25 2.46
CA ARG A 194 -43.83 57.29 2.71
C ARG A 194 -43.67 58.42 1.71
N THR A 195 -44.77 59.11 1.44
CA THR A 195 -44.79 60.18 0.46
C THR A 195 -44.84 61.58 1.05
N ASP A 196 -44.67 61.69 2.35
CA ASP A 196 -44.74 63.00 2.98
C ASP A 196 -43.47 63.78 2.67
N SER A 197 -43.39 65.01 3.14
CA SER A 197 -42.24 65.82 2.82
C SER A 197 -40.96 65.20 3.39
N TYR A 198 -39.92 65.17 2.56
CA TYR A 198 -38.60 64.61 2.85
C TYR A 198 -38.57 63.10 3.08
N CYS A 199 -39.61 62.38 2.61
CA CYS A 199 -39.71 60.92 2.66
C CYS A 199 -39.35 60.38 1.28
N PRO A 200 -38.92 59.12 1.13
CA PRO A 200 -38.39 58.53 -0.07
C PRO A 200 -39.36 58.55 -1.27
N GLY A 201 -40.64 58.74 -0.99
CA GLY A 201 -41.66 58.80 -2.04
C GLY A 201 -41.97 60.25 -2.45
N ASN A 202 -41.16 61.20 -1.98
CA ASN A 202 -41.38 62.62 -2.23
C ASN A 202 -40.23 63.28 -3.00
N ALA A 203 -40.58 64.27 -3.82
CA ALA A 203 -39.62 64.97 -4.66
C ALA A 203 -38.48 65.64 -3.89
N ASN A 204 -38.72 66.10 -2.67
CA ASN A 204 -37.69 66.84 -1.95
C ASN A 204 -36.82 65.96 -1.04
N TYR A 205 -36.95 64.65 -1.17
CA TYR A 205 -36.20 63.68 -0.40
C TYR A 205 -34.70 63.69 -0.65
N VAL A 206 -33.94 63.59 0.43
CA VAL A 206 -32.49 63.47 0.35
C VAL A 206 -32.01 62.10 0.82
N SER A 207 -32.31 61.74 2.06
CA SER A 207 -31.81 60.48 2.61
C SER A 207 -32.48 60.15 3.94
N TYR A 208 -32.68 58.87 4.21
CA TYR A 208 -33.20 58.45 5.52
C TYR A 208 -32.06 58.22 6.50
N ALA A 209 -32.35 58.39 7.79
CA ALA A 209 -31.32 58.19 8.80
C ALA A 209 -31.94 57.80 10.13
N LEU A 210 -31.13 57.16 10.96
CA LEU A 210 -31.53 56.82 12.32
C LEU A 210 -30.92 57.84 13.29
N ILE A 211 -31.61 58.09 14.42
CA ILE A 211 -31.14 59.04 15.44
C ILE A 211 -31.41 58.45 16.82
N ASN A 227 -35.96 53.12 19.98
CA ASN A 227 -35.74 51.94 19.15
C ASN A 227 -35.52 52.34 17.69
N GLY A 228 -34.57 51.64 17.02
CA GLY A 228 -34.19 51.90 15.62
C GLY A 228 -35.35 51.69 14.66
N LEU A 229 -36.20 50.71 14.97
CA LEU A 229 -37.33 50.42 14.12
C LEU A 229 -38.34 51.56 14.03
N GLU A 230 -38.41 52.40 15.07
CA GLU A 230 -39.36 53.49 15.06
C GLU A 230 -38.90 54.63 14.16
N ASP A 231 -37.58 54.76 14.01
CA ASP A 231 -37.04 55.79 13.15
C ASP A 231 -37.23 55.34 11.71
N ILE A 232 -37.08 54.04 11.43
CA ILE A 232 -37.32 53.55 10.08
C ILE A 232 -38.76 53.77 9.69
N LYS A 233 -39.68 53.55 10.64
CA LYS A 233 -41.10 53.72 10.37
C LYS A 233 -41.48 55.17 10.05
N LYS A 234 -40.58 56.13 10.28
CA LYS A 234 -40.86 57.51 9.93
C LYS A 234 -40.67 57.75 8.45
N TYR A 235 -39.90 56.89 7.78
CA TYR A 235 -39.59 57.03 6.37
C TYR A 235 -40.30 55.99 5.52
N PHE A 236 -40.53 54.83 6.09
CA PHE A 236 -41.11 53.73 5.36
C PHE A 236 -42.28 53.13 6.10
N ASN A 237 -43.26 52.66 5.36
CA ASN A 237 -44.30 51.87 5.98
C ASN A 237 -43.86 50.41 5.91
N LEU A 238 -43.93 49.70 7.03
CA LEU A 238 -43.49 48.31 7.05
C LEU A 238 -44.70 47.38 7.00
N VAL A 239 -44.78 46.63 5.91
CA VAL A 239 -45.93 45.77 5.65
C VAL A 239 -45.47 44.34 5.31
N ASN A 240 -46.41 43.38 5.38
CA ASN A 240 -46.19 41.98 4.94
C ASN A 240 -45.04 41.30 5.69
N CYS A 241 -44.74 41.74 6.92
CA CYS A 241 -43.62 41.21 7.71
C CYS A 241 -43.80 39.73 8.02
N THR A 242 -42.74 38.96 7.80
CA THR A 242 -42.80 37.54 8.09
C THR A 242 -41.92 37.24 9.28
N TYR A 243 -41.01 38.14 9.59
CA TYR A 243 -40.09 37.88 10.67
C TYR A 243 -39.78 39.10 11.53
N PHE A 244 -39.78 38.90 12.84
CA PHE A 244 -39.28 39.92 13.76
C PHE A 244 -38.88 39.34 15.10
N GLU A 245 -37.61 39.53 15.45
CA GLU A 245 -37.06 39.08 16.71
C GLU A 245 -36.10 40.11 17.29
N GLU A 246 -35.96 40.10 18.61
CA GLU A 246 -34.98 40.95 19.26
C GLU A 246 -33.92 40.10 19.94
N PHE A 247 -32.65 40.32 19.58
CA PHE A 247 -31.54 39.52 20.16
C PHE A 247 -30.83 40.32 21.25
N ASN A 248 -30.96 39.85 22.49
CA ASN A 248 -30.20 40.49 23.60
C ASN A 248 -28.87 39.77 23.51
N VAL A 249 -27.79 40.49 23.25
CA VAL A 249 -26.49 39.77 23.02
C VAL A 249 -25.72 40.01 24.32
N THR A 250 -25.62 41.26 24.81
CA THR A 250 -24.82 41.61 25.98
C THR A 250 -23.35 41.88 25.61
N ALA A 251 -23.13 42.93 24.83
CA ALA A 251 -21.79 43.31 24.42
C ALA A 251 -21.14 44.26 25.42
N ASP A 252 -19.82 44.24 25.47
CA ASP A 252 -19.02 45.11 26.32
C ASP A 252 -18.46 46.32 25.58
N GLU A 253 -17.74 47.18 26.31
CA GLU A 253 -17.08 48.38 25.76
C GLU A 253 -15.96 48.13 24.74
N ARG A 254 -15.34 46.95 24.96
CA ARG A 254 -14.15 46.56 24.15
C ARG A 254 -14.46 46.41 22.66
N ALA A 255 -13.44 46.35 21.82
CA ALA A 255 -13.67 46.07 20.41
C ALA A 255 -14.55 44.86 20.08
N GLU A 256 -15.41 45.03 19.07
CA GLU A 256 -16.43 44.04 18.72
C GLU A 256 -16.48 43.65 17.24
N TRP A 257 -16.69 42.37 16.96
CA TRP A 257 -16.94 41.91 15.59
C TRP A 257 -18.37 41.43 15.39
N PHE A 258 -18.92 41.69 14.20
CA PHE A 258 -20.25 41.21 13.80
C PHE A 258 -20.23 40.67 12.37
N GLY A 259 -20.91 39.57 12.10
CA GLY A 259 -20.92 39.07 10.72
C GLY A 259 -22.28 38.59 10.23
N ILE A 260 -22.46 38.59 8.90
CA ILE A 260 -23.67 38.07 8.28
C ILE A 260 -23.33 37.18 7.09
N THR A 261 -23.86 35.96 7.06
CA THR A 261 -23.69 35.08 5.90
C THR A 261 -25.04 34.49 5.54
N GLN A 262 -25.16 33.86 4.37
CA GLN A 262 -26.43 33.21 4.04
C GLN A 262 -26.23 31.88 3.34
N ASP A 263 -27.02 30.89 3.74
CA ASP A 263 -27.02 29.59 3.09
C ASP A 263 -28.45 29.01 3.07
N SER A 264 -28.57 27.71 2.88
CA SER A 264 -29.89 27.10 2.70
C SER A 264 -30.76 27.19 3.96
N GLN A 265 -30.14 27.41 5.11
CA GLN A 265 -30.88 27.47 6.36
C GLN A 265 -31.18 28.90 6.79
N GLY A 266 -30.88 29.86 5.93
CA GLY A 266 -31.19 31.25 6.24
C GLY A 266 -29.97 32.12 6.45
N VAL A 267 -30.22 33.28 7.03
CA VAL A 267 -29.19 34.27 7.27
C VAL A 267 -28.63 34.08 8.65
N HIS A 268 -27.32 33.93 8.71
CA HIS A 268 -26.66 33.63 9.96
C HIS A 268 -25.92 34.83 10.50
N LEU A 269 -26.26 35.20 11.71
CA LEU A 269 -25.67 36.37 12.36
C LEU A 269 -24.64 35.91 13.37
N TYR A 270 -23.43 36.44 13.23
CA TYR A 270 -22.32 36.06 14.06
C TYR A 270 -21.85 37.23 14.90
N THR A 271 -21.32 36.95 16.07
CA THR A 271 -20.75 38.00 16.89
C THR A 271 -19.65 37.45 17.78
N SER A 272 -18.71 38.31 18.12
CA SER A 272 -17.66 37.96 19.06
C SER A 272 -18.17 37.98 20.51
N SER A 279 -11.60 37.03 23.49
CA SER A 279 -11.27 36.67 22.10
C SER A 279 -12.07 37.53 21.09
N ASN A 280 -11.62 37.53 19.80
CA ASN A 280 -12.25 38.27 18.69
C ASN A 280 -12.79 37.33 17.62
N ASN A 281 -13.05 36.09 17.99
CA ASN A 281 -13.59 35.12 17.05
C ASN A 281 -15.09 35.33 16.90
N LEU A 282 -15.60 35.14 15.70
CA LEU A 282 -17.03 35.24 15.46
C LEU A 282 -17.76 33.93 15.72
N PHE A 283 -18.81 34.00 16.53
CA PHE A 283 -19.61 32.82 16.86
C PHE A 283 -21.05 33.05 16.44
N LEU A 284 -21.73 32.00 16.03
CA LEU A 284 -23.12 32.15 15.62
C LEU A 284 -24.01 32.47 16.79
N PHE A 285 -24.85 33.51 16.67
CA PHE A 285 -25.77 33.81 17.76
C PHE A 285 -27.22 33.76 17.31
N ALA A 286 -27.46 33.88 16.00
CA ALA A 286 -28.84 33.87 15.52
C ALA A 286 -28.94 33.40 14.09
N SER A 287 -30.09 32.80 13.77
CA SER A 287 -30.40 32.41 12.40
C SER A 287 -31.77 32.96 12.02
N VAL A 288 -31.83 33.60 10.86
CA VAL A 288 -33.05 34.24 10.37
C VAL A 288 -33.58 33.52 9.12
N PRO A 289 -34.83 33.04 9.11
CA PRO A 289 -35.45 32.21 8.09
C PRO A 289 -35.77 32.94 6.78
N ILE A 290 -34.74 33.42 6.12
CA ILE A 290 -34.81 34.09 4.84
C ILE A 290 -34.20 33.22 3.77
N TYR A 291 -35.01 32.81 2.81
CA TYR A 291 -34.54 31.90 1.79
C TYR A 291 -34.45 32.60 0.45
N ASP A 292 -34.63 33.91 0.49
CA ASP A 292 -34.49 34.78 -0.66
C ASP A 292 -33.06 35.30 -0.66
N LYS A 293 -32.29 34.95 -1.66
CA LYS A 293 -30.89 35.31 -1.64
C LYS A 293 -30.67 36.81 -1.52
N ILE A 294 -29.81 37.19 -0.59
CA ILE A 294 -29.41 38.57 -0.40
C ILE A 294 -28.30 38.89 -1.38
N ASN A 295 -28.50 39.95 -2.15
CA ASN A 295 -27.53 40.33 -3.15
C ASN A 295 -26.83 41.63 -2.80
N TYR A 296 -27.51 42.48 -2.04
CA TYR A 296 -26.98 43.80 -1.69
C TYR A 296 -27.17 44.13 -0.23
N TYR A 297 -26.26 44.93 0.31
CA TYR A 297 -26.45 45.49 1.64
C TYR A 297 -26.18 46.99 1.63
N THR A 298 -26.81 47.70 2.54
CA THR A 298 -26.70 49.14 2.68
C THR A 298 -26.44 49.53 4.12
N VAL A 299 -25.52 50.45 4.33
CA VAL A 299 -25.34 51.00 5.65
C VAL A 299 -26.31 52.14 5.87
N ILE A 300 -27.07 52.06 6.95
CA ILE A 300 -28.06 53.09 7.22
C ILE A 300 -27.40 54.22 8.02
N PRO A 301 -27.37 55.45 7.51
CA PRO A 301 -26.75 56.58 8.14
C PRO A 301 -27.28 56.83 9.53
N ARG A 302 -26.40 57.23 10.45
CA ARG A 302 -26.82 57.54 11.81
C ARG A 302 -26.21 58.82 12.33
N SER A 303 -26.97 59.47 13.22
CA SER A 303 -26.53 60.66 13.94
C SER A 303 -26.82 60.51 15.43
N ILE A 304 -26.03 61.20 16.27
CA ILE A 304 -26.19 61.20 17.73
C ILE A 304 -26.20 62.66 18.21
N TRP A 314 -17.81 61.06 17.43
CA TRP A 314 -18.00 60.31 16.20
C TRP A 314 -17.76 58.83 16.49
N ALA A 315 -17.95 57.97 15.47
CA ALA A 315 -17.69 56.53 15.55
C ALA A 315 -17.44 55.97 14.17
N ALA A 316 -16.79 54.82 14.11
CA ALA A 316 -16.54 54.22 12.81
C ALA A 316 -16.50 52.71 12.90
N PHE A 317 -16.76 52.09 11.76
CA PHE A 317 -16.68 50.66 11.62
C PHE A 317 -16.26 50.30 10.22
N TYR A 318 -15.79 49.08 10.03
CA TYR A 318 -15.28 48.66 8.75
C TYR A 318 -15.97 47.41 8.27
N VAL A 319 -16.34 47.37 6.98
CA VAL A 319 -17.01 46.20 6.46
C VAL A 319 -16.14 45.49 5.44
N TYR A 320 -15.91 44.20 5.66
CA TYR A 320 -15.06 43.43 4.77
C TYR A 320 -15.88 42.30 4.17
N PRO A 321 -15.70 41.97 2.89
CA PRO A 321 -16.34 40.85 2.22
C PRO A 321 -15.72 39.52 2.62
N LEU A 322 -16.52 38.47 2.56
CA LEU A 322 -16.01 37.13 2.76
C LEU A 322 -15.88 36.40 1.44
N HIS A 323 -14.91 35.51 1.38
CA HIS A 323 -14.62 34.74 0.18
C HIS A 323 -14.34 33.28 0.51
N GLN A 324 -14.52 32.38 -0.46
CA GLN A 324 -14.18 30.98 -0.23
C GLN A 324 -12.68 30.79 -0.32
N LEU A 325 -12.02 31.03 0.81
CA LEU A 325 -10.58 31.02 0.91
C LEU A 325 -10.26 29.78 1.70
N SER A 326 -9.05 29.28 1.50
CA SER A 326 -8.58 28.19 2.35
C SER A 326 -7.66 28.81 3.39
N TYR A 327 -7.91 28.46 4.63
CA TYR A 327 -7.19 28.98 5.78
C TYR A 327 -6.64 27.87 6.64
N LEU A 328 -5.52 28.15 7.29
CA LEU A 328 -5.06 27.27 8.34
C LEU A 328 -5.36 27.99 9.66
N LEU A 329 -6.07 27.33 10.57
CA LEU A 329 -6.49 27.98 11.80
C LEU A 329 -5.79 27.40 13.03
N ASN A 330 -5.12 28.24 13.79
CA ASN A 330 -4.40 27.79 14.98
C ASN A 330 -5.19 28.06 16.25
N PHE A 331 -5.61 26.98 16.90
CA PHE A 331 -6.42 27.06 18.11
C PHE A 331 -5.51 26.98 19.34
N ASP A 332 -5.76 27.81 20.33
CA ASP A 332 -4.97 27.81 21.55
C ASP A 332 -5.57 26.90 22.60
N VAL A 333 -5.04 26.98 23.82
CA VAL A 333 -5.43 26.12 24.93
C VAL A 333 -6.84 26.40 25.44
N ASN A 334 -7.39 27.56 25.10
CA ASN A 334 -8.70 27.94 25.57
C ASN A 334 -9.73 27.68 24.48
N GLY A 335 -9.29 27.09 23.38
CA GLY A 335 -10.16 26.79 22.27
C GLY A 335 -10.47 27.98 21.37
N TYR A 336 -9.61 28.99 21.35
CA TYR A 336 -9.87 30.13 20.48
C TYR A 336 -8.87 30.15 19.35
N ILE A 337 -9.26 30.74 18.23
CA ILE A 337 -8.35 30.86 17.12
C ILE A 337 -7.53 32.11 17.37
N THR A 338 -6.23 31.95 17.52
CA THR A 338 -5.40 33.08 17.87
C THR A 338 -4.63 33.59 16.68
N GLN A 339 -4.43 32.72 15.71
CA GLN A 339 -3.78 33.13 14.48
C GLN A 339 -4.29 32.29 13.36
N ALA A 340 -4.18 32.80 12.16
CA ALA A 340 -4.59 32.05 11.00
C ALA A 340 -3.71 32.39 9.82
N ALA A 341 -3.66 31.49 8.85
CA ALA A 341 -2.93 31.77 7.64
C ALA A 341 -3.87 31.79 6.45
N ASP A 342 -3.86 32.91 5.74
CA ASP A 342 -4.61 33.03 4.49
C ASP A 342 -3.64 32.47 3.46
N CYS A 343 -3.87 31.21 3.07
CA CYS A 343 -2.90 30.39 2.33
C CYS A 343 -2.41 31.06 1.05
N GLY A 344 -3.28 31.79 0.37
CA GLY A 344 -2.88 32.39 -0.91
C GLY A 344 -2.33 33.80 -0.78
N TYR A 345 -2.16 34.30 0.45
CA TYR A 345 -1.70 35.67 0.63
C TYR A 345 -0.27 35.92 0.16
N ASN A 346 0.67 35.12 0.63
CA ASN A 346 2.07 35.30 0.26
C ASN A 346 2.76 33.95 0.24
N ASP A 347 4.08 33.96 0.11
CA ASP A 347 4.81 32.71 -0.01
C ASP A 347 4.94 32.03 1.33
N TYR A 348 5.01 32.82 2.38
CA TYR A 348 5.10 32.24 3.70
C TYR A 348 3.82 31.48 4.05
N THR A 349 2.66 32.06 3.75
CA THR A 349 1.40 31.39 4.04
C THR A 349 1.22 30.15 3.19
N GLN A 350 1.71 30.17 1.94
CA GLN A 350 1.61 28.96 1.14
C GLN A 350 2.47 27.89 1.76
N LEU A 351 3.63 28.28 2.30
CA LEU A 351 4.52 27.35 2.98
C LEU A 351 3.85 26.75 4.21
N VAL A 352 3.24 27.60 5.01
CA VAL A 352 2.56 27.16 6.22
C VAL A 352 1.42 26.18 5.94
N CYS A 353 0.58 26.48 4.94
CA CYS A 353 -0.57 25.65 4.57
C CYS A 353 -0.15 24.35 3.86
N SER A 354 0.98 24.38 3.15
CA SER A 354 1.49 23.19 2.48
C SER A 354 1.98 22.16 3.49
N TYR A 355 2.52 22.64 4.60
CA TYR A 355 3.03 21.77 5.64
C TYR A 355 2.10 21.64 6.85
N GLY A 356 1.17 22.58 7.02
CA GLY A 356 0.23 22.55 8.14
C GLY A 356 0.92 22.91 9.44
N ASP A 357 1.88 23.82 9.37
CA ASP A 357 2.67 24.15 10.54
C ASP A 357 3.03 25.63 10.65
N PHE A 358 2.55 26.29 11.69
CA PHE A 358 2.80 27.71 11.90
C PHE A 358 4.20 28.00 12.43
N ASN A 359 4.90 26.97 12.91
CA ASN A 359 6.21 27.17 13.51
C ASN A 359 7.24 26.24 12.91
N MET A 360 7.49 26.42 11.62
CA MET A 360 8.43 25.59 10.88
C MET A 360 9.87 25.96 11.15
N LYS A 361 10.75 25.01 10.95
CA LYS A 361 12.19 25.21 11.10
C LYS A 361 12.74 25.88 9.86
N SER A 362 13.96 26.39 9.96
CA SER A 362 14.57 26.98 8.78
C SER A 362 14.83 25.89 7.74
N GLY A 363 14.73 26.25 6.48
CA GLY A 363 15.02 25.30 5.41
C GLY A 363 14.46 25.80 4.10
N VAL A 364 14.69 25.02 3.04
CA VAL A 364 14.16 25.35 1.73
C VAL A 364 13.12 24.31 1.38
N TYR A 365 11.87 24.73 1.30
CA TYR A 365 10.75 23.82 1.16
C TYR A 365 10.02 23.99 -0.14
N SER A 366 9.58 22.91 -0.77
CA SER A 366 8.73 23.09 -1.93
C SER A 366 7.35 23.49 -1.44
N THR A 367 6.59 24.23 -2.24
CA THR A 367 5.24 24.59 -1.80
C THR A 367 4.20 24.37 -2.88
N SER A 368 2.94 24.29 -2.45
CA SER A 368 1.80 24.21 -3.33
C SER A 368 1.23 25.59 -3.59
N TYR A 369 0.40 25.70 -4.61
CA TYR A 369 -0.27 26.94 -4.96
C TYR A 369 -1.65 27.06 -4.33
N TYR A 370 -1.93 28.19 -3.73
CA TYR A 370 -3.23 28.46 -3.16
C TYR A 370 -4.02 29.62 -3.75
N SER A 371 -3.55 30.16 -4.87
CA SER A 371 -4.21 31.26 -5.56
C SER A 371 -4.37 31.06 -7.08
N ALA A 372 -4.03 29.87 -7.56
CA ALA A 372 -4.02 29.61 -8.99
C ALA A 372 -5.45 29.27 -9.39
N LYS A 373 -6.29 30.29 -9.40
CA LYS A 373 -7.69 30.15 -9.77
C LYS A 373 -7.89 30.67 -11.18
N PRO A 374 -8.81 30.09 -11.96
CA PRO A 374 -9.17 30.51 -13.31
C PRO A 374 -9.94 31.82 -13.32
N VAL A 375 -9.68 32.63 -14.33
CA VAL A 375 -10.43 33.86 -14.58
C VAL A 375 -10.88 33.92 -16.03
N GLY A 376 -12.14 33.62 -16.27
CA GLY A 376 -12.63 33.56 -17.64
C GLY A 376 -12.61 32.12 -18.13
N ALA A 377 -13.20 31.88 -19.30
CA ALA A 377 -13.27 30.52 -19.80
C ALA A 377 -13.36 30.49 -21.32
N TYR A 378 -12.89 29.42 -21.92
CA TYR A 378 -12.93 29.24 -23.37
C TYR A 378 -13.59 27.93 -23.81
N TYR A 379 -14.52 28.04 -24.75
CA TYR A 379 -15.24 26.91 -25.30
C TYR A 379 -14.96 26.73 -26.79
N GLU A 380 -14.72 25.49 -27.19
CA GLU A 380 -14.56 25.19 -28.59
C GLU A 380 -15.19 23.86 -28.95
N ALA A 381 -15.90 23.82 -30.06
CA ALA A 381 -16.55 22.60 -30.51
C ALA A 381 -16.74 22.67 -32.00
N HIS A 382 -16.96 21.53 -32.62
CA HIS A 382 -17.20 21.53 -34.06
C HIS A 382 -18.59 22.00 -34.41
N VAL A 383 -18.69 22.65 -35.56
CA VAL A 383 -19.98 23.07 -36.07
C VAL A 383 -20.29 22.37 -37.39
N TYR A 384 -21.36 21.61 -37.37
CA TYR A 384 -21.87 20.80 -38.45
C TYR A 384 -23.37 21.09 -38.61
N PRO A 385 -24.05 20.53 -39.62
CA PRO A 385 -25.48 20.51 -39.77
C PRO A 385 -26.12 19.79 -38.62
N ASP A 386 -27.39 20.07 -38.38
CA ASP A 386 -28.10 19.45 -37.27
C ASP A 386 -28.26 17.96 -37.41
N CYS A 387 -28.23 17.25 -36.26
CA CYS A 387 -28.54 15.87 -36.20
C CYS A 387 -30.07 15.68 -36.34
N ASN A 388 -30.43 15.41 -37.59
CA ASN A 388 -31.88 15.35 -37.90
C ASN A 388 -32.50 14.17 -37.18
N PHE A 389 -33.44 14.45 -36.25
CA PHE A 389 -34.11 13.45 -35.42
C PHE A 389 -35.57 13.22 -35.80
N THR A 390 -35.96 13.66 -36.99
CA THR A 390 -37.34 13.52 -37.44
C THR A 390 -37.83 12.07 -37.36
N ASP A 391 -36.96 11.13 -37.73
CA ASP A 391 -37.31 9.71 -37.81
C ASP A 391 -37.66 9.12 -36.43
N LEU A 392 -37.34 9.84 -35.36
CA LEU A 392 -37.63 9.35 -34.03
C LEU A 392 -39.07 9.63 -33.64
N PHE A 393 -39.66 10.70 -34.17
CA PHE A 393 -40.96 11.12 -33.67
C PHE A 393 -42.07 11.24 -34.70
N ARG A 394 -41.72 11.34 -35.95
CA ARG A 394 -42.73 11.66 -36.99
C ARG A 394 -42.87 10.54 -37.99
N GLU A 395 -42.65 9.32 -37.50
CA GLU A 395 -42.92 8.12 -38.29
C GLU A 395 -43.77 7.13 -37.47
N ASN A 396 -44.08 5.99 -38.01
CA ASN A 396 -44.69 4.92 -37.25
C ASN A 396 -43.73 4.31 -36.26
N ALA A 397 -44.16 4.08 -35.03
CA ALA A 397 -43.32 3.49 -34.02
C ALA A 397 -42.87 2.10 -34.43
N PRO A 398 -41.60 1.74 -34.30
CA PRO A 398 -41.04 0.43 -34.48
C PRO A 398 -41.54 -0.58 -33.47
N THR A 399 -41.47 -1.84 -33.79
CA THR A 399 -41.77 -2.90 -32.85
C THR A 399 -40.50 -3.24 -32.09
N ILE A 400 -40.60 -4.00 -31.02
CA ILE A 400 -39.37 -4.39 -30.34
C ILE A 400 -38.61 -5.47 -31.13
N MET A 401 -39.30 -6.40 -31.80
CA MET A 401 -38.56 -7.41 -32.58
C MET A 401 -37.88 -6.81 -33.80
N GLN A 402 -38.43 -5.72 -34.32
CA GLN A 402 -37.84 -5.01 -35.43
C GLN A 402 -37.71 -3.53 -35.08
N TYR A 403 -36.78 -3.22 -34.18
CA TYR A 403 -36.62 -1.88 -33.68
C TYR A 403 -35.73 -1.08 -34.62
N LYS A 404 -35.83 0.25 -34.57
CA LYS A 404 -34.97 1.04 -35.44
C LYS A 404 -33.75 1.54 -34.73
N ARG A 405 -32.69 1.72 -35.50
CA ARG A 405 -31.46 2.31 -35.01
C ARG A 405 -30.96 3.34 -35.97
N GLN A 406 -30.49 4.45 -35.44
CA GLN A 406 -29.88 5.47 -36.25
C GLN A 406 -28.62 5.96 -35.57
N VAL A 407 -27.56 6.07 -36.34
CA VAL A 407 -26.28 6.52 -35.80
C VAL A 407 -25.96 7.88 -36.35
N PHE A 408 -25.72 8.81 -35.45
CA PHE A 408 -25.47 10.19 -35.75
C PHE A 408 -24.00 10.55 -35.64
N THR A 409 -23.42 11.04 -36.73
CA THR A 409 -22.02 11.45 -36.76
C THR A 409 -21.90 12.78 -37.48
N ARG A 410 -20.82 13.52 -37.20
CA ARG A 410 -20.55 14.77 -37.90
C ARG A 410 -21.77 15.69 -38.01
N CYS A 411 -22.41 15.97 -36.86
CA CYS A 411 -23.61 16.79 -36.75
C CYS A 411 -23.69 17.42 -35.37
N ASN A 412 -24.56 18.42 -35.23
CA ASN A 412 -24.81 19.04 -33.93
C ASN A 412 -26.17 18.67 -33.41
N TYR A 413 -26.23 18.26 -32.16
CA TYR A 413 -27.47 17.76 -31.62
C TYR A 413 -28.12 18.73 -30.64
N ASN A 414 -29.42 18.54 -30.44
CA ASN A 414 -30.24 19.28 -29.50
C ASN A 414 -31.11 18.29 -28.73
N LEU A 415 -30.70 17.98 -27.48
CA LEU A 415 -31.41 16.97 -26.66
C LEU A 415 -32.68 17.56 -26.07
N THR A 416 -32.69 18.87 -25.90
CA THR A 416 -33.88 19.56 -25.41
C THR A 416 -34.99 19.32 -26.39
N LEU A 417 -34.66 19.32 -27.68
CA LEU A 417 -35.63 19.08 -28.72
C LEU A 417 -36.26 17.69 -28.62
N LEU A 418 -35.47 16.69 -28.22
CA LEU A 418 -36.02 15.34 -28.13
C LEU A 418 -36.91 15.22 -26.92
N LEU A 419 -36.48 15.86 -25.83
CA LEU A 419 -37.19 15.74 -24.57
C LEU A 419 -38.40 16.65 -24.49
N SER A 420 -38.37 17.79 -25.17
CA SER A 420 -39.48 18.74 -25.13
C SER A 420 -40.69 18.21 -25.89
N LEU A 421 -40.48 17.15 -26.66
CA LEU A 421 -41.54 16.52 -27.43
C LEU A 421 -42.18 15.37 -26.70
N VAL A 422 -41.59 14.92 -25.58
CA VAL A 422 -42.13 13.73 -24.97
C VAL A 422 -42.34 13.88 -23.48
N GLN A 423 -43.20 13.05 -22.92
CA GLN A 423 -43.41 13.01 -21.49
C GLN A 423 -42.56 11.90 -20.90
N VAL A 424 -41.51 12.25 -20.19
CA VAL A 424 -40.63 11.22 -19.66
C VAL A 424 -41.24 10.50 -18.47
N ASP A 425 -41.43 9.20 -18.60
CA ASP A 425 -41.91 8.37 -17.50
C ASP A 425 -40.80 8.00 -16.51
N GLU A 426 -39.70 7.57 -17.12
CA GLU A 426 -38.53 7.14 -16.37
C GLU A 426 -37.30 7.29 -17.24
N PHE A 427 -36.14 7.33 -16.62
CA PHE A 427 -34.92 7.17 -17.39
C PHE A 427 -33.94 6.37 -16.58
N VAL A 428 -33.23 5.50 -17.24
CA VAL A 428 -32.22 4.69 -16.58
C VAL A 428 -30.89 4.90 -17.28
N CYS A 429 -30.01 5.71 -16.67
CA CYS A 429 -28.73 6.07 -17.29
C CYS A 429 -27.59 5.33 -16.61
N ASP A 430 -26.54 5.08 -17.41
CA ASP A 430 -25.35 4.39 -16.95
C ASP A 430 -24.08 5.06 -17.46
N LYS A 431 -23.28 5.58 -16.52
CA LYS A 431 -22.03 6.30 -16.80
C LYS A 431 -22.28 7.60 -17.58
N ILE A 432 -23.49 8.10 -17.44
CA ILE A 432 -23.94 9.33 -18.08
C ILE A 432 -25.20 9.79 -17.36
N THR A 433 -25.53 11.07 -17.45
CA THR A 433 -26.79 11.59 -16.94
C THR A 433 -27.44 12.36 -18.08
N PRO A 434 -28.76 12.55 -18.11
CA PRO A 434 -29.46 13.36 -19.10
C PRO A 434 -28.86 14.76 -19.19
N GLU A 435 -28.42 15.29 -18.05
CA GLU A 435 -27.78 16.60 -18.01
C GLU A 435 -26.51 16.63 -18.82
N ALA A 436 -25.72 15.56 -18.70
CA ALA A 436 -24.46 15.47 -19.40
C ALA A 436 -24.67 15.04 -20.84
N LEU A 437 -25.68 14.22 -21.06
CA LEU A 437 -25.96 13.70 -22.37
C LEU A 437 -26.26 14.86 -23.29
N ALA A 438 -26.92 15.87 -22.74
CA ALA A 438 -27.27 17.09 -23.44
C ALA A 438 -26.10 17.97 -23.86
N THR A 439 -24.93 17.87 -23.20
CA THR A 439 -23.88 18.83 -23.50
C THR A 439 -22.53 18.28 -23.93
N GLY A 440 -22.34 16.98 -23.88
CA GLY A 440 -21.02 16.44 -24.21
C GLY A 440 -20.76 16.33 -25.72
N CYS A 441 -19.48 16.11 -26.06
CA CYS A 441 -19.07 15.78 -27.47
C CYS A 441 -18.75 14.31 -27.51
N TYR A 442 -19.14 13.67 -28.61
CA TYR A 442 -19.01 12.24 -28.76
C TYR A 442 -18.42 11.89 -30.11
N SER A 443 -17.80 10.70 -30.21
CA SER A 443 -17.34 10.23 -31.51
C SER A 443 -18.56 9.87 -32.33
N SER A 444 -19.59 9.39 -31.64
CA SER A 444 -20.86 9.08 -32.25
C SER A 444 -21.99 9.04 -31.22
N LEU A 445 -23.20 9.27 -31.71
CA LEU A 445 -24.40 9.14 -30.88
C LEU A 445 -25.38 8.17 -31.56
N THR A 446 -25.82 7.17 -30.82
CA THR A 446 -26.71 6.16 -31.39
C THR A 446 -28.04 6.14 -30.69
N VAL A 447 -29.13 6.15 -31.45
CA VAL A 447 -30.42 6.06 -30.83
C VAL A 447 -31.17 4.83 -31.33
N ASP A 448 -31.63 4.01 -30.39
CA ASP A 448 -32.46 2.85 -30.71
C ASP A 448 -33.86 3.15 -30.23
N TRP A 449 -34.88 2.81 -31.01
CA TRP A 449 -36.21 3.07 -30.46
C TRP A 449 -37.28 2.13 -30.96
N PHE A 450 -38.30 1.97 -30.12
CA PHE A 450 -39.46 1.14 -30.40
C PHE A 450 -40.63 1.45 -29.47
N ALA A 451 -41.82 1.05 -29.86
CA ALA A 451 -42.97 1.13 -28.96
C ALA A 451 -42.85 0.05 -27.91
N PHE A 452 -43.19 0.37 -26.67
CA PHE A 452 -43.15 -0.64 -25.62
C PHE A 452 -43.96 -0.17 -24.42
N PRO A 453 -44.88 -0.98 -23.88
CA PRO A 453 -45.69 -0.66 -22.73
C PRO A 453 -44.85 -0.25 -21.54
N TYR A 454 -45.23 0.83 -20.88
CA TYR A 454 -44.51 1.29 -19.70
C TYR A 454 -44.62 0.27 -18.58
N ALA A 455 -45.74 -0.43 -18.55
CA ALA A 455 -46.01 -1.44 -17.57
C ALA A 455 -45.01 -2.59 -17.65
N TRP A 456 -44.30 -2.72 -18.76
CA TRP A 456 -43.35 -3.80 -18.94
C TRP A 456 -41.90 -3.34 -18.78
N LYS A 457 -41.68 -2.19 -18.17
CA LYS A 457 -40.32 -1.67 -18.03
C LYS A 457 -39.42 -2.57 -17.22
N SER A 458 -39.99 -3.46 -16.40
CA SER A 458 -39.16 -4.35 -15.59
C SER A 458 -38.67 -5.53 -16.41
N TYR A 459 -39.27 -5.76 -17.56
CA TYR A 459 -38.84 -6.85 -18.42
C TYR A 459 -37.63 -6.34 -19.19
N LEU A 460 -37.74 -5.10 -19.58
CA LEU A 460 -36.69 -4.44 -20.29
C LEU A 460 -35.73 -3.82 -19.28
N ALA A 461 -34.99 -4.68 -18.56
CA ALA A 461 -34.18 -4.21 -17.44
C ALA A 461 -32.84 -4.94 -17.32
N ILE A 462 -31.87 -4.27 -16.68
CA ILE A 462 -30.48 -4.73 -16.58
C ILE A 462 -30.21 -6.15 -16.06
N GLY A 463 -30.95 -6.62 -15.06
CA GLY A 463 -30.66 -7.94 -14.53
C GLY A 463 -31.55 -9.05 -15.05
N SER A 464 -32.47 -8.69 -15.94
CA SER A 464 -33.45 -9.66 -16.40
C SER A 464 -32.90 -10.50 -17.54
N ALA A 465 -33.55 -11.62 -17.79
CA ALA A 465 -33.24 -12.44 -18.94
C ALA A 465 -34.50 -13.08 -19.45
N ASP A 466 -35.51 -12.25 -19.62
CA ASP A 466 -36.80 -12.70 -20.11
C ASP A 466 -36.74 -12.82 -21.60
N ARG A 467 -37.82 -13.26 -22.22
CA ARG A 467 -37.91 -13.38 -23.66
C ARG A 467 -37.87 -12.00 -24.33
N ILE A 468 -38.28 -10.98 -23.60
CA ILE A 468 -38.18 -9.60 -24.09
C ILE A 468 -36.72 -9.25 -24.39
N VAL A 469 -35.81 -9.70 -23.54
CA VAL A 469 -34.41 -9.40 -23.70
C VAL A 469 -33.69 -10.42 -24.57
N ARG A 470 -33.97 -11.70 -24.35
CA ARG A 470 -33.27 -12.76 -25.05
C ARG A 470 -33.50 -12.81 -26.54
N PHE A 471 -34.72 -12.53 -27.00
CA PHE A 471 -34.96 -12.67 -28.42
C PHE A 471 -35.26 -11.37 -29.16
N ASN A 472 -35.26 -10.25 -28.45
CA ASN A 472 -35.66 -9.00 -29.09
C ASN A 472 -34.66 -7.89 -28.89
N TYR A 473 -34.62 -7.32 -27.68
CA TYR A 473 -33.72 -6.21 -27.43
C TYR A 473 -32.83 -6.44 -26.24
N ASN A 474 -31.53 -6.55 -26.50
CA ASN A 474 -30.54 -6.79 -25.47
C ASN A 474 -29.64 -5.57 -25.42
N GLN A 475 -29.85 -4.70 -24.44
CA GLN A 475 -29.13 -3.44 -24.41
C GLN A 475 -27.64 -3.66 -24.17
N ASP A 476 -26.82 -2.91 -24.89
CA ASP A 476 -25.38 -2.97 -24.68
C ASP A 476 -24.99 -2.00 -23.59
N TYR A 477 -24.01 -2.39 -22.79
CA TYR A 477 -23.54 -1.55 -21.70
C TYR A 477 -22.05 -1.22 -21.81
N SER A 478 -21.41 -1.61 -22.91
CA SER A 478 -19.99 -1.32 -23.06
C SER A 478 -19.75 0.18 -23.23
N ASN A 479 -20.72 0.89 -23.80
CA ASN A 479 -20.64 2.33 -23.95
C ASN A 479 -21.65 2.99 -23.03
N PRO A 480 -21.39 4.21 -22.53
CA PRO A 480 -22.32 4.99 -21.73
C PRO A 480 -23.62 5.14 -22.47
N SER A 481 -24.72 4.93 -21.77
CA SER A 481 -26.02 4.99 -22.43
C SER A 481 -27.13 5.29 -21.44
N CYS A 482 -28.31 5.65 -21.97
CA CYS A 482 -29.48 5.90 -21.14
C CYS A 482 -30.76 5.45 -21.83
N ARG A 483 -31.55 4.67 -21.11
CA ARG A 483 -32.83 4.18 -21.59
C ARG A 483 -33.96 5.04 -21.09
N ILE A 484 -34.62 5.71 -22.02
CA ILE A 484 -35.67 6.65 -21.68
C ILE A 484 -37.05 6.10 -22.03
N HIS A 485 -37.91 6.04 -21.02
CA HIS A 485 -39.28 5.59 -21.21
C HIS A 485 -40.16 6.82 -21.26
N SER A 486 -40.82 7.05 -22.37
CA SER A 486 -41.60 8.26 -22.51
C SER A 486 -42.90 8.08 -23.28
N LYS A 487 -43.80 8.94 -22.98
CA LYS A 487 -45.10 9.01 -23.64
C LYS A 487 -45.05 10.05 -24.73
N VAL A 488 -45.34 9.63 -25.98
CA VAL A 488 -45.30 10.57 -27.07
C VAL A 488 -46.73 10.83 -27.57
N ASN A 489 -47.15 12.10 -27.53
CA ASN A 489 -48.49 12.52 -27.97
C ASN A 489 -48.56 12.52 -29.50
N SER A 490 -49.75 12.19 -30.05
CA SER A 490 -50.00 12.12 -31.50
C SER A 490 -49.80 13.48 -32.19
N SER A 491 -49.81 14.55 -31.42
CA SER A 491 -49.61 15.91 -31.92
C SER A 491 -48.19 16.10 -32.43
N VAL A 492 -47.30 15.19 -32.08
CA VAL A 492 -45.91 15.25 -32.50
C VAL A 492 -45.70 14.55 -33.84
N GLY A 493 -46.71 13.82 -34.30
CA GLY A 493 -46.62 13.08 -35.57
C GLY A 493 -46.36 11.59 -35.39
N ILE A 494 -46.27 11.14 -34.15
CA ILE A 494 -46.03 9.73 -33.85
C ILE A 494 -47.31 8.96 -34.12
N SER A 495 -47.18 7.79 -34.76
CA SER A 495 -48.31 6.91 -35.03
C SER A 495 -47.98 5.49 -34.62
N TYR A 496 -48.98 4.63 -34.44
CA TYR A 496 -48.70 3.24 -34.12
C TYR A 496 -49.64 2.24 -34.78
N SER A 497 -49.62 2.20 -36.11
CA SER A 497 -50.44 1.27 -36.89
C SER A 497 -49.77 -0.09 -36.99
N GLY A 498 -50.56 -1.11 -37.35
CA GLY A 498 -50.04 -2.46 -37.58
C GLY A 498 -49.96 -3.27 -36.30
N LEU A 499 -49.38 -4.46 -36.38
CA LEU A 499 -49.23 -5.29 -35.18
C LEU A 499 -47.91 -5.02 -34.52
N TYR A 500 -47.96 -4.93 -33.21
CA TYR A 500 -46.76 -4.77 -32.41
C TYR A 500 -46.49 -6.05 -31.70
N SER A 501 -45.32 -6.60 -31.91
CA SER A 501 -45.01 -7.90 -31.37
C SER A 501 -43.58 -8.09 -30.98
N TYR A 502 -43.38 -9.14 -30.21
CA TYR A 502 -42.09 -9.57 -29.76
C TYR A 502 -41.98 -11.06 -29.92
N ILE A 503 -40.76 -11.52 -30.06
CA ILE A 503 -40.43 -12.91 -30.19
C ILE A 503 -40.39 -13.54 -28.82
N THR A 504 -41.07 -14.66 -28.67
CA THR A 504 -41.09 -15.34 -27.38
C THR A 504 -40.20 -16.57 -27.43
N ASN A 505 -39.97 -17.05 -28.64
CA ASN A 505 -39.08 -18.20 -28.83
C ASN A 505 -38.49 -18.15 -30.25
N CYS A 506 -37.34 -18.81 -30.43
CA CYS A 506 -36.66 -18.92 -31.74
C CYS A 506 -35.54 -19.97 -31.68
N ASN A 507 -35.87 -21.16 -31.19
CA ASN A 507 -34.87 -22.21 -31.19
C ASN A 507 -34.69 -22.81 -32.57
N TYR A 508 -33.55 -23.44 -32.82
CA TYR A 508 -33.31 -24.07 -34.11
C TYR A 508 -32.39 -25.29 -34.10
N GLY A 509 -32.48 -26.05 -35.18
CA GLY A 509 -31.65 -27.23 -35.39
C GLY A 509 -32.18 -28.40 -34.57
N GLY A 510 -31.47 -29.53 -34.62
CA GLY A 510 -31.92 -30.73 -33.93
C GLY A 510 -31.65 -30.68 -32.42
N PHE A 511 -30.92 -29.65 -32.00
CA PHE A 511 -30.60 -29.49 -30.59
C PHE A 511 -31.45 -28.40 -29.96
N ASN A 512 -32.39 -27.86 -30.73
CA ASN A 512 -33.26 -26.81 -30.20
C ASN A 512 -32.44 -25.68 -29.60
N LYS A 513 -31.50 -25.12 -30.29
CA LYS A 513 -30.63 -24.07 -29.77
C LYS A 513 -31.27 -22.70 -29.91
N ASP A 514 -31.44 -22.00 -28.82
CA ASP A 514 -32.11 -20.70 -28.77
C ASP A 514 -31.29 -19.69 -29.52
N ASP A 515 -31.87 -19.07 -30.55
CA ASP A 515 -31.12 -18.06 -31.28
C ASP A 515 -31.25 -16.73 -30.55
N VAL A 516 -30.45 -16.60 -29.51
CA VAL A 516 -30.45 -15.47 -28.58
C VAL A 516 -29.70 -14.26 -29.12
N VAL A 517 -30.28 -13.09 -28.91
CA VAL A 517 -29.72 -11.82 -29.34
C VAL A 517 -28.60 -11.37 -28.40
N LYS A 518 -27.51 -10.96 -29.02
CA LYS A 518 -26.31 -10.50 -28.30
C LYS A 518 -26.36 -9.02 -28.02
N PRO A 519 -25.81 -8.56 -26.92
CA PRO A 519 -25.90 -7.16 -26.54
C PRO A 519 -25.59 -6.26 -27.71
N GLY A 520 -26.48 -5.30 -27.95
CA GLY A 520 -26.34 -4.33 -29.02
C GLY A 520 -26.84 -4.85 -30.36
N GLY A 521 -27.26 -6.11 -30.40
CA GLY A 521 -27.71 -6.75 -31.63
C GLY A 521 -29.22 -6.76 -31.74
N ARG A 522 -29.72 -7.62 -32.61
CA ARG A 522 -31.14 -7.73 -32.87
C ARG A 522 -31.52 -9.13 -33.29
N ALA A 523 -32.81 -9.41 -33.30
CA ALA A 523 -33.28 -10.71 -33.76
C ALA A 523 -32.76 -10.96 -35.15
N SER A 524 -32.25 -12.17 -35.36
CA SER A 524 -31.69 -12.51 -36.66
C SER A 524 -32.76 -12.61 -37.73
N GLN A 525 -32.35 -12.56 -38.98
CA GLN A 525 -33.32 -12.61 -40.06
C GLN A 525 -34.21 -13.86 -40.02
N PRO A 526 -33.71 -15.08 -39.78
CA PRO A 526 -34.51 -16.27 -39.57
C PRO A 526 -35.59 -16.14 -38.49
N CYS A 527 -35.31 -15.43 -37.39
CA CYS A 527 -36.24 -15.24 -36.27
C CYS A 527 -37.33 -14.26 -36.65
N VAL A 528 -36.96 -13.19 -37.34
CA VAL A 528 -37.93 -12.22 -37.79
C VAL A 528 -38.81 -12.83 -38.85
N THR A 529 -38.21 -13.56 -39.78
CA THR A 529 -38.97 -14.22 -40.83
C THR A 529 -39.98 -15.18 -40.23
N GLY A 530 -39.53 -15.96 -39.27
CA GLY A 530 -40.39 -16.90 -38.60
C GLY A 530 -41.50 -16.23 -37.85
N ALA A 531 -41.13 -15.34 -36.93
CA ALA A 531 -42.10 -14.69 -36.06
C ALA A 531 -43.15 -13.93 -36.85
N LEU A 532 -42.79 -13.32 -37.97
CA LEU A 532 -43.80 -12.57 -38.72
C LEU A 532 -44.84 -13.46 -39.38
N ASN A 533 -44.55 -14.75 -39.49
CA ASN A 533 -45.46 -15.72 -40.08
C ASN A 533 -46.08 -16.61 -39.02
N SER A 534 -45.79 -16.30 -37.76
CA SER A 534 -46.30 -17.07 -36.64
C SER A 534 -47.66 -16.51 -36.24
N PRO A 535 -48.52 -17.32 -35.64
CA PRO A 535 -49.78 -16.91 -35.08
C PRO A 535 -49.54 -16.01 -33.87
N THR A 536 -50.49 -15.14 -33.58
CA THR A 536 -50.35 -14.19 -32.48
C THR A 536 -50.82 -14.75 -31.15
N ASN A 537 -51.19 -16.02 -31.15
CA ASN A 537 -51.64 -16.69 -29.95
C ASN A 537 -50.49 -17.33 -29.17
N GLY A 538 -49.26 -17.12 -29.63
CA GLY A 538 -48.07 -17.61 -28.92
C GLY A 538 -47.66 -19.02 -29.30
N GLN A 539 -48.23 -19.49 -30.38
CA GLN A 539 -48.02 -20.87 -30.80
C GLN A 539 -46.76 -21.10 -31.63
N VAL A 540 -46.11 -22.22 -31.42
CA VAL A 540 -44.87 -22.41 -32.16
C VAL A 540 -45.14 -22.82 -33.60
N TRP A 541 -44.52 -22.07 -34.50
CA TRP A 541 -44.62 -22.31 -35.92
C TRP A 541 -43.28 -22.86 -36.42
N SER A 542 -43.32 -23.91 -37.23
CA SER A 542 -42.08 -24.47 -37.74
C SER A 542 -41.91 -24.18 -39.21
N PHE A 543 -40.67 -23.85 -39.59
CA PHE A 543 -40.35 -23.56 -40.98
C PHE A 543 -38.87 -23.78 -41.25
N ASN A 544 -38.49 -23.86 -42.52
CA ASN A 544 -37.08 -23.94 -42.84
C ASN A 544 -36.59 -22.59 -43.33
N PHE A 545 -35.40 -22.22 -42.90
CA PHE A 545 -34.75 -21.01 -43.42
C PHE A 545 -33.48 -21.47 -44.08
N GLY A 546 -33.46 -21.50 -45.40
CA GLY A 546 -32.35 -22.11 -46.08
C GLY A 546 -32.33 -23.60 -45.75
N GLY A 547 -31.21 -24.09 -45.26
CA GLY A 547 -31.10 -25.51 -44.93
C GLY A 547 -31.33 -25.84 -43.45
N VAL A 548 -31.74 -24.85 -42.65
CA VAL A 548 -31.89 -25.08 -41.21
C VAL A 548 -33.34 -24.90 -40.72
N PRO A 549 -33.91 -25.89 -40.01
CA PRO A 549 -35.23 -25.82 -39.41
C PRO A 549 -35.25 -24.90 -38.19
N TYR A 550 -36.28 -24.04 -38.12
CA TYR A 550 -36.52 -23.10 -37.04
C TYR A 550 -37.89 -23.25 -36.40
N ARG A 551 -37.99 -23.13 -35.11
CA ARG A 551 -39.29 -23.09 -34.44
C ARG A 551 -39.39 -21.71 -33.80
N THR A 552 -40.34 -20.87 -34.18
CA THR A 552 -40.53 -19.53 -33.65
C THR A 552 -41.94 -19.26 -33.18
N SER A 553 -42.06 -18.32 -32.26
CA SER A 553 -43.35 -17.87 -31.76
C SER A 553 -43.29 -16.42 -31.32
N ARG A 554 -44.45 -15.77 -31.35
CA ARG A 554 -44.58 -14.38 -30.95
C ARG A 554 -45.87 -14.07 -30.23
N LEU A 555 -45.86 -12.97 -29.51
CA LEU A 555 -47.04 -12.41 -28.88
C LEU A 555 -47.13 -10.94 -29.22
N THR A 556 -48.34 -10.40 -29.25
CA THR A 556 -48.52 -9.00 -29.56
C THR A 556 -48.71 -8.17 -28.30
N TYR A 557 -48.47 -6.87 -28.43
CA TYR A 557 -48.69 -5.91 -27.36
C TYR A 557 -49.41 -4.69 -27.85
N THR A 558 -50.03 -4.83 -29.01
CA THR A 558 -50.74 -3.74 -29.68
C THR A 558 -51.83 -3.17 -28.77
N ASP A 559 -52.46 -4.07 -28.01
CA ASP A 559 -53.57 -3.72 -27.13
C ASP A 559 -53.13 -2.86 -25.93
N HIS A 560 -51.83 -2.74 -25.72
CA HIS A 560 -51.30 -1.98 -24.60
C HIS A 560 -50.82 -0.60 -25.03
N LEU A 561 -51.01 -0.27 -26.30
CA LEU A 561 -50.55 1.02 -26.82
C LEU A 561 -51.71 2.00 -26.93
N LYS A 562 -51.56 3.16 -26.43
CA LYS A 562 -52.71 4.07 -26.36
C LYS A 562 -52.32 5.42 -26.94
N ASN A 563 -53.25 6.38 -26.94
CA ASN A 563 -53.05 7.64 -27.66
C ASN A 563 -51.69 8.30 -27.35
N PRO A 564 -51.35 8.58 -26.07
CA PRO A 564 -49.99 8.89 -25.65
C PRO A 564 -49.25 7.58 -25.75
N LEU A 565 -48.32 7.49 -26.69
CA LEU A 565 -47.73 6.22 -26.99
C LEU A 565 -46.51 5.93 -26.17
N ASP A 566 -46.51 4.78 -25.49
CA ASP A 566 -45.37 4.42 -24.69
C ASP A 566 -44.23 4.00 -25.60
N MET A 567 -43.16 4.76 -25.57
CA MET A 567 -41.98 4.57 -26.41
C MET A 567 -40.73 4.42 -25.60
N VAL A 568 -39.81 3.63 -26.10
CA VAL A 568 -38.50 3.52 -25.49
C VAL A 568 -37.45 4.07 -26.44
N TYR A 569 -36.68 5.02 -25.95
CA TYR A 569 -35.58 5.57 -26.70
C TYR A 569 -34.30 5.29 -25.95
N VAL A 570 -33.37 4.62 -26.57
CA VAL A 570 -32.12 4.31 -25.90
C VAL A 570 -31.01 5.07 -26.56
N ILE A 571 -30.38 5.97 -25.82
CA ILE A 571 -29.34 6.78 -26.40
C ILE A 571 -27.99 6.32 -25.90
N THR A 572 -27.13 5.90 -26.82
CA THR A 572 -25.81 5.41 -26.48
C THR A 572 -24.77 6.36 -27.04
N VAL A 573 -23.83 6.76 -26.21
CA VAL A 573 -22.81 7.67 -26.70
C VAL A 573 -21.43 7.08 -26.58
N LYS A 574 -20.69 7.26 -27.65
CA LYS A 574 -19.31 6.75 -27.71
C LYS A 574 -18.33 7.86 -27.45
N TYR A 575 -17.41 7.58 -26.59
CA TYR A 575 -16.33 8.52 -26.37
C TYR A 575 -15.00 7.97 -26.88
N GLU A 576 -14.41 8.67 -27.83
CA GLU A 576 -13.11 8.31 -28.39
C GLU A 576 -12.29 9.58 -28.53
N PRO A 577 -11.61 10.02 -27.48
CA PRO A 577 -10.97 11.31 -27.37
C PRO A 577 -10.12 11.60 -28.59
N GLY A 578 -10.34 12.76 -29.18
CA GLY A 578 -9.65 13.20 -30.38
C GLY A 578 -10.46 12.92 -31.65
N ALA A 579 -11.50 12.12 -31.52
CA ALA A 579 -12.33 11.79 -32.68
C ALA A 579 -13.79 12.18 -32.47
N GLU A 580 -14.12 13.20 -31.70
CA GLU A 580 -15.48 13.74 -31.49
C GLU A 580 -15.95 14.35 -32.77
N THR A 581 -17.11 13.95 -33.16
CA THR A 581 -17.72 14.55 -34.34
C THR A 581 -19.10 15.08 -34.02
N VAL A 582 -19.65 14.60 -32.91
CA VAL A 582 -20.99 14.98 -32.50
C VAL A 582 -20.91 15.89 -31.28
N CYS A 583 -21.44 17.11 -31.40
CA CYS A 583 -21.39 18.14 -30.37
C CYS A 583 -22.78 18.76 -30.24
N PRO A 584 -23.10 19.43 -29.15
CA PRO A 584 -24.34 20.15 -28.94
C PRO A 584 -24.39 21.40 -29.79
N LYS A 585 -25.61 21.85 -30.09
CA LYS A 585 -25.80 23.14 -30.76
C LYS A 585 -25.61 24.30 -29.81
N GLN A 586 -25.75 24.03 -28.52
CA GLN A 586 -25.69 25.07 -27.50
C GLN A 586 -24.30 25.24 -26.89
N VAL A 587 -23.79 26.46 -26.97
CA VAL A 587 -22.50 26.86 -26.39
C VAL A 587 -22.67 27.22 -24.92
N ARG A 588 -21.71 26.78 -24.15
CA ARG A 588 -21.73 27.07 -22.71
C ARG A 588 -21.92 28.60 -22.45
N PRO A 589 -22.95 29.09 -21.67
CA PRO A 589 -23.28 30.48 -21.38
C PRO A 589 -22.17 31.42 -20.92
N ASP A 590 -21.23 30.92 -20.12
CA ASP A 590 -20.18 31.81 -19.60
C ASP A 590 -18.83 31.60 -20.26
N TYR A 591 -18.80 30.92 -21.39
CA TYR A 591 -17.54 30.65 -22.05
C TYR A 591 -17.32 31.47 -23.32
N SER A 592 -16.07 31.90 -23.52
CA SER A 592 -15.70 32.63 -24.72
C SER A 592 -15.54 31.70 -25.90
N THR A 593 -15.71 32.24 -27.10
CA THR A 593 -15.45 31.45 -28.32
C THR A 593 -14.25 32.01 -29.12
N ASN A 594 -13.48 32.92 -28.49
CA ASN A 594 -12.27 33.53 -29.02
C ASN A 594 -11.22 33.54 -27.91
N ILE A 595 -10.19 32.69 -28.05
CA ILE A 595 -9.17 32.46 -27.02
C ILE A 595 -8.12 33.56 -26.92
N THR A 596 -8.02 34.43 -27.92
CA THR A 596 -6.85 35.31 -27.95
C THR A 596 -6.83 36.27 -26.77
N GLY A 597 -8.01 36.68 -26.32
CA GLY A 597 -8.08 37.63 -25.21
C GLY A 597 -7.83 36.94 -23.87
N LEU A 598 -7.74 35.62 -23.90
CA LEU A 598 -7.53 34.81 -22.71
C LEU A 598 -6.14 34.19 -22.66
N LEU A 599 -5.25 34.56 -23.58
CA LEU A 599 -3.93 33.94 -23.58
C LEU A 599 -3.04 34.54 -22.51
N GLY A 600 -2.16 33.71 -21.96
CA GLY A 600 -1.23 34.15 -20.93
C GLY A 600 -1.98 34.26 -19.61
N SER A 601 -3.07 33.52 -19.47
CA SER A 601 -3.87 33.52 -18.27
C SER A 601 -4.50 32.18 -17.91
N CYS A 602 -4.68 31.90 -16.61
CA CYS A 602 -5.31 30.69 -16.10
C CYS A 602 -6.80 30.79 -16.36
N ILE A 603 -7.34 29.92 -17.16
CA ILE A 603 -8.75 29.93 -17.50
C ILE A 603 -9.35 28.54 -17.41
N SER A 604 -10.67 28.48 -17.34
CA SER A 604 -11.35 27.21 -17.48
C SER A 604 -11.56 26.95 -18.95
N TYR A 605 -11.69 25.70 -19.34
CA TYR A 605 -11.96 25.45 -20.73
C TYR A 605 -12.77 24.19 -20.95
N ASP A 606 -13.37 24.14 -22.13
CA ASP A 606 -14.09 22.99 -22.67
C ASP A 606 -13.82 22.94 -24.16
N ILE A 607 -12.83 22.14 -24.53
CA ILE A 607 -12.37 22.07 -25.91
C ILE A 607 -12.63 20.69 -26.47
N TYR A 608 -13.60 20.59 -27.35
CA TYR A 608 -14.01 19.33 -27.95
C TYR A 608 -14.24 18.24 -26.91
N GLY A 609 -14.87 18.60 -25.80
CA GLY A 609 -15.19 17.64 -24.77
C GLY A 609 -14.14 17.52 -23.65
N ILE A 610 -12.97 18.12 -23.86
CA ILE A 610 -11.92 18.07 -22.86
C ILE A 610 -12.04 19.26 -21.94
N THR A 611 -12.19 19.02 -20.64
CA THR A 611 -12.36 20.13 -19.74
C THR A 611 -11.32 20.17 -18.64
N GLY A 612 -11.18 21.34 -18.05
CA GLY A 612 -10.30 21.57 -16.92
C GLY A 612 -9.83 23.00 -16.92
N THR A 613 -8.76 23.26 -16.17
CA THR A 613 -8.20 24.61 -16.14
C THR A 613 -6.78 24.55 -16.64
N GLY A 614 -6.30 25.67 -17.15
CA GLY A 614 -4.93 25.73 -17.61
C GLY A 614 -4.59 27.06 -18.24
N VAL A 615 -3.35 27.19 -18.64
CA VAL A 615 -2.82 28.39 -19.23
C VAL A 615 -2.47 28.11 -20.68
N PHE A 616 -2.98 28.94 -21.56
CA PHE A 616 -2.77 28.76 -22.99
C PHE A 616 -1.77 29.77 -23.52
N GLN A 617 -0.91 29.31 -24.41
CA GLN A 617 0.04 30.20 -25.08
C GLN A 617 0.04 29.91 -26.56
N LEU A 618 0.24 30.94 -27.38
CA LEU A 618 0.34 30.69 -28.81
C LEU A 618 1.73 30.11 -29.10
N CYS A 619 1.79 28.96 -29.81
CA CYS A 619 3.03 28.23 -30.07
C CYS A 619 3.16 27.82 -31.53
N ASN A 620 4.37 27.43 -31.91
CA ASN A 620 4.62 26.91 -33.24
C ASN A 620 4.18 25.45 -33.31
N ALA A 621 3.49 25.07 -34.40
CA ALA A 621 2.97 23.72 -34.63
C ALA A 621 4.12 22.74 -34.88
N LYS A 628 -5.83 16.56 -33.51
CA LYS A 628 -6.12 17.95 -33.09
C LYS A 628 -5.60 18.24 -31.67
N PHE A 629 -5.34 17.18 -30.88
CA PHE A 629 -4.71 17.27 -29.55
C PHE A 629 -3.34 16.68 -29.59
N VAL A 630 -2.41 17.35 -28.94
CA VAL A 630 -1.04 16.91 -28.83
C VAL A 630 -0.81 16.34 -27.45
N TYR A 631 -0.26 15.14 -27.39
CA TYR A 631 -0.07 14.46 -26.13
C TYR A 631 1.40 14.17 -25.84
N ASP A 632 1.72 14.08 -24.57
CA ASP A 632 3.01 13.58 -24.12
C ASP A 632 2.88 12.06 -23.98
N LYS A 633 3.93 11.47 -23.45
CA LYS A 633 3.99 10.03 -23.26
C LYS A 633 3.23 9.54 -22.05
N PHE A 634 2.52 10.36 -21.29
CA PHE A 634 1.81 10.02 -20.07
C PHE A 634 0.34 10.38 -20.23
N ASP A 635 -0.07 10.50 -21.49
CA ASP A 635 -1.43 10.83 -21.92
C ASP A 635 -1.94 12.17 -21.43
N ASN A 636 -1.05 13.15 -21.30
CA ASN A 636 -1.49 14.50 -20.95
C ASN A 636 -1.60 15.34 -22.19
N ILE A 637 -2.60 16.20 -22.25
CA ILE A 637 -2.70 17.13 -23.36
C ILE A 637 -1.82 18.33 -23.09
N ILE A 638 -0.92 18.59 -24.01
CA ILE A 638 0.07 19.64 -23.87
C ILE A 638 -0.06 20.71 -24.95
N GLY A 639 -1.12 20.61 -25.74
CA GLY A 639 -1.38 21.56 -26.80
C GLY A 639 -2.51 21.08 -27.69
N PHE A 640 -3.04 21.99 -28.51
CA PHE A 640 -4.10 21.61 -29.43
C PHE A 640 -4.16 22.54 -30.64
N HIS A 641 -4.79 22.07 -31.70
CA HIS A 641 -4.99 22.86 -32.90
C HIS A 641 -6.44 23.30 -32.91
N SER A 642 -6.65 24.60 -32.79
CA SER A 642 -8.00 25.13 -32.74
C SER A 642 -8.52 25.37 -34.15
N ASP A 643 -9.80 25.68 -34.28
CA ASP A 643 -10.39 25.88 -35.59
C ASP A 643 -10.13 27.21 -36.29
N ASP A 644 -9.35 28.10 -35.67
CA ASP A 644 -9.01 29.34 -36.34
C ASP A 644 -7.62 29.24 -36.96
N GLY A 645 -7.03 28.04 -36.88
CA GLY A 645 -5.74 27.75 -37.49
C GLY A 645 -4.56 27.88 -36.53
N ASN A 646 -4.78 28.50 -35.37
CA ASN A 646 -3.70 28.66 -34.41
C ASN A 646 -3.46 27.43 -33.55
N TYR A 647 -2.19 27.16 -33.30
CA TYR A 647 -1.80 26.09 -32.39
C TYR A 647 -1.45 26.67 -31.04
N TYR A 648 -1.98 26.05 -29.99
CA TYR A 648 -1.71 26.54 -28.65
C TYR A 648 -1.05 25.49 -27.78
N CYS A 649 -0.17 25.92 -26.87
CA CYS A 649 0.43 25.09 -25.84
C CYS A 649 -0.50 25.11 -24.64
N VAL A 650 -0.57 24.01 -23.93
CA VAL A 650 -1.40 23.96 -22.73
C VAL A 650 -0.61 23.53 -21.52
N ALA A 651 -0.68 24.32 -20.47
CA ALA A 651 -0.03 23.99 -19.21
C ALA A 651 -1.06 24.06 -18.10
N PRO A 652 -0.89 23.34 -17.00
CA PRO A 652 -1.65 23.50 -15.78
C PRO A 652 -1.39 24.90 -15.25
N CYS A 653 -2.30 25.42 -14.43
CA CYS A 653 -2.16 26.74 -13.80
C CYS A 653 -1.08 26.69 -12.73
N VAL A 654 -0.71 25.47 -12.37
CA VAL A 654 0.38 25.17 -11.46
C VAL A 654 1.46 24.43 -12.22
N SER A 655 2.39 25.18 -12.81
CA SER A 655 3.41 24.58 -13.67
C SER A 655 4.82 24.93 -13.23
N VAL A 656 4.95 25.98 -12.43
CA VAL A 656 6.25 26.42 -11.95
C VAL A 656 6.53 25.83 -10.57
N PRO A 657 7.65 25.13 -10.40
CA PRO A 657 8.05 24.47 -9.17
C PRO A 657 8.58 25.45 -8.16
N VAL A 658 7.66 26.19 -7.56
CA VAL A 658 7.97 27.20 -6.56
C VAL A 658 8.34 26.58 -5.22
N SER A 659 9.42 27.10 -4.62
CA SER A 659 9.87 26.69 -3.30
C SER A 659 10.20 27.92 -2.46
N VAL A 660 10.11 27.78 -1.16
CA VAL A 660 10.33 28.89 -0.26
C VAL A 660 11.48 28.67 0.69
N ILE A 661 12.34 29.67 0.75
CA ILE A 661 13.49 29.69 1.61
C ILE A 661 13.07 30.40 2.88
N TYR A 662 13.16 29.73 4.02
CA TYR A 662 12.69 30.33 5.25
C TYR A 662 13.68 30.27 6.39
N ASP A 663 13.85 31.42 7.06
CA ASP A 663 14.69 31.53 8.26
C ASP A 663 13.83 31.77 9.49
N ASP A 664 13.76 30.78 10.39
CA ASP A 664 12.87 30.87 11.54
C ASP A 664 13.41 31.73 12.69
N ASN A 665 14.54 32.36 12.58
CA ASN A 665 15.10 33.24 13.59
C ASN A 665 14.67 34.64 13.27
N THR A 666 14.53 34.95 12.03
CA THR A 666 14.18 36.29 11.62
C THR A 666 12.78 36.32 11.03
N ASN A 667 12.24 35.13 10.75
CA ASN A 667 10.95 34.96 10.10
C ASN A 667 10.98 35.63 8.73
N GLN A 668 12.11 35.49 8.06
CA GLN A 668 12.28 36.06 6.73
C GLN A 668 12.16 34.98 5.69
N TYR A 669 11.70 35.35 4.51
CA TYR A 669 11.56 34.36 3.47
C TYR A 669 11.87 34.91 2.10
N ALA A 670 12.18 34.01 1.19
CA ALA A 670 12.46 34.34 -0.21
C ALA A 670 11.99 33.19 -1.10
N THR A 671 11.78 33.47 -2.38
CA THR A 671 11.24 32.45 -3.26
C THR A 671 12.16 32.03 -4.38
N LEU A 672 12.21 30.73 -4.61
CA LEU A 672 12.89 30.15 -5.76
C LEU A 672 11.88 29.56 -6.73
N PHE A 673 12.03 29.92 -8.00
CA PHE A 673 11.20 29.40 -9.06
C PHE A 673 12.10 28.44 -9.83
N GLY A 674 12.12 27.20 -9.40
CA GLY A 674 13.18 26.32 -9.86
C GLY A 674 13.16 26.07 -11.33
N SER A 675 14.33 26.11 -11.95
CA SER A 675 14.53 25.82 -13.37
C SER A 675 13.89 26.81 -14.35
N VAL A 676 13.38 27.94 -13.84
CA VAL A 676 12.66 28.88 -14.71
C VAL A 676 13.56 30.08 -14.94
N ALA A 677 13.66 30.52 -16.19
CA ALA A 677 14.35 31.76 -16.49
C ALA A 677 13.50 32.94 -15.98
N CYS A 678 14.14 33.96 -15.39
CA CYS A 678 13.47 35.12 -14.76
C CYS A 678 12.67 35.93 -15.77
N GLN A 679 12.84 35.82 -17.05
CA GLN A 679 12.02 36.57 -18.01
C GLN A 679 10.62 36.07 -17.99
N HIS A 680 10.48 34.80 -17.78
CA HIS A 680 9.16 34.21 -17.92
C HIS A 680 8.32 34.42 -16.66
N ILE A 681 8.97 34.84 -15.57
CA ILE A 681 8.27 34.96 -14.30
C ILE A 681 7.24 36.08 -14.32
N SER A 682 7.54 37.22 -14.95
CA SER A 682 6.57 38.32 -14.95
C SER A 682 5.25 37.90 -15.57
N THR A 683 5.32 37.16 -16.66
CA THR A 683 4.16 36.69 -17.39
C THR A 683 3.29 35.68 -16.66
N MET A 684 3.83 35.03 -15.64
CA MET A 684 3.11 34.02 -14.90
C MET A 684 2.66 34.53 -13.54
N ALA A 685 2.82 35.84 -13.32
CA ALA A 685 2.56 36.46 -12.04
C ALA A 685 1.16 36.18 -11.52
N ALA A 686 0.20 36.09 -12.41
CA ALA A 686 -1.19 35.91 -12.05
C ALA A 686 -1.47 34.60 -11.29
N GLN A 687 -0.58 33.61 -11.40
CA GLN A 687 -0.82 32.33 -10.72
C GLN A 687 -0.09 32.20 -9.41
N PHE A 688 0.69 33.21 -9.03
CA PHE A 688 1.45 33.13 -7.80
C PHE A 688 0.66 33.77 -6.67
N SER A 689 1.21 33.76 -5.46
CA SER A 689 0.48 34.28 -4.30
C SER A 689 0.16 35.75 -4.52
N ARG A 690 -0.81 36.28 -3.78
CA ARG A 690 -1.24 37.66 -4.02
C ARG A 690 -0.10 38.67 -3.90
N GLU A 691 0.71 38.49 -2.88
CA GLU A 691 1.88 39.34 -2.63
C GLU A 691 3.00 39.13 -3.61
N THR A 692 3.13 37.99 -4.23
CA THR A 692 4.10 37.74 -5.29
C THR A 692 3.62 38.39 -6.56
N ARG A 693 2.33 38.25 -6.84
CA ARG A 693 1.74 38.82 -8.04
C ARG A 693 1.91 40.31 -8.05
N ALA A 694 1.64 40.94 -6.91
CA ALA A 694 1.76 42.40 -6.82
C ALA A 694 3.20 42.84 -7.01
N SER A 695 4.14 42.10 -6.44
CA SER A 695 5.56 42.45 -6.51
C SER A 695 6.10 42.29 -7.91
N LEU A 696 5.53 41.38 -8.67
CA LEU A 696 5.89 41.18 -10.07
C LEU A 696 5.15 42.12 -11.05
N VAL A 697 4.25 42.98 -10.53
CA VAL A 697 3.43 43.91 -11.31
C VAL A 697 3.59 45.29 -10.66
N ASN A 703 15.27 42.69 -7.41
CA ASN A 703 14.03 42.09 -7.94
C ASN A 703 14.29 40.60 -8.14
N LEU A 704 14.58 40.14 -9.35
CA LEU A 704 14.81 38.74 -9.69
C LEU A 704 16.27 38.50 -10.10
N LEU A 705 16.88 37.45 -9.53
CA LEU A 705 18.22 37.05 -9.93
C LEU A 705 18.17 35.72 -10.61
N GLN A 706 18.96 35.54 -11.66
CA GLN A 706 19.00 34.25 -12.31
C GLN A 706 20.11 33.42 -11.70
N THR A 707 19.80 32.22 -11.25
CA THR A 707 20.80 31.35 -10.65
C THR A 707 20.80 30.07 -11.47
N SER A 708 21.75 29.18 -11.17
CA SER A 708 21.91 27.90 -11.86
C SER A 708 20.89 26.86 -11.44
N VAL A 709 20.00 27.23 -10.53
CA VAL A 709 18.97 26.30 -10.06
C VAL A 709 17.59 26.89 -10.36
N GLY A 710 17.53 28.04 -11.00
CA GLY A 710 16.26 28.70 -11.23
C GLY A 710 16.32 30.18 -10.93
N CYS A 711 15.16 30.84 -10.90
CA CYS A 711 15.05 32.28 -10.67
C CYS A 711 14.74 32.55 -9.21
N VAL A 712 15.45 33.48 -8.59
CA VAL A 712 15.16 33.76 -7.19
C VAL A 712 14.70 35.19 -6.95
N MET A 713 13.69 35.30 -6.12
CA MET A 713 13.08 36.55 -5.74
C MET A 713 13.29 36.83 -4.26
N GLY A 714 13.83 37.99 -3.92
CA GLY A 714 14.09 38.30 -2.52
C GLY A 714 15.52 38.02 -2.10
N PHE A 715 16.42 37.99 -3.08
CA PHE A 715 17.85 37.78 -2.86
C PHE A 715 18.69 38.92 -3.42
N HIS A 716 19.86 39.11 -2.84
CA HIS A 716 20.84 40.03 -3.37
C HIS A 716 22.14 39.30 -3.62
N GLU A 717 22.93 39.76 -4.57
CA GLU A 717 24.18 39.10 -4.89
C GLU A 717 25.22 39.37 -3.81
N THR A 718 26.01 38.33 -3.50
CA THR A 718 27.05 38.45 -2.45
C THR A 718 28.16 37.45 -2.77
N ASN A 719 29.40 37.79 -2.41
CA ASN A 719 30.55 36.87 -2.64
C ASN A 719 30.83 36.10 -1.34
N ASP A 720 29.90 36.17 -0.38
CA ASP A 720 30.09 35.48 0.92
C ASP A 720 29.83 33.98 0.75
N THR A 721 30.52 33.14 1.53
CA THR A 721 30.32 31.71 1.45
C THR A 721 29.80 31.17 2.77
N VAL A 722 29.30 29.97 2.73
CA VAL A 722 28.69 29.34 3.89
C VAL A 722 29.40 28.06 4.32
N GLU A 723 29.65 27.96 5.62
CA GLU A 723 30.26 26.76 6.20
C GLU A 723 29.18 25.69 6.43
N ASP A 724 28.38 25.85 7.47
CA ASP A 724 27.23 24.98 7.66
C ASP A 724 26.03 25.55 6.92
N CYS A 725 25.63 24.91 5.81
CA CYS A 725 24.61 25.43 4.90
C CYS A 725 23.25 24.77 5.12
N ASN A 726 22.42 25.38 5.97
CA ASN A 726 21.10 24.84 6.28
C ASN A 726 20.04 25.34 5.31
N LEU A 727 20.42 26.22 4.40
CA LEU A 727 19.50 26.74 3.40
C LEU A 727 20.07 26.55 2.01
N SER A 728 20.45 25.32 1.71
CA SER A 728 21.05 25.06 0.41
C SER A 728 20.00 25.18 -0.67
N LEU A 729 20.36 25.84 -1.76
CA LEU A 729 19.48 25.97 -2.91
C LEU A 729 19.82 24.87 -3.90
N GLY A 730 21.07 24.45 -3.88
CA GLY A 730 21.57 23.40 -4.76
C GLY A 730 22.69 23.90 -5.65
N GLN A 731 23.46 22.99 -6.20
CA GLN A 731 24.58 23.32 -7.06
C GLN A 731 25.54 24.25 -6.33
N SER A 732 25.86 23.99 -5.12
CA SER A 732 26.79 24.77 -4.30
C SER A 732 26.29 26.18 -4.00
N LEU A 733 24.97 26.42 -4.16
CA LEU A 733 24.41 27.72 -3.83
C LEU A 733 23.76 27.61 -2.46
N CYS A 734 23.95 28.64 -1.62
CA CYS A 734 23.38 28.73 -0.28
C CYS A 734 22.75 30.08 -0.03
N ALA A 735 21.60 30.07 0.63
CA ALA A 735 20.97 31.31 1.02
C ALA A 735 21.57 31.78 2.33
N ILE A 736 21.89 33.06 2.42
CA ILE A 736 22.44 33.62 3.62
C ILE A 736 21.41 34.54 4.28
N PRO A 737 20.86 34.18 5.43
CA PRO A 737 19.80 34.88 6.11
C PRO A 737 20.13 36.35 6.36
N PRO A 738 19.14 37.24 6.35
CA PRO A 738 19.22 38.63 6.73
C PRO A 738 19.54 38.76 8.21
N ASN A 739 20.08 39.90 8.61
CA ASN A 739 20.34 40.13 10.02
C ASN A 739 19.21 40.95 10.66
N THR A 740 18.16 41.18 9.90
CA THR A 740 17.02 41.96 10.36
C THR A 740 15.76 41.12 10.48
N ASN A 741 15.09 41.24 11.62
CA ASN A 741 13.85 40.52 11.88
C ASN A 741 12.70 41.10 11.06
N LEU A 742 11.78 40.24 10.64
CA LEU A 742 10.62 40.64 9.84
C LEU A 742 9.80 41.73 10.51
N ARG A 743 9.81 41.77 11.84
CA ARG A 743 9.05 42.77 12.56
C ARG A 743 9.45 44.18 12.14
N VAL A 744 10.71 44.36 11.79
CA VAL A 744 11.21 45.64 11.31
C VAL A 744 10.74 45.82 9.86
N GLY A 745 10.89 44.76 9.08
CA GLY A 745 10.45 44.76 7.70
C GLY A 745 11.09 43.62 6.92
N ARG A 746 10.62 43.41 5.69
CA ARG A 746 11.22 42.37 4.86
C ARG A 746 12.58 42.81 4.37
N SER A 747 13.45 41.84 4.23
CA SER A 747 14.78 42.09 3.70
C SER A 747 15.20 40.90 2.85
N THR A 748 16.24 41.07 2.07
CA THR A 748 16.66 40.02 1.17
C THR A 748 17.72 39.10 1.75
N PHE A 749 17.80 37.91 1.18
CA PHE A 749 18.80 36.90 1.53
C PHE A 749 20.00 37.07 0.65
N GLY A 750 21.17 36.81 1.18
CA GLY A 750 22.33 36.83 0.31
C GLY A 750 22.30 35.59 -0.55
N LEU A 751 22.63 35.74 -1.81
CA LEU A 751 22.77 34.60 -2.68
C LEU A 751 24.23 34.22 -2.73
N GLY A 752 24.65 33.36 -1.82
CA GLY A 752 26.05 33.06 -1.68
C GLY A 752 26.32 31.63 -2.11
N SER A 753 27.39 31.07 -1.62
CA SER A 753 27.75 29.73 -2.04
C SER A 753 28.34 28.92 -0.91
N LEU A 754 28.33 27.61 -1.10
CA LEU A 754 28.91 26.69 -0.15
C LEU A 754 30.42 26.87 -0.18
N ALA A 755 31.03 27.01 0.98
CA ALA A 755 32.47 27.25 1.06
C ALA A 755 33.28 26.03 0.71
N TYR A 756 34.37 26.24 -0.02
CA TYR A 756 35.31 25.17 -0.26
C TYR A 756 36.54 25.51 0.54
N ASN A 757 36.75 24.81 1.64
CA ASN A 757 37.89 25.09 2.48
C ASN A 757 39.02 24.20 1.98
N SER A 758 39.88 24.81 1.18
CA SER A 758 40.90 24.07 0.47
C SER A 758 41.96 23.58 1.46
N PRO A 759 42.73 22.54 1.10
CA PRO A 759 43.83 21.95 1.83
C PRO A 759 45.07 22.83 1.80
N LEU A 760 45.97 22.60 2.74
CA LEU A 760 47.25 23.30 2.68
C LEU A 760 48.03 22.76 1.49
N ARG A 761 48.68 23.66 0.77
CA ARG A 761 49.44 23.26 -0.41
C ARG A 761 50.91 23.12 -0.11
N VAL A 762 51.39 21.88 -0.09
CA VAL A 762 52.78 21.57 0.22
C VAL A 762 53.33 21.05 -1.10
N ASP A 763 54.32 21.72 -1.65
CA ASP A 763 54.80 21.37 -3.00
C ASP A 763 55.99 20.42 -2.96
N ALA A 764 56.03 19.55 -3.93
CA ALA A 764 57.13 18.59 -3.91
C ALA A 764 58.43 19.15 -4.45
N LEU A 765 59.54 18.53 -4.07
CA LEU A 765 60.85 18.97 -4.53
C LEU A 765 61.35 18.07 -5.63
N ASN A 766 62.07 18.62 -6.60
CA ASN A 766 62.68 17.80 -7.65
C ASN A 766 64.02 17.34 -7.07
N SER A 767 63.94 16.71 -5.91
CA SER A 767 65.05 16.24 -5.13
C SER A 767 65.03 14.81 -4.68
N SER A 768 66.08 14.35 -3.99
CA SER A 768 66.14 13.01 -3.41
C SER A 768 65.59 13.20 -1.99
N GLU A 769 65.26 14.45 -1.70
CA GLU A 769 64.71 14.90 -0.42
C GLU A 769 63.27 15.32 -0.63
N PHE A 770 62.50 15.44 0.43
CA PHE A 770 61.11 15.88 0.27
C PHE A 770 60.66 16.78 1.39
N LYS A 771 59.65 17.57 1.13
CA LYS A 771 59.11 18.42 2.19
C LYS A 771 58.12 17.62 3.00
N VAL A 772 58.12 17.87 4.27
CA VAL A 772 57.12 17.31 5.14
C VAL A 772 56.54 18.38 6.04
N SER A 773 55.22 18.41 6.15
CA SER A 773 54.56 19.35 7.03
C SER A 773 54.28 18.68 8.37
N LEU A 774 54.88 19.23 9.42
CA LEU A 774 54.77 18.68 10.76
C LEU A 774 54.05 19.68 11.65
N PRO A 775 53.27 19.24 12.64
CA PRO A 775 52.66 20.10 13.65
C PRO A 775 53.67 20.80 14.56
N LEU A 776 53.43 22.09 14.80
CA LEU A 776 54.27 22.84 15.78
C LEU A 776 53.47 22.92 17.07
N ASN A 777 52.14 22.99 16.95
CA ASN A 777 51.24 23.07 18.13
C ASN A 777 50.12 22.06 17.91
N PHE A 778 49.17 21.95 18.83
CA PHE A 778 48.02 21.04 18.58
C PHE A 778 46.90 21.21 19.60
N THR A 779 45.68 20.83 19.23
CA THR A 779 44.56 20.83 20.14
C THR A 779 43.93 19.45 20.14
N PHE A 780 43.06 19.21 21.11
CA PHE A 780 42.26 18.01 21.07
C PHE A 780 40.87 18.42 20.66
N GLY A 781 40.20 17.56 19.93
CA GLY A 781 38.83 17.86 19.55
C GLY A 781 37.98 16.63 19.77
N VAL A 782 36.69 16.84 19.91
CA VAL A 782 35.81 15.70 20.11
C VAL A 782 34.83 15.57 18.97
N THR A 783 34.87 14.45 18.30
CA THR A 783 33.91 14.19 17.26
C THR A 783 32.76 13.48 17.92
N GLN A 784 31.60 14.09 17.89
CA GLN A 784 30.45 13.52 18.55
C GLN A 784 29.64 12.78 17.52
N GLU A 785 29.13 11.62 17.90
CA GLU A 785 28.36 10.82 16.98
C GLU A 785 27.22 10.09 17.65
N TYR A 786 26.06 10.12 17.03
CA TYR A 786 24.94 9.36 17.55
C TYR A 786 24.57 8.22 16.64
N ILE A 787 24.47 7.03 17.20
CA ILE A 787 24.04 5.88 16.45
C ILE A 787 22.76 5.31 17.03
N GLU A 788 21.72 5.26 16.20
CA GLU A 788 20.44 4.71 16.61
C GLU A 788 20.53 3.21 16.45
N THR A 789 20.33 2.45 17.52
CA THR A 789 20.55 1.01 17.43
C THR A 789 19.27 0.18 17.46
N SER A 790 18.16 0.81 17.80
CA SER A 790 16.89 0.13 17.85
C SER A 790 15.79 1.14 17.67
N ILE A 791 14.60 0.68 17.35
CA ILE A 791 13.48 1.59 17.22
C ILE A 791 12.41 1.28 18.23
N GLN A 792 11.48 2.21 18.41
CA GLN A 792 10.43 1.97 19.38
C GLN A 792 9.61 0.76 18.99
N LYS A 793 9.42 -0.13 19.95
CA LYS A 793 8.66 -1.38 19.77
C LYS A 793 7.20 -1.15 20.01
N ILE A 794 6.38 -1.48 19.02
CA ILE A 794 4.96 -1.25 19.09
C ILE A 794 4.17 -2.52 18.83
N THR A 795 3.12 -2.73 19.60
CA THR A 795 2.18 -3.80 19.33
C THR A 795 0.84 -3.15 19.08
N VAL A 796 0.01 -3.78 18.28
CA VAL A 796 -1.28 -3.18 17.98
C VAL A 796 -2.42 -4.16 18.18
N ASP A 797 -3.47 -3.72 18.85
CA ASP A 797 -4.65 -4.53 18.95
C ASP A 797 -5.42 -4.26 17.68
N CYS A 798 -5.12 -5.02 16.62
CA CYS A 798 -5.64 -4.87 15.29
C CYS A 798 -7.18 -4.93 15.29
N LYS A 799 -7.73 -5.92 15.97
CA LYS A 799 -9.18 -6.03 15.94
C LYS A 799 -9.83 -4.78 16.50
N GLN A 800 -9.31 -4.26 17.61
CA GLN A 800 -9.83 -3.03 18.19
C GLN A 800 -9.54 -1.81 17.32
N TYR A 801 -8.36 -1.74 16.76
CA TYR A 801 -7.97 -0.63 15.92
C TYR A 801 -8.92 -0.47 14.75
N VAL A 802 -9.22 -1.59 14.09
CA VAL A 802 -10.06 -1.57 12.90
C VAL A 802 -11.57 -1.41 13.19
N CYS A 803 -12.10 -2.21 14.15
CA CYS A 803 -13.58 -2.30 14.35
C CYS A 803 -14.09 -1.56 15.60
N ASN A 804 -13.21 -1.16 16.50
CA ASN A 804 -13.66 -0.41 17.67
C ASN A 804 -14.85 -0.99 18.40
N GLY A 805 -14.89 -2.31 18.58
CA GLY A 805 -15.96 -2.94 19.34
C GLY A 805 -17.25 -3.26 18.57
N PHE A 806 -17.29 -2.98 17.27
CA PHE A 806 -18.50 -3.22 16.49
C PHE A 806 -18.54 -4.59 15.85
N ALA A 807 -19.57 -5.38 16.22
CA ALA A 807 -19.71 -6.75 15.76
C ALA A 807 -19.88 -6.86 14.24
N LYS A 808 -20.57 -5.91 13.62
CA LYS A 808 -20.77 -6.03 12.16
C LYS A 808 -19.45 -5.90 11.40
N CYS A 809 -18.58 -4.97 11.83
CA CYS A 809 -17.24 -4.80 11.28
C CYS A 809 -16.42 -6.06 11.49
N GLU A 810 -16.48 -6.62 12.70
CA GLU A 810 -15.69 -7.80 12.99
C GLU A 810 -16.05 -8.95 12.05
N LYS A 811 -17.32 -9.05 11.67
CA LYS A 811 -17.74 -10.07 10.72
C LYS A 811 -17.26 -9.75 9.29
N LEU A 812 -17.37 -8.49 8.88
CA LEU A 812 -16.94 -8.10 7.55
C LEU A 812 -15.45 -8.26 7.39
N LEU A 813 -14.72 -8.05 8.47
CA LEU A 813 -13.28 -8.17 8.51
C LEU A 813 -12.78 -9.57 8.16
N GLU A 814 -13.65 -10.58 8.31
CA GLU A 814 -13.28 -11.96 8.00
C GLU A 814 -13.02 -12.13 6.51
N GLN A 815 -13.47 -11.20 5.68
CA GLN A 815 -13.39 -11.20 4.20
C GLN A 815 -12.06 -10.68 3.73
N TYR A 816 -11.25 -10.40 4.70
CA TYR A 816 -9.90 -10.02 4.38
C TYR A 816 -8.92 -11.09 4.87
N GLY A 817 -9.47 -12.24 5.28
CA GLY A 817 -8.68 -13.36 5.74
C GLY A 817 -8.21 -13.10 7.16
N GLN A 818 -7.18 -13.82 7.58
CA GLN A 818 -6.69 -13.67 8.94
C GLN A 818 -5.74 -12.49 9.00
N PHE A 819 -6.27 -11.32 8.70
CA PHE A 819 -5.50 -10.11 8.61
C PHE A 819 -4.80 -9.73 9.91
N CYS A 820 -5.56 -9.73 11.02
CA CYS A 820 -5.07 -9.32 12.32
C CYS A 820 -4.06 -10.31 12.87
N SER A 821 -4.22 -11.58 12.53
CA SER A 821 -3.26 -12.56 13.00
C SER A 821 -1.91 -12.26 12.37
N LYS A 822 -1.92 -11.91 11.09
CA LYS A 822 -0.69 -11.58 10.37
C LYS A 822 -0.04 -10.32 10.93
N ILE A 823 -0.85 -9.31 11.26
CA ILE A 823 -0.30 -8.08 11.84
C ILE A 823 0.34 -8.37 13.19
N ASN A 824 -0.34 -9.17 14.01
CA ASN A 824 0.17 -9.50 15.32
C ASN A 824 1.48 -10.25 15.25
N GLN A 825 1.70 -11.02 14.24
CA GLN A 825 2.88 -11.84 14.13
C GLN A 825 3.99 -11.06 13.52
N ALA A 826 3.63 -10.18 12.65
CA ALA A 826 4.62 -9.32 12.04
C ALA A 826 5.22 -8.37 13.06
N LEU A 827 4.37 -7.81 13.92
CA LEU A 827 4.86 -6.89 14.93
C LEU A 827 5.59 -7.64 16.02
N HIS A 828 5.14 -8.83 16.35
CA HIS A 828 5.82 -9.62 17.36
C HIS A 828 7.25 -9.90 16.89
N GLY A 829 7.38 -10.33 15.64
CA GLY A 829 8.68 -10.63 15.07
C GLY A 829 9.59 -9.41 15.08
N ALA A 830 9.06 -8.27 14.62
CA ALA A 830 9.87 -7.06 14.57
C ALA A 830 10.34 -6.66 15.96
N ASN A 831 9.48 -6.83 16.96
CA ASN A 831 9.82 -6.43 18.31
C ASN A 831 10.88 -7.36 18.90
N LEU A 832 10.85 -8.64 18.53
CA LEU A 832 11.87 -9.57 18.99
C LEU A 832 13.22 -9.20 18.42
N ARG A 833 13.23 -8.73 17.18
CA ARG A 833 14.47 -8.33 16.54
C ARG A 833 15.08 -7.14 17.27
N GLN A 834 14.25 -6.22 17.75
CA GLN A 834 14.80 -5.06 18.43
C GLN A 834 15.49 -5.48 19.70
N ASP A 835 14.93 -6.49 20.38
CA ASP A 835 15.56 -6.98 21.60
C ASP A 835 16.87 -7.70 21.29
N ASP A 836 16.93 -8.39 20.15
CA ASP A 836 18.17 -9.05 19.76
C ASP A 836 19.24 -8.02 19.43
N PHE A 837 18.85 -6.89 18.86
CA PHE A 837 19.83 -5.85 18.53
C PHE A 837 20.46 -5.38 19.83
N VAL A 838 19.65 -5.24 20.87
CA VAL A 838 20.13 -4.83 22.18
C VAL A 838 21.00 -5.90 22.82
N ARG A 839 20.58 -7.16 22.76
CA ARG A 839 21.38 -8.22 23.35
C ARG A 839 22.75 -8.32 22.73
N ASN A 840 22.85 -8.37 21.44
CA ASN A 840 24.13 -8.34 20.75
C ASN A 840 24.90 -7.02 20.97
N LEU A 841 24.29 -5.86 20.98
CA LEU A 841 25.02 -4.62 21.17
C LEU A 841 25.73 -4.62 22.50
N PHE A 842 25.05 -5.10 23.52
CA PHE A 842 25.64 -5.08 24.84
C PHE A 842 26.55 -6.27 25.09
N GLU A 843 26.70 -7.14 24.10
CA GLU A 843 27.65 -8.23 24.20
C GLU A 843 29.01 -7.61 23.89
N SER A 844 28.98 -6.64 22.98
CA SER A 844 30.17 -5.89 22.61
C SER A 844 30.55 -4.89 23.69
N VAL A 845 29.56 -4.27 24.32
CA VAL A 845 29.81 -3.32 25.41
C VAL A 845 30.38 -4.03 26.63
N LYS A 846 30.01 -5.28 26.83
CA LYS A 846 30.35 -6.08 28.01
C LYS A 846 31.81 -6.35 28.05
N THR A 847 32.40 -6.08 29.23
CA THR A 847 33.82 -6.30 29.39
C THR A 847 34.05 -7.52 30.28
N PRO A 848 35.04 -8.37 29.97
CA PRO A 848 35.57 -9.43 30.81
C PRO A 848 36.07 -8.93 32.17
N GLN A 849 36.87 -7.87 32.13
CA GLN A 849 37.52 -7.33 33.32
C GLN A 849 37.46 -5.82 33.29
N THR A 850 37.43 -5.20 34.46
CA THR A 850 37.43 -3.74 34.57
C THR A 850 38.19 -3.29 35.80
N VAL A 851 38.58 -2.02 35.82
CA VAL A 851 39.10 -1.45 37.05
C VAL A 851 38.00 -0.54 37.60
N PRO A 852 37.51 -0.76 38.84
CA PRO A 852 36.40 -0.05 39.44
C PRO A 852 36.59 1.45 39.38
N LEU A 853 35.52 2.17 39.08
CA LEU A 853 35.60 3.61 38.97
C LEU A 853 35.53 4.26 40.33
N THR A 854 36.41 5.22 40.52
CA THR A 854 36.47 6.04 41.72
C THR A 854 36.58 7.45 41.24
N THR A 855 36.41 8.42 42.13
CA THR A 855 36.62 9.78 41.68
C THR A 855 38.11 9.96 41.44
N GLY A 856 38.47 10.82 40.49
CA GLY A 856 39.87 11.03 40.19
C GLY A 856 40.39 9.94 39.26
N PHE A 857 39.46 9.21 38.65
CA PHE A 857 39.75 8.11 37.74
C PHE A 857 40.72 8.50 36.63
N GLY A 858 40.51 9.67 36.06
CA GLY A 858 41.32 10.12 34.94
C GLY A 858 42.67 10.70 35.36
N GLY A 859 42.92 10.82 36.66
CA GLY A 859 44.15 11.43 37.13
C GLY A 859 44.18 12.90 36.74
N GLU A 860 45.20 13.28 35.99
CA GLU A 860 45.37 14.64 35.50
C GLU A 860 44.28 15.01 34.50
N PHE A 861 43.67 13.98 33.93
CA PHE A 861 42.62 14.14 32.94
C PHE A 861 41.27 14.10 33.65
N ASN A 862 40.43 15.12 33.40
CA ASN A 862 39.14 15.27 34.05
C ASN A 862 38.03 14.51 33.28
N LEU A 863 37.65 13.35 33.85
CA LEU A 863 36.62 12.46 33.28
C LEU A 863 35.37 12.47 34.16
N THR A 864 35.22 13.52 34.97
CA THR A 864 34.10 13.62 35.92
C THR A 864 32.76 13.54 35.22
N LEU A 865 32.68 14.15 34.05
CA LEU A 865 31.45 14.18 33.29
C LEU A 865 31.05 12.80 32.75
N LEU A 866 31.99 11.86 32.73
CA LEU A 866 31.75 10.51 32.24
C LEU A 866 31.49 9.49 33.35
N GLU A 867 32.07 9.70 34.53
CA GLU A 867 31.89 8.73 35.61
C GLU A 867 30.44 8.83 36.11
N PRO A 868 29.86 7.74 36.66
CA PRO A 868 28.54 7.67 37.25
C PRO A 868 28.37 8.65 38.39
N LEU A 869 27.17 9.21 38.53
CA LEU A 869 26.89 10.13 39.62
C LEU A 869 27.01 9.42 40.96
N SER A 870 26.70 8.13 40.98
CA SER A 870 26.82 7.30 42.18
C SER A 870 28.27 7.13 42.63
N VAL A 871 29.23 7.41 41.75
CA VAL A 871 30.64 7.38 42.12
C VAL A 871 31.03 8.73 42.75
N SER A 872 30.63 9.84 42.10
CA SER A 872 30.89 11.21 42.54
C SER A 872 29.65 11.77 43.23
N ASN A 877 21.91 7.13 41.05
CA ASN A 877 22.24 7.16 39.60
C ASN A 877 23.46 6.33 39.23
N ALA A 878 23.30 5.44 38.34
CA ALA A 878 24.25 4.64 37.55
C ALA A 878 24.71 5.41 36.32
N ARG A 879 23.98 6.46 35.97
CA ARG A 879 24.27 7.24 34.78
C ARG A 879 25.25 8.36 35.08
N SER A 880 26.04 8.72 34.06
CA SER A 880 27.02 9.80 34.14
C SER A 880 26.36 11.16 34.05
N ALA A 881 27.13 12.21 34.34
CA ALA A 881 26.59 13.56 34.21
C ALA A 881 26.22 13.89 32.77
N LEU A 882 27.06 13.53 31.79
CA LEU A 882 26.68 13.78 30.40
C LEU A 882 25.48 12.97 29.99
N GLU A 883 25.29 11.78 30.47
CA GLU A 883 24.16 10.99 30.00
C GLU A 883 22.90 11.49 30.65
N GLU A 884 22.97 11.99 31.85
CA GLU A 884 21.77 12.61 32.37
C GLU A 884 21.46 13.89 31.61
N LEU A 885 22.50 14.64 31.27
CA LEU A 885 22.36 15.91 30.57
C LEU A 885 21.76 15.71 29.18
N LEU A 886 22.21 14.66 28.49
CA LEU A 886 21.72 14.33 27.16
C LEU A 886 20.25 13.96 27.23
N PHE A 887 19.88 13.14 28.19
CA PHE A 887 18.48 12.73 28.33
C PHE A 887 17.58 13.88 28.78
N ASP A 888 18.09 14.86 29.46
CA ASP A 888 17.30 16.01 29.95
C ASP A 888 17.17 17.08 28.90
N LYS A 889 17.97 17.12 27.90
CA LYS A 889 17.91 18.12 26.83
C LYS A 889 17.25 17.55 25.57
N VAL A 890 17.05 16.26 25.46
CA VAL A 890 16.26 15.70 24.36
C VAL A 890 14.82 15.61 24.83
N THR A 891 13.88 16.11 24.04
CA THR A 891 12.49 16.12 24.47
C THR A 891 11.80 14.83 24.11
N ILE A 892 11.45 14.07 25.14
CA ILE A 892 10.85 12.75 24.99
C ILE A 892 9.58 12.66 25.82
N ALA A 893 8.49 12.21 25.22
CA ALA A 893 7.26 12.01 25.99
C ALA A 893 7.47 10.83 26.92
N ASP A 894 6.94 10.90 28.13
CA ASP A 894 7.06 9.80 29.09
C ASP A 894 6.08 8.68 28.75
N PRO A 895 6.55 7.48 28.32
CA PRO A 895 5.74 6.36 27.90
C PRO A 895 4.78 5.87 28.96
N GLY A 896 5.07 6.17 30.22
CA GLY A 896 4.17 5.72 31.28
C GLY A 896 4.22 4.21 31.46
N TYR A 897 5.40 3.61 31.35
CA TYR A 897 5.50 2.14 31.44
C TYR A 897 4.91 1.63 32.73
N MET A 898 5.11 2.36 33.84
CA MET A 898 4.64 1.87 35.16
C MET A 898 3.12 2.02 35.27
N GLN A 899 2.64 3.07 35.95
CA GLN A 899 1.17 3.33 36.02
C GLN A 899 0.84 4.50 35.09
N GLY A 900 0.88 4.27 33.78
CA GLY A 900 0.66 5.36 32.83
C GLY A 900 -0.81 5.46 32.45
N TYR A 901 -1.48 4.32 32.51
CA TYR A 901 -2.89 4.20 32.19
C TYR A 901 -3.70 5.04 33.14
N ASP A 902 -3.25 5.06 34.39
CA ASP A 902 -3.92 5.73 35.48
C ASP A 902 -3.79 7.25 35.33
N ASP A 903 -2.67 7.71 34.77
CA ASP A 903 -2.46 9.13 34.57
C ASP A 903 -3.37 9.74 33.49
N CYS A 904 -3.73 8.96 32.47
CA CYS A 904 -4.55 9.37 31.36
C CYS A 904 -6.07 9.20 31.51
N MET A 905 -6.45 8.42 32.46
CA MET A 905 -7.88 8.18 32.69
C MET A 905 -8.67 9.48 32.96
N ARG A 913 0.47 13.30 27.91
CA ARG A 913 0.47 13.73 26.49
C ARG A 913 -0.44 12.87 25.63
N ASP A 914 -0.63 13.30 24.42
CA ASP A 914 -1.67 12.70 23.57
C ASP A 914 -1.27 11.43 22.81
N LEU A 915 -0.01 11.31 22.39
CA LEU A 915 0.38 10.08 21.70
C LEU A 915 0.55 8.93 22.67
N ILE A 916 0.58 9.24 23.96
CA ILE A 916 0.67 8.21 24.97
C ILE A 916 -0.73 7.79 25.40
N CYS A 917 -1.63 8.75 25.64
CA CYS A 917 -3.01 8.46 26.05
C CYS A 917 -3.82 7.89 24.88
N ALA A 918 -3.38 8.17 23.65
CA ALA A 918 -3.97 7.61 22.45
C ALA A 918 -3.81 6.10 22.44
N GLN A 919 -2.85 5.58 23.19
CA GLN A 919 -2.62 4.14 23.19
C GLN A 919 -3.87 3.41 23.66
N TYR A 920 -4.58 4.02 24.61
CA TYR A 920 -5.66 3.34 25.29
C TYR A 920 -6.98 3.66 24.65
N VAL A 921 -6.93 4.37 23.52
CA VAL A 921 -8.12 4.72 22.79
C VAL A 921 -8.04 4.09 21.41
N ALA A 922 -6.92 4.35 20.74
CA ALA A 922 -6.66 3.86 19.40
C ALA A 922 -6.49 2.34 19.36
N GLY A 923 -5.91 1.77 20.43
CA GLY A 923 -5.70 0.33 20.45
C GLY A 923 -4.29 -0.09 20.08
N TYR A 924 -3.29 0.61 20.60
CA TYR A 924 -1.89 0.24 20.35
C TYR A 924 -1.08 0.48 21.61
N LYS A 925 0.07 -0.15 21.71
CA LYS A 925 0.89 0.02 22.90
C LYS A 925 2.36 0.14 22.61
N VAL A 926 2.99 1.10 23.26
CA VAL A 926 4.43 1.28 23.26
C VAL A 926 5.04 0.33 24.28
N LEU A 927 6.01 -0.46 23.85
CA LEU A 927 6.62 -1.42 24.74
C LEU A 927 7.92 -0.90 25.32
N PRO A 928 8.26 -1.28 26.54
CA PRO A 928 9.51 -0.98 27.21
C PRO A 928 10.64 -1.75 26.55
N PRO A 929 11.88 -1.23 26.66
CA PRO A 929 13.11 -1.81 26.17
C PRO A 929 13.48 -3.02 27.00
N LEU A 930 14.33 -3.88 26.44
CA LEU A 930 14.79 -5.07 27.15
C LEU A 930 15.42 -4.71 28.48
N MET A 931 16.33 -3.75 28.45
CA MET A 931 17.07 -3.34 29.64
C MET A 931 16.54 -2.02 30.18
N ASP A 932 16.60 -1.84 31.50
CA ASP A 932 16.25 -0.55 32.07
C ASP A 932 17.46 0.37 31.99
N VAL A 933 17.32 1.58 32.53
CA VAL A 933 18.41 2.55 32.42
C VAL A 933 19.58 2.20 33.32
N ASN A 934 19.35 1.64 34.46
CA ASN A 934 20.43 1.26 35.33
C ASN A 934 21.27 0.20 34.68
N MET A 935 20.69 -0.82 34.15
CA MET A 935 21.49 -1.88 33.55
C MET A 935 22.30 -1.40 32.38
N GLU A 936 21.72 -0.58 31.50
CA GLU A 936 22.48 -0.09 30.37
C GLU A 936 23.61 0.79 30.87
N ALA A 937 23.34 1.57 31.91
CA ALA A 937 24.33 2.43 32.50
C ALA A 937 25.45 1.63 33.12
N ALA A 938 25.12 0.50 33.73
CA ALA A 938 26.13 -0.36 34.32
C ALA A 938 27.07 -0.87 33.24
N TYR A 939 26.52 -1.18 32.07
CA TYR A 939 27.33 -1.67 30.97
C TYR A 939 28.30 -0.61 30.46
N THR A 940 27.84 0.63 30.31
CA THR A 940 28.72 1.70 29.84
C THR A 940 29.70 2.13 30.94
N SER A 941 29.30 1.98 32.20
CA SER A 941 30.20 2.29 33.32
C SER A 941 31.37 1.33 33.32
N SER A 942 31.08 0.04 33.13
CA SER A 942 32.12 -0.97 33.08
C SER A 942 33.00 -0.76 31.85
N LEU A 943 32.40 -0.32 30.76
CA LEU A 943 33.16 -0.05 29.55
C LEU A 943 34.15 1.08 29.80
N LEU A 944 33.71 2.16 30.46
CA LEU A 944 34.61 3.27 30.78
C LEU A 944 35.81 2.80 31.59
N GLY A 945 35.54 1.94 32.55
CA GLY A 945 36.58 1.41 33.44
C GLY A 945 37.52 0.41 32.76
N SER A 946 37.29 0.08 31.50
CA SER A 946 38.16 -0.87 30.82
C SER A 946 38.99 -0.19 29.75
N ILE A 947 38.80 1.11 29.55
CA ILE A 947 39.50 1.76 28.45
C ILE A 947 40.99 1.85 28.67
N ALA A 948 41.42 2.29 29.85
CA ALA A 948 42.84 2.49 30.10
C ALA A 948 43.62 1.19 29.98
N GLY A 949 43.00 0.09 30.38
CA GLY A 949 43.64 -1.22 30.37
C GLY A 949 43.52 -2.03 29.09
N ALA A 950 42.90 -1.44 28.04
CA ALA A 950 42.63 -2.09 26.75
C ALA A 950 43.15 -1.20 25.62
N TRP A 952 46.75 -2.96 24.92
CA TRP A 952 48.05 -2.79 25.56
C TRP A 952 49.10 -3.72 24.93
N THR A 953 48.78 -5.02 24.83
CA THR A 953 49.60 -6.09 24.23
C THR A 953 48.78 -6.87 23.21
N ALA A 954 49.42 -7.78 22.50
CA ALA A 954 48.70 -8.66 21.59
C ALA A 954 47.75 -9.54 22.37
N GLY A 955 46.55 -9.78 21.83
CA GLY A 955 45.60 -10.67 22.49
C GLY A 955 44.62 -9.88 23.35
N LEU A 956 43.44 -10.45 23.58
CA LEU A 956 42.42 -9.80 24.38
C LEU A 956 42.22 -10.52 25.71
N SER A 957 43.14 -11.40 26.05
CA SER A 957 43.01 -12.24 27.22
C SER A 957 43.34 -11.59 28.57
N SER A 958 44.32 -10.70 28.59
CA SER A 958 44.72 -10.08 29.84
C SER A 958 44.12 -8.70 30.00
N PHE A 959 44.15 -8.21 31.22
CA PHE A 959 43.70 -6.85 31.52
C PHE A 959 44.70 -6.11 32.40
N ALA A 960 45.09 -4.92 32.00
CA ALA A 960 46.05 -4.17 32.80
C ALA A 960 45.39 -3.00 33.51
N ALA A 961 45.53 -2.96 34.83
CA ALA A 961 44.95 -1.88 35.62
C ALA A 961 45.87 -0.68 35.60
N ILE A 962 45.94 -0.07 34.44
CA ILE A 962 46.77 1.08 34.15
C ILE A 962 45.96 2.36 34.30
N PRO A 963 46.49 3.39 34.98
CA PRO A 963 45.88 4.68 35.13
C PRO A 963 45.56 5.27 33.78
N PHE A 964 44.45 5.99 33.71
CA PHE A 964 44.03 6.60 32.47
C PHE A 964 45.11 7.48 31.90
N ALA A 965 45.75 8.29 32.73
CA ALA A 965 46.75 9.21 32.25
C ALA A 965 47.89 8.47 31.53
N GLN A 966 48.29 7.32 32.05
CA GLN A 966 49.35 6.56 31.42
C GLN A 966 48.91 6.00 30.08
N SER A 967 47.65 5.60 30.01
CA SER A 967 47.12 5.08 28.76
C SER A 967 47.14 6.16 27.67
N ILE A 968 46.79 7.40 28.04
CA ILE A 968 46.80 8.49 27.09
C ILE A 968 48.20 8.75 26.58
N PHE A 969 49.18 8.75 27.47
CA PHE A 969 50.53 9.04 27.02
C PHE A 969 51.06 7.95 26.10
N TYR A 970 50.73 6.70 26.36
CA TYR A 970 51.13 5.62 25.46
C TYR A 970 50.38 5.71 24.13
N ARG A 971 49.11 6.12 24.17
CA ARG A 971 48.30 6.30 22.96
C ARG A 971 48.86 7.41 22.08
N LEU A 972 49.39 8.47 22.71
CA LEU A 972 50.02 9.56 21.98
C LEU A 972 51.38 9.15 21.41
N ASN A 973 52.14 8.39 22.18
CA ASN A 973 53.44 7.91 21.73
C ASN A 973 53.29 7.01 20.52
N GLY A 974 52.22 6.22 20.53
CA GLY A 974 51.95 5.26 19.47
C GLY A 974 51.55 5.91 18.15
N VAL A 975 51.31 7.22 18.15
CA VAL A 975 50.92 7.89 16.93
C VAL A 975 51.94 8.90 16.49
N GLY A 976 53.17 8.80 17.01
CA GLY A 976 54.22 9.68 16.52
C GLY A 976 54.68 10.83 17.42
N ILE A 977 54.24 10.88 18.67
CA ILE A 977 54.73 11.95 19.56
C ILE A 977 55.78 11.36 20.47
N THR A 978 56.99 11.91 20.44
CA THR A 978 58.08 11.28 21.19
C THR A 978 57.91 11.44 22.69
N GLN A 979 58.65 10.63 23.44
CA GLN A 979 58.57 10.66 24.90
C GLN A 979 59.06 11.93 25.55
N GLN A 980 60.11 12.52 25.02
CA GLN A 980 60.57 13.82 25.52
C GLN A 980 59.49 14.86 25.39
N VAL A 981 58.73 14.84 24.34
CA VAL A 981 57.68 15.81 24.11
C VAL A 981 56.57 15.57 25.11
N LEU A 982 56.19 14.31 25.29
CA LEU A 982 55.11 14.00 26.20
C LEU A 982 55.47 14.35 27.62
N SER A 983 56.74 14.16 27.99
CA SER A 983 57.19 14.48 29.34
C SER A 983 57.23 15.98 29.59
N GLU A 984 57.71 16.74 28.62
CA GLU A 984 57.79 18.20 28.76
C GLU A 984 56.41 18.85 28.76
N ASN A 985 55.51 18.31 27.97
CA ASN A 985 54.18 18.89 27.79
C ASN A 985 53.08 18.14 28.53
N GLN A 986 53.41 17.28 29.50
CA GLN A 986 52.35 16.48 30.10
C GLN A 986 51.24 17.31 30.77
N LYS A 987 51.58 18.49 31.27
CA LYS A 987 50.57 19.36 31.88
C LYS A 987 49.72 20.02 30.81
N ILE A 988 50.36 20.33 29.69
CA ILE A 988 49.73 20.98 28.56
C ILE A 988 48.76 20.02 27.90
N ILE A 989 49.18 18.78 27.76
CA ILE A 989 48.37 17.74 27.16
C ILE A 989 47.12 17.52 27.99
N ALA A 990 47.28 17.40 29.31
CA ALA A 990 46.13 17.20 30.17
C ALA A 990 45.19 18.40 30.10
N ASN A 991 45.73 19.62 30.05
CA ASN A 991 44.87 20.79 30.01
C ASN A 991 44.09 20.89 28.71
N LYS A 992 44.75 20.59 27.59
CA LYS A 992 44.06 20.67 26.30
C LYS A 992 43.01 19.59 26.19
N PHE A 993 43.31 18.40 26.70
CA PHE A 993 42.38 17.30 26.68
C PHE A 993 41.14 17.68 27.48
N ASN A 994 41.36 18.24 28.66
CA ASN A 994 40.28 18.61 29.55
C ASN A 994 39.45 19.71 28.92
N GLN A 995 40.09 20.60 28.27
CA GLN A 995 39.30 21.64 27.62
C GLN A 995 38.41 20.95 26.63
N ALA A 996 38.97 20.20 25.68
CA ALA A 996 38.19 19.60 24.61
C ALA A 996 37.05 18.72 25.08
N LEU A 997 37.25 17.98 26.16
CA LEU A 997 36.25 17.04 26.63
C LEU A 997 35.17 17.75 27.43
N GLY A 998 35.59 18.64 28.33
CA GLY A 998 34.69 19.35 29.24
C GLY A 998 33.80 20.34 28.50
N ALA A 999 34.17 20.65 27.27
CA ALA A 999 33.42 21.56 26.42
C ALA A 999 32.04 20.99 26.16
N MET A 1000 31.90 19.67 26.25
CA MET A 1000 30.65 19.02 25.94
C MET A 1000 29.54 19.34 26.92
N GLN A 1001 29.88 19.89 28.07
CA GLN A 1001 28.84 20.21 29.05
C GLN A 1001 27.89 21.26 28.52
N THR A 1002 28.34 22.05 27.56
CA THR A 1002 27.50 23.09 26.96
C THR A 1002 27.31 22.82 25.47
N GLY A 1003 27.64 21.60 25.04
CA GLY A 1003 27.61 21.24 23.63
C GLY A 1003 26.27 20.76 23.10
N PHE A 1004 25.34 20.36 23.96
CA PHE A 1004 24.09 19.80 23.48
C PHE A 1004 23.10 20.90 23.10
N THR A 1005 23.39 21.55 21.99
CA THR A 1005 22.63 22.68 21.48
C THR A 1005 22.23 22.45 20.03
N THR A 1006 21.61 23.45 19.42
CA THR A 1006 21.13 23.37 18.04
C THR A 1006 22.24 23.39 17.00
N THR A 1007 23.47 23.68 17.42
CA THR A 1007 24.58 23.71 16.48
C THR A 1007 25.32 22.39 16.49
N ASN A 1008 24.88 21.47 17.34
CA ASN A 1008 25.48 20.17 17.50
C ASN A 1008 24.72 19.12 16.70
N GLU A 1009 25.26 18.75 15.54
CA GLU A 1009 24.55 17.85 14.64
C GLU A 1009 24.33 16.48 15.25
N ALA A 1010 25.32 15.97 15.98
CA ALA A 1010 25.19 14.65 16.60
C ALA A 1010 24.06 14.63 17.59
N PHE A 1011 23.90 15.75 18.29
CA PHE A 1011 22.83 15.92 19.26
C PHE A 1011 21.47 16.03 18.59
N GLN A 1012 21.38 16.85 17.56
CA GLN A 1012 20.10 17.04 16.90
C GLN A 1012 19.60 15.73 16.31
N LYS A 1013 20.48 14.95 15.75
CA LYS A 1013 20.26 13.55 15.33
C LYS A 1013 19.64 12.68 16.40
N VAL A 1014 19.79 12.96 17.69
CA VAL A 1014 19.20 12.16 18.75
C VAL A 1014 17.73 12.55 18.82
N GLN A 1015 17.49 13.86 18.75
CA GLN A 1015 16.13 14.38 18.78
C GLN A 1015 15.35 13.93 17.55
N ASP A 1016 16.02 13.85 16.41
CA ASP A 1016 15.35 13.42 15.19
C ASP A 1016 14.93 11.96 15.28
N ALA A 1017 15.76 11.12 15.90
CA ALA A 1017 15.39 9.72 16.08
C ALA A 1017 14.13 9.62 16.94
N VAL A 1018 14.04 10.47 17.94
CA VAL A 1018 12.89 10.52 18.82
C VAL A 1018 11.64 10.98 18.06
N ASN A 1019 11.81 12.01 17.25
CA ASN A 1019 10.71 12.56 16.49
C ASN A 1019 10.19 11.55 15.47
N THR A 1020 11.10 10.74 14.91
CA THR A 1020 10.72 9.73 13.94
C THR A 1020 9.80 8.70 14.56
N ASN A 1021 10.11 8.26 15.77
CA ASN A 1021 9.25 7.30 16.45
C ASN A 1021 7.89 7.91 16.73
N ALA A 1022 7.88 9.18 17.11
CA ALA A 1022 6.63 9.87 17.41
C ALA A 1022 5.72 9.98 16.19
N GLN A 1023 6.32 10.24 15.02
CA GLN A 1023 5.56 10.36 13.80
C GLN A 1023 4.90 9.06 13.39
N ALA A 1024 5.59 7.95 13.63
CA ALA A 1024 5.03 6.65 13.29
C ALA A 1024 3.75 6.42 14.09
N LEU A 1025 3.74 6.84 15.35
CA LEU A 1025 2.57 6.66 16.19
C LEU A 1025 1.50 7.66 15.87
N ALA A 1026 1.92 8.83 15.43
CA ALA A 1026 0.95 9.84 15.06
C ALA A 1026 0.09 9.32 13.93
N LYS A 1027 0.65 8.48 13.13
CA LYS A 1027 -0.02 7.94 11.95
C LYS A 1027 -1.02 6.88 12.34
N LEU A 1028 -0.76 6.11 13.36
CA LEU A 1028 -1.77 5.19 13.85
C LEU A 1028 -2.89 5.90 14.58
N ALA A 1029 -2.54 6.87 15.40
CA ALA A 1029 -3.53 7.58 16.21
C ALA A 1029 -4.41 8.50 15.36
N SER A 1030 -3.82 9.14 14.35
CA SER A 1030 -4.52 10.15 13.58
C SER A 1030 -5.33 9.59 12.45
N GLU A 1031 -4.89 8.51 11.83
CA GLU A 1031 -5.57 8.03 10.64
C GLU A 1031 -6.91 7.37 10.94
N LEU A 1032 -7.18 7.11 12.21
CA LEU A 1032 -8.48 6.59 12.61
C LEU A 1032 -9.60 7.60 12.36
N SER A 1033 -9.25 8.89 12.34
CA SER A 1033 -10.23 9.95 12.16
C SER A 1033 -10.58 10.14 10.70
N ASN A 1034 -9.88 9.46 9.81
CA ASN A 1034 -10.12 9.60 8.39
C ASN A 1034 -11.40 8.90 7.99
N THR A 1035 -12.04 9.45 6.98
CA THR A 1035 -13.25 8.90 6.42
C THR A 1035 -12.97 8.49 4.99
N PHE A 1036 -12.65 7.22 4.79
CA PHE A 1036 -12.08 6.80 3.51
C PHE A 1036 -13.13 6.56 2.45
N GLY A 1037 -13.84 7.62 2.06
CA GLY A 1037 -14.90 7.54 1.07
C GLY A 1037 -16.24 7.20 1.72
N ALA A 1038 -16.20 6.99 3.02
CA ALA A 1038 -17.37 6.66 3.81
C ALA A 1038 -18.11 7.94 4.18
N ILE A 1039 -19.32 7.81 4.71
CA ILE A 1039 -20.05 8.98 5.19
C ILE A 1039 -19.52 9.47 6.53
N SER A 1040 -18.78 8.61 7.22
CA SER A 1040 -18.25 8.90 8.53
C SER A 1040 -17.06 8.03 8.88
N SER A 1041 -16.19 8.54 9.75
CA SER A 1041 -15.07 7.79 10.28
C SER A 1041 -15.55 6.81 11.35
N SER A 1042 -16.75 7.02 11.83
CA SER A 1042 -17.34 6.20 12.89
C SER A 1042 -18.23 5.09 12.37
N ILE A 1043 -17.93 3.87 12.77
CA ILE A 1043 -18.74 2.73 12.38
C ILE A 1043 -20.13 2.90 12.93
N GLY A 1044 -20.22 3.41 14.15
CA GLY A 1044 -21.51 3.64 14.80
C GLY A 1044 -22.38 4.60 14.01
N ASP A 1045 -21.76 5.62 13.39
CA ASP A 1045 -22.51 6.59 12.60
C ASP A 1045 -23.02 5.96 11.32
N ILE A 1046 -22.24 5.05 10.75
CA ILE A 1046 -22.66 4.36 9.54
C ILE A 1046 -23.86 3.48 9.84
N ILE A 1047 -23.79 2.72 10.91
CA ILE A 1047 -24.85 1.79 11.27
C ILE A 1047 -26.16 2.51 11.57
N GLN A 1048 -26.09 3.66 12.23
CA GLN A 1048 -27.30 4.38 12.58
C GLN A 1048 -27.82 5.30 11.48
N ARG A 1049 -27.15 5.37 10.34
CA ARG A 1049 -27.62 6.25 9.28
C ARG A 1049 -28.04 5.54 8.01
N LEU A 1050 -27.37 4.44 7.69
CA LEU A 1050 -27.63 3.75 6.43
C LEU A 1050 -28.32 2.42 6.64
N ASP A 1051 -28.88 1.86 5.57
CA ASP A 1051 -29.56 0.57 5.67
C ASP A 1051 -28.54 -0.56 5.70
N VAL A 1052 -29.00 -1.79 5.85
CA VAL A 1052 -28.08 -2.90 6.08
C VAL A 1052 -27.16 -3.25 4.92
N LEU A 1053 -27.50 -2.82 3.71
CA LEU A 1053 -26.68 -3.13 2.54
C LEU A 1053 -25.59 -2.11 2.29
N GLU A 1054 -25.95 -0.85 2.44
CA GLU A 1054 -24.99 0.23 2.29
C GLU A 1054 -24.03 0.27 3.48
N GLN A 1055 -24.49 -0.25 4.62
CA GLN A 1055 -23.65 -0.32 5.79
C GLN A 1055 -22.49 -1.23 5.46
N GLU A 1056 -22.73 -2.31 4.75
CA GLU A 1056 -21.62 -3.22 4.46
C GLU A 1056 -20.63 -2.56 3.55
N VAL A 1057 -21.12 -1.82 2.56
CA VAL A 1057 -20.21 -1.15 1.63
C VAL A 1057 -19.41 -0.08 2.35
N GLN A 1058 -20.09 0.73 3.14
CA GLN A 1058 -19.48 1.81 3.88
C GLN A 1058 -18.52 1.34 4.95
N ILE A 1059 -18.85 0.27 5.64
CA ILE A 1059 -17.98 -0.27 6.64
C ILE A 1059 -16.77 -0.87 5.95
N ASP A 1060 -16.95 -1.55 4.82
CA ASP A 1060 -15.82 -2.09 4.08
C ASP A 1060 -14.88 -0.98 3.62
N ARG A 1061 -15.42 0.17 3.22
CA ARG A 1061 -14.56 1.27 2.82
C ARG A 1061 -13.71 1.72 4.00
N LEU A 1062 -14.34 1.80 5.16
CA LEU A 1062 -13.68 2.24 6.36
C LEU A 1062 -12.66 1.20 6.85
N ILE A 1063 -12.99 -0.09 6.71
CA ILE A 1063 -12.07 -1.15 7.07
C ILE A 1063 -10.87 -1.12 6.16
N ASN A 1064 -11.09 -1.02 4.86
CA ASN A 1064 -10.00 -1.05 3.93
C ASN A 1064 -8.97 0.01 4.27
N GLY A 1065 -9.43 1.21 4.61
CA GLY A 1065 -8.53 2.29 4.99
C GLY A 1065 -7.77 1.97 6.29
N ARG A 1066 -8.36 1.37 7.23
CA ARG A 1066 -7.75 1.06 8.52
C ARG A 1066 -6.81 -0.08 8.30
N LEU A 1067 -7.06 -1.06 7.42
CA LEU A 1067 -6.14 -2.16 7.13
C LEU A 1067 -4.92 -1.61 6.43
N THR A 1068 -5.14 -0.64 5.54
CA THR A 1068 -4.07 0.00 4.81
C THR A 1068 -3.13 0.70 5.76
N THR A 1069 -3.68 1.39 6.75
CA THR A 1069 -2.87 2.08 7.72
C THR A 1069 -2.01 1.10 8.50
N LEU A 1070 -2.60 -0.01 8.92
CA LEU A 1070 -1.85 -0.99 9.67
C LEU A 1070 -0.77 -1.65 8.82
N ASN A 1071 -1.05 -1.90 7.55
CA ASN A 1071 -0.06 -2.48 6.69
C ASN A 1071 1.10 -1.53 6.46
N ALA A 1072 0.78 -0.25 6.29
CA ALA A 1072 1.80 0.77 6.09
C ALA A 1072 2.67 0.88 7.32
N PHE A 1073 2.05 0.76 8.49
CA PHE A 1073 2.77 0.82 9.76
C PHE A 1073 3.74 -0.35 9.88
N VAL A 1074 3.27 -1.55 9.59
CA VAL A 1074 4.14 -2.70 9.70
C VAL A 1074 5.29 -2.60 8.71
N ALA A 1075 5.00 -2.21 7.47
CA ALA A 1075 6.04 -2.09 6.47
C ALA A 1075 7.11 -1.07 6.86
N GLN A 1076 6.81 0.08 7.33
CA GLN A 1076 7.80 0.98 7.86
C GLN A 1076 8.51 0.47 9.07
N GLN A 1077 7.85 -0.15 9.98
CA GLN A 1077 8.60 -0.66 11.11
C GLN A 1077 9.66 -1.63 10.59
N LEU A 1078 9.33 -2.39 9.55
CA LEU A 1078 10.30 -3.34 8.99
C LEU A 1078 11.44 -2.62 8.28
N VAL A 1079 11.14 -1.53 7.58
CA VAL A 1079 12.19 -0.77 6.92
C VAL A 1079 13.11 -0.17 7.96
N ARG A 1080 12.58 0.37 9.03
CA ARG A 1080 13.27 0.98 10.17
C ARG A 1080 13.98 -0.08 10.96
N SER A 1081 13.53 -1.32 10.96
CA SER A 1081 14.23 -2.40 11.65
C SER A 1081 15.51 -2.73 10.91
N GLU A 1082 15.48 -2.68 9.58
CA GLU A 1082 16.68 -2.94 8.79
C GLU A 1082 17.69 -1.82 9.00
N SER A 1083 17.19 -0.60 9.13
CA SER A 1083 18.06 0.54 9.39
C SER A 1083 18.77 0.34 10.72
N ALA A 1084 18.00 -0.05 11.75
CA ALA A 1084 18.55 -0.29 13.07
C ALA A 1084 19.53 -1.45 13.05
N ALA A 1085 19.28 -2.48 12.26
CA ALA A 1085 20.20 -3.60 12.20
C ALA A 1085 21.57 -3.14 11.73
N ARG A 1086 21.57 -2.25 10.74
CA ARG A 1086 22.79 -1.72 10.18
C ARG A 1086 23.52 -0.81 11.16
N SER A 1087 22.77 0.05 11.82
CA SER A 1087 23.35 0.98 12.77
C SER A 1087 23.81 0.27 14.03
N ALA A 1088 23.11 -0.78 14.44
CA ALA A 1088 23.52 -1.54 15.61
C ALA A 1088 24.85 -2.21 15.32
N GLN A 1089 25.02 -2.69 14.09
CA GLN A 1089 26.26 -3.30 13.65
C GLN A 1089 27.40 -2.29 13.68
N LEU A 1090 27.12 -1.07 13.25
CA LEU A 1090 28.12 -0.01 13.28
C LEU A 1090 28.51 0.31 14.70
N ALA A 1091 27.53 0.39 15.59
CA ALA A 1091 27.81 0.68 16.98
C ALA A 1091 28.69 -0.39 17.58
N LYS A 1092 28.46 -1.66 17.24
CA LYS A 1092 29.30 -2.72 17.76
C LYS A 1092 30.73 -2.55 17.29
N ASP A 1093 30.93 -2.22 16.02
CA ASP A 1093 32.27 -2.07 15.51
C ASP A 1093 32.99 -0.92 16.19
N LYS A 1094 32.29 0.17 16.44
CA LYS A 1094 32.91 1.31 17.11
C LYS A 1094 33.19 1.04 18.58
N VAL A 1095 32.32 0.32 19.27
CA VAL A 1095 32.63 0.00 20.65
C VAL A 1095 33.90 -0.84 20.70
N ASN A 1096 34.01 -1.82 19.82
CA ASN A 1096 35.15 -2.72 19.86
C ASN A 1096 36.41 -2.08 19.27
N GLU A 1097 36.26 -1.21 18.27
CA GLU A 1097 37.42 -0.60 17.63
C GLU A 1097 37.86 0.80 18.10
N CYS A 1098 36.92 1.65 18.54
CA CYS A 1098 37.19 3.02 18.99
C CYS A 1098 37.34 3.15 20.49
N VAL A 1099 36.56 2.35 21.23
CA VAL A 1099 36.53 2.46 22.67
C VAL A 1099 37.44 1.43 23.34
N LYS A 1100 37.27 0.16 22.98
CA LYS A 1100 38.05 -0.92 23.58
C LYS A 1100 39.45 -1.05 22.99
N SER A 1101 39.75 -0.23 22.01
CA SER A 1101 41.06 -0.23 21.39
C SER A 1101 41.35 1.11 20.77
N GLN A 1102 42.50 1.24 20.12
CA GLN A 1102 42.84 2.48 19.45
C GLN A 1102 42.93 2.26 17.96
N SER A 1103 41.94 2.78 17.25
CA SER A 1103 41.87 2.61 15.81
C SER A 1103 42.97 3.36 15.10
N THR A 1104 43.49 2.75 14.05
CA THR A 1104 44.48 3.36 13.18
C THR A 1104 43.83 3.68 11.83
N ARG A 1105 42.54 3.36 11.74
CA ARG A 1105 41.77 3.59 10.53
C ARG A 1105 41.42 5.08 10.46
N SER A 1106 41.64 5.70 9.31
CA SER A 1106 41.28 7.11 9.14
C SER A 1106 39.77 7.24 9.02
N GLY A 1107 39.18 8.34 9.51
CA GLY A 1107 37.75 8.59 9.33
C GLY A 1107 36.91 7.85 10.36
N PHE A 1108 37.15 6.56 10.45
CA PHE A 1108 36.51 5.72 11.42
C PHE A 1108 37.01 6.20 12.78
N CYS A 1109 36.11 6.35 13.75
CA CYS A 1109 36.40 6.88 15.09
C CYS A 1109 36.64 8.41 15.06
N GLY A 1110 36.24 9.07 13.98
CA GLY A 1110 36.27 10.52 13.97
C GLY A 1110 37.43 11.10 13.16
N GLN A 1111 37.51 12.43 13.15
CA GLN A 1111 38.50 13.13 12.37
C GLN A 1111 39.78 13.35 13.16
N GLY A 1112 40.89 13.50 12.44
CA GLY A 1112 42.18 13.72 13.08
C GLY A 1112 42.74 12.37 13.50
N THR A 1113 43.76 12.38 14.33
CA THR A 1113 44.35 11.13 14.74
C THR A 1113 43.63 10.62 15.97
N HIS A 1114 43.09 9.41 15.91
CA HIS A 1114 42.32 8.91 17.03
C HIS A 1114 43.16 8.60 18.25
N ILE A 1115 42.70 9.06 19.42
CA ILE A 1115 43.37 8.74 20.67
C ILE A 1115 42.49 7.86 21.55
N VAL A 1116 41.33 8.38 21.96
CA VAL A 1116 40.45 7.64 22.87
C VAL A 1116 38.97 7.94 22.64
N SER A 1117 38.10 6.94 22.79
CA SER A 1117 36.66 7.18 22.68
C SER A 1117 35.93 6.83 23.95
N PHE A 1118 34.82 7.51 24.17
CA PHE A 1118 33.97 7.25 25.30
C PHE A 1118 32.54 7.03 24.81
N VAL A 1119 31.78 6.21 25.53
CA VAL A 1119 30.39 5.95 25.18
C VAL A 1119 29.43 6.10 26.35
N ILE A 1120 28.34 6.80 26.10
CA ILE A 1120 27.25 6.96 27.05
C ILE A 1120 25.99 6.52 26.32
N ASN A 1121 24.94 6.22 27.06
CA ASN A 1121 23.71 5.82 26.41
C ASN A 1121 22.94 7.02 25.91
N ALA A 1122 22.14 6.81 24.88
CA ALA A 1122 21.30 7.83 24.30
C ALA A 1122 19.93 7.25 24.07
N PRO A 1123 18.89 8.06 23.94
CA PRO A 1123 17.59 7.61 23.55
C PRO A 1123 17.73 6.81 22.26
N ASN A 1124 17.21 5.59 22.26
CA ASN A 1124 17.21 4.71 21.09
C ASN A 1124 18.60 4.29 20.57
N GLY A 1125 19.66 4.49 21.36
CA GLY A 1125 20.98 4.12 20.87
C GLY A 1125 22.12 4.56 21.78
N LEU A 1126 23.29 4.77 21.17
CA LEU A 1126 24.51 5.13 21.89
C LEU A 1126 25.09 6.44 21.40
N TYR A 1127 25.71 7.18 22.30
CA TYR A 1127 26.35 8.43 21.94
C TYR A 1127 27.86 8.29 22.10
N PHE A 1128 28.57 8.43 21.00
CA PHE A 1128 30.01 8.26 20.99
C PHE A 1128 30.71 9.61 21.01
N MET A 1129 31.79 9.68 21.76
CA MET A 1129 32.59 10.88 21.84
C MET A 1129 34.05 10.54 21.58
N HIS A 1130 34.51 10.86 20.39
CA HIS A 1130 35.84 10.44 19.98
C HIS A 1130 36.82 11.57 20.15
N VAL A 1131 37.85 11.38 20.97
CA VAL A 1131 38.82 12.43 21.18
C VAL A 1131 39.98 12.21 20.24
N GLY A 1132 40.21 13.18 19.36
CA GLY A 1132 41.28 13.06 18.38
C GLY A 1132 42.31 14.17 18.54
N TYR A 1133 43.46 13.93 17.95
CA TYR A 1133 44.57 14.87 17.96
C TYR A 1133 44.58 15.66 16.66
N HIS A 1134 44.46 16.97 16.78
CA HIS A 1134 44.34 17.88 15.65
C HIS A 1134 45.40 18.98 15.65
N PRO A 1135 46.37 18.95 14.74
CA PRO A 1135 47.39 19.96 14.57
C PRO A 1135 46.72 21.30 14.36
N SER A 1136 47.25 22.34 14.99
CA SER A 1136 46.68 23.67 14.85
C SER A 1136 47.57 24.62 14.08
N GLN A 1137 48.85 24.25 13.96
CA GLN A 1137 49.86 25.09 13.28
C GLN A 1137 50.93 24.17 12.75
N HIS A 1138 51.41 24.44 11.57
CA HIS A 1138 52.38 23.56 10.92
C HIS A 1138 53.68 24.25 10.53
N ILE A 1139 54.73 23.42 10.40
CA ILE A 1139 56.04 23.84 9.91
C ILE A 1139 56.43 22.90 8.78
N GLU A 1140 57.01 23.38 7.73
CA GLU A 1140 57.50 22.53 6.63
C GLU A 1140 58.99 22.46 6.73
N VAL A 1141 59.51 21.28 6.72
CA VAL A 1141 60.95 21.04 6.76
C VAL A 1141 61.30 20.05 5.67
N VAL A 1142 62.58 19.92 5.39
CA VAL A 1142 63.04 18.95 4.41
C VAL A 1142 63.51 17.68 5.09
N ALA A 1143 63.02 16.55 4.60
CA ALA A 1143 63.27 15.25 5.16
C ALA A 1143 63.94 14.29 4.17
N ALA A 1144 64.67 13.33 4.72
CA ALA A 1144 65.32 12.27 3.95
C ALA A 1144 64.50 10.99 4.00
N TYR A 1145 64.71 10.14 3.01
CA TYR A 1145 64.08 8.83 2.99
C TYR A 1145 64.86 7.89 3.91
N GLY A 1146 66.11 8.24 4.12
CA GLY A 1146 67.05 7.50 4.96
C GLY A 1146 68.43 8.11 4.81
N LEU A 1147 69.35 7.68 5.69
CA LEU A 1147 70.73 8.17 5.71
C LEU A 1147 71.69 7.00 5.62
N CYS A 1148 72.81 7.19 4.89
CA CYS A 1148 73.87 6.19 4.76
C CYS A 1148 75.22 6.80 5.13
N ASP A 1149 76.10 5.96 5.65
CA ASP A 1149 77.45 6.41 5.92
C ASP A 1149 78.23 6.50 4.61
N ALA A 1150 78.63 7.69 4.23
CA ALA A 1150 79.29 7.88 2.95
C ALA A 1150 80.53 6.99 2.84
N ALA A 1151 81.22 6.75 3.96
CA ALA A 1151 82.43 5.94 3.98
C ALA A 1151 82.13 4.44 3.97
N ASN A 1152 80.90 4.09 4.31
CA ASN A 1152 80.44 2.71 4.46
C ASN A 1152 79.04 2.59 3.89
N PRO A 1153 78.88 2.61 2.56
CA PRO A 1153 77.65 2.83 1.80
C PRO A 1153 76.62 1.72 1.98
N THR A 1154 77.02 0.61 2.60
CA THR A 1154 76.12 -0.49 2.84
C THR A 1154 75.44 -0.36 4.20
N ASN A 1155 75.88 0.62 5.00
CA ASN A 1155 75.32 0.84 6.33
C ASN A 1155 74.35 2.03 6.26
N CYS A 1156 73.04 1.73 6.25
CA CYS A 1156 71.99 2.74 6.08
C CYS A 1156 70.90 2.57 7.14
N ILE A 1157 70.31 3.70 7.53
CA ILE A 1157 69.24 3.75 8.51
C ILE A 1157 68.01 4.49 8.01
N ALA A 1158 66.88 4.18 8.63
CA ALA A 1158 65.61 4.83 8.35
C ALA A 1158 64.93 5.14 9.68
N PRO A 1159 64.12 6.20 9.75
CA PRO A 1159 63.40 6.63 10.92
C PRO A 1159 62.22 5.73 11.23
N VAL A 1160 61.89 5.59 12.50
CA VAL A 1160 60.72 4.84 12.92
C VAL A 1160 59.73 5.77 13.60
N ASN A 1161 58.51 5.83 13.06
CA ASN A 1161 57.46 6.72 13.57
C ASN A 1161 57.76 8.23 13.49
N GLY A 1162 58.60 8.56 12.53
CA GLY A 1162 59.06 9.92 12.35
C GLY A 1162 59.87 10.19 11.11
N TYR A 1163 60.55 11.31 11.12
CA TYR A 1163 61.32 11.75 9.97
C TYR A 1163 62.73 12.15 10.30
N PHE A 1164 63.62 12.00 9.34
CA PHE A 1164 64.95 12.55 9.43
C PHE A 1164 64.93 13.88 8.73
N ILE A 1165 65.09 14.95 9.49
CA ILE A 1165 64.95 16.28 8.91
C ILE A 1165 66.27 17.03 9.01
N LYS A 1166 66.48 17.98 8.11
CA LYS A 1166 67.76 18.67 8.06
C LYS A 1166 67.71 20.13 8.43
N ASN A 1167 68.89 20.67 8.82
CA ASN A 1167 69.14 22.08 9.06
C ASN A 1167 68.17 22.70 10.09
N GLN A 1168 68.02 22.02 11.25
CA GLN A 1168 67.15 22.48 12.34
C GLN A 1168 67.91 22.75 13.64
N THR A 1169 68.97 21.97 13.92
CA THR A 1169 69.70 22.09 15.18
C THR A 1169 71.16 22.32 14.89
N THR A 1170 71.74 23.41 15.41
CA THR A 1170 73.13 23.82 15.10
C THR A 1170 73.18 24.40 13.68
N ARG A 1171 72.58 23.69 12.75
CA ARG A 1171 72.46 24.16 11.34
C ARG A 1171 73.84 24.33 10.69
N GLY A 1172 74.68 23.28 10.76
CA GLY A 1172 75.94 23.27 10.04
C GLY A 1172 75.95 22.19 8.96
N VAL A 1173 77.12 21.63 8.70
CA VAL A 1173 77.29 20.62 7.66
C VAL A 1173 76.72 19.27 8.08
N ASP A 1174 75.96 18.65 7.17
CA ASP A 1174 75.34 17.34 7.42
C ASP A 1174 74.53 17.31 8.70
N ASP A 1175 73.74 18.36 8.92
CA ASP A 1175 72.88 18.43 10.10
C ASP A 1175 71.59 17.66 9.92
N TRP A 1176 71.55 16.45 10.49
CA TRP A 1176 70.35 15.63 10.43
C TRP A 1176 69.90 15.30 11.83
N SER A 1177 68.60 15.33 12.04
CA SER A 1177 68.01 15.05 13.33
C SER A 1177 66.69 14.32 13.17
N TYR A 1178 66.20 13.75 14.23
CA TYR A 1178 64.95 13.01 14.18
C TYR A 1178 63.79 13.76 14.81
N THR A 1179 62.63 13.67 14.18
CA THR A 1179 61.43 14.23 14.78
C THR A 1179 60.30 13.23 14.73
N GLY A 1180 59.42 13.26 15.73
CA GLY A 1180 58.27 12.40 15.71
C GLY A 1180 57.37 12.93 14.62
N SER A 1181 56.68 12.04 13.92
CA SER A 1181 55.82 12.45 12.83
C SER A 1181 54.53 13.19 13.21
N SER A 1182 54.19 13.22 14.49
CA SER A 1182 52.97 13.93 14.88
C SER A 1182 53.29 15.17 15.70
N PHE A 1183 54.57 15.48 15.85
CA PHE A 1183 54.92 16.70 16.57
C PHE A 1183 56.35 17.09 16.30
N TYR A 1184 56.56 18.30 15.81
CA TYR A 1184 57.89 18.79 15.50
C TYR A 1184 58.67 19.06 16.77
N ALA A 1185 59.71 18.27 16.96
CA ALA A 1185 60.55 18.38 18.14
C ALA A 1185 61.88 17.68 17.91
N PRO A 1186 62.79 18.25 17.14
CA PRO A 1186 64.02 17.64 16.69
C PRO A 1186 64.84 17.14 17.86
N GLU A 1187 65.37 15.93 17.73
CA GLU A 1187 66.22 15.32 18.73
C GLU A 1187 67.31 14.51 18.04
N PRO A 1188 68.43 14.21 18.69
CA PRO A 1188 69.53 13.45 18.12
C PRO A 1188 69.07 12.11 17.59
N ILE A 1189 69.66 11.70 16.48
CA ILE A 1189 69.35 10.40 15.90
C ILE A 1189 70.08 9.34 16.68
N THR A 1190 69.33 8.38 17.19
CA THR A 1190 69.88 7.29 17.99
C THR A 1190 69.31 5.98 17.49
N THR A 1191 69.79 4.88 18.03
CA THR A 1191 69.32 3.56 17.63
C THR A 1191 67.91 3.27 18.14
N LEU A 1192 67.38 4.15 18.98
CA LEU A 1192 66.03 3.98 19.48
C LEU A 1192 65.00 4.62 18.56
N ASN A 1193 65.47 5.42 17.59
CA ASN A 1193 64.60 6.15 16.68
C ASN A 1193 64.68 5.58 15.28
N THR A 1194 65.55 4.60 15.10
CA THR A 1194 65.86 4.11 13.77
C THR A 1194 65.85 2.60 13.66
N ARG A 1195 65.91 2.17 12.42
CA ARG A 1195 65.99 0.76 12.01
C ARG A 1195 67.08 0.68 10.96
N TYR A 1196 67.78 -0.44 10.85
CA TYR A 1196 68.72 -0.60 9.75
C TYR A 1196 67.99 -1.09 8.53
N VAL A 1197 68.33 -0.51 7.40
CA VAL A 1197 67.68 -0.84 6.14
C VAL A 1197 68.65 -1.11 5.02
N ALA A 1198 68.16 -1.72 3.95
CA ALA A 1198 68.97 -1.87 2.76
C ALA A 1198 69.18 -0.50 2.14
N PRO A 1199 70.34 -0.22 1.53
CA PRO A 1199 70.65 1.01 0.80
C PRO A 1199 69.68 1.28 -0.33
N GLN A 1200 69.39 2.55 -0.55
CA GLN A 1200 68.51 2.97 -1.63
C GLN A 1200 69.10 4.19 -2.33
N VAL A 1201 68.75 4.35 -3.60
CA VAL A 1201 69.25 5.46 -4.41
C VAL A 1201 68.81 6.83 -3.91
N THR A 1202 67.76 6.86 -3.08
CA THR A 1202 67.23 8.11 -2.56
C THR A 1202 67.76 8.45 -1.16
N PHE A 1203 68.66 7.63 -0.62
CA PHE A 1203 69.20 7.88 0.71
C PHE A 1203 70.38 8.82 0.65
N GLN A 1204 70.51 9.65 1.67
CA GLN A 1204 71.58 10.64 1.69
C GLN A 1204 72.89 10.00 2.12
N ASN A 1205 73.99 10.48 1.52
CA ASN A 1205 75.34 10.01 1.90
C ASN A 1205 75.98 11.13 2.72
N ILE A 1206 76.23 10.89 4.01
CA ILE A 1206 76.78 11.88 4.95
C ILE A 1206 78.19 11.57 5.45
N SER A 1207 79.05 12.60 5.44
CA SER A 1207 80.37 12.62 6.00
C SER A 1207 80.62 13.10 7.48
N THR A 1208 80.10 14.31 7.67
CA THR A 1208 80.17 15.01 8.94
C THR A 1208 79.08 14.81 9.98
N ASN A 1209 79.49 14.81 11.21
CA ASN A 1209 78.51 14.69 12.28
C ASN A 1209 77.66 13.49 11.90
N LEU A 1210 78.30 12.37 11.72
CA LEU A 1210 77.63 11.11 11.43
C LEU A 1210 76.89 10.64 12.69
N PRO A 1211 75.60 10.29 12.59
CA PRO A 1211 74.77 9.75 13.66
C PRO A 1211 75.37 8.46 14.27
N PRO A 1212 75.25 8.24 15.59
CA PRO A 1212 75.66 7.06 16.32
C PRO A 1212 75.32 5.70 15.69
N PRO A 1213 74.13 5.49 15.08
CA PRO A 1213 73.76 4.25 14.41
C PRO A 1213 74.65 3.96 13.21
N LEU A 1214 75.30 4.98 12.66
CA LEU A 1214 76.16 4.81 11.50
C LEU A 1214 77.66 4.78 11.87
N LEU A 1215 78.09 5.56 12.83
CA LEU A 1215 79.48 5.43 13.36
C LEU A 1215 79.67 3.96 13.70
N CYS B 33 -55.19 -41.90 31.23
CA CYS B 33 -53.75 -41.66 31.29
C CYS B 33 -53.09 -42.57 32.32
N PRO B 34 -51.84 -43.03 32.04
CA PRO B 34 -50.98 -43.76 32.96
C PRO B 34 -50.67 -42.96 34.23
N GLN B 35 -50.51 -43.68 35.33
CA GLN B 35 -50.13 -43.08 36.62
C GLN B 35 -48.63 -42.89 36.69
N VAL B 36 -48.20 -41.74 37.17
CA VAL B 36 -46.78 -41.50 37.34
C VAL B 36 -46.47 -41.26 38.81
N ASP B 37 -45.31 -41.74 39.24
CA ASP B 37 -44.79 -41.47 40.57
C ASP B 37 -43.67 -40.46 40.43
N MET B 38 -43.93 -39.22 40.79
CA MET B 38 -42.94 -38.19 40.58
C MET B 38 -42.20 -37.87 41.87
N GLN B 39 -40.92 -38.23 41.90
CA GLN B 39 -40.08 -38.09 43.09
C GLN B 39 -38.73 -37.48 42.76
N PRO B 40 -38.67 -36.17 42.52
CA PRO B 40 -37.52 -35.43 42.02
C PRO B 40 -36.24 -35.64 42.83
N SER B 41 -36.38 -35.95 44.12
CA SER B 41 -35.23 -36.14 45.00
C SER B 41 -34.32 -37.27 44.54
N TYR B 42 -34.90 -38.31 43.96
CA TYR B 42 -34.15 -39.48 43.53
C TYR B 42 -33.14 -39.16 42.44
N PHE B 43 -33.41 -38.10 41.70
CA PHE B 43 -32.64 -37.80 40.51
C PHE B 43 -31.52 -36.82 40.80
N ILE B 44 -31.31 -36.52 42.08
CA ILE B 44 -30.24 -35.66 42.53
C ILE B 44 -28.98 -36.47 42.79
N LYS B 45 -29.16 -37.67 43.33
CA LYS B 45 -28.03 -38.53 43.69
C LYS B 45 -27.23 -38.98 42.48
N HIS B 46 -27.81 -38.85 41.29
CA HIS B 46 -27.15 -39.25 40.06
C HIS B 46 -26.43 -38.09 39.39
N ASN B 47 -26.38 -36.95 40.06
CA ASN B 47 -25.72 -35.78 39.52
C ASN B 47 -24.21 -35.99 39.40
N TRP B 48 -23.69 -35.72 38.21
CA TRP B 48 -22.29 -35.87 37.89
C TRP B 48 -21.88 -34.84 36.84
N PRO B 49 -21.05 -33.85 37.17
CA PRO B 49 -20.72 -32.75 36.29
C PRO B 49 -19.94 -33.21 35.06
N GLU B 50 -20.35 -32.69 33.91
CA GLU B 50 -19.69 -32.96 32.63
C GLU B 50 -19.55 -31.68 31.84
N PRO B 51 -18.60 -30.81 32.15
CA PRO B 51 -18.45 -29.51 31.56
C PRO B 51 -18.00 -29.64 30.12
N ILE B 52 -18.33 -28.66 29.31
CA ILE B 52 -17.84 -28.65 27.95
C ILE B 52 -16.34 -28.49 27.90
N ASP B 53 -15.68 -29.41 27.21
CA ASP B 53 -14.24 -29.34 27.05
C ASP B 53 -13.90 -28.91 25.62
N MET B 54 -13.46 -27.68 25.48
CA MET B 54 -13.14 -27.14 24.18
C MET B 54 -11.96 -27.87 23.54
N ASN B 55 -11.16 -28.53 24.36
CA ASN B 55 -9.97 -29.20 23.85
C ASN B 55 -10.32 -30.55 23.22
N LYS B 56 -11.60 -30.91 23.30
CA LYS B 56 -12.13 -32.11 22.66
C LYS B 56 -13.19 -31.70 21.65
N ALA B 57 -13.34 -30.39 21.46
CA ALA B 57 -14.38 -29.82 20.60
C ALA B 57 -15.78 -30.31 20.99
N ASP B 58 -16.06 -30.39 22.29
CA ASP B 58 -17.38 -30.83 22.75
C ASP B 58 -18.48 -29.89 22.33
N GLY B 59 -19.50 -30.43 21.69
CA GLY B 59 -20.69 -29.66 21.33
C GLY B 59 -20.47 -28.77 20.13
N VAL B 60 -19.34 -28.92 19.46
CA VAL B 60 -19.04 -28.09 18.32
C VAL B 60 -19.74 -28.60 17.07
N ILE B 61 -20.43 -27.69 16.39
CA ILE B 61 -21.12 -28.01 15.15
C ILE B 61 -20.22 -27.74 13.98
N TYR B 62 -20.06 -28.77 13.17
CA TYR B 62 -19.19 -28.72 12.02
C TYR B 62 -19.85 -27.83 10.96
N PRO B 63 -19.10 -27.01 10.21
CA PRO B 63 -19.59 -26.19 9.11
C PRO B 63 -20.38 -27.05 8.12
N ASN B 64 -21.43 -26.48 7.53
CA ASN B 64 -22.33 -27.27 6.68
C ASN B 64 -22.01 -27.26 5.20
N GLY B 65 -20.86 -26.72 4.82
CA GLY B 65 -20.46 -26.66 3.42
C GLY B 65 -19.37 -27.68 3.13
N ARG B 66 -18.22 -27.17 2.69
CA ARG B 66 -17.06 -27.98 2.37
C ARG B 66 -16.40 -28.58 3.60
N THR B 67 -15.62 -29.63 3.38
CA THR B 67 -14.80 -30.22 4.42
C THR B 67 -13.46 -29.51 4.50
N TYR B 68 -13.03 -29.20 5.71
CA TYR B 68 -11.75 -28.57 5.96
C TYR B 68 -10.78 -29.59 6.49
N SER B 69 -9.51 -29.52 6.10
CA SER B 69 -8.52 -30.43 6.64
C SER B 69 -7.15 -29.86 6.92
N ASN B 70 -6.55 -30.26 8.07
CA ASN B 70 -5.24 -29.90 8.57
C ASN B 70 -5.07 -28.36 8.58
N ILE B 71 -6.16 -27.62 8.89
CA ILE B 71 -6.18 -26.16 9.03
C ILE B 71 -6.79 -25.66 10.32
N THR B 72 -6.55 -24.39 10.63
CA THR B 72 -7.25 -23.75 11.72
C THR B 72 -8.17 -22.70 11.11
N LEU B 73 -9.43 -22.72 11.51
CA LEU B 73 -10.43 -21.79 10.98
C LEU B 73 -10.97 -20.89 12.08
N GLN B 74 -11.06 -19.59 11.82
CA GLN B 74 -11.61 -18.67 12.80
C GLN B 74 -13.08 -18.45 12.46
N THR B 75 -13.96 -18.83 13.38
CA THR B 75 -15.40 -18.78 13.15
C THR B 75 -16.20 -18.14 14.27
N THR B 76 -17.16 -17.29 13.92
CA THR B 76 -18.13 -16.80 14.90
C THR B 76 -19.44 -17.48 14.58
N ASN B 77 -19.96 -18.21 15.54
CA ASN B 77 -21.14 -19.04 15.31
C ASN B 77 -21.71 -19.53 16.61
N LEU B 78 -22.75 -20.35 16.54
CA LEU B 78 -23.36 -20.90 17.73
C LEU B 78 -22.58 -22.08 18.28
N PHE B 79 -21.91 -21.83 19.39
CA PHE B 79 -21.06 -22.79 20.07
C PHE B 79 -21.39 -22.76 21.56
N PRO B 80 -21.14 -23.84 22.30
CA PRO B 80 -21.25 -23.91 23.74
C PRO B 80 -20.11 -23.12 24.38
N ARG B 81 -20.29 -22.69 25.62
CA ARG B 81 -19.19 -22.02 26.31
C ARG B 81 -18.28 -23.03 27.01
N ASN B 82 -16.98 -22.87 26.84
CA ASN B 82 -16.04 -23.76 27.52
C ASN B 82 -16.21 -23.68 29.01
N GLY B 83 -16.26 -24.86 29.65
CA GLY B 83 -16.39 -24.95 31.08
C GLY B 83 -17.84 -24.97 31.54
N ASP B 84 -18.76 -24.76 30.61
CA ASP B 84 -20.17 -24.72 30.94
C ASP B 84 -20.69 -26.06 31.39
N LEU B 85 -21.38 -26.06 32.53
CA LEU B 85 -22.05 -27.24 33.01
C LEU B 85 -23.49 -27.14 32.58
N GLY B 86 -23.93 -28.09 31.78
CA GLY B 86 -25.26 -28.02 31.26
C GLY B 86 -26.20 -28.55 32.30
N THR B 87 -27.48 -28.57 31.99
CA THR B 87 -28.41 -29.10 32.95
C THR B 87 -28.42 -30.59 32.78
N GLN B 88 -28.27 -31.32 33.88
CA GLN B 88 -28.30 -32.76 33.79
C GLN B 88 -29.70 -33.27 33.95
N TYR B 89 -30.07 -34.19 33.09
CA TYR B 89 -31.36 -34.83 33.17
C TYR B 89 -31.15 -36.31 33.36
N VAL B 90 -31.97 -36.91 34.20
CA VAL B 90 -31.86 -38.32 34.51
C VAL B 90 -33.16 -39.07 34.29
N TYR B 91 -33.06 -40.21 33.61
CA TYR B 91 -34.19 -41.07 33.37
C TYR B 91 -34.03 -42.37 34.16
N SER B 92 -35.16 -42.99 34.55
CA SER B 92 -35.15 -44.26 35.29
C SER B 92 -36.43 -45.03 35.02
N ALA B 104 -44.85 -45.05 36.00
CA ALA B 104 -43.58 -44.39 35.68
C ALA B 104 -42.92 -43.84 36.94
N PHE B 105 -41.59 -43.70 36.90
CA PHE B 105 -40.78 -43.11 37.98
C PHE B 105 -40.01 -41.93 37.40
N ILE B 106 -40.48 -40.73 37.71
CA ILE B 106 -40.00 -39.54 37.05
C ILE B 106 -39.64 -38.37 37.95
N SER B 107 -38.94 -37.39 37.36
CA SER B 107 -38.65 -36.10 37.98
C SER B 107 -39.59 -35.08 37.32
N ASN B 108 -39.67 -33.86 37.89
CA ASN B 108 -40.60 -32.80 37.41
C ASN B 108 -40.00 -31.98 36.26
N TYR B 109 -39.55 -32.70 35.19
CA TYR B 109 -38.94 -32.05 34.02
C TYR B 109 -40.00 -31.39 33.17
N SER B 110 -41.20 -31.94 33.20
CA SER B 110 -42.29 -31.43 32.40
C SER B 110 -42.76 -30.07 32.90
N TYR B 111 -42.34 -29.67 34.10
CA TYR B 111 -42.78 -28.41 34.65
C TYR B 111 -41.89 -27.28 34.18
N TYR B 112 -40.82 -27.62 33.49
CA TYR B 112 -39.88 -26.61 33.03
C TYR B 112 -40.03 -26.28 31.58
N GLY B 113 -39.91 -25.00 31.29
CA GLY B 113 -39.85 -24.46 29.94
C GLY B 113 -38.57 -23.68 29.88
N ASN B 114 -37.51 -24.37 29.51
CA ASN B 114 -36.17 -23.81 29.52
C ASN B 114 -35.98 -22.94 28.30
N PRO B 115 -35.39 -21.75 28.42
CA PRO B 115 -35.12 -20.88 27.30
C PRO B 115 -34.33 -21.61 26.24
N PHE B 116 -34.79 -21.49 25.01
CA PHE B 116 -34.13 -22.14 23.89
C PHE B 116 -32.93 -21.31 23.46
N GLY B 117 -33.10 -20.00 23.48
CA GLY B 117 -32.06 -19.10 23.03
C GLY B 117 -31.81 -19.30 21.55
N ASP B 118 -30.55 -19.52 21.20
CA ASP B 118 -30.16 -19.69 19.82
C ASP B 118 -30.21 -21.16 19.41
N GLY B 119 -30.04 -22.04 20.38
CA GLY B 119 -30.05 -23.46 20.14
C GLY B 119 -29.44 -24.20 21.32
N ILE B 120 -29.53 -25.51 21.28
CA ILE B 120 -28.97 -26.35 22.34
C ILE B 120 -28.17 -27.52 21.76
N VAL B 121 -27.24 -28.03 22.55
CA VAL B 121 -26.53 -29.27 22.24
C VAL B 121 -26.65 -30.22 23.39
N ILE B 122 -26.77 -31.50 23.08
CA ILE B 122 -26.98 -32.50 24.09
C ILE B 122 -25.95 -33.61 24.09
N ARG B 123 -25.37 -33.85 25.26
CA ARG B 123 -24.43 -34.93 25.46
C ARG B 123 -25.20 -36.14 25.95
N ILE B 124 -25.19 -37.21 25.18
CA ILE B 124 -25.96 -38.40 25.56
C ILE B 124 -25.01 -39.47 26.11
N GLY B 125 -25.18 -39.82 27.40
CA GLY B 125 -24.33 -40.75 28.11
C GLY B 125 -24.43 -40.07 29.47
N LYS B 145 -28.37 -45.36 28.17
CA LYS B 145 -28.28 -44.23 27.23
C LYS B 145 -29.65 -43.91 26.67
N ILE B 146 -30.71 -43.89 27.48
CA ILE B 146 -31.89 -43.41 26.76
C ILE B 146 -31.78 -42.12 25.99
N TYR B 147 -32.04 -42.20 24.68
CA TYR B 147 -31.90 -41.06 23.79
C TYR B 147 -33.08 -40.12 24.10
N PRO B 148 -32.80 -38.89 24.53
CA PRO B 148 -33.78 -37.94 25.08
C PRO B 148 -34.90 -37.47 24.18
N ALA B 149 -36.07 -37.30 24.78
CA ALA B 149 -37.26 -36.79 24.10
C ALA B 149 -37.49 -35.34 24.49
N LEU B 150 -37.77 -34.51 23.51
CA LEU B 150 -37.96 -33.08 23.73
C LEU B 150 -39.26 -32.53 23.21
N MET B 151 -39.79 -31.53 23.90
CA MET B 151 -40.93 -30.77 23.43
C MET B 151 -40.48 -29.33 23.29
N LEU B 152 -40.72 -28.71 22.15
CA LEU B 152 -40.25 -27.35 21.90
C LEU B 152 -41.34 -26.46 21.34
N GLY B 153 -41.37 -25.19 21.74
CA GLY B 153 -42.39 -24.31 21.19
C GLY B 153 -42.14 -22.84 21.46
N SER B 154 -43.08 -22.00 21.00
CA SER B 154 -42.97 -20.55 21.09
C SER B 154 -43.57 -19.95 22.36
N SER B 155 -44.41 -20.71 23.04
CA SER B 155 -45.07 -20.18 24.23
C SER B 155 -45.28 -21.28 25.24
N PHE B 156 -45.04 -20.96 26.51
CA PHE B 156 -45.09 -21.92 27.60
C PHE B 156 -45.82 -21.36 28.80
N GLY B 157 -46.64 -22.19 29.44
CA GLY B 157 -47.40 -21.76 30.61
C GLY B 157 -48.04 -22.94 31.35
N ASN B 158 -49.15 -22.67 32.06
CA ASN B 158 -49.87 -23.62 32.87
C ASN B 158 -51.05 -24.24 32.13
N PHE B 159 -51.51 -25.42 32.57
CA PHE B 159 -52.74 -26.04 32.12
C PHE B 159 -53.90 -25.41 32.90
N SER B 160 -54.95 -25.00 32.19
CA SER B 160 -56.05 -24.23 32.78
C SER B 160 -56.92 -24.91 33.83
N VAL B 161 -56.85 -26.22 33.93
CA VAL B 161 -57.70 -26.95 34.89
C VAL B 161 -57.02 -27.18 36.24
N ASN B 162 -55.76 -27.57 36.20
CA ASN B 162 -55.04 -27.95 37.40
C ASN B 162 -53.88 -27.01 37.78
N ASN B 163 -53.65 -25.99 36.95
CA ASN B 163 -52.63 -24.98 37.17
C ASN B 163 -51.21 -25.56 37.25
N LYS B 164 -51.00 -26.71 36.63
CA LYS B 164 -49.67 -27.27 36.57
C LYS B 164 -48.90 -26.69 35.41
N SER B 165 -47.64 -26.34 35.65
CA SER B 165 -46.78 -25.82 34.60
C SER B 165 -46.47 -26.94 33.62
N GLY B 166 -46.30 -26.61 32.34
CA GLY B 166 -45.95 -27.63 31.37
C GLY B 166 -46.74 -27.56 30.07
N ALA B 167 -47.65 -26.59 29.97
CA ALA B 167 -48.45 -26.45 28.77
C ALA B 167 -47.72 -25.67 27.69
N TYR B 168 -47.90 -26.12 26.45
CA TYR B 168 -47.43 -25.39 25.30
C TYR B 168 -48.61 -24.92 24.51
N PHE B 169 -48.46 -23.77 23.89
CA PHE B 169 -49.55 -23.21 23.12
C PHE B 169 -49.21 -23.17 21.65
N ASN B 170 -50.23 -23.25 20.79
CA ASN B 170 -50.14 -23.27 19.34
C ASN B 170 -49.37 -24.49 18.86
N HIS B 171 -48.60 -24.44 17.77
CA HIS B 171 -47.90 -25.62 17.26
C HIS B 171 -46.62 -25.87 18.03
N THR B 172 -46.47 -27.11 18.44
CA THR B 172 -45.37 -27.58 19.25
C THR B 172 -44.59 -28.64 18.50
N LEU B 173 -43.27 -28.55 18.59
CA LEU B 173 -42.37 -29.51 17.98
C LEU B 173 -42.03 -30.62 18.96
N LEU B 174 -42.26 -31.85 18.57
CA LEU B 174 -41.97 -32.97 19.42
C LEU B 174 -40.94 -33.85 18.77
N ILE B 175 -39.85 -34.08 19.47
CA ILE B 175 -38.79 -34.94 18.99
C ILE B 175 -38.72 -36.15 19.91
N LEU B 176 -39.19 -37.28 19.42
CA LEU B 176 -39.35 -38.47 20.25
C LEU B 176 -38.60 -39.66 19.69
N PRO B 177 -37.36 -39.93 20.12
CA PRO B 177 -36.56 -41.07 19.74
C PRO B 177 -37.22 -42.36 20.19
N SER B 178 -37.14 -43.39 19.34
CA SER B 178 -37.66 -44.74 19.60
C SER B 178 -37.08 -45.71 18.56
N THR B 182 -31.98 -46.85 16.37
CA THR B 182 -32.72 -45.69 16.87
C THR B 182 -33.16 -44.78 15.70
N VAL B 183 -34.45 -44.41 15.73
CA VAL B 183 -35.11 -43.50 14.78
C VAL B 183 -35.78 -42.36 15.54
N PHE B 184 -35.69 -41.15 14.99
CA PHE B 184 -36.38 -40.01 15.59
C PHE B 184 -37.75 -39.81 15.00
N GLN B 185 -38.76 -39.71 15.85
CA GLN B 185 -40.08 -39.34 15.36
C GLN B 185 -40.25 -37.85 15.58
N VAL B 186 -40.33 -37.08 14.50
CA VAL B 186 -40.40 -35.64 14.66
C VAL B 186 -41.72 -35.09 14.15
N ALA B 187 -42.46 -34.42 15.03
CA ALA B 187 -43.78 -33.91 14.68
C ALA B 187 -43.94 -32.44 15.00
N TYR B 188 -44.70 -31.74 14.18
CA TYR B 188 -45.07 -30.35 14.47
C TYR B 188 -46.59 -30.28 14.45
N CYS B 189 -47.21 -30.30 15.64
CA CYS B 189 -48.63 -30.46 15.86
C CYS B 189 -49.13 -29.53 16.94
N LEU B 190 -50.41 -29.27 16.96
CA LEU B 190 -50.98 -28.49 18.03
C LEU B 190 -51.47 -29.48 19.07
N LEU B 191 -51.21 -29.19 20.34
CA LEU B 191 -51.62 -30.12 21.38
C LEU B 191 -52.90 -29.68 22.07
N GLN B 192 -53.79 -30.64 22.23
CA GLN B 192 -55.05 -30.43 22.93
C GLN B 192 -55.18 -31.48 24.03
N PRO B 193 -54.78 -31.17 25.27
CA PRO B 193 -54.62 -32.09 26.36
C PRO B 193 -55.92 -32.80 26.68
N ARG B 194 -55.83 -34.10 26.96
CA ARG B 194 -56.98 -34.92 27.29
C ARG B 194 -57.47 -34.60 28.68
N THR B 195 -58.77 -34.81 28.91
CA THR B 195 -59.39 -34.48 30.17
C THR B 195 -59.71 -35.69 31.05
N ASP B 196 -59.23 -36.86 30.66
CA ASP B 196 -59.53 -38.05 31.44
C ASP B 196 -58.71 -38.04 32.72
N SER B 197 -58.89 -39.05 33.56
CA SER B 197 -58.20 -39.05 34.83
C SER B 197 -56.69 -39.11 34.62
N TYR B 198 -55.97 -38.27 35.37
CA TYR B 198 -54.51 -38.11 35.33
C TYR B 198 -53.94 -37.56 34.02
N CYS B 199 -54.79 -36.90 33.20
CA CYS B 199 -54.40 -36.25 31.95
C CYS B 199 -54.31 -34.75 32.24
N PRO B 200 -53.56 -33.96 31.46
CA PRO B 200 -53.23 -32.56 31.69
C PRO B 200 -54.46 -31.65 31.80
N GLY B 201 -55.60 -32.10 31.31
CA GLY B 201 -56.84 -31.33 31.38
C GLY B 201 -57.70 -31.72 32.60
N ASN B 202 -57.13 -32.52 33.51
CA ASN B 202 -57.85 -33.02 34.68
C ASN B 202 -57.23 -32.56 35.99
N ALA B 203 -58.09 -32.38 36.99
CA ALA B 203 -57.68 -31.89 38.31
C ALA B 203 -56.64 -32.77 39.00
N ASN B 204 -56.66 -34.09 38.77
CA ASN B 204 -55.75 -34.97 39.50
C ASN B 204 -54.44 -35.24 38.77
N TYR B 205 -54.18 -34.49 37.71
CA TYR B 205 -52.97 -34.60 36.92
C TYR B 205 -51.69 -34.25 37.65
N VAL B 206 -50.66 -35.05 37.42
CA VAL B 206 -49.33 -34.78 37.96
C VAL B 206 -48.33 -34.46 36.86
N SER B 207 -48.14 -35.38 35.92
CA SER B 207 -47.14 -35.19 34.89
C SER B 207 -47.25 -36.25 33.79
N TYR B 208 -46.95 -35.87 32.55
CA TYR B 208 -46.92 -36.84 31.47
C TYR B 208 -45.54 -37.47 31.34
N ALA B 209 -45.49 -38.69 30.83
CA ALA B 209 -44.21 -39.37 30.66
C ALA B 209 -44.27 -40.40 29.54
N LEU B 210 -43.10 -40.72 29.01
CA LEU B 210 -42.96 -41.76 28.01
C LEU B 210 -42.46 -43.04 28.68
N ILE B 211 -42.84 -44.21 28.14
CA ILE B 211 -42.42 -45.51 28.68
C ILE B 211 -42.09 -46.45 27.52
N ASN B 227 -43.63 -47.01 20.01
CA ASN B 227 -43.30 -45.70 19.49
C ASN B 227 -43.63 -44.60 20.50
N GLY B 228 -42.74 -43.58 20.61
CA GLY B 228 -42.88 -42.47 21.56
C GLY B 228 -44.14 -41.65 21.31
N LEU B 229 -44.51 -41.52 20.03
CA LEU B 229 -45.68 -40.76 19.67
C LEU B 229 -46.98 -41.34 20.23
N GLU B 230 -47.01 -42.66 20.44
CA GLU B 230 -48.23 -43.29 20.95
C GLU B 230 -48.42 -43.01 22.44
N ASP B 231 -47.31 -42.83 23.14
CA ASP B 231 -47.39 -42.52 24.56
C ASP B 231 -47.83 -41.08 24.72
N ILE B 232 -47.36 -40.18 23.84
CA ILE B 232 -47.81 -38.80 23.89
C ILE B 232 -49.30 -38.72 23.64
N LYS B 233 -49.78 -39.51 22.69
CA LYS B 233 -51.20 -39.52 22.35
C LYS B 233 -52.10 -39.98 23.51
N LYS B 234 -51.52 -40.56 24.56
CA LYS B 234 -52.31 -40.97 25.70
C LYS B 234 -52.63 -39.80 26.60
N TYR B 235 -51.85 -38.71 26.49
CA TYR B 235 -52.02 -37.53 27.32
C TYR B 235 -52.57 -36.36 26.54
N PHE B 236 -52.25 -36.30 25.26
CA PHE B 236 -52.64 -35.18 24.43
C PHE B 236 -53.30 -35.65 23.15
N ASN B 237 -54.25 -34.89 22.67
CA ASN B 237 -54.76 -35.13 21.34
C ASN B 237 -53.92 -34.31 20.37
N LEU B 238 -53.45 -34.94 19.31
CA LEU B 238 -52.61 -34.22 18.35
C LEU B 238 -53.43 -33.84 17.13
N VAL B 239 -53.57 -32.54 16.93
CA VAL B 239 -54.41 -32.01 15.85
C VAL B 239 -53.64 -30.97 15.03
N ASN B 240 -54.17 -30.63 13.83
CA ASN B 240 -53.66 -29.56 12.97
C ASN B 240 -52.18 -29.75 12.58
N CYS B 241 -51.70 -31.00 12.56
CA CYS B 241 -50.30 -31.31 12.25
C CYS B 241 -49.91 -30.87 10.86
N THR B 242 -48.77 -30.20 10.76
CA THR B 242 -48.29 -29.76 9.47
C THR B 242 -47.06 -30.54 9.09
N TYR B 243 -46.43 -31.17 10.07
CA TYR B 243 -45.21 -31.88 9.80
C TYR B 243 -45.07 -33.20 10.55
N PHE B 244 -44.64 -34.23 9.86
CA PHE B 244 -44.24 -35.47 10.50
C PHE B 244 -43.32 -36.32 9.64
N GLU B 245 -42.13 -36.57 10.18
CA GLU B 245 -41.12 -37.39 9.51
C GLU B 245 -40.42 -38.31 10.50
N GLU B 246 -39.91 -39.42 10.01
CA GLU B 246 -39.10 -40.31 10.83
C GLU B 246 -37.69 -40.36 10.30
N PHE B 247 -36.71 -40.05 11.16
CA PHE B 247 -35.28 -40.04 10.72
C PHE B 247 -34.58 -41.31 11.21
N ASN B 248 -34.20 -42.16 10.27
CA ASN B 248 -33.40 -43.34 10.64
C ASN B 248 -31.99 -42.79 10.64
N VAL B 249 -31.32 -42.81 11.77
CA VAL B 249 -29.98 -42.13 11.83
C VAL B 249 -28.98 -43.29 11.81
N THR B 250 -29.15 -44.32 12.66
CA THR B 250 -28.20 -45.43 12.78
C THR B 250 -27.06 -45.08 13.76
N ALA B 251 -27.42 -44.91 15.03
CA ALA B 251 -26.44 -44.61 16.07
C ALA B 251 -25.87 -45.88 16.69
N ASP B 252 -24.65 -45.78 17.19
CA ASP B 252 -23.96 -46.86 17.88
C ASP B 252 -24.04 -46.76 19.39
N GLU B 253 -23.46 -47.74 20.10
CA GLU B 253 -23.40 -47.78 21.56
C GLU B 253 -22.59 -46.67 22.23
N ARG B 254 -21.60 -46.22 21.46
CA ARG B 254 -20.62 -45.20 21.96
C ARG B 254 -21.29 -43.87 22.33
N ALA B 255 -20.58 -43.02 23.05
CA ALA B 255 -21.10 -41.67 23.31
C ALA B 255 -21.61 -40.88 22.10
N GLU B 256 -22.73 -40.18 22.31
CA GLU B 256 -23.44 -39.50 21.22
C GLU B 256 -23.78 -38.03 21.49
N TRP B 257 -23.65 -37.18 20.48
CA TRP B 257 -24.12 -35.79 20.57
C TRP B 257 -25.32 -35.53 19.67
N PHE B 258 -26.23 -34.68 20.15
CA PHE B 258 -27.40 -34.24 19.38
C PHE B 258 -27.63 -32.74 19.54
N GLY B 259 -27.97 -32.02 18.49
CA GLY B 259 -28.21 -30.58 18.65
C GLY B 259 -29.43 -30.06 17.90
N ILE B 260 -29.97 -28.94 18.37
CA ILE B 260 -31.09 -28.26 17.71
C ILE B 260 -30.83 -26.75 17.61
N THR B 261 -30.94 -26.19 16.42
CA THR B 261 -30.84 -24.73 16.25
C THR B 261 -31.98 -24.27 15.36
N GLN B 262 -32.22 -22.96 15.29
CA GLN B 262 -33.25 -22.49 14.38
C GLN B 262 -32.85 -21.20 13.67
N ASP B 263 -33.14 -21.13 12.37
CA ASP B 263 -32.92 -19.94 11.58
C ASP B 263 -34.03 -19.77 10.54
N SER B 264 -33.79 -18.98 9.51
CA SER B 264 -34.83 -18.67 8.54
C SER B 264 -35.29 -19.87 7.73
N GLN B 265 -34.48 -20.93 7.69
CA GLN B 265 -34.81 -22.10 6.92
C GLN B 265 -35.42 -23.22 7.78
N GLY B 266 -35.69 -22.91 9.04
CA GLY B 266 -36.32 -23.89 9.91
C GLY B 266 -35.43 -24.38 11.03
N VAL B 267 -35.85 -25.48 11.63
CA VAL B 267 -35.17 -26.07 12.77
C VAL B 267 -34.21 -27.11 12.27
N HIS B 268 -32.96 -26.97 12.66
CA HIS B 268 -31.91 -27.82 12.18
C HIS B 268 -31.46 -28.81 13.24
N LEU B 269 -31.55 -30.09 12.90
CA LEU B 269 -31.20 -31.15 13.81
C LEU B 269 -29.83 -31.69 13.46
N TYR B 270 -28.95 -31.72 14.44
CA TYR B 270 -27.58 -32.13 14.25
C TYR B 270 -27.28 -33.39 15.04
N THR B 271 -26.39 -34.20 14.54
CA THR B 271 -25.97 -35.38 15.29
C THR B 271 -24.55 -35.77 14.93
N SER B 272 -23.87 -36.39 15.88
CA SER B 272 -22.54 -36.93 15.64
C SER B 272 -22.60 -38.24 14.85
N SER B 279 -15.50 -39.69 15.55
CA SER B 279 -15.48 -38.29 15.98
C SER B 279 -16.76 -37.90 16.77
N ASN B 280 -16.73 -36.75 17.47
CA ASN B 280 -17.84 -36.21 18.27
C ASN B 280 -18.34 -34.88 17.73
N ASN B 281 -18.08 -34.62 16.46
CA ASN B 281 -18.53 -33.38 15.84
C ASN B 281 -20.00 -33.50 15.46
N LEU B 282 -20.74 -32.43 15.59
CA LEU B 282 -22.14 -32.41 15.17
C LEU B 282 -22.31 -32.06 13.71
N PHE B 283 -23.05 -32.90 12.99
CA PHE B 283 -23.31 -32.68 11.58
C PHE B 283 -24.81 -32.59 11.34
N LEU B 284 -25.21 -31.79 10.37
CA LEU B 284 -26.63 -31.63 10.10
C LEU B 284 -27.21 -32.91 9.50
N PHE B 285 -28.33 -33.39 10.05
CA PHE B 285 -28.95 -34.57 9.47
C PHE B 285 -30.37 -34.31 9.00
N ALA B 286 -30.99 -33.26 9.55
CA ALA B 286 -32.38 -32.97 9.17
C ALA B 286 -32.73 -31.52 9.34
N SER B 287 -33.67 -31.05 8.51
CA SER B 287 -34.22 -29.72 8.64
C SER B 287 -35.74 -29.79 8.68
N VAL B 288 -36.33 -29.11 9.65
CA VAL B 288 -37.77 -29.13 9.87
C VAL B 288 -38.38 -27.74 9.57
N PRO B 289 -39.37 -27.63 8.68
CA PRO B 289 -39.95 -26.39 8.18
C PRO B 289 -40.85 -25.65 9.17
N ILE B 290 -40.25 -25.22 10.26
CA ILE B 290 -40.89 -24.44 11.29
C ILE B 290 -40.37 -23.03 11.30
N TYR B 291 -41.25 -22.08 11.02
CA TYR B 291 -40.82 -20.70 10.90
C TYR B 291 -41.35 -19.87 12.06
N ASP B 292 -41.91 -20.57 13.03
CA ASP B 292 -42.38 -20.00 14.27
C ASP B 292 -41.25 -20.11 15.28
N LYS B 293 -40.72 -18.99 15.73
CA LYS B 293 -39.57 -19.05 16.60
C LYS B 293 -39.81 -19.87 17.85
N ILE B 294 -38.88 -20.77 18.13
CA ILE B 294 -38.90 -21.57 19.34
C ILE B 294 -38.28 -20.78 20.46
N ASN B 295 -39.01 -20.65 21.55
CA ASN B 295 -38.54 -19.87 22.68
C ASN B 295 -38.22 -20.74 23.87
N TYR B 296 -38.89 -21.89 23.98
CA TYR B 296 -38.72 -22.79 25.12
C TYR B 296 -38.57 -24.23 24.69
N TYR B 297 -37.85 -25.01 25.50
CA TYR B 297 -37.83 -26.44 25.33
C TYR B 297 -38.06 -27.14 26.67
N THR B 298 -38.60 -28.35 26.60
CA THR B 298 -38.90 -29.16 27.75
C THR B 298 -38.39 -30.57 27.58
N VAL B 299 -37.78 -31.11 28.63
CA VAL B 299 -37.42 -32.51 28.60
C VAL B 299 -38.59 -33.36 29.04
N ILE B 300 -38.95 -34.33 28.22
CA ILE B 300 -40.09 -35.17 28.52
C ILE B 300 -39.63 -36.35 29.37
N PRO B 301 -40.13 -36.51 30.60
CA PRO B 301 -39.75 -37.54 31.52
C PRO B 301 -39.91 -38.93 30.92
N ARG B 302 -38.98 -39.83 31.24
CA ARG B 302 -39.07 -41.20 30.74
C ARG B 302 -38.78 -42.22 31.83
N SER B 303 -39.42 -43.39 31.68
CA SER B 303 -39.18 -44.54 32.52
C SER B 303 -38.98 -45.79 31.66
N ILE B 304 -38.23 -46.78 32.20
CA ILE B 304 -37.97 -48.06 31.53
C ILE B 304 -38.30 -49.20 32.51
N TRP B 314 -30.42 -46.89 35.00
CA TRP B 314 -30.70 -45.48 34.82
C TRP B 314 -29.94 -44.97 33.59
N ALA B 315 -30.14 -43.70 33.24
CA ALA B 315 -29.42 -43.03 32.15
C ALA B 315 -29.41 -41.53 32.37
N ALA B 316 -28.48 -40.85 31.74
CA ALA B 316 -28.43 -39.41 31.88
C ALA B 316 -27.89 -38.73 30.64
N PHE B 317 -28.26 -37.47 30.50
CA PHE B 317 -27.77 -36.64 29.42
C PHE B 317 -27.67 -35.21 29.89
N TYR B 318 -26.92 -34.41 29.17
CA TYR B 318 -26.69 -33.03 29.57
C TYR B 318 -27.06 -32.07 28.46
N VAL B 319 -27.75 -30.99 28.82
CA VAL B 319 -28.13 -30.02 27.80
C VAL B 319 -27.41 -28.69 28.01
N TYR B 320 -26.74 -28.23 26.98
CA TYR B 320 -25.97 -27.00 27.06
C TYR B 320 -26.53 -26.00 26.05
N PRO B 321 -26.62 -24.72 26.39
CA PRO B 321 -27.04 -23.65 25.50
C PRO B 321 -25.95 -23.28 24.51
N LEU B 322 -26.36 -22.81 23.35
CA LEU B 322 -25.42 -22.26 22.39
C LEU B 322 -25.44 -20.74 22.39
N HIS B 323 -24.30 -20.15 22.10
CA HIS B 323 -24.15 -18.70 22.08
C HIS B 323 -23.34 -18.25 20.88
N GLN B 324 -23.49 -16.99 20.48
CA GLN B 324 -22.68 -16.46 19.39
C GLN B 324 -21.28 -16.14 19.89
N LEU B 325 -20.44 -17.17 19.89
CA LEU B 325 -19.10 -17.11 20.43
C LEU B 325 -18.20 -17.15 19.24
N SER B 326 -17.00 -16.61 19.40
CA SER B 326 -15.99 -16.76 18.38
C SER B 326 -15.06 -17.87 18.82
N TYR B 327 -14.82 -18.81 17.92
CA TYR B 327 -14.00 -19.97 18.16
C TYR B 327 -12.91 -20.11 17.13
N LEU B 328 -11.80 -20.70 17.55
CA LEU B 328 -10.81 -21.13 16.59
C LEU B 328 -10.94 -22.65 16.51
N LEU B 329 -11.11 -23.19 15.31
CA LEU B 329 -11.34 -24.62 15.15
C LEU B 329 -10.18 -25.32 14.46
N ASN B 330 -9.62 -26.34 15.11
CA ASN B 330 -8.48 -27.07 14.55
C ASN B 330 -8.92 -28.38 13.91
N PHE B 331 -8.79 -28.46 12.59
CA PHE B 331 -9.19 -29.62 11.83
C PHE B 331 -8.00 -30.55 11.63
N ASP B 332 -8.21 -31.84 11.79
CA ASP B 332 -7.14 -32.83 11.61
C ASP B 332 -7.10 -33.34 10.18
N VAL B 333 -6.29 -34.38 9.96
CA VAL B 333 -6.06 -34.96 8.65
C VAL B 333 -7.28 -35.68 8.08
N ASN B 334 -8.24 -36.00 8.94
CA ASN B 334 -9.42 -36.72 8.52
C ASN B 334 -10.58 -35.76 8.32
N GLY B 335 -10.31 -34.48 8.50
CA GLY B 335 -11.32 -33.45 8.34
C GLY B 335 -12.22 -33.29 9.55
N TYR B 336 -11.77 -33.68 10.73
CA TYR B 336 -12.61 -33.51 11.91
C TYR B 336 -12.04 -32.45 12.81
N ILE B 337 -12.90 -31.81 13.59
CA ILE B 337 -12.42 -30.82 14.52
C ILE B 337 -12.00 -31.56 15.76
N THR B 338 -10.73 -31.49 16.11
CA THR B 338 -10.24 -32.27 17.23
C THR B 338 -10.04 -31.41 18.44
N GLN B 339 -9.86 -30.13 18.22
CA GLN B 339 -9.75 -29.21 19.34
C GLN B 339 -10.26 -27.86 18.90
N ALA B 340 -10.67 -27.07 19.86
CA ALA B 340 -11.14 -25.74 19.57
C ALA B 340 -10.79 -24.79 20.70
N ALA B 341 -10.72 -23.51 20.39
CA ALA B 341 -10.50 -22.52 21.42
C ALA B 341 -11.70 -21.60 21.54
N ASP B 342 -12.24 -21.53 22.74
CA ASP B 342 -13.31 -20.59 23.05
C ASP B 342 -12.55 -19.33 23.42
N CYS B 343 -12.47 -18.39 22.46
CA CYS B 343 -11.54 -17.25 22.51
C CYS B 343 -11.67 -16.43 23.77
N GLY B 344 -12.88 -16.27 24.29
CA GLY B 344 -13.08 -15.43 25.48
C GLY B 344 -12.99 -16.19 26.79
N TYR B 345 -12.65 -17.47 26.76
CA TYR B 345 -12.61 -18.25 27.99
C TYR B 345 -11.53 -17.82 28.98
N ASN B 346 -10.29 -17.75 28.52
CA ASN B 346 -9.18 -17.38 29.39
C ASN B 346 -8.14 -16.63 28.59
N ASP B 347 -6.98 -16.39 29.20
CA ASP B 347 -5.96 -15.59 28.54
C ASP B 347 -5.25 -16.40 27.49
N TYR B 348 -5.13 -17.70 27.71
CA TYR B 348 -4.50 -18.55 26.74
C TYR B 348 -5.31 -18.61 25.46
N THR B 349 -6.63 -18.75 25.56
CA THR B 349 -7.48 -18.80 24.38
C THR B 349 -7.50 -17.47 23.65
N GLN B 350 -7.42 -16.34 24.38
CA GLN B 350 -7.36 -15.07 23.70
C GLN B 350 -6.05 -14.98 22.92
N LEU B 351 -4.97 -15.53 23.49
CA LEU B 351 -3.69 -15.57 22.83
C LEU B 351 -3.75 -16.41 21.55
N VAL B 352 -4.35 -17.59 21.66
CA VAL B 352 -4.47 -18.49 20.52
C VAL B 352 -5.28 -17.88 19.38
N CYS B 353 -6.42 -17.24 19.68
CA CYS B 353 -7.31 -16.61 18.69
C CYS B 353 -6.71 -15.33 18.10
N SER B 354 -5.90 -14.62 18.89
CA SER B 354 -5.25 -13.40 18.41
C SER B 354 -4.20 -13.72 17.36
N TYR B 355 -3.55 -14.86 17.52
CA TYR B 355 -2.52 -15.28 16.57
C TYR B 355 -2.98 -16.35 15.60
N GLY B 356 -4.07 -17.05 15.91
CA GLY B 356 -4.59 -18.09 15.03
C GLY B 356 -3.70 -19.33 15.07
N ASP B 357 -3.15 -19.62 16.23
CA ASP B 357 -2.20 -20.73 16.34
C ASP B 357 -2.31 -21.51 17.65
N PHE B 358 -2.66 -22.79 17.56
CA PHE B 358 -2.82 -23.64 18.73
C PHE B 358 -1.49 -24.11 19.31
N ASN B 359 -0.40 -23.94 18.57
CA ASN B 359 0.90 -24.43 19.03
C ASN B 359 1.95 -23.34 18.94
N MET B 360 1.76 -22.29 19.72
CA MET B 360 2.65 -21.15 19.75
C MET B 360 3.91 -21.43 20.54
N LYS B 361 4.96 -20.69 20.20
CA LYS B 361 6.24 -20.77 20.90
C LYS B 361 6.21 -19.98 22.18
N SER B 362 7.20 -20.17 23.03
CA SER B 362 7.28 -19.38 24.24
C SER B 362 7.52 -17.93 23.90
N GLY B 363 6.95 -17.04 24.69
CA GLY B 363 7.16 -15.62 24.50
C GLY B 363 6.13 -14.78 25.21
N VAL B 364 6.27 -13.47 25.11
CA VAL B 364 5.32 -12.54 25.70
C VAL B 364 4.61 -11.83 24.56
N TYR B 365 3.32 -12.09 24.43
CA TYR B 365 2.56 -11.64 23.28
C TYR B 365 1.46 -10.67 23.66
N SER B 366 1.23 -9.65 22.87
CA SER B 366 0.07 -8.81 23.14
C SER B 366 -1.16 -9.58 22.70
N THR B 367 -2.31 -9.32 23.30
CA THR B 367 -3.52 -10.01 22.86
C THR B 367 -4.70 -9.08 22.70
N SER B 368 -5.69 -9.54 21.94
CA SER B 368 -6.95 -8.84 21.78
C SER B 368 -7.98 -9.36 22.76
N TYR B 369 -9.06 -8.61 22.93
CA TYR B 369 -10.15 -8.98 23.81
C TYR B 369 -11.25 -9.72 23.07
N TYR B 370 -11.70 -10.83 23.64
CA TYR B 370 -12.80 -11.60 23.06
C TYR B 370 -14.05 -11.73 23.93
N SER B 371 -14.11 -10.97 25.03
CA SER B 371 -15.25 -10.98 25.93
C SER B 371 -15.76 -9.59 26.34
N ALA B 372 -15.22 -8.56 25.71
CA ALA B 372 -15.53 -7.19 26.09
C ALA B 372 -16.83 -6.81 25.39
N LYS B 373 -17.92 -7.40 25.87
CA LYS B 373 -19.24 -7.14 25.34
C LYS B 373 -20.00 -6.21 26.27
N PRO B 374 -20.87 -5.33 25.74
CA PRO B 374 -21.70 -4.42 26.48
C PRO B 374 -22.82 -5.12 27.23
N VAL B 375 -23.13 -4.62 28.42
CA VAL B 375 -24.27 -5.09 29.20
C VAL B 375 -25.10 -3.91 29.66
N GLY B 376 -26.22 -3.68 29.01
CA GLY B 376 -27.04 -2.52 29.32
C GLY B 376 -26.70 -1.38 28.37
N ALA B 377 -27.49 -0.31 28.41
CA ALA B 377 -27.27 0.79 27.49
C ALA B 377 -27.77 2.10 28.05
N TYR B 378 -27.18 3.20 27.62
CA TYR B 378 -27.57 4.53 28.06
C TYR B 378 -27.88 5.49 26.91
N TYR B 379 -29.02 6.15 27.01
CA TYR B 379 -29.48 7.12 26.02
C TYR B 379 -29.59 8.52 26.60
N GLU B 380 -29.10 9.50 25.86
CA GLU B 380 -29.26 10.88 26.27
C GLU B 380 -29.51 11.78 25.07
N ALA B 381 -30.45 12.69 25.20
CA ALA B 381 -30.79 13.61 24.13
C ALA B 381 -31.41 14.85 24.73
N HIS B 382 -31.42 15.93 23.97
CA HIS B 382 -32.04 17.14 24.45
C HIS B 382 -33.55 17.07 24.42
N VAL B 383 -34.18 17.73 25.38
CA VAL B 383 -35.62 17.85 25.39
C VAL B 383 -36.05 19.30 25.25
N TYR B 384 -36.78 19.55 24.18
CA TYR B 384 -37.29 20.83 23.77
C TYR B 384 -38.78 20.68 23.44
N PRO B 385 -39.51 21.76 23.13
CA PRO B 385 -40.84 21.76 22.58
C PRO B 385 -40.87 21.04 21.25
N ASP B 386 -42.04 20.57 20.86
CA ASP B 386 -42.17 19.86 19.61
C ASP B 386 -41.89 20.69 18.39
N CYS B 387 -41.31 20.04 17.35
CA CYS B 387 -41.14 20.64 16.08
C CYS B 387 -42.50 20.70 15.35
N ASN B 388 -43.10 21.88 15.49
CA ASN B 388 -44.48 22.03 14.98
C ASN B 388 -44.47 21.93 13.47
N PHE B 389 -45.14 20.89 12.92
CA PHE B 389 -45.20 20.59 11.49
C PHE B 389 -46.55 20.89 10.87
N THR B 390 -47.38 21.66 11.54
CA THR B 390 -48.71 21.99 11.05
C THR B 390 -48.68 22.58 9.64
N ASP B 391 -47.70 23.45 9.38
CA ASP B 391 -47.59 24.18 8.12
C ASP B 391 -47.34 23.25 6.94
N LEU B 392 -46.96 22.00 7.21
CA LEU B 392 -46.70 21.05 6.14
C LEU B 392 -47.98 20.43 5.61
N PHE B 393 -49.00 20.31 6.46
CA PHE B 393 -50.17 19.54 6.05
C PHE B 393 -51.50 20.27 6.11
N ARG B 394 -51.57 21.33 6.87
CA ARG B 394 -52.88 21.97 7.14
C ARG B 394 -52.89 23.36 6.55
N GLU B 395 -52.17 23.55 5.46
CA GLU B 395 -52.28 24.80 4.70
C GLU B 395 -52.53 24.50 3.22
N ASN B 396 -52.54 25.50 2.40
CA ASN B 396 -52.61 25.32 0.95
C ASN B 396 -51.26 24.86 0.45
N ALA B 397 -51.23 23.87 -0.42
CA ALA B 397 -50.00 23.36 -0.97
C ALA B 397 -49.27 24.45 -1.75
N PRO B 398 -47.96 24.63 -1.57
CA PRO B 398 -47.10 25.49 -2.33
C PRO B 398 -46.94 25.06 -3.76
N THR B 399 -46.58 25.96 -4.63
CA THR B 399 -46.25 25.65 -6.01
C THR B 399 -44.77 25.29 -6.06
N ILE B 400 -44.32 24.73 -7.17
CA ILE B 400 -42.89 24.46 -7.27
C ILE B 400 -42.08 25.73 -7.49
N MET B 401 -42.60 26.71 -8.25
CA MET B 401 -41.84 27.94 -8.45
C MET B 401 -41.76 28.78 -7.18
N GLN B 402 -42.75 28.64 -6.31
CA GLN B 402 -42.75 29.31 -5.01
C GLN B 402 -43.00 28.29 -3.92
N TYR B 403 -42.00 27.45 -3.65
CA TYR B 403 -42.14 26.38 -2.70
C TYR B 403 -41.86 26.88 -1.30
N LYS B 404 -42.35 26.19 -0.29
CA LYS B 404 -42.07 26.63 1.07
C LYS B 404 -40.91 25.90 1.68
N ARG B 405 -40.23 26.58 2.59
CA ARG B 405 -39.17 25.98 3.37
C ARG B 405 -39.31 26.37 4.81
N GLN B 406 -39.08 25.41 5.69
CA GLN B 406 -39.08 25.66 7.10
C GLN B 406 -37.91 24.96 7.73
N VAL B 407 -37.20 25.67 8.59
CA VAL B 407 -36.03 25.12 9.25
C VAL B 407 -36.33 24.96 10.73
N PHE B 408 -36.15 23.75 11.20
CA PHE B 408 -36.44 23.35 12.56
C PHE B 408 -35.19 23.23 13.40
N THR B 409 -35.13 23.99 14.47
CA THR B 409 -34.00 23.95 15.41
C THR B 409 -34.51 23.93 16.84
N ARG B 410 -33.70 23.43 17.77
CA ARG B 410 -34.05 23.45 19.19
C ARG B 410 -35.47 22.97 19.47
N CYS B 411 -35.80 21.78 18.96
CA CYS B 411 -37.12 21.16 19.09
C CYS B 411 -37.00 19.64 18.99
N ASN B 412 -38.07 18.94 19.39
CA ASN B 412 -38.11 17.49 19.25
C ASN B 412 -39.08 17.09 18.17
N TYR B 413 -38.65 16.21 17.30
CA TYR B 413 -39.47 15.85 16.16
C TYR B 413 -40.08 14.46 16.27
N ASN B 414 -41.14 14.26 15.50
CA ASN B 414 -41.85 13.00 15.38
C ASN B 414 -42.11 12.73 13.89
N LEU B 415 -41.28 11.84 13.28
CA LEU B 415 -41.37 11.57 11.85
C LEU B 415 -42.53 10.64 11.55
N THR B 416 -42.92 9.83 12.55
CA THR B 416 -44.06 8.96 12.40
C THR B 416 -45.28 9.81 12.16
N LEU B 417 -45.34 10.95 12.82
CA LEU B 417 -46.44 11.88 12.66
C LEU B 417 -46.55 12.41 11.24
N LEU B 418 -45.41 12.64 10.58
CA LEU B 418 -45.45 13.17 9.22
C LEU B 418 -45.87 12.08 8.26
N LEU B 419 -45.38 10.88 8.50
CA LEU B 419 -45.62 9.78 7.60
C LEU B 419 -46.98 9.13 7.79
N SER B 420 -47.51 9.16 9.02
CA SER B 420 -48.80 8.56 9.31
C SER B 420 -49.94 9.35 8.70
N LEU B 421 -49.63 10.56 8.24
CA LEU B 421 -50.62 11.42 7.62
C LEU B 421 -50.63 11.30 6.11
N VAL B 422 -49.64 10.61 5.53
CA VAL B 422 -49.57 10.61 4.09
C VAL B 422 -49.39 9.23 3.51
N GLN B 423 -49.75 9.07 2.26
CA GLN B 423 -49.51 7.83 1.54
C GLN B 423 -48.23 7.95 0.74
N VAL B 424 -47.19 7.27 1.16
CA VAL B 424 -45.91 7.40 0.47
C VAL B 424 -45.90 6.67 -0.85
N ASP B 425 -45.70 7.40 -1.94
CA ASP B 425 -45.56 6.81 -3.26
C ASP B 425 -44.16 6.26 -3.51
N GLU B 426 -43.20 7.09 -3.16
CA GLU B 426 -41.79 6.78 -3.33
C GLU B 426 -40.98 7.58 -2.34
N PHE B 427 -39.76 7.14 -2.09
CA PHE B 427 -38.82 8.01 -1.40
C PHE B 427 -37.45 7.80 -1.98
N VAL B 428 -36.72 8.88 -2.12
CA VAL B 428 -35.37 8.80 -2.62
C VAL B 428 -34.42 9.44 -1.63
N CYS B 429 -33.71 8.60 -0.86
CA CYS B 429 -32.84 9.09 0.23
C CYS B 429 -31.39 8.97 -0.18
N ASP B 430 -30.59 9.89 0.38
CA ASP B 430 -29.16 9.96 0.12
C ASP B 430 -28.37 10.20 1.40
N LYS B 431 -27.54 9.21 1.75
CA LYS B 431 -26.71 9.22 2.97
C LYS B 431 -27.56 9.22 4.24
N ILE B 432 -28.79 8.74 4.10
CA ILE B 432 -29.76 8.65 5.17
C ILE B 432 -30.84 7.67 4.73
N THR B 433 -31.56 7.09 5.67
CA THR B 433 -32.73 6.27 5.36
C THR B 433 -33.88 6.81 6.18
N PRO B 434 -35.15 6.60 5.81
CA PRO B 434 -36.31 6.99 6.59
C PRO B 434 -36.24 6.44 8.01
N GLU B 435 -35.69 5.24 8.15
CA GLU B 435 -35.51 4.62 9.46
C GLU B 435 -34.59 5.45 10.34
N ALA B 436 -33.51 5.94 9.75
CA ALA B 436 -32.54 6.73 10.49
C ALA B 436 -33.01 8.15 10.65
N LEU B 437 -33.73 8.64 9.66
CA LEU B 437 -34.19 10.00 9.65
C LEU B 437 -35.08 10.20 10.86
N ALA B 438 -35.84 9.16 11.18
CA ALA B 438 -36.74 9.13 12.31
C ALA B 438 -36.08 9.18 13.69
N THR B 439 -34.81 8.78 13.80
CA THR B 439 -34.24 8.66 15.15
C THR B 439 -32.97 9.45 15.44
N GLY B 440 -32.37 10.07 14.43
CA GLY B 440 -31.10 10.74 14.67
C GLY B 440 -31.26 12.13 15.31
N CYS B 441 -30.13 12.67 15.82
CA CYS B 441 -30.05 14.08 16.30
C CYS B 441 -29.32 14.88 15.25
N TYR B 442 -29.78 16.10 15.03
CA TYR B 442 -29.24 16.95 13.98
C TYR B 442 -28.99 18.35 14.50
N SER B 443 -28.09 19.07 13.84
CA SER B 443 -27.89 20.48 14.18
C SER B 443 -29.11 21.24 13.72
N SER B 444 -29.69 20.79 12.63
CA SER B 444 -30.92 21.33 12.10
C SER B 444 -31.64 20.36 11.19
N LEU B 445 -32.95 20.54 11.06
CA LEU B 445 -33.75 19.77 10.12
C LEU B 445 -34.53 20.72 9.21
N THR B 446 -34.40 20.54 7.92
CA THR B 446 -35.05 21.43 6.96
C THR B 446 -36.05 20.71 6.11
N VAL B 447 -37.25 21.26 5.98
CA VAL B 447 -38.22 20.63 5.11
C VAL B 447 -38.65 21.59 4.02
N ASP B 448 -38.54 21.15 2.77
CA ASP B 448 -39.02 21.90 1.62
C ASP B 448 -40.25 21.19 1.09
N TRP B 449 -41.28 21.94 0.71
CA TRP B 449 -42.41 21.21 0.15
C TRP B 449 -43.23 21.99 -0.85
N PHE B 450 -43.86 21.24 -1.74
CA PHE B 450 -44.73 21.77 -2.78
C PHE B 450 -45.62 20.70 -3.40
N ALA B 451 -46.69 21.10 -4.06
CA ALA B 451 -47.50 20.17 -4.83
C ALA B 451 -46.74 19.81 -6.10
N PHE B 452 -46.80 18.56 -6.49
CA PHE B 452 -46.15 18.15 -7.73
C PHE B 452 -46.69 16.80 -8.17
N PRO B 453 -47.11 16.63 -9.44
CA PRO B 453 -47.63 15.40 -9.98
C PRO B 453 -46.66 14.25 -9.79
N TYR B 454 -47.15 13.11 -9.36
CA TYR B 454 -46.31 11.94 -9.17
C TYR B 454 -45.76 11.46 -10.50
N ALA B 455 -46.55 11.67 -11.54
CA ALA B 455 -46.20 11.29 -12.89
C ALA B 455 -44.95 12.01 -13.37
N TRP B 456 -44.58 13.12 -12.72
CA TRP B 456 -43.44 13.90 -13.14
C TRP B 456 -42.22 13.68 -12.24
N LYS B 457 -42.22 12.61 -11.46
CA LYS B 457 -41.11 12.37 -10.53
C LYS B 457 -39.77 12.20 -11.23
N SER B 458 -39.78 11.88 -12.52
CA SER B 458 -38.52 11.69 -13.24
C SER B 458 -37.93 13.03 -13.66
N TYR B 459 -38.73 14.08 -13.62
CA TYR B 459 -38.24 15.40 -13.96
C TYR B 459 -37.53 15.95 -12.74
N LEU B 460 -38.13 15.65 -11.62
CA LEU B 460 -37.59 16.04 -10.35
C LEU B 460 -36.62 14.97 -9.87
N ALA B 461 -35.48 14.84 -10.56
CA ALA B 461 -34.58 13.72 -10.30
C ALA B 461 -33.10 14.12 -10.39
N ILE B 462 -32.25 13.33 -9.72
CA ILE B 462 -30.82 13.61 -9.57
C ILE B 462 -29.98 13.89 -10.81
N GLY B 463 -30.22 13.17 -11.91
CA GLY B 463 -29.39 13.39 -13.09
C GLY B 463 -30.00 14.30 -14.13
N SER B 464 -31.19 14.80 -13.87
CA SER B 464 -31.90 15.58 -14.85
C SER B 464 -31.46 17.02 -14.84
N ALA B 465 -31.77 17.74 -15.92
CA ALA B 465 -31.56 19.17 -15.97
C ALA B 465 -32.64 19.79 -16.80
N ASP B 466 -33.87 19.43 -16.48
CA ASP B 466 -35.03 19.95 -17.18
C ASP B 466 -35.36 21.31 -16.62
N ARG B 467 -36.37 21.93 -17.18
CA ARG B 467 -36.83 23.24 -16.72
C ARG B 467 -37.42 23.15 -15.31
N ILE B 468 -37.91 21.96 -14.94
CA ILE B 468 -38.39 21.73 -13.59
C ILE B 468 -37.27 21.95 -12.58
N VAL B 469 -36.06 21.54 -12.92
CA VAL B 469 -34.92 21.66 -12.03
C VAL B 469 -34.20 22.99 -12.20
N ARG B 470 -33.99 23.40 -13.44
CA ARG B 470 -33.22 24.60 -13.73
C ARG B 470 -33.84 25.90 -13.24
N PHE B 471 -35.16 26.03 -13.33
CA PHE B 471 -35.74 27.31 -12.96
C PHE B 471 -36.63 27.27 -11.72
N ASN B 472 -36.78 26.11 -11.09
CA ASN B 472 -37.72 26.01 -10.00
C ASN B 472 -37.11 25.38 -8.75
N TYR B 473 -36.91 24.07 -8.78
CA TYR B 473 -36.37 23.40 -7.61
C TYR B 473 -35.15 22.56 -7.92
N ASN B 474 -34.02 22.98 -7.37
CA ASN B 474 -32.76 22.30 -7.57
C ASN B 474 -32.31 21.75 -6.23
N GLN B 475 -32.50 20.46 -6.02
CA GLN B 475 -32.23 19.88 -4.71
C GLN B 475 -30.74 19.93 -4.38
N ASP B 476 -30.44 20.28 -3.14
CA ASP B 476 -29.05 20.25 -2.68
C ASP B 476 -28.70 18.88 -2.19
N TYR B 477 -27.47 18.47 -2.43
CA TYR B 477 -26.99 17.17 -1.99
C TYR B 477 -25.78 17.24 -1.07
N SER B 478 -25.39 18.46 -0.67
CA SER B 478 -24.24 18.59 0.23
C SER B 478 -24.54 18.02 1.61
N ASN B 479 -25.81 18.06 2.01
CA ASN B 479 -26.23 17.51 3.28
C ASN B 479 -27.09 16.27 3.02
N PRO B 480 -27.10 15.27 3.91
CA PRO B 480 -27.96 14.10 3.84
C PRO B 480 -29.39 14.54 3.71
N SER B 481 -30.13 13.92 2.81
CA SER B 481 -31.51 14.33 2.59
C SER B 481 -32.33 13.22 1.98
N CYS B 482 -33.66 13.37 1.99
CA CYS B 482 -34.56 12.42 1.36
C CYS B 482 -35.78 13.11 0.77
N ARG B 483 -36.04 12.79 -0.50
CA ARG B 483 -37.18 13.33 -1.23
C ARG B 483 -38.33 12.35 -1.20
N ILE B 484 -39.40 12.76 -0.54
CA ILE B 484 -40.56 11.90 -0.35
C ILE B 484 -41.74 12.33 -1.22
N HIS B 485 -42.20 11.41 -2.04
CA HIS B 485 -43.36 11.65 -2.89
C HIS B 485 -44.55 11.00 -2.24
N SER B 486 -45.54 11.79 -1.87
CA SER B 486 -46.67 11.23 -1.15
C SER B 486 -48.00 11.86 -1.51
N LYS B 487 -49.01 11.08 -1.31
CA LYS B 487 -50.40 11.48 -1.52
C LYS B 487 -50.99 11.93 -0.19
N VAL B 488 -51.47 13.18 -0.15
CA VAL B 488 -52.04 13.67 1.09
C VAL B 488 -53.56 13.83 0.91
N ASN B 489 -54.34 13.13 1.75
CA ASN B 489 -55.80 13.17 1.72
C ASN B 489 -56.30 14.48 2.33
N SER B 490 -57.44 15.00 1.80
CA SER B 490 -58.05 16.26 2.24
C SER B 490 -58.49 16.22 3.71
N SER B 491 -58.62 15.02 4.26
CA SER B 491 -59.01 14.79 5.64
C SER B 491 -57.94 15.29 6.60
N VAL B 492 -56.74 15.53 6.08
CA VAL B 492 -55.62 16.00 6.88
C VAL B 492 -55.59 17.53 6.95
N GLY B 493 -56.40 18.19 6.14
CA GLY B 493 -56.44 19.65 6.09
C GLY B 493 -55.69 20.26 4.92
N ILE B 494 -55.11 19.42 4.07
CA ILE B 494 -54.36 19.88 2.90
C ILE B 494 -55.36 20.36 1.85
N SER B 495 -55.06 21.49 1.23
CA SER B 495 -55.89 22.05 0.17
C SER B 495 -55.01 22.42 -1.02
N TYR B 496 -55.60 22.59 -2.21
CA TYR B 496 -54.81 23.03 -3.36
C TYR B 496 -55.54 24.00 -4.28
N SER B 497 -55.88 25.17 -3.75
CA SER B 497 -56.55 26.20 -4.52
C SER B 497 -55.55 27.05 -5.31
N GLY B 498 -56.05 27.77 -6.32
CA GLY B 498 -55.22 28.68 -7.10
C GLY B 498 -54.52 27.98 -8.25
N LEU B 499 -53.64 28.70 -8.95
CA LEU B 499 -52.91 28.10 -10.05
C LEU B 499 -51.61 27.51 -9.56
N TYR B 500 -51.31 26.33 -10.05
CA TYR B 500 -50.05 25.69 -9.76
C TYR B 500 -49.19 25.73 -10.98
N SER B 501 -48.02 26.30 -10.86
CA SER B 501 -47.18 26.50 -12.01
C SER B 501 -45.71 26.39 -11.73
N TYR B 502 -44.99 26.26 -12.83
CA TYR B 502 -43.55 26.22 -12.83
C TYR B 502 -43.02 27.10 -13.93
N ILE B 503 -41.82 27.57 -13.73
CA ILE B 503 -41.12 28.41 -14.67
C ILE B 503 -40.49 27.54 -15.74
N THR B 504 -40.71 27.88 -16.99
CA THR B 504 -40.15 27.10 -18.07
C THR B 504 -38.97 27.83 -18.69
N ASN B 505 -38.95 29.15 -18.49
CA ASN B 505 -37.84 29.96 -18.97
C ASN B 505 -37.73 31.22 -18.10
N CYS B 506 -36.53 31.83 -18.08
CA CYS B 506 -36.25 33.08 -17.36
C CYS B 506 -34.89 33.65 -17.78
N ASN B 507 -34.67 33.79 -19.08
CA ASN B 507 -33.44 34.40 -19.51
C ASN B 507 -33.47 35.91 -19.36
N TYR B 508 -32.31 36.55 -19.30
CA TYR B 508 -32.27 38.00 -19.17
C TYR B 508 -31.05 38.68 -19.79
N GLY B 509 -31.20 39.98 -19.99
CA GLY B 509 -30.13 40.82 -20.53
C GLY B 509 -30.01 40.64 -22.03
N GLY B 510 -29.03 41.31 -22.63
CA GLY B 510 -28.86 41.25 -24.09
C GLY B 510 -28.20 39.95 -24.55
N PHE B 511 -27.74 39.15 -23.59
CA PHE B 511 -27.10 37.89 -23.91
C PHE B 511 -28.03 36.73 -23.63
N ASN B 512 -29.28 37.02 -23.26
CA ASN B 512 -30.24 35.97 -23.00
C ASN B 512 -29.69 34.97 -21.99
N LYS B 513 -29.22 35.38 -20.85
CA LYS B 513 -28.60 34.51 -19.86
C LYS B 513 -29.66 33.89 -18.95
N ASP B 514 -29.72 32.59 -18.91
CA ASP B 514 -30.73 31.85 -18.15
C ASP B 514 -30.52 32.08 -16.68
N ASP B 515 -31.53 32.60 -15.99
CA ASP B 515 -31.38 32.82 -14.56
C ASP B 515 -31.71 31.51 -13.83
N VAL B 516 -30.72 30.63 -13.83
CA VAL B 516 -30.82 29.27 -13.30
C VAL B 516 -30.67 29.22 -11.79
N VAL B 517 -31.50 28.41 -11.17
CA VAL B 517 -31.52 28.20 -9.74
C VAL B 517 -30.38 27.29 -9.28
N LYS B 518 -29.71 27.73 -8.25
CA LYS B 518 -28.56 27.00 -7.67
C LYS B 518 -28.99 26.02 -6.61
N PRO B 519 -28.32 24.89 -6.47
CA PRO B 519 -28.73 23.88 -5.52
C PRO B 519 -29.07 24.48 -4.17
N GLY B 520 -30.25 24.13 -3.67
CA GLY B 520 -30.73 24.59 -2.38
C GLY B 520 -31.40 25.96 -2.45
N GLY B 521 -31.39 26.56 -3.63
CA GLY B 521 -31.96 27.89 -3.83
C GLY B 521 -33.35 27.85 -4.41
N ARG B 522 -33.77 28.97 -4.96
CA ARG B 522 -35.10 29.11 -5.53
C ARG B 522 -35.13 30.12 -6.65
N ALA B 523 -36.21 30.14 -7.41
CA ALA B 523 -36.35 31.12 -8.47
C ALA B 523 -36.20 32.50 -7.88
N SER B 524 -35.42 33.33 -8.56
CA SER B 524 -35.17 34.69 -8.07
C SER B 524 -36.41 35.55 -8.15
N GLN B 525 -36.41 36.65 -7.42
CA GLN B 525 -37.58 37.51 -7.42
C GLN B 525 -37.99 38.00 -8.81
N PRO B 526 -37.07 38.44 -9.70
CA PRO B 526 -37.36 38.77 -11.09
C PRO B 526 -38.08 37.66 -11.87
N CYS B 527 -37.73 36.38 -11.62
CA CYS B 527 -38.32 35.22 -12.32
C CYS B 527 -39.73 34.96 -11.81
N VAL B 528 -39.92 35.07 -10.51
CA VAL B 528 -41.23 34.89 -9.93
C VAL B 528 -42.14 36.01 -10.36
N THR B 529 -41.63 37.24 -10.33
CA THR B 529 -42.41 38.40 -10.73
C THR B 529 -42.85 38.24 -12.17
N GLY B 530 -41.92 37.85 -13.03
CA GLY B 530 -42.21 37.64 -14.42
C GLY B 530 -43.22 36.55 -14.64
N ALA B 531 -42.90 35.36 -14.16
CA ALA B 531 -43.73 34.20 -14.38
C ALA B 531 -45.15 34.39 -13.87
N LEU B 532 -45.34 35.10 -12.77
CA LEU B 532 -46.70 35.26 -12.26
C LEU B 532 -47.55 36.17 -13.14
N ASN B 533 -46.91 36.94 -14.03
CA ASN B 533 -47.60 37.84 -14.93
C ASN B 533 -47.58 37.29 -16.35
N SER B 534 -47.05 36.08 -16.50
CA SER B 534 -46.96 35.43 -17.80
C SER B 534 -48.25 34.69 -18.07
N PRO B 535 -48.60 34.47 -19.34
CA PRO B 535 -49.72 33.66 -19.75
C PRO B 535 -49.43 32.20 -19.42
N THR B 536 -50.49 31.43 -19.24
CA THR B 536 -50.35 30.02 -18.85
C THR B 536 -50.22 29.10 -20.06
N ASN B 537 -50.15 29.69 -21.24
CA ASN B 537 -50.01 28.92 -22.47
C ASN B 537 -48.54 28.68 -22.83
N GLY B 538 -47.63 29.10 -21.97
CA GLY B 538 -46.19 28.85 -22.16
C GLY B 538 -45.48 29.91 -22.99
N GLN B 539 -46.16 31.02 -23.16
CA GLN B 539 -45.65 32.08 -24.00
C GLN B 539 -44.67 33.04 -23.33
N VAL B 540 -43.67 33.47 -24.07
CA VAL B 540 -42.70 34.34 -23.41
C VAL B 540 -43.23 35.75 -23.25
N TRP B 541 -43.15 36.23 -22.01
CA TRP B 541 -43.57 37.57 -21.66
C TRP B 541 -42.34 38.40 -21.34
N SER B 542 -42.27 39.61 -21.88
CA SER B 542 -41.11 40.45 -21.62
C SER B 542 -41.47 41.60 -20.70
N PHE B 543 -40.56 41.89 -19.77
CA PHE B 543 -40.75 42.98 -18.82
C PHE B 543 -39.42 43.47 -18.28
N ASN B 544 -39.42 44.64 -17.66
CA ASN B 544 -38.21 45.10 -17.01
C ASN B 544 -38.33 44.92 -15.51
N PHE B 545 -37.24 44.48 -14.89
CA PHE B 545 -37.18 44.40 -13.44
C PHE B 545 -36.08 45.33 -13.00
N GLY B 546 -36.43 46.48 -12.48
CA GLY B 546 -35.42 47.48 -12.23
C GLY B 546 -34.84 47.92 -13.57
N GLY B 547 -33.53 47.86 -13.71
CA GLY B 547 -32.89 48.29 -14.95
C GLY B 547 -32.58 47.14 -15.93
N VAL B 548 -33.02 45.92 -15.62
CA VAL B 548 -32.69 44.77 -16.47
C VAL B 548 -33.91 44.12 -17.13
N PRO B 549 -33.91 43.93 -18.45
CA PRO B 549 -34.96 43.24 -19.19
C PRO B 549 -34.93 41.73 -18.95
N TYR B 550 -36.11 41.15 -18.71
CA TYR B 550 -36.31 39.73 -18.49
C TYR B 550 -37.32 39.11 -19.45
N ARG B 551 -37.08 37.94 -19.92
CA ARG B 551 -38.08 37.20 -20.70
C ARG B 551 -38.43 35.95 -19.89
N THR B 552 -39.66 35.78 -19.44
CA THR B 552 -40.10 34.63 -18.66
C THR B 552 -41.33 33.96 -19.22
N SER B 553 -41.47 32.69 -18.88
CA SER B 553 -42.64 31.91 -19.25
C SER B 553 -42.92 30.82 -18.24
N ARG B 554 -44.19 30.41 -18.17
CA ARG B 554 -44.63 29.36 -17.26
C ARG B 554 -45.69 28.47 -17.85
N LEU B 555 -45.82 27.30 -17.25
CA LEU B 555 -46.89 26.35 -17.53
C LEU B 555 -47.53 25.93 -16.24
N THR B 556 -48.81 25.57 -16.30
CA THR B 556 -49.50 25.11 -15.09
C THR B 556 -49.57 23.60 -15.02
N TYR B 557 -49.80 23.10 -13.81
CA TYR B 557 -49.99 21.68 -13.58
C TYR B 557 -51.18 21.44 -12.67
N THR B 558 -52.03 22.45 -12.56
CA THR B 558 -53.20 22.41 -11.69
C THR B 558 -54.10 21.24 -12.07
N ASP B 559 -54.17 20.97 -13.36
CA ASP B 559 -55.04 19.92 -13.90
C ASP B 559 -54.57 18.51 -13.52
N HIS B 560 -53.37 18.40 -12.98
CA HIS B 560 -52.82 17.10 -12.59
C HIS B 560 -52.94 16.84 -11.10
N LEU B 561 -53.58 17.77 -10.38
CA LEU B 561 -53.72 17.62 -8.94
C LEU B 561 -55.11 17.11 -8.57
N LYS B 562 -55.20 16.13 -7.77
CA LYS B 562 -56.50 15.51 -7.54
C LYS B 562 -56.75 15.39 -6.04
N ASN B 563 -57.89 14.82 -5.64
CA ASN B 563 -58.31 14.85 -4.24
C ASN B 563 -57.20 14.38 -3.28
N PRO B 564 -56.61 13.17 -3.44
CA PRO B 564 -55.36 12.80 -2.80
C PRO B 564 -54.30 13.60 -3.52
N LEU B 565 -53.71 14.54 -2.82
CA LEU B 565 -52.85 15.49 -3.48
C LEU B 565 -51.42 15.06 -3.56
N ASP B 566 -50.87 15.02 -4.77
CA ASP B 566 -49.49 14.62 -4.92
C ASP B 566 -48.59 15.74 -4.42
N MET B 567 -47.85 15.44 -3.37
CA MET B 567 -46.96 16.37 -2.69
C MET B 567 -45.55 15.88 -2.63
N VAL B 568 -44.61 16.80 -2.68
CA VAL B 568 -43.22 16.45 -2.48
C VAL B 568 -42.70 17.11 -1.22
N TYR B 569 -42.17 16.29 -0.33
CA TYR B 569 -41.56 16.78 0.89
C TYR B 569 -40.10 16.40 0.88
N VAL B 570 -39.22 17.36 0.97
CA VAL B 570 -37.81 17.05 0.96
C VAL B 570 -37.23 17.36 2.31
N ILE B 571 -36.73 16.34 2.98
CA ILE B 571 -36.21 16.55 4.32
C ILE B 571 -34.70 16.48 4.29
N THR B 572 -34.05 17.57 4.68
CA THR B 572 -32.60 17.66 4.69
C THR B 572 -32.12 17.77 6.12
N VAL B 573 -31.16 16.95 6.49
CA VAL B 573 -30.66 17.03 7.85
C VAL B 573 -29.19 17.35 7.89
N LYS B 574 -28.88 18.27 8.79
CA LYS B 574 -27.50 18.71 8.97
C LYS B 574 -26.88 18.04 10.17
N TYR B 575 -25.72 17.51 9.96
CA TYR B 575 -24.97 16.97 11.08
C TYR B 575 -23.74 17.82 11.40
N GLU B 576 -23.69 18.36 12.60
CA GLU B 576 -22.56 19.16 13.07
C GLU B 576 -22.26 18.73 14.50
N PRO B 577 -21.49 17.67 14.71
CA PRO B 577 -21.28 17.01 15.97
C PRO B 577 -20.95 18.00 17.07
N GLY B 578 -21.68 17.92 18.16
CA GLY B 578 -21.54 18.81 19.30
C GLY B 578 -22.54 19.96 19.27
N ALA B 579 -23.20 20.16 18.13
CA ALA B 579 -24.18 21.24 17.99
C ALA B 579 -25.56 20.71 17.63
N GLU B 580 -25.97 19.50 18.00
CA GLU B 580 -27.30 18.93 17.78
C GLU B 580 -28.28 19.68 18.61
N THR B 581 -29.32 20.12 17.98
CA THR B 581 -30.40 20.78 18.70
C THR B 581 -31.72 20.09 18.43
N VAL B 582 -31.75 19.31 17.36
CA VAL B 582 -32.97 18.63 16.94
C VAL B 582 -32.84 17.14 17.21
N CYS B 583 -33.74 16.60 18.03
CA CYS B 583 -33.72 15.20 18.46
C CYS B 583 -35.14 14.64 18.33
N PRO B 584 -35.33 13.33 18.29
CA PRO B 584 -36.62 12.68 18.28
C PRO B 584 -37.31 12.80 19.63
N LYS B 585 -38.63 12.71 19.62
CA LYS B 585 -39.40 12.65 20.86
C LYS B 585 -39.33 11.26 21.48
N GLN B 586 -39.00 10.26 20.67
CA GLN B 586 -38.99 8.88 21.12
C GLN B 586 -37.61 8.41 21.58
N VAL B 587 -37.55 7.93 22.82
CA VAL B 587 -36.35 7.37 23.43
C VAL B 587 -36.19 5.89 23.05
N ARG B 588 -34.97 5.54 22.76
CA ARG B 588 -34.67 4.15 22.39
C ARG B 588 -35.25 3.15 23.45
N PRO B 589 -36.11 2.13 23.10
CA PRO B 589 -36.77 1.16 23.97
C PRO B 589 -35.93 0.43 25.00
N ASP B 590 -34.69 0.06 24.67
CA ASP B 590 -33.88 -0.71 25.59
C ASP B 590 -32.77 0.09 26.26
N TYR B 591 -32.85 1.40 26.18
CA TYR B 591 -31.81 2.24 26.76
C TYR B 591 -32.23 2.95 28.04
N SER B 592 -31.30 3.04 28.99
CA SER B 592 -31.53 3.76 30.22
C SER B 592 -31.43 5.26 30.03
N THR B 593 -32.10 6.01 30.89
CA THR B 593 -31.97 7.48 30.87
C THR B 593 -31.28 8.02 32.14
N ASN B 594 -30.69 7.10 32.93
CA ASN B 594 -29.94 7.38 34.15
C ASN B 594 -28.68 6.51 34.13
N ILE B 595 -27.51 7.15 33.93
CA ILE B 595 -26.22 6.49 33.74
C ILE B 595 -25.59 5.97 35.02
N THR B 596 -26.06 6.41 36.18
CA THR B 596 -25.29 6.12 37.38
C THR B 596 -25.24 4.64 37.69
N GLY B 597 -26.30 3.92 37.35
CA GLY B 597 -26.35 2.49 37.63
C GLY B 597 -25.53 1.70 36.63
N LEU B 598 -25.04 2.38 35.60
CA LEU B 598 -24.25 1.77 34.55
C LEU B 598 -22.79 2.17 34.59
N LEU B 599 -22.35 2.87 35.64
CA LEU B 599 -20.96 3.31 35.67
C LEU B 599 -20.05 2.17 36.08
N GLY B 600 -18.83 2.21 35.55
CA GLY B 600 -17.84 1.19 35.87
C GLY B 600 -18.17 -0.09 35.09
N SER B 601 -18.89 0.06 33.99
CA SER B 601 -19.27 -1.07 33.16
C SER B 601 -19.31 -0.78 31.67
N CYS B 602 -19.02 -1.79 30.83
CA CYS B 602 -19.06 -1.69 29.37
C CYS B 602 -20.52 -1.69 28.95
N ILE B 603 -20.96 -0.60 28.35
CA ILE B 603 -22.33 -0.46 27.91
C ILE B 603 -22.41 0.08 26.51
N SER B 604 -23.57 -0.08 25.89
CA SER B 604 -23.83 0.59 24.63
C SER B 604 -24.36 1.97 24.94
N TYR B 605 -24.18 2.91 24.03
CA TYR B 605 -24.75 4.21 24.29
C TYR B 605 -25.14 4.95 23.02
N ASP B 606 -26.02 5.93 23.23
CA ASP B 606 -26.46 6.89 22.22
C ASP B 606 -26.62 8.23 22.90
N ILE B 607 -25.57 9.05 22.82
CA ILE B 607 -25.53 10.31 23.52
C ILE B 607 -25.48 11.46 22.53
N TYR B 608 -26.59 12.17 22.41
CA TYR B 608 -26.72 13.27 21.46
C TYR B 608 -26.30 12.87 20.06
N GLY B 609 -26.67 11.67 19.63
CA GLY B 609 -26.36 11.22 18.29
C GLY B 609 -25.06 10.42 18.17
N ILE B 610 -24.25 10.42 19.22
CA ILE B 610 -23.00 9.68 19.20
C ILE B 610 -23.21 8.29 19.74
N THR B 611 -22.91 7.28 18.94
CA THR B 611 -23.16 5.92 19.40
C THR B 611 -21.91 5.06 19.40
N GLY B 612 -21.99 3.99 20.17
CA GLY B 612 -20.94 3.00 20.25
C GLY B 612 -20.96 2.33 21.61
N THR B 613 -19.87 1.67 21.96
CA THR B 613 -19.78 1.03 23.26
C THR B 613 -18.61 1.64 24.01
N GLY B 614 -18.68 1.57 25.33
CA GLY B 614 -17.59 2.08 26.13
C GLY B 614 -17.88 2.00 27.61
N VAL B 615 -16.90 2.42 28.39
CA VAL B 615 -16.97 2.39 29.83
C VAL B 615 -16.98 3.81 30.35
N PHE B 616 -17.96 4.12 31.17
CA PHE B 616 -18.11 5.46 31.70
C PHE B 616 -17.68 5.52 33.16
N GLN B 617 -17.01 6.60 33.51
CA GLN B 617 -16.62 6.84 34.90
C GLN B 617 -16.94 8.28 35.28
N LEU B 618 -17.32 8.49 36.52
CA LEU B 618 -17.56 9.86 36.96
C LEU B 618 -16.20 10.54 37.19
N CYS B 619 -15.99 11.72 36.57
CA CYS B 619 -14.71 12.43 36.60
C CYS B 619 -14.88 13.91 36.93
N ASN B 620 -13.77 14.54 37.27
CA ASN B 620 -13.75 15.98 37.49
C ASN B 620 -13.71 16.71 36.15
N ALA B 621 -14.53 17.77 36.01
CA ALA B 621 -14.64 18.59 34.80
C ALA B 621 -13.36 19.40 34.58
N LYS B 628 -20.03 20.25 24.88
CA LYS B 628 -20.61 19.18 25.72
C LYS B 628 -19.83 17.86 25.59
N PHE B 629 -19.04 17.72 24.50
CA PHE B 629 -18.12 16.60 24.29
C PHE B 629 -16.69 17.06 24.40
N VAL B 630 -15.88 16.26 25.05
CA VAL B 630 -14.47 16.51 25.22
C VAL B 630 -13.69 15.62 24.27
N TYR B 631 -12.80 16.22 23.51
CA TYR B 631 -12.05 15.49 22.52
C TYR B 631 -10.55 15.53 22.77
N ASP B 632 -9.87 14.49 22.30
CA ASP B 632 -8.42 14.48 22.24
C ASP B 632 -8.01 15.09 20.89
N LYS B 633 -6.73 15.03 20.62
CA LYS B 633 -6.17 15.58 19.40
C LYS B 633 -6.36 14.70 18.19
N PHE B 634 -7.04 13.57 18.26
CA PHE B 634 -7.23 12.62 17.18
C PHE B 634 -8.72 12.43 16.93
N ASP B 635 -9.49 13.42 17.38
CA ASP B 635 -10.94 13.49 17.26
C ASP B 635 -11.69 12.35 17.95
N ASN B 636 -11.16 11.85 19.05
CA ASN B 636 -11.88 10.84 19.81
C ASN B 636 -12.59 11.49 20.97
N ILE B 637 -13.79 11.01 21.28
CA ILE B 637 -14.49 11.52 22.45
C ILE B 637 -14.00 10.78 23.67
N ILE B 638 -13.52 11.54 24.64
CA ILE B 638 -12.92 10.99 25.85
C ILE B 638 -13.68 11.39 27.10
N GLY B 639 -14.83 12.01 26.91
CA GLY B 639 -15.67 12.44 28.02
C GLY B 639 -16.79 13.33 27.53
N PHE B 640 -17.79 13.54 28.38
CA PHE B 640 -18.90 14.42 28.01
C PHE B 640 -19.58 15.00 29.25
N HIS B 641 -20.31 16.08 29.04
CA HIS B 641 -21.08 16.72 30.10
C HIS B 641 -22.54 16.36 29.87
N SER B 642 -23.10 15.59 30.78
CA SER B 642 -24.48 15.16 30.64
C SER B 642 -25.43 16.20 31.20
N ASP B 643 -26.72 16.03 30.97
CA ASP B 643 -27.69 17.02 31.44
C ASP B 643 -28.07 16.99 32.92
N ASP B 644 -27.47 16.10 33.70
CA ASP B 644 -27.74 16.09 35.12
C ASP B 644 -26.64 16.83 35.88
N GLY B 645 -25.70 17.40 35.11
CA GLY B 645 -24.61 18.20 35.66
C GLY B 645 -23.31 17.43 35.85
N ASN B 646 -23.37 16.11 35.78
CA ASN B 646 -22.18 15.30 35.97
C ASN B 646 -21.33 15.18 34.71
N TYR B 647 -20.02 15.23 34.92
CA TYR B 647 -19.07 15.01 33.84
C TYR B 647 -18.55 13.59 33.88
N TYR B 648 -18.54 12.92 32.73
CA TYR B 648 -18.06 11.56 32.68
C TYR B 648 -16.89 11.40 31.74
N CYS B 649 -15.97 10.48 32.08
CA CYS B 649 -14.87 10.05 31.22
C CYS B 649 -15.38 8.91 30.37
N VAL B 650 -14.90 8.83 29.15
CA VAL B 650 -15.29 7.73 28.27
C VAL B 650 -14.09 6.98 27.74
N ALA B 651 -14.11 5.68 27.93
CA ALA B 651 -13.06 4.81 27.41
C ALA B 651 -13.70 3.71 26.57
N PRO B 652 -13.00 3.13 25.61
CA PRO B 652 -13.39 1.93 24.92
C PRO B 652 -13.44 0.81 25.95
N CYS B 653 -14.21 -0.26 25.65
CA CYS B 653 -14.32 -1.43 26.52
C CYS B 653 -13.01 -2.22 26.47
N VAL B 654 -12.20 -1.90 25.49
CA VAL B 654 -10.85 -2.44 25.33
C VAL B 654 -9.86 -1.30 25.49
N SER B 655 -9.42 -1.06 26.72
CA SER B 655 -8.55 0.07 27.00
C SER B 655 -7.26 -0.34 27.69
N VAL B 656 -7.25 -1.54 28.27
CA VAL B 656 -6.07 -2.03 28.96
C VAL B 656 -5.24 -2.90 28.03
N PRO B 657 -3.96 -2.60 27.85
CA PRO B 657 -3.04 -3.29 26.98
C PRO B 657 -2.58 -4.60 27.58
N VAL B 658 -3.47 -5.57 27.55
CA VAL B 658 -3.23 -6.90 28.08
C VAL B 658 -2.31 -7.72 27.17
N SER B 659 -1.33 -8.38 27.79
CA SER B 659 -0.42 -9.28 27.09
C SER B 659 -0.27 -10.57 27.89
N VAL B 660 0.06 -11.65 27.20
CA VAL B 660 0.16 -12.95 27.81
C VAL B 660 1.55 -13.54 27.72
N ILE B 661 2.02 -14.00 28.86
CA ILE B 661 3.31 -14.65 29.00
C ILE B 661 3.07 -16.13 28.88
N TYR B 662 3.68 -16.77 27.91
CA TYR B 662 3.41 -18.18 27.69
C TYR B 662 4.66 -19.05 27.57
N ASP B 663 4.64 -20.16 28.29
CA ASP B 663 5.70 -21.18 28.23
C ASP B 663 5.20 -22.45 27.57
N ASP B 664 5.70 -22.74 26.37
CA ASP B 664 5.20 -23.88 25.59
C ASP B 664 5.74 -25.23 26.03
N ASN B 665 6.53 -25.33 27.05
CA ASN B 665 7.05 -26.58 27.58
C ASN B 665 6.13 -27.05 28.68
N THR B 666 5.56 -26.13 29.38
CA THR B 666 4.70 -26.46 30.50
C THR B 666 3.25 -26.11 30.18
N ASN B 667 3.06 -25.35 29.12
CA ASN B 667 1.76 -24.83 28.72
C ASN B 667 1.19 -23.98 29.84
N GLN B 668 2.06 -23.21 30.47
CA GLN B 668 1.66 -22.32 31.56
C GLN B 668 1.60 -20.91 31.05
N TYR B 669 0.73 -20.11 31.65
CA TYR B 669 0.62 -18.74 31.22
C TYR B 669 0.33 -17.79 32.36
N ALA B 670 0.64 -16.52 32.14
CA ALA B 670 0.39 -15.45 33.09
C ALA B 670 0.07 -14.17 32.34
N THR B 671 -0.57 -13.23 33.01
CA THR B 671 -0.99 -12.01 32.32
C THR B 671 -0.34 -10.73 32.83
N LEU B 672 0.05 -9.90 31.88
CA LEU B 672 0.53 -8.56 32.17
C LEU B 672 -0.48 -7.53 31.68
N PHE B 673 -0.81 -6.59 32.55
CA PHE B 673 -1.70 -5.50 32.22
C PHE B 673 -0.81 -4.27 32.14
N GLY B 674 -0.27 -4.03 30.96
CA GLY B 674 0.83 -3.10 30.87
C GLY B 674 0.47 -1.70 31.28
N SER B 675 1.35 -1.07 32.04
CA SER B 675 1.21 0.33 32.48
C SER B 675 0.04 0.62 33.42
N VAL B 676 -0.63 -0.42 33.92
CA VAL B 676 -1.83 -0.21 34.74
C VAL B 676 -1.46 -0.51 36.18
N ALA B 677 -1.86 0.36 37.10
CA ALA B 677 -1.71 0.08 38.52
C ALA B 677 -2.71 -1.03 38.91
N CYS B 678 -2.29 -1.97 39.76
CA CYS B 678 -3.08 -3.14 40.17
C CYS B 678 -4.35 -2.76 40.90
N GLN B 679 -4.52 -1.58 41.42
CA GLN B 679 -5.77 -1.21 42.08
C GLN B 679 -6.87 -1.11 41.10
N HIS B 680 -6.54 -0.68 39.93
CA HIS B 680 -7.59 -0.40 38.97
C HIS B 680 -8.06 -1.69 38.26
N ILE B 681 -7.29 -2.76 38.41
CA ILE B 681 -7.61 -4.00 37.70
C ILE B 681 -8.90 -4.62 38.19
N SER B 682 -9.16 -4.61 39.50
CA SER B 682 -10.39 -5.25 39.99
C SER B 682 -11.63 -4.64 39.36
N THR B 683 -11.63 -3.33 39.24
CA THR B 683 -12.75 -2.59 38.68
C THR B 683 -13.01 -2.81 37.20
N MET B 684 -12.02 -3.32 36.48
CA MET B 684 -12.15 -3.52 35.05
C MET B 684 -12.33 -5.00 34.73
N ALA B 685 -12.54 -5.82 35.76
CA ALA B 685 -12.60 -7.26 35.63
C ALA B 685 -13.63 -7.71 34.60
N ALA B 686 -14.73 -6.99 34.51
CA ALA B 686 -15.83 -7.36 33.63
C ALA B 686 -15.46 -7.40 32.15
N GLN B 687 -14.37 -6.73 31.75
CA GLN B 687 -13.99 -6.71 30.34
C GLN B 687 -12.91 -7.71 30.00
N PHE B 688 -12.42 -8.45 30.98
CA PHE B 688 -11.35 -9.40 30.72
C PHE B 688 -11.95 -10.77 30.44
N SER B 689 -11.10 -11.76 30.16
CA SER B 689 -11.60 -13.09 29.80
C SER B 689 -12.41 -13.66 30.95
N ARG B 690 -13.25 -14.66 30.67
CA ARG B 690 -14.14 -15.16 31.71
C ARG B 690 -13.39 -15.66 32.95
N GLU B 691 -12.32 -16.37 32.72
CA GLU B 691 -11.45 -16.88 33.79
C GLU B 691 -10.65 -15.82 34.49
N THR B 692 -10.35 -14.71 33.87
CA THR B 692 -9.69 -13.57 34.50
C THR B 692 -10.70 -12.84 35.37
N ARG B 693 -11.90 -12.65 34.84
CA ARG B 693 -12.95 -11.96 35.54
C ARG B 693 -13.27 -12.68 36.84
N ALA B 694 -13.40 -14.00 36.76
CA ALA B 694 -13.72 -14.78 37.95
C ALA B 694 -12.61 -14.69 38.99
N SER B 695 -11.36 -14.72 38.53
CA SER B 695 -10.20 -14.69 39.43
C SER B 695 -10.07 -13.34 40.12
N LEU B 696 -10.51 -12.28 39.45
CA LEU B 696 -10.52 -10.95 40.03
C LEU B 696 -11.76 -10.64 40.89
N VAL B 697 -12.70 -11.60 40.99
CA VAL B 697 -13.96 -11.47 41.73
C VAL B 697 -14.06 -12.69 42.64
N ASN B 703 -1.74 -13.05 44.02
CA ASN B 703 -2.83 -12.42 43.23
C ASN B 703 -2.18 -11.49 42.21
N LEU B 704 -2.12 -10.20 42.46
CA LEU B 704 -1.56 -9.18 41.57
C LEU B 704 -0.28 -8.56 42.13
N LEU B 705 0.76 -8.48 41.30
CA LEU B 705 1.99 -7.81 41.69
C LEU B 705 2.17 -6.56 40.88
N GLN B 706 2.64 -5.49 41.49
CA GLN B 706 2.90 -4.28 40.73
C GLN B 706 4.34 -4.30 40.26
N THR B 707 4.56 -4.13 38.97
CA THR B 707 5.91 -4.12 38.43
C THR B 707 6.09 -2.78 37.73
N SER B 708 7.31 -2.51 37.28
CA SER B 708 7.66 -1.26 36.60
C SER B 708 7.19 -1.22 35.15
N VAL B 709 6.53 -2.27 34.70
CA VAL B 709 6.02 -2.33 33.34
C VAL B 709 4.51 -2.50 33.36
N GLY B 710 3.90 -2.52 34.54
CA GLY B 710 2.47 -2.76 34.65
C GLY B 710 2.14 -3.76 35.75
N CYS B 711 0.90 -4.21 35.79
CA CYS B 711 0.41 -5.13 36.82
C CYS B 711 0.46 -6.57 36.31
N VAL B 712 0.98 -7.49 37.11
CA VAL B 712 1.03 -8.86 36.63
C VAL B 712 0.23 -9.81 37.50
N MET B 713 -0.48 -10.70 36.83
CA MET B 713 -1.32 -11.70 37.43
C MET B 713 -0.79 -13.09 37.13
N GLY B 714 -0.57 -13.90 38.16
CA GLY B 714 -0.04 -15.24 37.94
C GLY B 714 1.47 -15.32 38.13
N PHE B 715 2.01 -14.37 38.89
CA PHE B 715 3.43 -14.31 39.21
C PHE B 715 3.67 -14.31 40.71
N HIS B 716 4.84 -14.79 41.10
CA HIS B 716 5.29 -14.68 42.49
C HIS B 716 6.63 -13.96 42.53
N GLU B 717 6.92 -13.31 43.62
CA GLU B 717 8.17 -12.58 43.73
C GLU B 717 9.33 -13.53 43.94
N THR B 718 10.46 -13.22 43.29
CA THR B 718 11.66 -14.07 43.38
C THR B 718 12.90 -13.20 43.16
N ASN B 719 14.02 -13.55 43.79
CA ASN B 719 15.28 -12.78 43.62
C ASN B 719 16.14 -13.49 42.57
N ASP B 720 15.56 -14.46 41.86
CA ASP B 720 16.32 -15.22 40.83
C ASP B 720 16.50 -14.36 39.58
N THR B 721 17.61 -14.55 38.86
CA THR B 721 17.86 -13.81 37.65
C THR B 721 17.94 -14.74 36.46
N VAL B 722 17.85 -14.16 35.27
CA VAL B 722 17.83 -14.91 34.04
C VAL B 722 18.99 -14.60 33.12
N GLU B 723 19.62 -15.63 32.61
CA GLU B 723 20.72 -15.49 31.65
C GLU B 723 20.14 -15.26 30.24
N ASP B 724 19.66 -16.32 29.60
CA ASP B 724 18.95 -16.17 28.33
C ASP B 724 17.48 -15.94 28.62
N CYS B 725 17.00 -14.70 28.40
CA CYS B 725 15.65 -14.28 28.77
C CYS B 725 14.69 -14.27 27.58
N ASN B 726 13.99 -15.39 27.38
CA ASN B 726 13.06 -15.52 26.27
C ASN B 726 11.66 -15.05 26.64
N LEU B 727 11.47 -14.65 27.89
CA LEU B 727 10.19 -14.14 28.34
C LEU B 727 10.37 -12.79 28.99
N SER B 728 11.02 -11.88 28.28
CA SER B 728 11.27 -10.57 28.86
C SER B 728 9.98 -9.79 28.97
N LEU B 729 9.79 -9.13 30.10
CA LEU B 729 8.62 -8.30 30.32
C LEU B 729 8.99 -6.87 29.98
N GLY B 730 10.26 -6.55 30.15
CA GLY B 730 10.80 -5.22 29.86
C GLY B 730 11.39 -4.59 31.10
N GLN B 731 12.23 -3.59 30.89
CA GLN B 731 12.90 -2.89 31.98
C GLN B 731 13.66 -3.85 32.88
N SER B 732 14.39 -4.78 32.26
CA SER B 732 15.22 -5.77 32.94
C SER B 732 14.40 -6.77 33.75
N LEU B 733 13.10 -6.85 33.52
CA LEU B 733 12.27 -7.86 34.15
C LEU B 733 12.11 -9.06 33.23
N CYS B 734 12.19 -10.28 33.79
CA CYS B 734 12.03 -11.54 33.07
C CYS B 734 11.10 -12.48 33.80
N ALA B 735 10.25 -13.17 33.06
CA ALA B 735 9.40 -14.18 33.65
C ALA B 735 10.17 -15.48 33.73
N ILE B 736 10.09 -16.15 34.85
CA ILE B 736 10.75 -17.42 35.04
C ILE B 736 9.71 -18.54 35.09
N PRO B 737 9.65 -19.41 34.10
CA PRO B 737 8.66 -20.45 33.96
C PRO B 737 8.57 -21.35 35.18
N PRO B 738 7.39 -21.89 35.50
CA PRO B 738 7.14 -22.89 36.50
C PRO B 738 7.80 -24.20 36.13
N ASN B 739 8.04 -25.05 37.11
CA ASN B 739 8.61 -26.37 36.82
C ASN B 739 7.51 -27.43 36.75
N THR B 740 6.27 -26.99 36.83
CA THR B 740 5.12 -27.89 36.80
C THR B 740 4.28 -27.70 35.55
N ASN B 741 3.96 -28.82 34.89
CA ASN B 741 3.14 -28.81 33.69
C ASN B 741 1.68 -28.51 34.03
N LEU B 742 1.00 -27.80 33.12
CA LEU B 742 -0.40 -27.43 33.29
C LEU B 742 -1.30 -28.62 33.56
N ARG B 743 -0.92 -29.79 33.05
CA ARG B 743 -1.73 -31.00 33.25
C ARG B 743 -1.92 -31.28 34.73
N VAL B 744 -0.94 -30.93 35.55
CA VAL B 744 -1.03 -31.10 36.99
C VAL B 744 -1.92 -29.99 37.54
N GLY B 745 -1.67 -28.78 37.06
CA GLY B 745 -2.47 -27.62 37.45
C GLY B 745 -1.75 -26.32 37.12
N ARG B 746 -2.45 -25.19 37.26
CA ARG B 746 -1.82 -23.91 37.01
C ARG B 746 -0.87 -23.57 38.13
N SER B 747 0.18 -22.88 37.76
CA SER B 747 1.16 -22.41 38.73
C SER B 747 1.67 -21.06 38.28
N THR B 748 2.34 -20.35 39.17
CA THR B 748 2.80 -19.01 38.87
C THR B 748 4.21 -18.95 38.33
N PHE B 749 4.50 -17.87 37.62
CA PHE B 749 5.82 -17.59 37.08
C PHE B 749 6.60 -16.78 38.07
N GLY B 750 7.90 -17.00 38.12
CA GLY B 750 8.69 -16.14 38.97
C GLY B 750 8.81 -14.80 38.31
N LEU B 751 8.70 -13.74 39.09
CA LEU B 751 8.94 -12.41 38.58
C LEU B 751 10.37 -12.03 38.91
N GLY B 752 11.28 -12.36 38.01
CA GLY B 752 12.68 -12.18 38.27
C GLY B 752 13.25 -11.08 37.40
N SER B 753 14.54 -11.13 37.19
CA SER B 753 15.17 -10.08 36.42
C SER B 753 16.28 -10.59 35.54
N LEU B 754 16.63 -9.79 34.55
CA LEU B 754 17.72 -10.10 33.64
C LEU B 754 19.02 -10.00 34.43
N ALA B 755 19.86 -11.02 34.32
CA ALA B 755 21.10 -11.06 35.08
C ALA B 755 22.12 -10.07 34.56
N TYR B 756 22.84 -9.44 35.49
CA TYR B 756 23.96 -8.61 35.10
C TYR B 756 25.19 -9.35 35.56
N ASN B 757 25.91 -9.92 34.61
CA ASN B 757 27.10 -10.68 34.97
C ASN B 757 28.26 -9.70 34.92
N SER B 758 28.61 -9.22 36.11
CA SER B 758 29.57 -8.14 36.23
C SER B 758 30.97 -8.65 35.85
N PRO B 759 31.89 -7.74 35.47
CA PRO B 759 33.28 -7.99 35.15
C PRO B 759 34.12 -8.26 36.38
N LEU B 760 35.27 -8.88 36.18
CA LEU B 760 36.19 -9.04 37.29
C LEU B 760 36.73 -7.67 37.68
N ARG B 761 36.83 -7.41 38.97
CA ARG B 761 37.31 -6.12 39.44
C ARG B 761 38.77 -6.17 39.82
N VAL B 762 39.60 -5.53 39.00
CA VAL B 762 41.05 -5.51 39.19
C VAL B 762 41.33 -4.06 39.54
N ASP B 763 41.86 -3.80 40.73
CA ASP B 763 42.03 -2.42 41.19
C ASP B 763 43.41 -1.86 40.89
N ALA B 764 43.45 -0.59 40.61
CA ALA B 764 44.75 -0.02 40.28
C ALA B 764 45.60 0.31 41.49
N LEU B 765 46.91 0.38 41.29
CA LEU B 765 47.82 0.70 42.38
C LEU B 765 48.25 2.15 42.30
N ASN B 766 48.44 2.78 43.45
CA ASN B 766 48.96 4.15 43.47
C ASN B 766 50.48 4.02 43.42
N SER B 767 50.94 3.32 42.39
CA SER B 767 52.31 2.97 42.15
C SER B 767 52.87 3.29 40.79
N SER B 768 54.17 3.03 40.56
CA SER B 768 54.81 3.20 39.24
C SER B 768 54.66 1.82 38.60
N GLU B 769 54.05 0.91 39.35
CA GLU B 769 53.77 -0.47 38.96
C GLU B 769 52.27 -0.63 38.79
N PHE B 770 51.84 -1.69 38.13
CA PHE B 770 50.40 -1.91 37.99
C PHE B 770 50.02 -3.37 38.08
N LYS B 771 48.79 -3.64 38.40
CA LYS B 771 48.33 -5.02 38.43
C LYS B 771 47.92 -5.43 37.04
N VAL B 772 48.19 -6.65 36.72
CA VAL B 772 47.72 -7.22 35.49
C VAL B 772 47.11 -8.59 35.75
N SER B 773 45.94 -8.83 35.18
CA SER B 773 45.29 -10.12 35.30
C SER B 773 45.63 -10.98 34.09
N LEU B 774 46.30 -12.09 34.35
CA LEU B 774 46.76 -12.99 33.30
C LEU B 774 46.04 -14.33 33.46
N PRO B 775 45.76 -15.05 32.37
CA PRO B 775 45.23 -16.40 32.39
C PRO B 775 46.17 -17.43 33.01
N LEU B 776 45.62 -18.31 33.85
CA LEU B 776 46.42 -19.43 34.41
C LEU B 776 46.03 -20.67 33.60
N ASN B 777 44.77 -20.73 33.16
CA ASN B 777 44.27 -21.88 32.37
C ASN B 777 43.51 -21.30 31.18
N PHE B 778 42.95 -22.15 30.31
CA PHE B 778 42.13 -21.59 29.20
C PHE B 778 41.35 -22.67 28.46
N THR B 779 40.25 -22.28 27.80
CA THR B 779 39.50 -23.19 26.96
C THR B 779 39.36 -22.58 25.59
N PHE B 780 38.93 -23.37 24.63
CA PHE B 780 38.57 -22.84 23.34
C PHE B 780 37.07 -22.83 23.27
N GLY B 781 36.53 -21.85 22.59
CA GLY B 781 35.08 -21.80 22.42
C GLY B 781 34.76 -21.46 21.00
N VAL B 782 33.57 -21.81 20.57
CA VAL B 782 33.19 -21.52 19.20
C VAL B 782 32.02 -20.57 19.17
N THR B 783 32.22 -19.43 18.54
CA THR B 783 31.13 -18.50 18.37
C THR B 783 30.51 -18.84 17.05
N GLN B 784 29.25 -19.24 17.08
CA GLN B 784 28.58 -19.64 15.87
C GLN B 784 27.78 -18.46 15.35
N GLU B 785 27.80 -18.28 14.04
CA GLU B 785 27.09 -17.17 13.46
C GLU B 785 26.48 -17.50 12.12
N TYR B 786 25.25 -17.09 11.93
CA TYR B 786 24.62 -17.29 10.63
C TYR B 786 24.38 -15.97 9.93
N ILE B 787 24.83 -15.88 8.69
CA ILE B 787 24.59 -14.70 7.89
C ILE B 787 23.77 -15.05 6.66
N GLU B 788 22.61 -14.41 6.53
CA GLU B 788 21.75 -14.63 5.39
C GLU B 788 22.26 -13.75 4.27
N THR B 789 22.62 -14.32 3.13
CA THR B 789 23.24 -13.51 2.09
C THR B 789 22.36 -13.26 0.88
N SER B 790 21.25 -13.96 0.79
CA SER B 790 20.33 -13.80 -0.31
C SER B 790 18.96 -14.25 0.14
N ILE B 791 17.94 -13.88 -0.61
CA ILE B 791 16.60 -14.32 -0.27
C ILE B 791 16.02 -15.15 -1.38
N GLN B 792 14.93 -15.86 -1.09
CA GLN B 792 14.33 -16.69 -2.11
C GLN B 792 13.86 -15.83 -3.27
N LYS B 793 14.24 -16.24 -4.48
CA LYS B 793 13.90 -15.56 -5.72
C LYS B 793 12.57 -16.02 -6.23
N ILE B 794 11.66 -15.08 -6.44
CA ILE B 794 10.31 -15.40 -6.87
C ILE B 794 9.93 -14.63 -8.12
N THR B 795 9.25 -15.30 -9.03
CA THR B 795 8.67 -14.63 -10.18
C THR B 795 7.18 -14.87 -10.10
N VAL B 796 6.40 -13.95 -10.63
CA VAL B 796 4.96 -14.12 -10.55
C VAL B 796 4.29 -13.92 -11.89
N ASP B 797 3.39 -14.83 -12.24
CA ASP B 797 2.61 -14.62 -13.43
C ASP B 797 1.47 -13.74 -13.02
N CYS B 798 1.67 -12.42 -13.06
CA CYS B 798 0.78 -11.40 -12.61
C CYS B 798 -0.60 -11.52 -13.29
N LYS B 799 -0.60 -11.68 -14.60
CA LYS B 799 -1.88 -11.75 -15.28
C LYS B 799 -2.70 -12.91 -14.75
N GLN B 800 -2.07 -14.08 -14.58
CA GLN B 800 -2.77 -15.24 -14.03
C GLN B 800 -3.14 -15.05 -12.57
N TYR B 801 -2.25 -14.47 -11.79
CA TYR B 801 -2.49 -14.25 -10.39
C TYR B 801 -3.73 -13.41 -10.16
N VAL B 802 -3.84 -12.33 -10.92
CA VAL B 802 -4.95 -11.41 -10.76
C VAL B 802 -6.28 -11.88 -11.38
N CYS B 803 -6.24 -12.36 -12.65
CA CYS B 803 -7.49 -12.64 -13.40
C CYS B 803 -7.83 -14.13 -13.53
N ASN B 804 -6.90 -15.03 -13.22
CA ASN B 804 -7.21 -16.45 -13.27
C ASN B 804 -7.90 -16.91 -14.54
N GLY B 805 -7.47 -16.42 -15.71
CA GLY B 805 -8.02 -16.88 -16.98
C GLY B 805 -9.31 -16.19 -17.44
N PHE B 806 -9.80 -15.20 -16.69
CA PHE B 806 -11.04 -14.54 -17.06
C PHE B 806 -10.83 -13.32 -17.94
N ALA B 807 -11.41 -13.35 -19.14
CA ALA B 807 -11.24 -12.29 -20.13
C ALA B 807 -11.79 -10.94 -19.65
N LYS B 808 -12.89 -10.93 -18.91
CA LYS B 808 -13.44 -9.63 -18.49
C LYS B 808 -12.51 -8.92 -17.54
N CYS B 809 -11.89 -9.65 -16.60
CA CYS B 809 -10.89 -9.12 -15.68
C CYS B 809 -9.68 -8.60 -16.45
N GLU B 810 -9.22 -9.38 -17.43
CA GLU B 810 -8.06 -8.98 -18.18
C GLU B 810 -8.28 -7.64 -18.86
N LYS B 811 -9.51 -7.38 -19.32
CA LYS B 811 -9.84 -6.09 -19.93
C LYS B 811 -9.91 -4.98 -18.88
N LEU B 812 -10.52 -5.25 -17.74
CA LEU B 812 -10.64 -4.25 -16.68
C LEU B 812 -9.28 -3.88 -16.13
N LEU B 813 -8.38 -4.85 -16.11
CA LEU B 813 -7.03 -4.68 -15.63
C LEU B 813 -6.23 -3.64 -16.42
N GLU B 814 -6.66 -3.35 -17.66
CA GLU B 814 -5.97 -2.37 -18.49
C GLU B 814 -6.11 -0.98 -17.91
N GLN B 815 -7.05 -0.76 -17.00
CA GLN B 815 -7.40 0.54 -16.35
C GLN B 815 -6.49 0.81 -15.19
N TYR B 816 -5.57 -0.08 -15.03
CA TYR B 816 -4.55 0.16 -14.03
C TYR B 816 -3.19 0.35 -14.70
N GLY B 817 -3.22 0.50 -16.02
CA GLY B 817 -2.01 0.73 -16.80
C GLY B 817 -1.26 -0.57 -16.98
N GLN B 818 0.02 -0.47 -17.32
CA GLN B 818 0.80 -1.68 -17.55
C GLN B 818 1.30 -2.22 -16.22
N PHE B 819 0.37 -2.59 -15.38
CA PHE B 819 0.66 -3.03 -14.02
C PHE B 819 1.54 -4.27 -13.98
N CYS B 820 1.17 -5.30 -14.75
CA CYS B 820 1.86 -6.58 -14.75
C CYS B 820 3.24 -6.47 -15.37
N SER B 821 3.40 -5.56 -16.32
CA SER B 821 4.71 -5.40 -16.92
C SER B 821 5.65 -4.87 -15.86
N LYS B 822 5.17 -3.93 -15.04
CA LYS B 822 5.97 -3.35 -13.98
C LYS B 822 6.32 -4.38 -12.91
N ILE B 823 5.37 -5.26 -12.56
CA ILE B 823 5.65 -6.30 -11.58
C ILE B 823 6.70 -7.26 -12.11
N ASN B 824 6.57 -7.64 -13.38
CA ASN B 824 7.51 -8.56 -13.98
C ASN B 824 8.91 -8.00 -14.02
N GLN B 825 9.07 -6.74 -14.14
CA GLN B 825 10.36 -6.12 -14.27
C GLN B 825 10.94 -5.85 -12.92
N ALA B 826 10.09 -5.57 -12.00
CA ALA B 826 10.55 -5.37 -10.64
C ALA B 826 11.08 -6.66 -10.04
N LEU B 827 10.38 -7.76 -10.29
CA LEU B 827 10.81 -9.04 -9.76
C LEU B 827 12.03 -9.53 -10.51
N HIS B 828 12.09 -9.28 -11.81
CA HIS B 828 13.24 -9.70 -12.59
C HIS B 828 14.49 -9.02 -12.03
N GLY B 829 14.39 -7.71 -11.81
CA GLY B 829 15.49 -6.94 -11.28
C GLY B 829 15.93 -7.46 -9.92
N ALA B 830 14.97 -7.67 -9.02
CA ALA B 830 15.31 -8.14 -7.69
C ALA B 830 16.00 -9.49 -7.73
N ASN B 831 15.56 -10.36 -8.64
CA ASN B 831 16.12 -11.69 -8.74
C ASN B 831 17.55 -11.63 -9.30
N LEU B 832 17.81 -10.69 -10.20
CA LEU B 832 19.16 -10.53 -10.73
C LEU B 832 20.10 -10.08 -9.63
N ARG B 833 19.61 -9.24 -8.73
CA ARG B 833 20.43 -8.76 -7.63
C ARG B 833 20.82 -9.90 -6.72
N GLN B 834 19.91 -10.85 -6.50
CA GLN B 834 20.24 -11.96 -5.62
C GLN B 834 21.35 -12.79 -6.21
N ASP B 835 21.36 -12.93 -7.54
CA ASP B 835 22.43 -13.68 -8.18
C ASP B 835 23.75 -12.93 -8.10
N ASP B 836 23.70 -11.61 -8.17
CA ASP B 836 24.93 -10.82 -8.02
C ASP B 836 25.48 -10.92 -6.60
N PHE B 837 24.60 -11.02 -5.61
CA PHE B 837 25.07 -11.16 -4.23
C PHE B 837 25.86 -12.45 -4.13
N VAL B 838 25.37 -13.50 -4.77
CA VAL B 838 26.05 -14.79 -4.79
C VAL B 838 27.37 -14.73 -5.56
N ARG B 839 27.36 -14.10 -6.74
CA ARG B 839 28.59 -14.02 -7.52
C ARG B 839 29.68 -13.28 -6.75
N ASN B 840 29.43 -12.13 -6.24
CA ASN B 840 30.38 -11.42 -5.39
C ASN B 840 30.72 -12.18 -4.10
N LEU B 841 29.81 -12.83 -3.40
CA LEU B 841 30.13 -13.53 -2.18
C LEU B 841 31.15 -14.60 -2.44
N PHE B 842 30.97 -15.32 -3.53
CA PHE B 842 31.88 -16.41 -3.82
C PHE B 842 33.15 -15.95 -4.51
N GLU B 843 33.28 -14.66 -4.75
CA GLU B 843 34.51 -14.12 -5.28
C GLU B 843 35.46 -14.01 -4.09
N SER B 844 34.86 -13.70 -2.94
CA SER B 844 35.60 -13.64 -1.68
C SER B 844 35.94 -15.03 -1.16
N VAL B 845 35.02 -15.97 -1.34
CA VAL B 845 35.26 -17.35 -0.90
C VAL B 845 36.35 -18.01 -1.75
N LYS B 846 36.47 -17.60 -3.00
CA LYS B 846 37.36 -18.20 -4.00
C LYS B 846 38.78 -17.94 -3.63
N THR B 847 39.56 -19.04 -3.66
CA THR B 847 40.96 -18.92 -3.31
C THR B 847 41.81 -19.07 -4.58
N PRO B 848 42.89 -18.29 -4.73
CA PRO B 848 43.94 -18.45 -5.72
C PRO B 848 44.62 -19.82 -5.68
N GLN B 849 45.00 -20.22 -4.47
CA GLN B 849 45.75 -21.45 -4.25
C GLN B 849 45.22 -22.17 -3.03
N THR B 850 45.32 -23.49 -3.03
CA THR B 850 44.90 -24.30 -1.90
C THR B 850 45.79 -25.51 -1.71
N VAL B 851 45.76 -26.12 -0.53
CA VAL B 851 46.39 -27.41 -0.37
C VAL B 851 45.26 -28.44 -0.31
N PRO B 852 45.24 -29.45 -1.21
CA PRO B 852 44.19 -30.43 -1.33
C PRO B 852 43.87 -31.10 -0.01
N LEU B 853 42.59 -31.29 0.26
CA LEU B 853 42.17 -31.90 1.51
C LEU B 853 42.29 -33.41 1.44
N THR B 854 42.84 -33.96 2.49
CA THR B 854 42.98 -35.39 2.68
C THR B 854 42.50 -35.67 4.08
N THR B 855 42.29 -36.91 4.44
CA THR B 855 41.92 -37.18 5.81
C THR B 855 43.14 -36.92 6.67
N GLY B 856 42.93 -36.49 7.91
CA GLY B 856 44.05 -36.19 8.78
C GLY B 856 44.60 -34.79 8.50
N PHE B 857 43.82 -34.00 7.77
CA PHE B 857 44.16 -32.64 7.37
C PHE B 857 44.60 -31.77 8.55
N GLY B 858 43.89 -31.88 9.65
CA GLY B 858 44.16 -31.04 10.81
C GLY B 858 45.31 -31.56 11.67
N GLY B 859 45.87 -32.72 11.33
CA GLY B 859 46.93 -33.31 12.14
C GLY B 859 46.38 -33.68 13.50
N GLU B 860 46.97 -33.12 14.54
CA GLU B 860 46.55 -33.36 15.93
C GLU B 860 45.17 -32.77 16.19
N PHE B 861 44.77 -31.84 15.34
CA PHE B 861 43.49 -31.17 15.44
C PHE B 861 42.48 -31.89 14.56
N ASN B 862 41.34 -32.27 15.14
CA ASN B 862 40.30 -33.03 14.46
C ASN B 862 39.32 -32.11 13.70
N LEU B 863 39.50 -32.06 12.37
CA LEU B 863 38.69 -31.24 11.46
C LEU B 863 37.81 -32.14 10.58
N THR B 864 37.57 -33.36 11.03
CA THR B 864 36.80 -34.34 10.27
C THR B 864 35.41 -33.83 9.94
N LEU B 865 34.80 -33.14 10.88
CA LEU B 865 33.47 -32.61 10.73
C LEU B 865 33.38 -31.51 9.65
N LEU B 866 34.53 -30.94 9.29
CA LEU B 866 34.60 -29.86 8.30
C LEU B 866 35.00 -30.35 6.91
N GLU B 867 35.80 -31.41 6.83
CA GLU B 867 36.24 -31.89 5.53
C GLU B 867 35.04 -32.52 4.78
N PRO B 868 35.01 -32.51 3.44
CA PRO B 868 34.01 -33.12 2.60
C PRO B 868 33.87 -34.61 2.85
N LEU B 869 32.65 -35.11 2.75
CA LEU B 869 32.41 -36.55 2.93
C LEU B 869 33.13 -37.35 1.85
N SER B 870 33.26 -36.77 0.66
CA SER B 870 33.97 -37.38 -0.45
C SER B 870 35.47 -37.55 -0.19
N VAL B 871 36.00 -36.82 0.81
CA VAL B 871 37.39 -36.99 1.21
C VAL B 871 37.50 -38.16 2.21
N SER B 872 36.60 -38.17 3.21
CA SER B 872 36.53 -39.20 4.26
C SER B 872 35.43 -40.19 3.91
N ASN B 877 29.26 -36.81 -2.16
CA ASN B 877 29.14 -35.54 -1.38
C ASN B 877 30.40 -34.69 -1.42
N ALA B 878 30.28 -33.49 -1.83
CA ALA B 878 31.17 -32.33 -1.75
C ALA B 878 30.99 -31.59 -0.44
N ARG B 879 29.90 -31.88 0.26
CA ARG B 879 29.58 -31.20 1.51
C ARG B 879 30.20 -31.91 2.69
N SER B 880 30.51 -31.14 3.73
CA SER B 880 31.08 -31.64 4.98
C SER B 880 30.03 -32.30 5.86
N ALA B 881 30.47 -32.98 6.91
CA ALA B 881 29.52 -33.59 7.83
C ALA B 881 28.67 -32.54 8.54
N LEU B 882 29.28 -31.43 9.00
CA LEU B 882 28.46 -30.39 9.62
C LEU B 882 27.51 -29.77 8.63
N GLU B 883 27.85 -29.61 7.39
CA GLU B 883 26.94 -28.93 6.48
C GLU B 883 25.83 -29.86 6.10
N GLU B 884 26.08 -31.12 6.03
CA GLU B 884 24.93 -32.01 5.83
C GLU B 884 24.04 -32.01 7.06
N LEU B 885 24.65 -31.98 8.24
CA LEU B 885 23.92 -32.02 9.50
C LEU B 885 23.05 -30.78 9.66
N LEU B 886 23.59 -29.62 9.28
CA LEU B 886 22.87 -28.36 9.35
C LEU B 886 21.67 -28.39 8.43
N PHE B 887 21.87 -28.86 7.20
CA PHE B 887 20.77 -28.91 6.24
C PHE B 887 19.72 -29.95 6.61
N ASP B 888 20.07 -30.98 7.34
CA ASP B 888 19.13 -32.03 7.74
C ASP B 888 18.38 -31.66 8.99
N LYS B 889 18.80 -30.75 9.77
CA LYS B 889 18.13 -30.32 11.00
C LYS B 889 17.35 -29.02 10.78
N VAL B 890 17.55 -28.30 9.70
CA VAL B 890 16.70 -27.16 9.37
C VAL B 890 15.55 -27.66 8.51
N THR B 891 14.32 -27.32 8.87
CA THR B 891 13.19 -27.84 8.12
C THR B 891 12.87 -26.96 6.93
N ILE B 892 13.08 -27.51 5.74
CA ILE B 892 12.91 -26.80 4.49
C ILE B 892 12.02 -27.60 3.55
N ALA B 893 11.00 -26.97 2.99
CA ALA B 893 10.17 -27.65 2.00
C ALA B 893 11.01 -27.86 0.74
N ASP B 894 10.85 -29.00 0.07
CA ASP B 894 11.58 -29.27 -1.16
C ASP B 894 10.94 -28.52 -2.34
N PRO B 895 11.62 -27.52 -2.93
CA PRO B 895 11.13 -26.67 -4.01
C PRO B 895 10.71 -27.45 -5.24
N GLY B 896 11.24 -28.66 -5.41
CA GLY B 896 10.87 -29.45 -6.57
C GLY B 896 11.44 -28.85 -7.85
N TYR B 897 12.67 -28.35 -7.82
CA TYR B 897 13.25 -27.69 -8.99
C TYR B 897 13.23 -28.63 -10.19
N MET B 898 13.50 -29.92 -9.97
CA MET B 898 13.61 -30.86 -11.11
C MET B 898 12.22 -31.18 -11.67
N GLN B 899 11.64 -32.33 -11.29
CA GLN B 899 10.26 -32.67 -11.72
C GLN B 899 9.32 -32.48 -10.51
N GLY B 900 9.05 -31.23 -10.14
CA GLY B 900 8.25 -30.96 -8.95
C GLY B 900 6.78 -30.83 -9.32
N TYR B 901 6.54 -30.38 -10.54
CA TYR B 901 5.22 -30.19 -11.10
C TYR B 901 4.49 -31.52 -11.14
N ASP B 902 5.24 -32.56 -11.46
CA ASP B 902 4.73 -33.89 -11.64
C ASP B 902 4.33 -34.50 -10.29
N ASP B 903 5.05 -34.12 -9.23
CA ASP B 903 4.73 -34.64 -7.90
C ASP B 903 3.40 -34.10 -7.34
N CYS B 904 3.04 -32.87 -7.70
CA CYS B 904 1.84 -32.18 -7.24
C CYS B 904 0.56 -32.40 -8.06
N MET B 905 0.74 -32.86 -9.25
CA MET B 905 -0.42 -33.09 -10.14
C MET B 905 -1.47 -34.04 -9.51
N ARG B 913 4.17 -30.63 -0.57
CA ARG B 913 3.63 -29.61 0.38
C ARG B 913 2.83 -28.53 -0.34
N ASP B 914 2.18 -27.72 0.43
CA ASP B 914 1.19 -26.79 -0.12
C ASP B 914 1.74 -25.48 -0.69
N LEU B 915 2.79 -24.93 -0.09
CA LEU B 915 3.34 -23.69 -0.63
C LEU B 915 4.13 -23.95 -1.90
N ILE B 916 4.42 -25.21 -2.17
CA ILE B 916 5.12 -25.56 -3.38
C ILE B 916 4.11 -25.88 -4.49
N CYS B 917 3.05 -26.64 -4.17
CA CYS B 917 2.01 -26.99 -5.14
C CYS B 917 1.13 -25.78 -5.46
N ALA B 918 1.09 -24.81 -4.55
CA ALA B 918 0.39 -23.56 -4.75
C ALA B 918 1.01 -22.79 -5.91
N GLN B 919 2.26 -23.08 -6.24
CA GLN B 919 2.92 -22.37 -7.32
C GLN B 919 2.15 -22.53 -8.61
N TYR B 920 1.58 -23.72 -8.80
CA TYR B 920 1.01 -24.08 -10.08
C TYR B 920 -0.47 -23.82 -10.09
N VAL B 921 -0.96 -23.19 -9.04
CA VAL B 921 -2.36 -22.85 -8.95
C VAL B 921 -2.48 -21.34 -8.85
N ALA B 922 -1.74 -20.77 -7.90
CA ALA B 922 -1.73 -19.34 -7.63
C ALA B 922 -1.11 -18.55 -8.78
N GLY B 923 -0.10 -19.13 -9.45
CA GLY B 923 0.55 -18.42 -10.54
C GLY B 923 1.86 -17.75 -10.15
N TYR B 924 2.69 -18.45 -9.38
CA TYR B 924 4.00 -17.92 -9.00
C TYR B 924 5.01 -19.03 -8.99
N LYS B 925 6.29 -18.69 -9.07
CA LYS B 925 7.31 -19.72 -9.09
C LYS B 925 8.53 -19.38 -8.26
N VAL B 926 8.97 -20.36 -7.49
CA VAL B 926 10.22 -20.30 -6.76
C VAL B 926 11.36 -20.66 -7.69
N LEU B 927 12.37 -19.80 -7.75
CA LEU B 927 13.48 -20.04 -8.66
C LEU B 927 14.66 -20.65 -7.93
N PRO B 928 15.43 -21.51 -8.61
CA PRO B 928 16.65 -22.09 -8.13
C PRO B 928 17.74 -21.04 -8.01
N PRO B 929 18.72 -21.26 -7.13
CA PRO B 929 19.88 -20.44 -6.89
C PRO B 929 20.84 -20.52 -8.06
N LEU B 930 21.72 -19.52 -8.17
CA LEU B 930 22.71 -19.50 -9.24
C LEU B 930 23.55 -20.77 -9.24
N MET B 931 24.06 -21.12 -8.08
CA MET B 931 24.94 -22.27 -7.92
C MET B 931 24.19 -23.45 -7.30
N ASP B 932 24.57 -24.67 -7.67
CA ASP B 932 24.00 -25.83 -7.00
C ASP B 932 24.79 -26.11 -5.72
N VAL B 933 24.43 -27.17 -5.02
CA VAL B 933 25.09 -27.44 -3.74
C VAL B 933 26.51 -27.94 -3.91
N ASN B 934 26.80 -28.66 -4.94
CA ASN B 934 28.15 -29.12 -5.16
C ASN B 934 29.05 -27.96 -5.41
N MET B 935 28.70 -27.05 -6.25
CA MET B 935 29.59 -25.95 -6.54
C MET B 935 29.84 -25.07 -5.32
N GLU B 936 28.80 -24.79 -4.54
CA GLU B 936 29.02 -23.97 -3.36
C GLU B 936 29.91 -24.71 -2.38
N ALA B 937 29.71 -26.03 -2.29
CA ALA B 937 30.50 -26.86 -1.42
C ALA B 937 31.95 -26.88 -1.88
N ALA B 938 32.18 -26.91 -3.18
CA ALA B 938 33.53 -26.89 -3.71
C ALA B 938 34.23 -25.62 -3.29
N TYR B 939 33.50 -24.50 -3.28
CA TYR B 939 34.08 -23.23 -2.89
C TYR B 939 34.48 -23.21 -1.41
N THR B 940 33.62 -23.74 -0.54
CA THR B 940 33.95 -23.77 0.88
C THR B 940 35.01 -24.82 1.19
N SER B 941 35.06 -25.88 0.38
CA SER B 941 36.09 -26.91 0.54
C SER B 941 37.46 -26.32 0.24
N SER B 942 37.55 -25.56 -0.85
CA SER B 942 38.79 -24.91 -1.21
C SER B 942 39.18 -23.86 -0.19
N LEU B 943 38.18 -23.19 0.39
CA LEU B 943 38.44 -22.20 1.41
C LEU B 943 39.05 -22.87 2.65
N LEU B 944 38.50 -24.03 3.06
CA LEU B 944 39.05 -24.76 4.20
C LEU B 944 40.52 -25.10 3.98
N GLY B 945 40.83 -25.54 2.77
CA GLY B 945 42.18 -25.95 2.41
C GLY B 945 43.16 -24.77 2.27
N SER B 946 42.69 -23.54 2.43
CA SER B 946 43.58 -22.40 2.30
C SER B 946 43.82 -21.72 3.63
N ILE B 947 43.18 -22.21 4.69
CA ILE B 947 43.30 -21.51 5.97
C ILE B 947 44.68 -21.59 6.56
N ALA B 948 45.26 -22.78 6.61
CA ALA B 948 46.56 -22.96 7.25
C ALA B 948 47.64 -22.14 6.56
N GLY B 949 47.54 -22.01 5.25
CA GLY B 949 48.53 -21.30 4.46
C GLY B 949 48.31 -19.79 4.28
N ALA B 950 47.27 -19.23 4.94
CA ALA B 950 46.87 -17.83 4.84
C ALA B 950 46.73 -17.25 6.23
N TRP B 952 50.35 -15.40 6.58
CA TRP B 952 51.65 -15.92 6.99
C TRP B 952 52.72 -14.79 6.93
N THR B 953 52.81 -14.11 5.78
CA THR B 953 53.71 -12.98 5.50
C THR B 953 52.93 -11.81 4.95
N ALA B 954 53.60 -10.67 4.78
CA ALA B 954 52.96 -9.52 4.14
C ALA B 954 52.60 -9.87 2.70
N GLY B 955 51.44 -9.40 2.24
CA GLY B 955 51.04 -9.63 0.85
C GLY B 955 50.15 -10.85 0.73
N LEU B 956 49.33 -10.89 -0.30
CA LEU B 956 48.43 -12.02 -0.53
C LEU B 956 48.85 -12.83 -1.75
N SER B 957 50.06 -12.59 -2.23
CA SER B 957 50.54 -13.21 -3.45
C SER B 957 51.02 -14.66 -3.34
N SER B 958 51.63 -15.01 -2.22
CA SER B 958 52.15 -16.36 -2.07
C SER B 958 51.22 -17.24 -1.26
N PHE B 959 51.44 -18.54 -1.36
CA PHE B 959 50.69 -19.51 -0.56
C PHE B 959 51.61 -20.52 0.07
N ALA B 960 51.47 -20.73 1.38
CA ALA B 960 52.33 -21.69 2.05
C ALA B 960 51.57 -22.95 2.43
N ALA B 961 52.06 -24.10 1.98
CA ALA B 961 51.42 -25.37 2.28
C ALA B 961 51.87 -25.86 3.65
N ILE B 962 51.40 -25.14 4.66
CA ILE B 962 51.71 -25.37 6.05
C ILE B 962 50.62 -26.21 6.69
N PRO B 963 50.97 -27.25 7.46
CA PRO B 963 50.05 -28.08 8.20
C PRO B 963 49.19 -27.24 9.10
N PHE B 964 47.94 -27.63 9.25
CA PHE B 964 47.02 -26.91 10.09
C PHE B 964 47.55 -26.74 11.50
N ALA B 965 48.11 -27.80 12.06
CA ALA B 965 48.60 -27.72 13.42
C ALA B 965 49.65 -26.63 13.59
N GLN B 966 50.53 -26.47 12.61
CA GLN B 966 51.55 -25.44 12.69
C GLN B 966 50.94 -24.07 12.61
N SER B 967 49.91 -23.92 11.80
CA SER B 967 49.23 -22.64 11.67
C SER B 967 48.60 -22.24 13.00
N ILE B 968 48.01 -23.20 13.71
CA ILE B 968 47.40 -22.91 15.00
C ILE B 968 48.44 -22.46 15.99
N PHE B 969 49.58 -23.13 16.04
CA PHE B 969 50.58 -22.75 17.01
C PHE B 969 51.14 -21.36 16.73
N TYR B 970 51.31 -21.00 15.46
CA TYR B 970 51.76 -19.65 15.13
C TYR B 970 50.67 -18.62 15.45
N ARG B 971 49.41 -18.99 15.23
CA ARG B 971 48.27 -18.11 15.54
C ARG B 971 48.18 -17.84 17.04
N LEU B 972 48.51 -18.85 17.85
CA LEU B 972 48.52 -18.69 19.31
C LEU B 972 49.72 -17.87 19.77
N ASN B 973 50.87 -18.09 19.15
CA ASN B 973 52.06 -17.32 19.49
C ASN B 973 51.87 -15.85 19.19
N GLY B 974 51.15 -15.57 18.11
CA GLY B 974 50.91 -14.21 17.65
C GLY B 974 49.97 -13.44 18.55
N VAL B 975 49.34 -14.10 19.52
CA VAL B 975 48.43 -13.40 20.40
C VAL B 975 48.91 -13.43 21.84
N GLY B 976 50.20 -13.70 22.04
CA GLY B 976 50.74 -13.60 23.39
C GLY B 976 51.04 -14.91 24.13
N ILE B 977 50.98 -16.06 23.49
CA ILE B 977 51.34 -17.30 24.19
C ILE B 977 52.74 -17.69 23.77
N THR B 978 53.65 -17.82 24.72
CA THR B 978 55.05 -18.04 24.36
C THR B 978 55.28 -19.44 23.79
N GLN B 979 56.42 -19.62 23.13
CA GLN B 979 56.75 -20.90 22.51
C GLN B 979 56.97 -22.03 23.48
N GLN B 980 57.59 -21.77 24.61
CA GLN B 980 57.74 -22.78 25.65
C GLN B 980 56.39 -23.29 26.10
N VAL B 981 55.42 -22.46 26.20
CA VAL B 981 54.09 -22.84 26.65
C VAL B 981 53.45 -23.70 25.60
N LEU B 982 53.55 -23.27 24.35
CA LEU B 982 52.93 -24.01 23.26
C LEU B 982 53.55 -25.38 23.11
N SER B 983 54.87 -25.48 23.33
CA SER B 983 55.55 -26.76 23.21
C SER B 983 55.19 -27.71 24.35
N GLU B 984 55.11 -27.20 25.57
CA GLU B 984 54.76 -28.03 26.71
C GLU B 984 53.31 -28.49 26.68
N ASN B 985 52.43 -27.62 26.19
CA ASN B 985 51.00 -27.88 26.19
C ASN B 985 50.45 -28.26 24.82
N GLN B 986 51.29 -28.64 23.86
CA GLN B 986 50.76 -28.90 22.52
C GLN B 986 49.69 -29.98 22.47
N LYS B 987 49.76 -30.97 23.36
CA LYS B 987 48.74 -32.03 23.39
C LYS B 987 47.46 -31.50 24.02
N ILE B 988 47.62 -30.62 25.00
CA ILE B 988 46.53 -30.02 25.74
C ILE B 988 45.77 -29.08 24.83
N ILE B 989 46.50 -28.31 24.05
CA ILE B 989 45.92 -27.36 23.13
C ILE B 989 45.10 -28.09 22.08
N ALA B 990 45.66 -29.15 21.51
CA ALA B 990 44.91 -29.92 20.52
C ALA B 990 43.67 -30.55 21.13
N ASN B 991 43.76 -31.05 22.36
CA ASN B 991 42.60 -31.68 22.96
C ASN B 991 41.50 -30.67 23.27
N LYS B 992 41.87 -29.50 23.77
CA LYS B 992 40.85 -28.49 24.08
C LYS B 992 40.21 -27.97 22.81
N PHE B 993 41.00 -27.80 21.76
CA PHE B 993 40.50 -27.33 20.48
C PHE B 993 39.48 -28.33 19.96
N ASN B 994 39.85 -29.61 20.01
CA ASN B 994 39.00 -30.67 19.50
C ASN B 994 37.72 -30.75 20.31
N GLN B 995 37.84 -30.56 21.56
CA GLN B 995 36.61 -30.58 22.36
C GLN B 995 35.74 -29.48 21.84
N ALA B 996 36.21 -28.23 21.86
CA ALA B 996 35.40 -27.09 21.48
C ALA B 996 34.77 -27.19 20.11
N LEU B 997 35.50 -27.74 19.13
CA LEU B 997 35.02 -27.77 17.77
C LEU B 997 34.05 -28.93 17.57
N GLY B 998 34.40 -30.10 18.10
CA GLY B 998 33.62 -31.32 17.93
C GLY B 998 32.29 -31.26 18.67
N ALA B 999 32.18 -30.31 19.58
CA ALA B 999 30.97 -30.10 20.36
C ALA B 999 29.83 -29.73 19.43
N MET B 1000 30.14 -29.18 18.28
CA MET B 1000 29.13 -28.72 17.34
C MET B 1000 28.30 -29.83 16.75
N GLN B 1001 28.76 -31.06 16.86
CA GLN B 1001 28.00 -32.17 16.29
C GLN B 1001 26.65 -32.32 16.96
N THR B 1002 26.54 -31.83 18.20
CA THR B 1002 25.28 -31.91 18.94
C THR B 1002 24.77 -30.51 19.26
N GLY B 1003 25.33 -29.51 18.58
CA GLY B 1003 25.02 -28.11 18.86
C GLY B 1003 23.81 -27.55 18.13
N PHE B 1004 23.34 -28.19 17.07
CA PHE B 1004 22.24 -27.63 16.29
C PHE B 1004 20.89 -27.94 16.94
N THR B 1005 20.64 -27.27 18.04
CA THR B 1005 19.45 -27.46 18.87
C THR B 1005 18.74 -26.12 19.11
N THR B 1006 17.69 -26.16 19.92
CA THR B 1006 16.89 -24.98 20.22
C THR B 1006 17.59 -23.97 21.13
N THR B 1007 18.73 -24.35 21.70
CA THR B 1007 19.46 -23.45 22.58
C THR B 1007 20.56 -22.73 21.80
N ASN B 1008 20.68 -23.06 20.52
CA ASN B 1008 21.69 -22.49 19.64
C ASN B 1008 21.10 -21.37 18.81
N GLU B 1009 21.38 -20.12 19.21
CA GLU B 1009 20.76 -18.98 18.56
C GLU B 1009 21.17 -18.85 17.10
N ALA B 1010 22.43 -19.13 16.80
CA ALA B 1010 22.91 -19.03 15.42
C ALA B 1010 22.17 -20.00 14.52
N PHE B 1011 21.87 -21.17 15.08
CA PHE B 1011 21.13 -22.20 14.37
C PHE B 1011 19.66 -21.82 14.18
N GLN B 1012 19.04 -21.33 15.24
CA GLN B 1012 17.63 -20.98 15.14
C GLN B 1012 17.42 -19.87 14.12
N LYS B 1013 18.30 -18.91 14.07
CA LYS B 1013 18.42 -17.88 13.02
C LYS B 1013 18.44 -18.45 11.61
N VAL B 1014 18.87 -19.68 11.36
CA VAL B 1014 18.88 -20.28 10.04
C VAL B 1014 17.45 -20.67 9.72
N GLN B 1015 16.80 -21.29 10.71
CA GLN B 1015 15.41 -21.69 10.56
C GLN B 1015 14.50 -20.49 10.38
N ASP B 1016 14.81 -19.40 11.06
CA ASP B 1016 13.99 -18.19 10.95
C ASP B 1016 14.09 -17.60 9.55
N ALA B 1017 15.28 -17.65 8.94
CA ALA B 1017 15.44 -17.15 7.59
C ALA B 1017 14.58 -17.96 6.63
N VAL B 1018 14.52 -19.26 6.86
CA VAL B 1018 13.71 -20.15 6.07
C VAL B 1018 12.22 -19.86 6.25
N ASN B 1019 11.81 -19.64 7.49
CA ASN B 1019 10.42 -19.36 7.80
C ASN B 1019 9.99 -18.03 7.18
N THR B 1020 10.90 -17.06 7.12
CA THR B 1020 10.60 -15.76 6.55
C THR B 1020 10.27 -15.89 5.08
N ASN B 1021 11.04 -16.69 4.36
CA ASN B 1021 10.75 -16.88 2.94
C ASN B 1021 9.40 -17.56 2.75
N ALA B 1022 9.10 -18.53 3.63
CA ALA B 1022 7.84 -19.25 3.55
C ALA B 1022 6.64 -18.33 3.76
N GLN B 1023 6.77 -17.40 4.69
CA GLN B 1023 5.69 -16.47 5.00
C GLN B 1023 5.38 -15.54 3.84
N ALA B 1024 6.43 -15.13 3.12
CA ALA B 1024 6.23 -14.26 1.98
C ALA B 1024 5.38 -14.96 0.93
N LEU B 1025 5.60 -16.26 0.74
CA LEU B 1025 4.83 -17.02 -0.23
C LEU B 1025 3.46 -17.34 0.27
N ALA B 1026 3.34 -17.50 1.58
CA ALA B 1026 2.04 -17.77 2.15
C ALA B 1026 1.11 -16.62 1.84
N LYS B 1027 1.65 -15.47 1.71
CA LYS B 1027 0.88 -14.24 1.50
C LYS B 1027 0.41 -14.16 0.06
N LEU B 1028 1.18 -14.64 -0.88
CA LEU B 1028 0.70 -14.71 -2.26
C LEU B 1028 -0.33 -15.81 -2.43
N ALA B 1029 -0.08 -16.96 -1.84
CA ALA B 1029 -0.97 -18.09 -2.01
C ALA B 1029 -2.30 -17.92 -1.27
N SER B 1030 -2.25 -17.29 -0.10
CA SER B 1030 -3.43 -17.19 0.76
C SER B 1030 -4.32 -16.01 0.44
N GLU B 1031 -3.75 -14.90 -0.01
CA GLU B 1031 -4.55 -13.71 -0.18
C GLU B 1031 -5.46 -13.78 -1.40
N LEU B 1032 -5.27 -14.78 -2.24
CA LEU B 1032 -6.17 -15.00 -3.36
C LEU B 1032 -7.57 -15.40 -2.91
N SER B 1033 -7.66 -15.97 -1.71
CA SER B 1033 -8.94 -16.44 -1.17
C SER B 1033 -9.73 -15.31 -0.57
N ASN B 1034 -9.13 -14.13 -0.46
CA ASN B 1034 -9.81 -13.00 0.14
C ASN B 1034 -10.86 -12.44 -0.78
N THR B 1035 -11.89 -11.89 -0.19
CA THR B 1035 -12.98 -11.26 -0.90
C THR B 1035 -13.00 -9.79 -0.52
N PHE B 1036 -12.37 -8.97 -1.34
CA PHE B 1036 -12.09 -7.60 -0.92
C PHE B 1036 -13.26 -6.66 -1.10
N GLY B 1037 -14.35 -6.92 -0.38
CA GLY B 1037 -15.57 -6.13 -0.47
C GLY B 1037 -16.48 -6.66 -1.57
N ALA B 1038 -16.02 -7.68 -2.26
CA ALA B 1038 -16.75 -8.32 -3.33
C ALA B 1038 -17.71 -9.34 -2.75
N ILE B 1039 -18.61 -9.85 -3.57
CA ILE B 1039 -19.51 -10.92 -3.13
C ILE B 1039 -18.80 -12.27 -3.07
N SER B 1040 -17.67 -12.36 -3.75
CA SER B 1040 -16.90 -13.60 -3.84
C SER B 1040 -15.45 -13.35 -4.20
N SER B 1041 -14.58 -14.26 -3.78
CA SER B 1041 -13.17 -14.23 -4.16
C SER B 1041 -12.99 -14.73 -5.59
N SER B 1042 -14.02 -15.37 -6.11
CA SER B 1042 -13.99 -15.93 -7.44
C SER B 1042 -14.60 -15.03 -8.50
N ILE B 1043 -13.82 -14.74 -9.54
CA ILE B 1043 -14.30 -13.93 -10.64
C ILE B 1043 -15.46 -14.62 -11.29
N GLY B 1044 -15.36 -15.94 -11.42
CA GLY B 1044 -16.41 -16.75 -12.04
C GLY B 1044 -17.73 -16.62 -11.28
N ASP B 1045 -17.67 -16.53 -9.96
CA ASP B 1045 -18.88 -16.41 -9.15
C ASP B 1045 -19.50 -15.03 -9.34
N ILE B 1046 -18.67 -14.02 -9.53
CA ILE B 1046 -19.18 -12.68 -9.76
C ILE B 1046 -19.91 -12.62 -11.08
N ILE B 1047 -19.29 -13.16 -12.13
CA ILE B 1047 -19.85 -13.13 -13.46
C ILE B 1047 -21.18 -13.87 -13.53
N GLN B 1048 -21.29 -14.99 -12.86
CA GLN B 1048 -22.52 -15.77 -12.91
C GLN B 1048 -23.59 -15.33 -11.93
N ARG B 1049 -23.33 -14.31 -11.13
CA ARG B 1049 -24.33 -13.87 -10.16
C ARG B 1049 -24.85 -12.46 -10.39
N LEU B 1050 -24.00 -11.58 -10.86
CA LEU B 1050 -24.37 -10.18 -11.02
C LEU B 1050 -24.51 -9.77 -12.47
N ASP B 1051 -25.15 -8.62 -12.71
CA ASP B 1051 -25.33 -8.15 -14.08
C ASP B 1051 -24.04 -7.51 -14.59
N VAL B 1052 -24.03 -7.09 -15.84
CA VAL B 1052 -22.78 -6.65 -16.45
C VAL B 1052 -22.16 -5.38 -15.88
N LEU B 1053 -22.95 -4.58 -15.17
CA LEU B 1053 -22.45 -3.33 -14.60
C LEU B 1053 -21.85 -3.51 -13.22
N GLU B 1054 -22.53 -4.30 -12.40
CA GLU B 1054 -22.04 -4.59 -11.07
C GLU B 1054 -20.85 -5.55 -11.13
N GLN B 1055 -20.78 -6.33 -12.21
CA GLN B 1055 -19.66 -7.23 -12.41
C GLN B 1055 -18.42 -6.37 -12.53
N GLU B 1056 -18.49 -5.25 -13.22
CA GLU B 1056 -17.29 -4.45 -13.38
C GLU B 1056 -16.86 -3.88 -12.05
N VAL B 1057 -17.82 -3.44 -11.25
CA VAL B 1057 -17.47 -2.87 -9.95
C VAL B 1057 -16.88 -3.94 -9.04
N GLN B 1058 -17.52 -5.09 -9.00
CA GLN B 1058 -17.10 -6.20 -8.16
C GLN B 1058 -15.78 -6.80 -8.60
N ILE B 1059 -15.55 -6.90 -9.89
CA ILE B 1059 -14.30 -7.41 -10.39
C ILE B 1059 -13.22 -6.40 -10.07
N ASP B 1060 -13.49 -5.11 -10.25
CA ASP B 1060 -12.50 -4.09 -9.92
C ASP B 1060 -12.14 -4.15 -8.44
N ARG B 1061 -13.10 -4.41 -7.56
CA ARG B 1061 -12.78 -4.52 -6.13
C ARG B 1061 -11.82 -5.68 -5.91
N LEU B 1062 -12.09 -6.79 -6.58
CA LEU B 1062 -11.28 -7.98 -6.46
C LEU B 1062 -9.89 -7.78 -7.08
N ILE B 1063 -9.82 -7.07 -8.21
CA ILE B 1063 -8.55 -6.76 -8.84
C ILE B 1063 -7.73 -5.87 -7.94
N ASN B 1064 -8.34 -4.81 -7.42
CA ASN B 1064 -7.60 -3.88 -6.61
C ASN B 1064 -6.91 -4.60 -5.45
N GLY B 1065 -7.61 -5.53 -4.81
CA GLY B 1065 -7.02 -6.30 -3.73
C GLY B 1065 -5.87 -7.18 -4.21
N ARG B 1066 -5.94 -7.76 -5.34
CA ARG B 1066 -4.93 -8.67 -5.86
C ARG B 1066 -3.78 -7.83 -6.31
N LEU B 1067 -3.95 -6.61 -6.85
CA LEU B 1067 -2.86 -5.72 -7.23
C LEU B 1067 -2.11 -5.26 -6.00
N THR B 1068 -2.87 -4.99 -4.93
CA THR B 1068 -2.32 -4.57 -3.66
C THR B 1068 -1.41 -5.64 -3.10
N THR B 1069 -1.85 -6.88 -3.17
CA THR B 1069 -1.06 -7.99 -2.68
C THR B 1069 0.25 -8.10 -3.45
N LEU B 1070 0.18 -7.98 -4.77
CA LEU B 1070 1.39 -8.06 -5.57
C LEU B 1070 2.33 -6.90 -5.31
N ASN B 1071 1.79 -5.71 -5.10
CA ASN B 1071 2.64 -4.57 -4.81
C ASN B 1071 3.31 -4.72 -3.47
N ALA B 1072 2.58 -5.24 -2.49
CA ALA B 1072 3.12 -5.47 -1.16
C ALA B 1072 4.22 -6.49 -1.22
N PHE B 1073 4.03 -7.52 -2.05
CA PHE B 1073 5.02 -8.57 -2.22
C PHE B 1073 6.30 -8.01 -2.82
N VAL B 1074 6.18 -7.20 -3.87
CA VAL B 1074 7.36 -6.64 -4.50
C VAL B 1074 8.09 -5.73 -3.53
N ALA B 1075 7.35 -4.87 -2.83
CA ALA B 1075 7.97 -3.96 -1.88
C ALA B 1075 8.72 -4.70 -0.77
N GLN B 1076 8.22 -5.70 -0.15
CA GLN B 1076 8.99 -6.49 0.77
C GLN B 1076 10.14 -7.23 0.15
N GLN B 1077 9.99 -7.78 -1.01
CA GLN B 1077 11.16 -8.42 -1.58
C GLN B 1077 12.27 -7.39 -1.70
N LEU B 1078 11.92 -6.15 -2.05
CA LEU B 1078 12.93 -5.10 -2.17
C LEU B 1078 13.54 -4.72 -0.83
N VAL B 1079 12.72 -4.69 0.22
CA VAL B 1079 13.24 -4.37 1.54
C VAL B 1079 14.19 -5.49 1.99
N ARG B 1080 13.84 -6.73 1.75
CA ARG B 1080 14.60 -7.95 2.07
C ARG B 1080 15.81 -8.04 1.17
N SER B 1081 15.78 -7.47 -0.03
CA SER B 1081 16.95 -7.46 -0.90
C SER B 1081 18.01 -6.53 -0.33
N GLU B 1082 17.59 -5.42 0.25
CA GLU B 1082 18.53 -4.49 0.87
C GLU B 1082 19.14 -5.11 2.11
N SER B 1083 18.35 -5.88 2.83
CA SER B 1083 18.85 -6.57 4.00
C SER B 1083 19.93 -7.55 3.58
N ALA B 1084 19.65 -8.33 2.53
CA ALA B 1084 20.60 -9.29 2.01
C ALA B 1084 21.85 -8.62 1.49
N ALA B 1085 21.72 -7.45 0.88
CA ALA B 1085 22.89 -6.76 0.37
C ALA B 1085 23.85 -6.44 1.50
N ARG B 1086 23.30 -6.01 2.62
CA ARG B 1086 24.07 -5.67 3.80
C ARG B 1086 24.72 -6.89 4.43
N SER B 1087 23.96 -7.97 4.54
CA SER B 1087 24.46 -9.18 5.14
C SER B 1087 25.46 -9.88 4.23
N ALA B 1088 25.28 -9.79 2.93
CA ALA B 1088 26.22 -10.38 1.99
C ALA B 1088 27.55 -9.67 2.12
N GLN B 1089 27.50 -8.36 2.31
CA GLN B 1089 28.69 -7.55 2.51
C GLN B 1089 29.42 -7.96 3.78
N LEU B 1090 28.66 -8.20 4.85
CA LEU B 1090 29.23 -8.65 6.11
C LEU B 1090 29.90 -10.00 5.93
N ALA B 1091 29.24 -10.91 5.23
CA ALA B 1091 29.79 -12.24 5.01
C ALA B 1091 31.10 -12.14 4.25
N LYS B 1092 31.19 -11.24 3.27
CA LYS B 1092 32.43 -11.08 2.54
C LYS B 1092 33.54 -10.62 3.46
N ASP B 1093 33.26 -9.66 4.33
CA ASP B 1093 34.28 -9.16 5.23
C ASP B 1093 34.76 -10.24 6.16
N LYS B 1094 33.85 -11.07 6.67
CA LYS B 1094 34.25 -12.14 7.56
C LYS B 1094 35.00 -13.25 6.85
N VAL B 1095 34.64 -13.58 5.63
CA VAL B 1095 35.42 -14.58 4.92
C VAL B 1095 36.84 -14.09 4.74
N ASN B 1096 37.00 -12.83 4.36
CA ASN B 1096 38.33 -12.30 4.09
C ASN B 1096 39.10 -11.99 5.37
N GLU B 1097 38.41 -11.57 6.42
CA GLU B 1097 39.08 -11.20 7.66
C GLU B 1097 39.17 -12.25 8.79
N CYS B 1098 38.18 -13.14 8.91
CA CYS B 1098 38.12 -14.18 9.94
C CYS B 1098 38.64 -15.52 9.49
N VAL B 1099 38.39 -15.84 8.21
CA VAL B 1099 38.75 -17.16 7.69
C VAL B 1099 40.08 -17.13 6.94
N LYS B 1100 40.23 -16.21 6.00
CA LYS B 1100 41.45 -16.13 5.19
C LYS B 1100 42.59 -15.41 5.91
N SER B 1101 42.32 -14.94 7.11
CA SER B 1101 43.33 -14.27 7.90
C SER B 1101 42.99 -14.36 9.37
N GLN B 1102 43.81 -13.75 10.22
CA GLN B 1102 43.54 -13.74 11.65
C GLN B 1102 43.26 -12.33 12.12
N SER B 1103 42.00 -12.07 12.43
CA SER B 1103 41.57 -10.76 12.86
C SER B 1103 42.14 -10.40 14.21
N THR B 1104 42.50 -9.14 14.36
CA THR B 1104 42.95 -8.58 15.63
C THR B 1104 41.89 -7.66 16.17
N ARG B 1105 40.79 -7.53 15.43
CA ARG B 1105 39.68 -6.68 15.80
C ARG B 1105 38.87 -7.39 16.89
N SER B 1106 38.55 -6.67 17.95
CA SER B 1106 37.73 -7.26 19.01
C SER B 1106 36.29 -7.38 18.55
N GLY B 1107 35.55 -8.38 19.00
CA GLY B 1107 34.12 -8.50 18.69
C GLY B 1107 33.89 -9.11 17.31
N PHE B 1108 34.54 -8.53 16.32
CA PHE B 1108 34.50 -9.02 14.98
C PHE B 1108 35.19 -10.38 15.02
N CYS B 1109 34.60 -11.39 14.37
CA CYS B 1109 35.07 -12.79 14.37
C CYS B 1109 34.80 -13.49 15.71
N GLY B 1110 33.93 -12.91 16.53
CA GLY B 1110 33.49 -13.61 17.73
C GLY B 1110 34.13 -13.08 19.00
N GLN B 1111 33.78 -13.72 20.12
CA GLN B 1111 34.24 -13.29 21.43
C GLN B 1111 35.55 -13.96 21.81
N GLY B 1112 36.30 -13.30 22.68
CA GLY B 1112 37.58 -13.83 23.13
C GLY B 1112 38.63 -13.47 22.09
N THR B 1113 39.79 -14.09 22.18
CA THR B 1113 40.84 -13.77 21.23
C THR B 1113 40.70 -14.66 20.01
N HIS B 1114 40.57 -14.07 18.84
CA HIS B 1114 40.35 -14.87 17.65
C HIS B 1114 41.56 -15.68 17.24
N ILE B 1115 41.33 -16.96 16.94
CA ILE B 1115 42.39 -17.82 16.44
C ILE B 1115 42.11 -18.25 15.00
N VAL B 1116 41.02 -18.97 14.77
CA VAL B 1116 40.71 -19.47 13.43
C VAL B 1116 39.21 -19.57 13.16
N SER B 1117 38.79 -19.30 11.93
CA SER B 1117 37.37 -19.47 11.57
C SER B 1117 37.19 -20.46 10.46
N PHE B 1118 36.03 -21.10 10.47
CA PHE B 1118 35.66 -22.04 9.43
C PHE B 1118 34.30 -21.66 8.87
N VAL B 1119 34.08 -21.94 7.59
CA VAL B 1119 32.79 -21.66 6.96
C VAL B 1119 32.22 -22.84 6.20
N ILE B 1120 30.94 -23.08 6.42
CA ILE B 1120 30.17 -24.07 5.70
C ILE B 1120 28.96 -23.37 5.13
N ASN B 1121 28.31 -23.96 4.15
CA ASN B 1121 27.14 -23.32 3.59
C ASN B 1121 25.92 -23.56 4.45
N ALA B 1122 24.97 -22.64 4.37
CA ALA B 1122 23.73 -22.73 5.10
C ALA B 1122 22.60 -22.38 4.16
N PRO B 1123 21.37 -22.77 4.44
CA PRO B 1123 20.22 -22.35 3.69
C PRO B 1123 20.24 -20.83 3.63
N ASN B 1124 20.15 -20.28 2.43
CA ASN B 1124 20.10 -18.83 2.20
C ASN B 1124 21.34 -18.04 2.65
N GLY B 1125 22.46 -18.71 2.93
CA GLY B 1125 23.63 -17.97 3.38
C GLY B 1125 24.78 -18.86 3.83
N LEU B 1126 25.60 -18.32 4.72
CA LEU B 1126 26.79 -19.00 5.22
C LEU B 1126 26.77 -19.15 6.74
N TYR B 1127 27.35 -20.24 7.21
CA TYR B 1127 27.43 -20.48 8.64
C TYR B 1127 28.89 -20.39 9.08
N PHE B 1128 29.18 -19.44 9.95
CA PHE B 1128 30.53 -19.20 10.41
C PHE B 1128 30.75 -19.81 11.77
N MET B 1129 31.91 -20.40 11.97
CA MET B 1129 32.29 -20.97 13.24
C MET B 1129 33.64 -20.43 13.67
N HIS B 1130 33.62 -19.51 14.62
CA HIS B 1130 34.84 -18.82 15.00
C HIS B 1130 35.42 -19.42 16.25
N VAL B 1131 36.64 -19.94 16.18
CA VAL B 1131 37.24 -20.53 17.35
C VAL B 1131 38.10 -19.49 18.04
N GLY B 1132 37.76 -19.19 19.28
CA GLY B 1132 38.48 -18.18 20.03
C GLY B 1132 39.11 -18.75 21.29
N TYR B 1133 40.06 -18.01 21.82
CA TYR B 1133 40.77 -18.36 23.04
C TYR B 1133 40.16 -17.63 24.22
N HIS B 1134 39.67 -18.41 25.18
CA HIS B 1134 38.96 -17.88 26.33
C HIS B 1134 39.57 -18.31 27.66
N PRO B 1135 40.20 -17.42 28.41
CA PRO B 1135 40.76 -17.67 29.72
C PRO B 1135 39.67 -18.21 30.63
N SER B 1136 40.00 -19.21 31.43
CA SER B 1136 39.02 -19.80 32.32
C SER B 1136 39.31 -19.51 33.79
N GLN B 1137 40.55 -19.10 34.07
CA GLN B 1137 41.01 -18.82 35.44
C GLN B 1137 42.11 -17.81 35.36
N HIS B 1138 42.13 -16.87 36.25
CA HIS B 1138 43.09 -15.77 36.22
C HIS B 1138 43.95 -15.64 37.47
N ILE B 1139 45.12 -15.02 37.30
CA ILE B 1139 46.03 -14.67 38.38
C ILE B 1139 46.37 -13.19 38.23
N GLU B 1140 46.44 -12.46 39.30
CA GLU B 1140 46.84 -11.04 39.27
C GLU B 1140 48.24 -10.94 39.78
N VAL B 1141 49.08 -10.31 39.05
CA VAL B 1141 50.47 -10.08 39.43
C VAL B 1141 50.79 -8.62 39.21
N VAL B 1142 51.91 -8.18 39.76
CA VAL B 1142 52.35 -6.80 39.56
C VAL B 1142 53.37 -6.73 38.44
N ALA B 1143 53.14 -5.79 37.53
CA ALA B 1143 53.95 -5.60 36.35
C ALA B 1143 54.57 -4.22 36.25
N ALA B 1144 55.69 -4.15 35.54
CA ALA B 1144 56.39 -2.90 35.27
C ALA B 1144 56.07 -2.40 33.87
N TYR B 1145 56.24 -1.09 33.68
CA TYR B 1145 56.08 -0.49 32.37
C TYR B 1145 57.34 -0.76 31.55
N GLY B 1146 58.43 -0.98 32.27
CA GLY B 1146 59.75 -1.24 31.70
C GLY B 1146 60.77 -1.29 32.83
N LEU B 1147 61.98 -1.73 32.49
CA LEU B 1147 63.08 -1.86 33.45
C LEU B 1147 64.30 -1.10 32.93
N CYS B 1148 65.04 -0.46 33.84
CA CYS B 1148 66.28 0.25 33.53
C CYS B 1148 67.41 -0.24 34.43
N ASP B 1149 68.63 -0.18 33.89
CA ASP B 1149 69.78 -0.49 34.70
C ASP B 1149 70.09 0.66 35.64
N ALA B 1150 69.97 0.45 36.93
CA ALA B 1150 70.14 1.54 37.89
C ALA B 1150 71.52 2.20 37.72
N ALA B 1151 72.53 1.41 37.35
CA ALA B 1151 73.89 1.91 37.19
C ALA B 1151 74.09 2.63 35.85
N ASN B 1152 73.17 2.38 34.92
CA ASN B 1152 73.24 2.89 33.56
C ASN B 1152 71.85 3.30 33.10
N PRO B 1153 71.32 4.41 33.61
CA PRO B 1153 69.92 4.85 33.58
C PRO B 1153 69.39 5.13 32.19
N THR B 1154 70.28 5.18 31.20
CA THR B 1154 69.88 5.43 29.83
C THR B 1154 69.61 4.11 29.09
N ASN B 1155 69.93 2.99 29.74
CA ASN B 1155 69.73 1.67 29.15
C ASN B 1155 68.46 1.05 29.73
N CYS B 1156 67.36 1.08 28.96
CA CYS B 1156 66.04 0.62 29.40
C CYS B 1156 65.41 -0.33 28.39
N ILE B 1157 64.63 -1.27 28.91
CA ILE B 1157 63.93 -2.25 28.09
C ILE B 1157 62.44 -2.31 28.40
N ALA B 1158 61.68 -2.80 27.41
CA ALA B 1158 60.26 -3.01 27.53
C ALA B 1158 59.92 -4.38 26.96
N PRO B 1159 58.87 -5.05 27.46
CA PRO B 1159 58.41 -6.34 27.02
C PRO B 1159 57.72 -6.28 25.67
N VAL B 1160 57.83 -7.35 24.90
CA VAL B 1160 57.12 -7.46 23.64
C VAL B 1160 56.13 -8.60 23.70
N ASN B 1161 54.85 -8.29 23.47
CA ASN B 1161 53.76 -9.27 23.55
C ASN B 1161 53.53 -9.92 24.93
N GLY B 1162 53.92 -9.18 25.95
CA GLY B 1162 53.85 -9.63 27.31
C GLY B 1162 54.15 -8.62 28.38
N TYR B 1163 54.42 -9.09 29.57
CA TYR B 1163 54.64 -8.24 30.72
C TYR B 1163 55.89 -8.59 31.48
N PHE B 1164 56.47 -7.60 32.12
CA PHE B 1164 57.53 -7.81 33.08
C PHE B 1164 56.89 -7.87 34.44
N ILE B 1165 56.91 -9.02 35.07
CA ILE B 1165 56.21 -9.19 36.33
C ILE B 1165 57.19 -9.53 37.43
N LYS B 1166 56.82 -9.19 38.67
CA LYS B 1166 57.76 -9.35 39.77
C LYS B 1166 57.35 -10.39 40.79
N ASN B 1167 58.36 -10.88 41.55
CA ASN B 1167 58.21 -11.76 42.71
C ASN B 1167 57.43 -13.05 42.37
N GLN B 1168 57.84 -13.74 41.29
CA GLN B 1168 57.21 -14.99 40.85
C GLN B 1168 58.19 -16.17 40.84
N THR B 1169 59.47 -15.92 40.54
CA THR B 1169 60.46 -16.99 40.41
C THR B 1169 61.62 -16.71 41.32
N THR B 1170 61.95 -17.63 42.22
CA THR B 1170 62.99 -17.44 43.26
C THR B 1170 62.45 -16.48 44.34
N ARG B 1171 61.86 -15.39 43.90
CA ARG B 1171 61.21 -14.42 44.82
C ARG B 1171 62.22 -13.80 45.78
N GLY B 1172 63.33 -13.26 45.25
CA GLY B 1172 64.27 -12.51 46.06
C GLY B 1172 64.31 -11.04 45.65
N VAL B 1173 65.48 -10.42 45.76
CA VAL B 1173 65.65 -9.01 45.46
C VAL B 1173 65.68 -8.76 43.95
N ASP B 1174 64.93 -7.76 43.51
CA ASP B 1174 64.85 -7.37 42.10
C ASP B 1174 64.49 -8.56 41.21
N ASP B 1175 63.51 -9.34 41.64
CA ASP B 1175 63.04 -10.48 40.85
C ASP B 1175 62.07 -10.08 39.76
N TRP B 1176 62.57 -9.99 38.54
CA TRP B 1176 61.73 -9.65 37.41
C TRP B 1176 61.82 -10.73 36.37
N SER B 1177 60.70 -11.06 35.77
CA SER B 1177 60.62 -12.11 34.76
C SER B 1177 59.61 -11.74 33.69
N TYR B 1178 59.65 -12.42 32.58
CA TYR B 1178 58.73 -12.14 31.49
C TYR B 1178 57.63 -13.17 31.37
N THR B 1179 56.43 -12.71 31.06
CA THR B 1179 55.33 -13.62 30.79
C THR B 1179 54.61 -13.20 29.52
N GLY B 1180 54.09 -14.17 28.77
CA GLY B 1180 53.31 -13.84 27.60
C GLY B 1180 52.02 -13.24 28.12
N SER B 1181 51.48 -12.27 27.40
CA SER B 1181 50.26 -11.61 27.83
C SER B 1181 48.96 -12.43 27.75
N SER B 1182 49.01 -13.60 27.10
CA SER B 1182 47.80 -14.40 27.02
C SER B 1182 47.92 -15.69 27.81
N PHE B 1183 49.03 -15.85 28.53
CA PHE B 1183 49.17 -17.03 29.36
C PHE B 1183 50.27 -16.84 30.38
N TYR B 1184 49.93 -17.00 31.64
CA TYR B 1184 50.90 -16.84 32.72
C TYR B 1184 51.88 -17.98 32.75
N ALA B 1185 53.12 -17.66 32.45
CA ALA B 1185 54.18 -18.66 32.41
C ALA B 1185 55.54 -17.98 32.46
N PRO B 1186 55.97 -17.50 33.63
CA PRO B 1186 57.14 -16.69 33.83
C PRO B 1186 58.38 -17.36 33.28
N GLU B 1187 59.20 -16.61 32.58
CA GLU B 1187 60.44 -17.10 32.00
C GLU B 1187 61.49 -15.98 32.09
N PRO B 1188 62.79 -16.29 32.04
CA PRO B 1188 63.86 -15.32 32.11
C PRO B 1188 63.72 -14.24 31.05
N ILE B 1189 64.06 -13.01 31.43
CA ILE B 1189 64.03 -11.92 30.48
C ILE B 1189 65.25 -11.99 29.59
N THR B 1190 65.02 -12.03 28.30
CA THR B 1190 66.08 -12.13 27.31
C THR B 1190 65.84 -11.11 26.22
N THR B 1191 66.78 -10.99 25.30
CA THR B 1191 66.65 -10.04 24.20
C THR B 1191 65.61 -10.48 23.18
N LEU B 1192 65.09 -11.69 23.32
CA LEU B 1192 64.07 -12.18 22.42
C LEU B 1192 62.67 -11.80 22.89
N ASN B 1193 62.57 -11.31 24.13
CA ASN B 1193 61.29 -10.97 24.74
C ASN B 1193 61.15 -9.47 24.90
N THR B 1194 62.19 -8.75 24.54
CA THR B 1194 62.24 -7.32 24.81
C THR B 1194 62.68 -6.49 23.63
N ARG B 1195 62.52 -5.19 23.82
CA ARG B 1195 62.92 -4.14 22.87
C ARG B 1195 63.64 -3.09 23.70
N TYR B 1196 64.59 -2.37 23.12
CA TYR B 1196 65.18 -1.25 23.84
C TYR B 1196 64.33 -0.01 23.63
N VAL B 1197 64.13 0.71 24.71
CA VAL B 1197 63.28 1.90 24.70
C VAL B 1197 63.93 3.09 25.35
N ALA B 1198 63.38 4.27 25.10
CA ALA B 1198 63.82 5.46 25.79
C ALA B 1198 63.40 5.34 27.26
N PRO B 1199 64.18 5.84 28.22
CA PRO B 1199 63.88 5.91 29.64
C PRO B 1199 62.59 6.65 29.93
N GLN B 1200 61.86 6.19 30.93
CA GLN B 1200 60.63 6.83 31.36
C GLN B 1200 60.58 6.90 32.87
N VAL B 1201 59.85 7.88 33.39
CA VAL B 1201 59.72 8.10 34.83
C VAL B 1201 59.03 6.94 35.55
N THR B 1202 58.31 6.09 34.81
CA THR B 1202 57.59 4.97 35.38
C THR B 1202 58.35 3.66 35.30
N PHE B 1203 59.58 3.69 34.78
CA PHE B 1203 60.37 2.46 34.65
C PHE B 1203 61.12 2.17 35.93
N GLN B 1204 61.27 0.89 36.24
CA GLN B 1204 61.93 0.49 37.46
C GLN B 1204 63.44 0.56 37.31
N ASN B 1205 64.11 0.96 38.40
CA ASN B 1205 65.60 0.99 38.43
C ASN B 1205 66.05 -0.20 39.26
N ILE B 1206 66.72 -1.17 38.63
CA ILE B 1206 67.17 -2.42 39.27
C ILE B 1206 68.69 -2.55 39.40
N SER B 1207 69.14 -2.97 40.59
CA SER B 1207 70.50 -3.33 40.92
C SER B 1207 70.99 -4.83 40.80
N THR B 1208 70.19 -5.63 41.50
CA THR B 1208 70.39 -7.07 41.57
C THR B 1208 69.76 -7.97 40.52
N ASN B 1209 70.48 -9.01 40.18
CA ASN B 1209 69.94 -9.97 39.24
C ASN B 1209 69.44 -9.12 38.06
N LEU B 1210 70.32 -8.35 37.51
CA LEU B 1210 70.03 -7.56 36.33
C LEU B 1210 69.87 -8.49 35.11
N PRO B 1211 68.78 -8.37 34.33
CA PRO B 1211 68.51 -9.11 33.11
C PRO B 1211 69.63 -8.94 32.07
N PRO B 1212 69.96 -9.98 31.29
CA PRO B 1212 70.92 -9.99 30.20
C PRO B 1212 70.86 -8.82 29.22
N PRO B 1213 69.67 -8.30 28.80
CA PRO B 1213 69.54 -7.15 27.93
C PRO B 1213 70.09 -5.87 28.55
N LEU B 1214 70.20 -5.85 29.88
CA LEU B 1214 70.71 -4.67 30.57
C LEU B 1214 72.18 -4.82 31.00
N LEU B 1215 72.60 -5.99 31.42
CA LEU B 1215 74.05 -6.25 31.66
C LEU B 1215 74.78 -5.79 30.42
N CYS C 33 -27.88 -11.95 -69.69
CA CYS C 33 -26.63 -11.98 -68.94
C CYS C 33 -25.45 -12.34 -69.81
N PRO C 34 -24.26 -11.76 -69.57
CA PRO C 34 -22.98 -12.11 -70.19
C PRO C 34 -22.59 -13.56 -69.93
N GLN C 35 -21.91 -14.15 -70.90
CA GLN C 35 -21.39 -15.51 -70.80
C GLN C 35 -20.06 -15.52 -70.05
N VAL C 36 -19.91 -16.46 -69.13
CA VAL C 36 -18.65 -16.58 -68.43
C VAL C 36 -18.02 -17.95 -68.71
N ASP C 37 -16.70 -17.97 -68.80
CA ASP C 37 -15.93 -19.20 -68.92
C ASP C 37 -15.28 -19.46 -67.58
N MET C 38 -15.80 -20.41 -66.83
CA MET C 38 -15.29 -20.63 -65.50
C MET C 38 -14.36 -21.83 -65.47
N GLN C 39 -13.07 -21.54 -65.24
CA GLN C 39 -12.02 -22.55 -65.28
C GLN C 39 -11.08 -22.44 -64.08
N PRO C 40 -11.51 -22.87 -62.89
CA PRO C 40 -10.85 -22.69 -61.61
C PRO C 40 -9.39 -23.17 -61.59
N SER C 41 -9.06 -24.13 -62.44
CA SER C 41 -7.70 -24.68 -62.48
C SER C 41 -6.65 -23.64 -62.83
N TYR C 42 -7.02 -22.69 -63.68
CA TYR C 42 -6.09 -21.65 -64.13
C TYR C 42 -5.59 -20.78 -63.01
N PHE C 43 -6.37 -20.69 -61.95
CA PHE C 43 -6.12 -19.73 -60.90
C PHE C 43 -5.32 -20.35 -59.76
N ILE C 44 -4.87 -21.58 -59.96
CA ILE C 44 -4.04 -22.28 -59.00
C ILE C 44 -2.56 -21.98 -59.25
N LYS C 45 -2.20 -21.88 -60.53
CA LYS C 45 -0.80 -21.65 -60.91
C LYS C 45 -0.28 -20.30 -60.44
N HIS C 46 -1.18 -19.40 -60.08
CA HIS C 46 -0.81 -18.07 -59.63
C HIS C 46 -0.71 -17.99 -58.11
N ASN C 47 -0.84 -19.13 -57.44
CA ASN C 47 -0.76 -19.16 -55.99
C ASN C 47 0.63 -18.81 -55.50
N TRP C 48 0.68 -17.86 -54.56
CA TRP C 48 1.91 -17.36 -53.98
C TRP C 48 1.66 -16.92 -52.54
N PRO C 49 2.19 -17.61 -51.53
CA PRO C 49 1.89 -17.36 -50.14
C PRO C 49 2.39 -16.00 -49.69
N GLU C 50 1.53 -15.29 -48.95
CA GLU C 50 1.85 -13.99 -48.37
C GLU C 50 1.34 -13.92 -46.94
N PRO C 51 2.02 -14.53 -45.98
CA PRO C 51 1.58 -14.63 -44.62
C PRO C 51 1.62 -13.28 -43.94
N ILE C 52 0.78 -13.09 -42.95
CA ILE C 52 0.83 -11.87 -42.17
C ILE C 52 2.13 -11.77 -41.41
N ASP C 53 2.82 -10.65 -41.59
CA ASP C 53 4.05 -10.39 -40.87
C ASP C 53 3.82 -9.34 -39.80
N MET C 54 3.79 -9.78 -38.56
CA MET C 54 3.54 -8.88 -37.44
C MET C 54 4.65 -7.86 -37.29
N ASN C 55 5.82 -8.16 -37.84
CA ASN C 55 6.96 -7.27 -37.69
C ASN C 55 6.89 -6.10 -38.66
N LYS C 56 5.87 -6.11 -39.51
CA LYS C 56 5.59 -5.03 -40.44
C LYS C 56 4.21 -4.46 -40.12
N ALA C 57 3.60 -4.95 -39.04
CA ALA C 57 2.24 -4.60 -38.65
C ALA C 57 1.24 -4.84 -39.79
N ASP C 58 1.38 -5.95 -40.52
CA ASP C 58 0.46 -6.25 -41.60
C ASP C 58 -0.96 -6.47 -41.12
N GLY C 59 -1.89 -5.75 -41.72
CA GLY C 59 -3.31 -5.94 -41.44
C GLY C 59 -3.74 -5.31 -40.12
N VAL C 60 -2.85 -4.56 -39.50
CA VAL C 60 -3.17 -3.93 -38.23
C VAL C 60 -4.00 -2.68 -38.42
N ILE C 61 -5.11 -2.61 -37.69
CA ILE C 61 -5.98 -1.46 -37.72
C ILE C 61 -5.59 -0.48 -36.64
N TYR C 62 -5.35 0.75 -37.07
CA TYR C 62 -4.90 1.81 -36.21
C TYR C 62 -6.08 2.22 -35.31
N PRO C 63 -5.87 2.54 -34.03
CA PRO C 63 -6.89 3.04 -33.10
C PRO C 63 -7.61 4.23 -33.71
N ASN C 64 -8.91 4.35 -33.45
CA ASN C 64 -9.72 5.38 -34.11
C ASN C 64 -9.85 6.69 -33.35
N GLY C 65 -9.09 6.87 -32.29
CA GLY C 65 -9.14 8.09 -31.50
C GLY C 65 -7.92 8.97 -31.74
N ARG C 66 -7.16 9.20 -30.69
CA ARG C 66 -5.95 10.01 -30.73
C ARG C 66 -4.81 9.30 -31.46
N THR C 67 -3.84 10.08 -31.89
CA THR C 67 -2.61 9.55 -32.46
C THR C 67 -1.60 9.27 -31.36
N TYR C 68 -0.96 8.11 -31.44
CA TYR C 68 0.07 7.72 -30.50
C TYR C 68 1.42 7.86 -31.15
N SER C 69 2.43 8.29 -30.41
CA SER C 69 3.78 8.37 -30.96
C SER C 69 4.91 7.97 -30.05
N ASN C 70 5.91 7.25 -30.61
CA ASN C 70 7.12 6.76 -29.97
C ASN C 70 6.80 6.02 -28.65
N ILE C 71 5.66 5.28 -28.64
CA ILE C 71 5.23 4.43 -27.53
C ILE C 71 4.88 3.01 -27.90
N THR C 72 4.78 2.15 -26.90
CA THR C 72 4.26 0.82 -27.12
C THR C 72 2.93 0.73 -26.39
N LEU C 73 1.90 0.27 -27.09
CA LEU C 73 0.55 0.18 -26.54
C LEU C 73 0.09 -1.27 -26.48
N GLN C 74 -0.47 -1.69 -25.35
CA GLN C 74 -0.98 -3.05 -25.24
C GLN C 74 -2.48 -3.02 -25.52
N THR C 75 -2.89 -3.71 -26.58
CA THR C 75 -4.28 -3.68 -27.04
C THR C 75 -4.89 -5.05 -27.31
N THR C 76 -6.12 -5.25 -26.87
CA THR C 76 -6.88 -6.45 -27.27
C THR C 76 -7.95 -5.97 -28.23
N ASN C 77 -7.91 -6.48 -29.45
CA ASN C 77 -8.78 -6.00 -30.51
C ASN C 77 -8.77 -6.95 -31.68
N LEU C 78 -9.48 -6.58 -32.74
CA LEU C 78 -9.51 -7.40 -33.93
C LEU C 78 -8.29 -7.22 -34.79
N PHE C 79 -7.44 -8.24 -34.77
CA PHE C 79 -6.17 -8.26 -35.48
C PHE C 79 -6.06 -9.60 -36.22
N PRO C 80 -5.28 -9.68 -37.29
CA PRO C 80 -4.94 -10.91 -37.99
C PRO C 80 -3.99 -11.73 -37.14
N ARG C 81 -3.92 -13.04 -37.38
CA ARG C 81 -2.94 -13.85 -36.68
C ARG C 81 -1.61 -13.86 -37.40
N ASN C 82 -0.52 -13.67 -36.68
CA ASN C 82 0.79 -13.72 -37.28
C ASN C 82 1.04 -15.07 -37.91
N GLY C 83 1.54 -15.05 -39.14
CA GLY C 83 1.87 -16.26 -39.87
C GLY C 83 0.70 -16.79 -40.68
N ASP C 84 -0.47 -16.18 -40.49
CA ASP C 84 -1.67 -16.63 -41.18
C ASP C 84 -1.59 -16.41 -42.68
N LEU C 85 -1.89 -17.46 -43.43
CA LEU C 85 -1.99 -17.37 -44.86
C LEU C 85 -3.44 -17.19 -45.19
N GLY C 86 -3.77 -16.07 -45.81
CA GLY C 86 -5.15 -15.79 -46.09
C GLY C 86 -5.53 -16.53 -47.34
N THR C 87 -6.77 -16.38 -47.76
CA THR C 87 -7.17 -17.04 -48.97
C THR C 87 -6.76 -16.16 -50.12
N GLN C 88 -6.08 -16.73 -51.10
CA GLN C 88 -5.68 -15.95 -52.24
C GLN C 88 -6.74 -15.99 -53.30
N TYR C 89 -7.03 -14.82 -53.85
CA TYR C 89 -7.98 -14.71 -54.93
C TYR C 89 -7.27 -14.12 -56.12
N VAL C 90 -7.58 -14.64 -57.30
CA VAL C 90 -6.94 -14.20 -58.52
C VAL C 90 -7.95 -13.76 -59.57
N TYR C 91 -7.70 -12.61 -60.17
CA TYR C 91 -8.51 -12.09 -61.25
C TYR C 91 -7.74 -12.13 -62.56
N SER C 92 -8.45 -12.26 -63.68
CA SER C 92 -7.83 -12.29 -65.02
C SER C 92 -8.83 -11.81 -66.07
N ALA C 104 -16.16 -13.49 -69.96
CA ALA C 104 -15.31 -13.40 -68.77
C ALA C 104 -14.53 -14.69 -68.57
N PHE C 105 -13.38 -14.60 -67.89
CA PHE C 105 -12.53 -15.74 -67.52
C PHE C 105 -12.37 -15.75 -66.01
N ILE C 106 -13.08 -16.65 -65.36
CA ILE C 106 -13.21 -16.61 -63.91
C ILE C 106 -12.99 -17.93 -63.19
N SER C 107 -12.84 -17.83 -61.87
CA SER C 107 -12.81 -18.98 -60.96
C SER C 107 -14.17 -19.00 -60.23
N ASN C 108 -14.46 -20.11 -59.53
CA ASN C 108 -15.77 -20.30 -58.85
C ASN C 108 -15.81 -19.65 -57.47
N TYR C 109 -15.49 -18.33 -57.40
CA TYR C 109 -15.48 -17.58 -56.15
C TYR C 109 -16.89 -17.26 -55.70
N SER C 110 -17.79 -17.14 -56.66
CA SER C 110 -19.16 -16.81 -56.35
C SER C 110 -19.87 -17.95 -55.65
N TYR C 111 -19.28 -19.14 -55.65
CA TYR C 111 -19.92 -20.29 -55.04
C TYR C 111 -19.61 -20.35 -53.56
N TYR C 112 -18.72 -19.48 -53.11
CA TYR C 112 -18.32 -19.50 -51.72
C TYR C 112 -18.98 -18.41 -50.91
N GLY C 113 -19.35 -18.78 -49.69
CA GLY C 113 -19.85 -17.87 -48.68
C GLY C 113 -18.95 -18.08 -47.49
N ASN C 114 -17.88 -17.30 -47.45
CA ASN C 114 -16.84 -17.45 -46.47
C ASN C 114 -17.29 -16.81 -45.18
N PRO C 115 -17.10 -17.43 -44.01
CA PRO C 115 -17.45 -16.87 -42.73
C PRO C 115 -16.80 -15.52 -42.55
N PHE C 116 -17.60 -14.55 -42.15
CA PHE C 116 -17.13 -13.20 -41.93
C PHE C 116 -16.42 -13.12 -40.59
N GLY C 117 -16.99 -13.80 -39.60
CA GLY C 117 -16.46 -13.74 -38.25
C GLY C 117 -16.58 -12.34 -37.70
N ASP C 118 -15.48 -11.81 -37.21
CA ASP C 118 -15.46 -10.48 -36.62
C ASP C 118 -15.16 -9.42 -37.67
N GLY C 119 -14.45 -9.80 -38.71
CA GLY C 119 -14.08 -8.89 -39.77
C GLY C 119 -12.96 -9.50 -40.60
N ILE C 120 -12.64 -8.83 -41.69
CA ILE C 120 -11.56 -9.27 -42.58
C ILE C 120 -10.64 -8.11 -42.96
N VAL C 121 -9.41 -8.46 -43.31
CA VAL C 121 -8.47 -7.50 -43.89
C VAL C 121 -7.95 -8.05 -45.20
N ILE C 122 -7.74 -7.16 -46.16
CA ILE C 122 -7.33 -7.57 -47.47
C ILE C 122 -6.04 -6.91 -47.95
N ARG C 123 -5.11 -7.75 -48.38
CA ARG C 123 -3.86 -7.30 -48.96
C ARG C 123 -4.04 -7.20 -50.45
N ILE C 124 -3.91 -6.01 -51.01
CA ILE C 124 -4.12 -5.83 -52.44
C ILE C 124 -2.77 -5.69 -53.15
N GLY C 125 -2.45 -6.65 -54.04
CA GLY C 125 -1.18 -6.71 -54.74
C GLY C 125 -1.10 -8.24 -54.79
N LYS C 145 -3.36 -4.91 -60.17
CA LYS C 145 -3.91 -4.64 -58.84
C LYS C 145 -5.41 -4.45 -58.90
N ILE C 146 -6.15 -5.26 -59.66
CA ILE C 146 -7.58 -4.99 -59.46
C ILE C 146 -8.10 -4.96 -58.04
N TYR C 147 -8.68 -3.81 -57.68
CA TYR C 147 -9.16 -3.58 -56.33
C TYR C 147 -10.44 -4.43 -56.18
N PRO C 148 -10.46 -5.39 -55.23
CA PRO C 148 -11.48 -6.42 -55.10
C PRO C 148 -12.91 -5.99 -54.81
N ALA C 149 -13.85 -6.71 -55.40
CA ALA C 149 -15.28 -6.49 -55.20
C ALA C 149 -15.83 -7.57 -54.28
N LEU C 150 -16.63 -7.15 -53.31
CA LEU C 150 -17.19 -8.07 -52.32
C LEU C 150 -18.69 -8.02 -52.20
N MET C 151 -19.29 -9.16 -51.90
CA MET C 151 -20.69 -9.24 -51.56
C MET C 151 -20.77 -9.79 -50.13
N LEU C 152 -21.52 -9.12 -49.26
CA LEU C 152 -21.59 -9.53 -47.86
C LEU C 152 -23.02 -9.60 -47.35
N GLY C 153 -23.32 -10.57 -46.51
CA GLY C 153 -24.69 -10.62 -45.98
C GLY C 153 -24.85 -11.56 -44.79
N SER C 154 -26.09 -11.67 -44.31
CA SER C 154 -26.42 -12.45 -43.12
C SER C 154 -26.79 -13.90 -43.42
N SER C 155 -27.13 -14.21 -44.66
CA SER C 155 -27.55 -15.56 -45.00
C SER C 155 -27.11 -15.91 -46.40
N PHE C 156 -26.62 -17.14 -46.56
CA PHE C 156 -26.06 -17.61 -47.80
C PHE C 156 -26.56 -19.01 -48.15
N GLY C 157 -26.86 -19.23 -49.42
CA GLY C 157 -27.34 -20.54 -49.88
C GLY C 157 -27.34 -20.66 -51.41
N ASN C 158 -28.24 -21.51 -51.94
CA ASN C 158 -28.36 -21.83 -53.34
C ASN C 158 -29.44 -20.99 -54.03
N PHE C 159 -29.35 -20.84 -55.35
CA PHE C 159 -30.41 -20.27 -56.19
C PHE C 159 -31.43 -21.37 -56.46
N SER C 160 -32.71 -21.06 -56.28
CA SER C 160 -33.79 -22.07 -56.34
C SER C 160 -34.05 -22.73 -57.70
N VAL C 161 -33.55 -22.16 -58.77
CA VAL C 161 -33.82 -22.72 -60.10
C VAL C 161 -32.75 -23.70 -60.58
N ASN C 162 -31.50 -23.36 -60.35
CA ASN C 162 -30.38 -24.13 -60.86
C ASN C 162 -29.52 -24.80 -59.78
N ASN C 163 -29.87 -24.56 -58.52
CA ASN C 163 -29.19 -25.15 -57.37
C ASN C 163 -27.71 -24.78 -57.28
N LYS C 164 -27.33 -23.66 -57.88
CA LYS C 164 -25.96 -23.20 -57.75
C LYS C 164 -25.79 -22.41 -56.48
N SER C 165 -24.69 -22.66 -55.78
CA SER C 165 -24.37 -21.93 -54.57
C SER C 165 -24.02 -20.49 -54.94
N GLY C 166 -24.33 -19.54 -54.08
CA GLY C 166 -23.97 -18.15 -54.36
C GLY C 166 -25.08 -17.15 -54.10
N ALA C 167 -26.23 -17.63 -53.63
CA ALA C 167 -27.35 -16.74 -53.36
C ALA C 167 -27.24 -16.12 -51.98
N TYR C 168 -27.60 -14.85 -51.90
CA TYR C 168 -27.74 -14.16 -50.64
C TYR C 168 -29.18 -13.82 -50.42
N PHE C 169 -29.59 -13.84 -49.17
CA PHE C 169 -30.97 -13.56 -48.85
C PHE C 169 -31.08 -12.26 -48.06
N ASN C 170 -32.23 -11.59 -48.20
CA ASN C 170 -32.56 -10.31 -47.57
C ASN C 170 -31.61 -9.22 -48.05
N HIS C 171 -31.24 -8.23 -47.23
CA HIS C 171 -30.38 -7.15 -47.70
C HIS C 171 -28.93 -7.55 -47.69
N THR C 172 -28.28 -7.28 -48.81
CA THR C 172 -26.91 -7.64 -49.07
C THR C 172 -26.08 -6.39 -49.29
N LEU C 173 -24.88 -6.39 -48.71
CA LEU C 173 -23.95 -5.30 -48.87
C LEU C 173 -23.01 -5.57 -50.03
N LEU C 174 -22.94 -4.64 -50.96
CA LEU C 174 -22.08 -4.79 -52.11
C LEU C 174 -21.05 -3.69 -52.13
N ILE C 175 -19.79 -4.08 -52.16
CA ILE C 175 -18.70 -3.14 -52.22
C ILE C 175 -18.00 -3.33 -53.54
N LEU C 176 -18.20 -2.40 -54.47
CA LEU C 176 -17.73 -2.56 -55.83
C LEU C 176 -16.84 -1.40 -56.26
N PRO C 177 -15.51 -1.52 -56.14
CA PRO C 177 -14.53 -0.54 -56.58
C PRO C 177 -14.60 -0.37 -58.09
N SER C 178 -14.44 0.89 -58.55
CA SER C 178 -14.41 1.27 -59.96
C SER C 178 -13.88 2.70 -60.08
N THR C 182 -9.52 5.67 -58.00
CA THR C 182 -10.42 4.59 -57.55
C THR C 182 -11.44 5.11 -56.52
N VAL C 183 -12.72 4.78 -56.76
CA VAL C 183 -13.87 5.07 -55.91
C VAL C 183 -14.62 3.80 -55.57
N PHE C 184 -15.08 3.69 -54.32
CA PHE C 184 -15.88 2.54 -53.93
C PHE C 184 -17.36 2.81 -54.08
N GLN C 185 -18.06 1.93 -54.79
CA GLN C 185 -19.51 2.04 -54.82
C GLN C 185 -20.07 1.09 -53.77
N VAL C 186 -20.69 1.64 -52.73
CA VAL C 186 -21.17 0.79 -51.65
C VAL C 186 -22.68 0.82 -51.54
N ALA C 187 -23.32 -0.33 -51.67
CA ALA C 187 -24.77 -0.42 -51.65
C ALA C 187 -25.28 -1.44 -50.66
N TYR C 188 -26.43 -1.14 -50.05
CA TYR C 188 -27.12 -2.12 -49.22
C TYR C 188 -28.52 -2.28 -49.78
N CYS C 189 -28.74 -3.37 -50.54
CA CYS C 189 -29.91 -3.63 -51.34
C CYS C 189 -30.35 -5.07 -51.24
N LEU C 190 -31.59 -5.34 -51.57
CA LEU C 190 -32.04 -6.70 -51.61
C LEU C 190 -31.88 -7.17 -53.05
N LEU C 191 -31.38 -8.38 -53.23
CA LEU C 191 -31.16 -8.87 -54.58
C LEU C 191 -32.25 -9.80 -55.04
N GLN C 192 -32.72 -9.56 -56.26
CA GLN C 192 -33.72 -10.39 -56.89
C GLN C 192 -33.20 -10.84 -58.25
N PRO C 193 -32.59 -12.02 -58.35
CA PRO C 193 -31.83 -12.51 -59.49
C PRO C 193 -32.70 -12.55 -60.74
N ARG C 194 -32.13 -12.16 -61.86
CA ARG C 194 -32.81 -12.15 -63.13
C ARG C 194 -32.97 -13.56 -63.65
N THR C 195 -34.01 -13.78 -64.45
CA THR C 195 -34.32 -15.09 -64.98
C THR C 195 -33.98 -15.30 -66.44
N ASP C 196 -33.29 -14.35 -67.04
CA ASP C 196 -32.95 -14.46 -68.45
C ASP C 196 -31.85 -15.48 -68.63
N SER C 197 -31.46 -15.73 -69.86
CA SER C 197 -30.48 -16.76 -70.11
C SER C 197 -29.15 -16.40 -69.45
N TYR C 198 -28.55 -17.39 -68.78
CA TYR C 198 -27.29 -17.28 -68.03
C TYR C 198 -27.32 -16.36 -66.80
N CYS C 199 -28.53 -16.06 -66.29
CA CYS C 199 -28.74 -15.28 -65.08
C CYS C 199 -29.04 -16.25 -63.94
N PRO C 200 -28.84 -15.88 -62.67
CA PRO C 200 -28.91 -16.74 -61.50
C PRO C 200 -30.28 -17.40 -61.31
N GLY C 201 -31.31 -16.88 -61.95
CA GLY C 201 -32.65 -17.44 -61.87
C GLY C 201 -32.96 -18.38 -63.04
N ASN C 202 -31.94 -18.72 -63.82
CA ASN C 202 -32.10 -19.56 -65.00
C ASN C 202 -31.31 -20.86 -64.93
N ALA C 203 -31.87 -21.90 -65.54
CA ALA C 203 -31.27 -23.23 -65.52
C ALA C 203 -29.85 -23.30 -66.10
N ASN C 204 -29.53 -22.47 -67.08
CA ASN C 204 -28.22 -22.56 -67.72
C ASN C 204 -27.15 -21.67 -67.10
N TYR C 205 -27.45 -21.09 -65.94
CA TYR C 205 -26.54 -20.23 -65.20
C TYR C 205 -25.29 -20.90 -64.69
N VAL C 206 -24.17 -20.21 -64.83
CA VAL C 206 -22.90 -20.68 -64.29
C VAL C 206 -22.41 -19.78 -63.15
N SER C 207 -22.21 -18.50 -63.45
CA SER C 207 -21.66 -17.59 -62.44
C SER C 207 -21.74 -16.14 -62.90
N TYR C 208 -21.94 -15.23 -61.95
CA TYR C 208 -21.91 -13.80 -62.27
C TYR C 208 -20.50 -13.25 -62.16
N ALA C 209 -20.21 -12.20 -62.93
CA ALA C 209 -18.89 -11.60 -62.88
C ALA C 209 -18.94 -10.12 -63.27
N LEU C 210 -17.93 -9.39 -62.83
CA LEU C 210 -17.75 -8.00 -63.21
C LEU C 210 -16.71 -7.90 -64.32
N ILE C 211 -16.84 -6.89 -65.20
CA ILE C 211 -15.90 -6.68 -66.30
C ILE C 211 -15.63 -5.18 -66.44
N ASN C 227 -18.98 1.43 -64.43
CA ASN C 227 -19.24 1.27 -63.01
C ASN C 227 -19.60 -0.18 -62.69
N GLY C 228 -19.09 -0.68 -61.54
CA GLY C 228 -19.30 -2.06 -61.07
C GLY C 228 -20.77 -2.38 -60.82
N LEU C 229 -21.50 -1.38 -60.36
CA LEU C 229 -22.91 -1.56 -60.06
C LEU C 229 -23.74 -1.88 -61.30
N GLU C 230 -23.29 -1.43 -62.47
CA GLU C 230 -24.05 -1.67 -63.69
C GLU C 230 -23.89 -3.10 -64.16
N ASP C 231 -22.74 -3.70 -63.85
CA ASP C 231 -22.51 -5.09 -64.22
C ASP C 231 -23.32 -5.98 -63.29
N ILE C 232 -23.43 -5.61 -62.02
CA ILE C 232 -24.25 -6.38 -61.10
C ILE C 232 -25.70 -6.36 -61.54
N LYS C 233 -26.16 -5.19 -62.00
CA LYS C 233 -27.53 -5.04 -62.44
C LYS C 233 -27.87 -5.90 -63.67
N LYS C 234 -26.86 -6.46 -64.34
CA LYS C 234 -27.13 -7.33 -65.46
C LYS C 234 -27.54 -8.72 -65.01
N TYR C 235 -27.20 -9.07 -63.77
CA TYR C 235 -27.49 -10.40 -63.22
C TYR C 235 -28.59 -10.35 -62.18
N PHE C 236 -28.68 -9.24 -61.46
CA PHE C 236 -29.62 -9.11 -60.38
C PHE C 236 -30.43 -7.85 -60.50
N ASN C 237 -31.67 -7.90 -60.07
CA ASN C 237 -32.43 -6.68 -59.94
C ASN C 237 -32.21 -6.16 -58.53
N LEU C 238 -31.88 -4.88 -58.39
CA LEU C 238 -31.62 -4.32 -57.06
C LEU C 238 -32.83 -3.54 -56.59
N VAL C 239 -33.42 -4.01 -55.51
CA VAL C 239 -34.65 -3.44 -54.98
C VAL C 239 -34.52 -3.15 -53.48
N ASN C 240 -35.45 -2.33 -52.94
CA ASN C 240 -35.57 -2.07 -51.49
C ASN C 240 -34.28 -1.49 -50.88
N CYS C 241 -33.46 -0.80 -51.69
CA CYS C 241 -32.18 -0.25 -51.23
C CYS C 241 -32.36 0.78 -50.14
N THR C 242 -31.57 0.66 -49.08
CA THR C 242 -31.64 1.60 -47.99
C THR C 242 -30.39 2.44 -47.96
N TYR C 243 -29.34 1.96 -48.62
CA TYR C 243 -28.09 2.67 -48.58
C TYR C 243 -27.34 2.67 -49.90
N PHE C 244 -26.82 3.83 -50.27
CA PHE C 244 -25.88 3.92 -51.39
C PHE C 244 -25.03 5.17 -51.33
N GLU C 245 -23.71 4.95 -51.28
CA GLU C 245 -22.74 6.04 -51.25
C GLU C 245 -21.53 5.70 -52.11
N GLU C 246 -20.85 6.72 -52.60
CA GLU C 246 -19.61 6.53 -53.34
C GLU C 246 -18.46 7.15 -52.57
N PHE C 247 -17.43 6.35 -52.26
CA PHE C 247 -16.27 6.87 -51.49
C PHE C 247 -15.10 7.14 -52.43
N ASN C 248 -14.75 8.42 -52.57
CA ASN C 248 -13.55 8.76 -53.35
C ASN C 248 -12.45 8.63 -52.33
N VAL C 249 -11.50 7.73 -52.53
CA VAL C 249 -10.49 7.48 -51.45
C VAL C 249 -9.23 8.17 -51.98
N THR C 250 -8.82 7.93 -53.23
CA THR C 250 -7.57 8.45 -53.79
C THR C 250 -6.37 7.56 -53.45
N ALA C 251 -6.39 6.33 -53.98
CA ALA C 251 -5.30 5.38 -53.77
C ALA C 251 -4.21 5.53 -54.81
N ASP C 252 -2.99 5.17 -54.43
CA ASP C 252 -1.84 5.18 -55.31
C ASP C 252 -1.51 3.80 -55.90
N GLU C 253 -0.46 3.74 -56.74
CA GLU C 253 0.01 2.50 -57.34
C GLU C 253 0.59 1.45 -56.40
N ARG C 254 1.12 2.00 -55.29
CA ARG C 254 1.83 1.16 -54.28
C ARG C 254 0.91 0.13 -53.62
N ALA C 255 1.48 -0.84 -52.93
CA ALA C 255 0.67 -1.79 -52.17
C ALA C 255 -0.39 -1.18 -51.24
N GLU C 256 -1.57 -1.81 -51.22
CA GLU C 256 -2.73 -1.28 -50.52
C GLU C 256 -3.42 -2.27 -49.57
N TRP C 257 -3.87 -1.80 -48.40
CA TRP C 257 -4.70 -2.61 -47.51
C TRP C 257 -6.12 -2.08 -47.42
N PHE C 258 -7.08 -3.01 -47.30
CA PHE C 258 -8.50 -2.68 -47.11
C PHE C 258 -9.13 -3.57 -46.05
N GLY C 259 -9.97 -3.05 -45.17
CA GLY C 259 -10.59 -3.92 -44.18
C GLY C 259 -12.08 -3.64 -43.94
N ILE C 260 -12.78 -4.67 -43.44
CA ILE C 260 -14.20 -4.55 -43.08
C ILE C 260 -14.47 -5.18 -41.72
N THR C 261 -15.08 -4.43 -40.81
CA THR C 261 -15.50 -4.99 -39.52
C THR C 261 -16.93 -4.57 -39.24
N GLN C 262 -17.58 -5.17 -38.26
CA GLN C 262 -18.92 -4.72 -37.92
C GLN C 262 -19.17 -4.70 -36.42
N ASP C 263 -19.82 -3.64 -35.95
CA ASP C 263 -20.22 -3.51 -34.55
C ASP C 263 -21.58 -2.81 -34.45
N SER C 264 -21.90 -2.29 -33.28
CA SER C 264 -23.22 -1.70 -33.06
C SER C 264 -23.49 -0.45 -33.89
N GLN C 265 -22.43 0.18 -34.40
CA GLN C 265 -22.57 1.39 -35.18
C GLN C 265 -22.53 1.13 -36.66
N GLY C 266 -22.51 -0.13 -37.06
CA GLY C 266 -22.53 -0.46 -38.48
C GLY C 266 -21.25 -1.10 -38.96
N VAL C 267 -21.12 -1.13 -40.28
CA VAL C 267 -19.99 -1.75 -40.95
C VAL C 267 -18.93 -0.72 -41.20
N HIS C 268 -17.73 -0.99 -40.73
CA HIS C 268 -16.65 -0.05 -40.79
C HIS C 268 -15.64 -0.44 -41.83
N LEU C 269 -15.41 0.47 -42.76
CA LEU C 269 -14.49 0.24 -43.86
C LEU C 269 -13.19 0.96 -43.59
N TYR C 270 -12.10 0.21 -43.65
CA TYR C 270 -10.78 0.71 -43.36
C TYR C 270 -9.90 0.67 -44.57
N THR C 271 -8.96 1.59 -44.67
CA THR C 271 -8.01 1.56 -45.75
C THR C 271 -6.70 2.21 -45.33
N SER C 272 -5.62 1.77 -45.95
CA SER C 272 -4.31 2.37 -45.73
C SER C 272 -4.18 3.70 -46.49
N SER C 279 2.90 4.51 -45.04
CA SER C 279 2.60 3.45 -44.07
C SER C 279 1.54 2.46 -44.61
N ASN C 280 1.41 1.28 -43.96
CA ASN C 280 0.46 0.21 -44.31
C ASN C 280 -0.57 -0.03 -43.21
N ASN C 281 -0.77 0.97 -42.37
CA ASN C 281 -1.75 0.85 -41.29
C ASN C 281 -3.14 1.10 -41.85
N LEU C 282 -4.12 0.38 -41.33
CA LEU C 282 -5.51 0.59 -41.72
C LEU C 282 -6.18 1.67 -40.90
N PHE C 283 -6.80 2.63 -41.59
CA PHE C 283 -7.51 3.73 -40.94
C PHE C 283 -8.96 3.73 -41.37
N LEU C 284 -9.85 4.13 -40.49
CA LEU C 284 -11.26 4.15 -40.84
C LEU C 284 -11.55 5.23 -41.86
N PHE C 285 -12.26 4.88 -42.94
CA PHE C 285 -12.61 5.91 -43.92
C PHE C 285 -14.12 6.02 -44.10
N ALA C 286 -14.86 4.99 -43.73
CA ALA C 286 -16.31 5.03 -43.91
C ALA C 286 -17.04 4.14 -42.95
N SER C 287 -18.27 4.53 -42.62
CA SER C 287 -19.15 3.70 -41.81
C SER C 287 -20.50 3.56 -42.51
N VAL C 288 -20.97 2.33 -42.61
CA VAL C 288 -22.21 2.00 -43.30
C VAL C 288 -23.28 1.51 -42.31
N PRO C 289 -24.46 2.13 -42.26
CA PRO C 289 -25.53 1.90 -41.28
C PRO C 289 -26.28 0.58 -41.47
N ILE C 290 -25.57 -0.51 -41.32
CA ILE C 290 -26.10 -1.86 -41.38
C ILE C 290 -26.07 -2.50 -40.01
N TYR C 291 -27.25 -2.81 -39.50
CA TYR C 291 -27.33 -3.34 -38.15
C TYR C 291 -27.74 -4.80 -38.18
N ASP C 292 -27.75 -5.36 -39.38
CA ASP C 292 -28.00 -6.77 -39.63
C ASP C 292 -26.66 -7.46 -39.67
N LYS C 293 -26.41 -8.35 -38.72
CA LYS C 293 -25.10 -8.96 -38.65
C LYS C 293 -24.70 -9.67 -39.94
N ILE C 294 -23.50 -9.37 -40.40
CA ILE C 294 -22.92 -10.02 -41.56
C ILE C 294 -22.29 -11.32 -41.12
N ASN C 295 -22.68 -12.41 -41.77
CA ASN C 295 -22.17 -13.71 -41.41
C ASN C 295 -21.27 -14.28 -42.48
N TYR C 296 -21.49 -13.88 -43.73
CA TYR C 296 -20.73 -14.40 -44.86
C TYR C 296 -20.26 -13.31 -45.80
N TYR C 297 -19.13 -13.56 -46.46
CA TYR C 297 -18.70 -12.69 -47.54
C TYR C 297 -18.31 -13.54 -48.76
N THR C 298 -18.44 -12.94 -49.93
CA THR C 298 -18.13 -13.57 -51.20
C THR C 298 -17.27 -12.68 -52.07
N VAL C 299 -16.25 -13.26 -52.68
CA VAL C 299 -15.49 -12.51 -53.65
C VAL C 299 -16.16 -12.58 -55.01
N ILE C 300 -16.41 -11.43 -55.60
CA ILE C 300 -17.09 -11.39 -56.89
C ILE C 300 -16.06 -11.51 -57.99
N PRO C 301 -16.12 -12.54 -58.85
CA PRO C 301 -15.18 -12.79 -59.91
C PRO C 301 -15.06 -11.61 -60.85
N ARG C 302 -13.85 -11.34 -61.33
CA ARG C 302 -13.64 -10.26 -62.27
C ARG C 302 -12.74 -10.65 -63.43
N SER C 303 -13.00 -10.02 -64.57
CA SER C 303 -12.18 -10.15 -65.78
C SER C 303 -11.84 -8.78 -66.34
N ILE C 304 -10.71 -8.68 -67.06
CA ILE C 304 -10.25 -7.44 -67.72
C ILE C 304 -9.92 -7.77 -69.17
N TRP C 314 -2.80 -10.27 -65.08
CA TRP C 314 -3.56 -10.83 -63.98
C TRP C 314 -3.37 -9.95 -62.75
N ALA C 315 -4.05 -10.29 -61.64
CA ALA C 315 -3.93 -9.60 -60.36
C ALA C 315 -4.33 -10.52 -59.23
N ALA C 316 -3.88 -10.22 -58.03
CA ALA C 316 -4.24 -11.05 -56.90
C ALA C 316 -4.32 -10.25 -55.61
N PHE C 317 -5.09 -10.79 -54.68
CA PHE C 317 -5.22 -10.21 -53.36
C PHE C 317 -5.45 -11.32 -52.36
N TYR C 318 -5.23 -11.02 -51.09
CA TYR C 318 -5.34 -12.01 -50.05
C TYR C 318 -6.29 -11.56 -48.96
N VAL C 319 -7.15 -12.47 -48.51
CA VAL C 319 -8.10 -12.11 -47.47
C VAL C 319 -7.81 -12.87 -46.18
N TYR C 320 -7.64 -12.13 -45.09
CA TYR C 320 -7.31 -12.74 -43.82
C TYR C 320 -8.41 -12.41 -42.83
N PRO C 321 -8.80 -13.34 -41.96
CA PRO C 321 -9.77 -13.14 -40.91
C PRO C 321 -9.19 -12.35 -39.74
N LEU C 322 -10.04 -11.63 -39.04
CA LEU C 322 -9.63 -10.97 -37.81
C LEU C 322 -10.13 -11.72 -36.59
N HIS C 323 -9.36 -11.65 -35.53
CA HIS C 323 -9.68 -12.33 -34.28
C HIS C 323 -9.44 -11.43 -33.07
N GLN C 324 -10.09 -11.72 -31.95
CA GLN C 324 -9.82 -10.95 -30.74
C GLN C 324 -8.52 -11.41 -30.11
N LEU C 325 -7.43 -10.82 -30.59
CA LEU C 325 -6.09 -11.18 -30.21
C LEU C 325 -5.60 -10.03 -29.38
N SER C 326 -4.63 -10.32 -28.53
CA SER C 326 -3.97 -9.26 -27.80
C SER C 326 -2.65 -9.00 -28.50
N TYR C 327 -2.40 -7.73 -28.78
CA TYR C 327 -1.21 -7.29 -29.50
C TYR C 327 -0.47 -6.22 -28.74
N LEU C 328 0.84 -6.18 -28.93
CA LEU C 328 1.59 -5.04 -28.47
C LEU C 328 1.94 -4.24 -29.73
N LEU C 329 1.60 -2.96 -29.74
CA LEU C 329 1.81 -2.13 -30.92
C LEU C 329 2.88 -1.08 -30.73
N ASN C 330 3.89 -1.08 -31.59
CA ASN C 330 4.99 -0.13 -31.49
C ASN C 330 4.83 1.03 -32.47
N PHE C 331 4.60 2.22 -31.92
CA PHE C 331 4.38 3.42 -32.72
C PHE C 331 5.70 4.16 -32.90
N ASP C 332 5.97 4.65 -34.11
CA ASP C 332 7.19 5.38 -34.39
C ASP C 332 6.98 6.88 -34.20
N VAL C 333 7.98 7.66 -34.62
CA VAL C 333 7.99 9.10 -34.45
C VAL C 333 6.96 9.83 -35.30
N ASN C 334 6.43 9.14 -36.32
CA ASN C 334 5.47 9.75 -37.21
C ASN C 334 4.07 9.32 -36.83
N GLY C 335 3.95 8.57 -35.74
CA GLY C 335 2.67 8.10 -35.26
C GLY C 335 2.15 6.88 -36.01
N TYR C 336 3.02 6.10 -36.63
CA TYR C 336 2.54 4.92 -37.33
C TYR C 336 2.98 3.67 -36.60
N ILE C 337 2.22 2.60 -36.75
CA ILE C 337 2.60 1.34 -36.14
C ILE C 337 3.57 0.68 -37.10
N THR C 338 4.80 0.48 -36.64
CA THR C 338 5.81 -0.06 -37.55
C THR C 338 6.06 -1.52 -37.26
N GLN C 339 5.76 -1.94 -36.06
CA GLN C 339 5.88 -3.35 -35.73
C GLN C 339 4.87 -3.67 -34.67
N ALA C 340 4.52 -4.94 -34.58
CA ALA C 340 3.60 -5.39 -33.58
C ALA C 340 3.94 -6.80 -33.14
N ALA C 341 3.50 -7.15 -31.94
CA ALA C 341 3.68 -8.51 -31.46
C ALA C 341 2.34 -9.18 -31.27
N ASP C 342 2.17 -10.31 -31.93
CA ASP C 342 1.00 -11.15 -31.74
C ASP C 342 1.39 -12.01 -30.55
N CYS C 343 0.90 -11.64 -29.36
CA CYS C 343 1.39 -12.15 -28.07
C CYS C 343 1.37 -13.67 -27.98
N GLY C 344 0.37 -14.31 -28.57
CA GLY C 344 0.27 -15.76 -28.45
C GLY C 344 0.96 -16.52 -29.58
N TYR C 345 1.67 -15.83 -30.47
CA TYR C 345 2.30 -16.49 -31.60
C TYR C 345 3.42 -17.45 -31.21
N ASN C 346 4.40 -16.97 -30.45
CA ASN C 346 5.52 -17.80 -30.04
C ASN C 346 6.00 -17.37 -28.68
N ASP C 347 7.15 -17.90 -28.26
CA ASP C 347 7.64 -17.61 -26.92
C ASP C 347 8.24 -16.23 -26.84
N TYR C 348 8.82 -15.78 -27.94
CA TYR C 348 9.38 -14.45 -27.97
C TYR C 348 8.30 -13.40 -27.82
N THR C 349 7.18 -13.56 -28.52
CA THR C 349 6.09 -12.60 -28.43
C THR C 349 5.45 -12.62 -27.05
N GLN C 350 5.38 -13.79 -26.42
CA GLN C 350 4.83 -13.82 -25.06
C GLN C 350 5.76 -13.06 -24.14
N LEU C 351 7.07 -13.18 -24.37
CA LEU C 351 8.06 -12.45 -23.60
C LEU C 351 7.91 -10.95 -23.78
N VAL C 352 7.77 -10.52 -25.03
CA VAL C 352 7.61 -9.11 -25.33
C VAL C 352 6.37 -8.49 -24.70
N CYS C 353 5.22 -9.20 -24.78
CA CYS C 353 3.94 -8.72 -24.23
C CYS C 353 3.91 -8.79 -22.70
N SER C 354 4.64 -9.74 -22.11
CA SER C 354 4.70 -9.87 -20.66
C SER C 354 5.46 -8.69 -20.05
N TYR C 355 6.45 -8.19 -20.77
CA TYR C 355 7.25 -7.08 -20.29
C TYR C 355 6.90 -5.75 -20.95
N GLY C 356 6.22 -5.78 -22.10
CA GLY C 356 5.83 -4.55 -22.80
C GLY C 356 7.03 -3.90 -23.46
N ASP C 357 7.96 -4.71 -23.94
CA ASP C 357 9.19 -4.16 -24.50
C ASP C 357 9.71 -4.92 -25.71
N PHE C 358 9.77 -4.24 -26.85
CA PHE C 358 10.22 -4.86 -28.09
C PHE C 358 11.74 -5.00 -28.18
N ASN C 359 12.47 -4.34 -27.28
CA ASN C 359 13.93 -4.36 -27.32
C ASN C 359 14.51 -4.72 -25.98
N MET C 360 14.23 -5.92 -25.53
CA MET C 360 14.69 -6.41 -24.24
C MET C 360 16.14 -6.83 -24.26
N LYS C 361 16.76 -6.81 -23.10
CA LYS C 361 18.14 -7.23 -22.93
C LYS C 361 18.23 -8.74 -22.82
N SER C 362 19.43 -9.27 -22.92
CA SER C 362 19.60 -10.70 -22.76
C SER C 362 19.26 -11.10 -21.34
N GLY C 363 18.69 -12.28 -21.18
CA GLY C 363 18.37 -12.78 -19.85
C GLY C 363 17.37 -13.92 -19.89
N VAL C 364 17.07 -14.47 -18.73
CA VAL C 364 16.08 -15.53 -18.61
C VAL C 364 14.89 -14.97 -17.86
N TYR C 365 13.77 -14.85 -18.56
CA TYR C 365 12.60 -14.16 -18.02
C TYR C 365 11.42 -15.07 -17.85
N SER C 366 10.66 -14.91 -16.78
CA SER C 366 9.42 -15.67 -16.69
C SER C 366 8.42 -15.05 -17.63
N THR C 367 7.47 -15.80 -18.16
CA THR C 367 6.47 -15.20 -19.03
C THR C 367 5.07 -15.64 -18.70
N SER C 368 4.09 -14.86 -19.16
CA SER C 368 2.69 -15.18 -19.05
C SER C 368 2.20 -15.88 -20.30
N TYR C 369 1.04 -16.50 -20.21
CA TYR C 369 0.41 -17.19 -21.33
C TYR C 369 -0.56 -16.30 -22.07
N TYR C 370 -0.45 -16.28 -23.40
CA TYR C 370 -1.37 -15.53 -24.23
C TYR C 370 -2.22 -16.35 -25.21
N SER C 371 -2.20 -17.67 -25.08
CA SER C 371 -2.97 -18.55 -25.93
C SER C 371 -3.76 -19.64 -25.18
N ALA C 372 -3.77 -19.55 -23.86
CA ALA C 372 -4.37 -20.59 -23.03
C ALA C 372 -5.87 -20.30 -22.98
N LYS C 373 -6.53 -20.54 -24.09
CA LYS C 373 -7.96 -20.33 -24.21
C LYS C 373 -8.68 -21.67 -24.15
N PRO C 374 -9.89 -21.73 -23.58
CA PRO C 374 -10.73 -22.91 -23.49
C PRO C 374 -11.30 -23.32 -24.84
N VAL C 375 -11.40 -24.63 -25.06
CA VAL C 375 -12.07 -25.19 -26.22
C VAL C 375 -13.06 -26.26 -25.79
N GLY C 376 -14.33 -25.91 -25.81
CA GLY C 376 -15.35 -26.83 -25.32
C GLY C 376 -15.67 -26.53 -23.87
N ALA C 377 -16.71 -27.18 -23.35
CA ALA C 377 -17.12 -26.90 -21.98
C ALA C 377 -17.83 -28.09 -21.37
N TYR C 378 -17.76 -28.19 -20.05
CA TYR C 378 -18.41 -29.26 -19.30
C TYR C 378 -19.32 -28.78 -18.18
N TYR C 379 -20.54 -29.31 -18.15
CA TYR C 379 -21.54 -28.97 -17.14
C TYR C 379 -21.91 -30.17 -16.30
N GLU C 380 -21.99 -29.96 -15.00
CA GLU C 380 -22.46 -31.01 -14.10
C GLU C 380 -23.30 -30.44 -12.98
N ALA C 381 -24.41 -31.10 -12.69
CA ALA C 381 -25.30 -30.66 -11.64
C ALA C 381 -26.09 -31.84 -11.14
N HIS C 382 -26.65 -31.72 -9.95
CA HIS C 382 -27.46 -32.80 -9.43
C HIS C 382 -28.81 -32.88 -10.09
N VAL C 383 -29.32 -34.10 -10.20
CA VAL C 383 -30.66 -34.31 -10.71
C VAL C 383 -31.55 -34.95 -9.65
N TYR C 384 -32.59 -34.21 -9.31
CA TYR C 384 -33.58 -34.55 -8.31
C TYR C 384 -34.97 -34.34 -8.91
N PRO C 385 -36.06 -34.67 -8.21
CA PRO C 385 -37.42 -34.34 -8.53
C PRO C 385 -37.59 -32.83 -8.58
N ASP C 386 -38.61 -32.38 -9.28
CA ASP C 386 -38.87 -30.96 -9.40
C ASP C 386 -39.22 -30.28 -8.09
N CYS C 387 -38.79 -29.01 -7.96
CA CYS C 387 -39.18 -28.19 -6.87
C CYS C 387 -40.64 -27.72 -7.08
N ASN C 388 -41.51 -28.49 -6.43
CA ASN C 388 -42.95 -28.26 -6.67
C ASN C 388 -43.35 -26.90 -6.12
N PHE C 389 -43.78 -25.98 -7.01
CA PHE C 389 -44.15 -24.60 -6.69
C PHE C 389 -45.64 -24.34 -6.75
N THR C 390 -46.45 -25.40 -6.74
CA THR C 390 -47.89 -25.26 -6.83
C THR C 390 -48.45 -24.33 -5.75
N ASP C 391 -47.91 -24.43 -4.54
CA ASP C 391 -48.40 -23.69 -3.37
C ASP C 391 -48.22 -22.18 -3.53
N LEU C 392 -47.41 -21.77 -4.50
CA LEU C 392 -47.17 -20.35 -4.73
C LEU C 392 -48.29 -19.71 -5.53
N PHE C 393 -48.94 -20.49 -6.39
CA PHE C 393 -49.86 -19.88 -7.34
C PHE C 393 -51.28 -20.43 -7.33
N ARG C 394 -51.46 -21.60 -6.80
CA ARG C 394 -52.77 -22.28 -6.94
C ARG C 394 -53.39 -22.46 -5.56
N GLU C 395 -53.11 -21.54 -4.67
CA GLU C 395 -53.82 -21.51 -3.39
C GLU C 395 -54.37 -20.11 -3.12
N ASN C 396 -54.92 -19.87 -1.97
CA ASN C 396 -55.34 -18.56 -1.55
C ASN C 396 -54.12 -17.75 -1.16
N ALA C 397 -54.03 -16.51 -1.59
CA ALA C 397 -52.91 -15.67 -1.27
C ALA C 397 -52.81 -15.47 0.24
N PRO C 398 -51.64 -15.57 0.85
CA PRO C 398 -51.34 -15.25 2.22
C PRO C 398 -51.47 -13.78 2.53
N THR C 399 -51.67 -13.44 3.77
CA THR C 399 -51.67 -12.07 4.22
C THR C 399 -50.24 -11.69 4.56
N ILE C 400 -49.96 -10.41 4.74
CA ILE C 400 -48.61 -10.05 5.16
C ILE C 400 -48.35 -10.40 6.62
N MET C 401 -49.34 -10.27 7.51
CA MET C 401 -49.10 -10.63 8.91
C MET C 401 -48.93 -12.14 9.10
N GLN C 402 -49.53 -12.93 8.22
CA GLN C 402 -49.38 -14.37 8.22
C GLN C 402 -48.97 -14.84 6.84
N TYR C 403 -47.73 -14.55 6.46
CA TYR C 403 -47.23 -14.86 5.14
C TYR C 403 -46.74 -16.30 5.09
N LYS C 404 -46.68 -16.88 3.90
CA LYS C 404 -46.18 -18.25 3.81
C LYS C 404 -44.73 -18.30 3.43
N ARG C 405 -44.07 -19.35 3.90
CA ARG C 405 -42.70 -19.63 3.54
C ARG C 405 -42.54 -21.08 3.19
N GLN C 406 -41.78 -21.34 2.14
CA GLN C 406 -41.46 -22.69 1.77
C GLN C 406 -39.99 -22.77 1.42
N VAL C 407 -39.33 -23.79 1.94
CA VAL C 407 -37.91 -23.97 1.70
C VAL C 407 -37.71 -25.20 0.84
N PHE C 408 -37.03 -25.00 -0.27
CA PHE C 408 -36.78 -26.00 -1.28
C PHE C 408 -35.37 -26.53 -1.21
N THR C 409 -35.25 -27.85 -1.02
CA THR C 409 -33.95 -28.52 -0.97
C THR C 409 -34.01 -29.80 -1.78
N ARG C 410 -32.84 -30.27 -2.23
CA ARG C 410 -32.76 -31.54 -2.95
C ARG C 410 -33.82 -31.69 -4.04
N CYS C 411 -33.89 -30.70 -4.94
CA CYS C 411 -34.85 -30.64 -6.04
C CYS C 411 -34.29 -29.80 -7.18
N ASN C 412 -34.93 -29.91 -8.35
CA ASN C 412 -34.55 -29.08 -9.49
C ASN C 412 -35.61 -28.04 -9.77
N TYR C 413 -35.18 -26.81 -9.95
CA TYR C 413 -36.13 -25.73 -10.10
C TYR C 413 -36.22 -25.21 -11.53
N ASN C 414 -37.34 -24.55 -11.81
CA ASN C 414 -37.61 -23.89 -13.08
C ASN C 414 -38.19 -22.50 -12.79
N LEU C 415 -37.33 -21.46 -12.92
CA LEU C 415 -37.73 -20.09 -12.59
C LEU C 415 -38.58 -19.49 -13.69
N THR C 416 -38.39 -20.00 -14.92
CA THR C 416 -39.19 -19.55 -16.04
C THR C 416 -40.63 -19.89 -15.74
N LEU C 417 -40.86 -21.03 -15.12
CA LEU C 417 -42.20 -21.46 -14.75
C LEU C 417 -42.86 -20.49 -13.78
N LEU C 418 -42.09 -19.93 -12.85
CA LEU C 418 -42.68 -19.02 -11.88
C LEU C 418 -43.00 -17.69 -12.53
N LEU C 419 -42.10 -17.25 -13.40
CA LEU C 419 -42.22 -15.96 -14.03
C LEU C 419 -43.19 -15.95 -15.20
N SER C 420 -43.33 -17.08 -15.90
CA SER C 420 -44.23 -17.16 -17.04
C SER C 420 -45.69 -17.14 -16.61
N LEU C 421 -45.92 -17.30 -15.32
CA LEU C 421 -47.27 -17.29 -14.77
C LEU C 421 -47.66 -15.92 -14.25
N VAL C 422 -46.72 -14.99 -14.16
CA VAL C 422 -47.07 -13.73 -13.52
C VAL C 422 -46.63 -12.53 -14.35
N GLN C 423 -47.26 -11.40 -14.10
CA GLN C 423 -46.86 -10.15 -14.71
C GLN C 423 -45.96 -9.40 -13.75
N VAL C 424 -44.68 -9.32 -14.06
CA VAL C 424 -43.77 -8.66 -13.13
C VAL C 424 -43.90 -7.16 -13.18
N ASP C 425 -44.26 -6.54 -12.04
CA ASP C 425 -44.32 -5.11 -11.93
C ASP C 425 -42.95 -4.48 -11.69
N GLU C 426 -42.25 -5.09 -10.76
CA GLU C 426 -40.92 -4.65 -10.37
C GLU C 426 -40.15 -5.82 -9.79
N PHE C 427 -38.84 -5.70 -9.74
CA PHE C 427 -38.07 -6.62 -8.94
C PHE C 427 -36.93 -5.88 -8.30
N VAL C 428 -36.65 -6.21 -7.06
CA VAL C 428 -35.54 -5.60 -6.37
C VAL C 428 -34.60 -6.69 -5.88
N CYS C 429 -33.48 -6.87 -6.58
CA CYS C 429 -32.53 -7.96 -6.27
C CYS C 429 -31.30 -7.41 -5.58
N ASP C 430 -30.70 -8.25 -4.75
CA ASP C 430 -29.51 -7.93 -4.01
C ASP C 430 -28.50 -9.07 -4.01
N LYS C 431 -27.34 -8.81 -4.61
CA LYS C 431 -26.25 -9.79 -4.77
C LYS C 431 -26.66 -10.97 -5.63
N ILE C 432 -27.65 -10.73 -6.48
CA ILE C 432 -28.20 -11.71 -7.40
C ILE C 432 -29.00 -10.95 -8.46
N THR C 433 -29.20 -11.56 -9.61
CA THR C 433 -30.08 -11.00 -10.64
C THR C 433 -31.06 -12.09 -11.01
N PRO C 434 -32.25 -11.80 -11.54
CA PRO C 434 -33.21 -12.78 -12.03
C PRO C 434 -32.57 -13.73 -13.03
N GLU C 435 -31.64 -13.20 -13.85
CA GLU C 435 -30.92 -14.02 -14.81
C GLU C 435 -30.10 -15.10 -14.13
N ALA C 436 -29.44 -14.72 -13.04
CA ALA C 436 -28.60 -15.65 -12.31
C ALA C 436 -29.43 -16.53 -11.40
N LEU C 437 -30.51 -15.99 -10.89
CA LEU C 437 -31.36 -16.71 -9.98
C LEU C 437 -31.89 -17.93 -10.70
N ALA C 438 -32.16 -17.77 -11.98
CA ALA C 438 -32.65 -18.83 -12.84
C ALA C 438 -31.66 -19.97 -13.10
N THR C 439 -30.35 -19.75 -12.95
CA THR C 439 -29.42 -20.81 -13.36
C THR C 439 -28.44 -21.31 -12.32
N GLY C 440 -28.38 -20.68 -11.16
CA GLY C 440 -27.37 -21.09 -10.19
C GLY C 440 -27.77 -22.35 -9.39
N CYS C 441 -26.78 -22.93 -8.69
CA CYS C 441 -27.01 -24.04 -7.72
C CYS C 441 -26.90 -23.45 -6.33
N TYR C 442 -27.76 -23.91 -5.43
CA TYR C 442 -27.85 -23.37 -4.09
C TYR C 442 -27.91 -24.47 -3.07
N SER C 443 -27.51 -24.17 -1.83
CA SER C 443 -27.67 -25.13 -0.75
C SER C 443 -29.15 -25.24 -0.44
N SER C 444 -29.84 -24.12 -0.60
CA SER C 444 -31.28 -24.06 -0.45
C SER C 444 -31.88 -22.86 -1.16
N LEU C 445 -33.16 -22.97 -1.50
CA LEU C 445 -33.92 -21.86 -2.07
C LEU C 445 -35.18 -21.62 -1.24
N THR C 446 -35.37 -20.40 -0.79
CA THR C 446 -36.52 -20.08 0.06
C THR C 446 -37.44 -19.08 -0.60
N VAL C 447 -38.73 -19.37 -0.59
CA VAL C 447 -39.65 -18.41 -1.15
C VAL C 447 -40.66 -17.97 -0.09
N ASP C 448 -40.77 -16.66 0.12
CA ASP C 448 -41.78 -16.09 1.00
C ASP C 448 -42.82 -15.41 0.15
N TRP C 449 -44.09 -15.54 0.47
CA TRP C 449 -45.04 -14.81 -0.35
C TRP C 449 -46.31 -14.42 0.36
N PHE C 450 -46.90 -13.34 -0.15
CA PHE C 450 -48.15 -12.79 0.36
C PHE C 450 -48.79 -11.81 -0.63
N ALA C 451 -50.08 -11.56 -0.46
CA ALA C 451 -50.74 -10.51 -1.22
C ALA C 451 -50.30 -9.16 -0.69
N PHE C 452 -50.07 -8.21 -1.57
CA PHE C 452 -49.70 -6.87 -1.12
C PHE C 452 -49.89 -5.87 -2.25
N PRO C 453 -50.58 -4.74 -2.04
CA PRO C 453 -50.81 -3.72 -3.02
C PRO C 453 -49.52 -3.22 -3.63
N TYR C 454 -49.48 -3.09 -4.95
CA TYR C 454 -48.29 -2.59 -5.63
C TYR C 454 -48.03 -1.14 -5.23
N ALA C 455 -49.11 -0.42 -4.97
CA ALA C 455 -49.05 0.97 -4.56
C ALA C 455 -48.29 1.15 -3.26
N TRP C 456 -48.12 0.08 -2.48
CA TRP C 456 -47.45 0.17 -1.20
C TRP C 456 -46.02 -0.38 -1.25
N LYS C 457 -45.46 -0.53 -2.44
CA LYS C 457 -44.12 -1.10 -2.56
C LYS C 457 -43.05 -0.28 -1.86
N SER C 458 -43.32 1.00 -1.60
CA SER C 458 -42.33 1.83 -0.92
C SER C 458 -42.33 1.60 0.57
N TYR C 459 -43.37 0.96 1.08
CA TYR C 459 -43.45 0.66 2.50
C TYR C 459 -42.63 -0.59 2.73
N LEU C 460 -42.76 -1.48 1.77
CA LEU C 460 -42.03 -2.72 1.79
C LEU C 460 -40.68 -2.50 1.12
N ALA C 461 -39.81 -1.73 1.78
CA ALA C 461 -38.56 -1.30 1.13
C ALA C 461 -37.37 -1.27 2.10
N ILE C 462 -36.16 -1.38 1.53
CA ILE C 462 -34.92 -1.52 2.28
C ILE C 462 -34.60 -0.49 3.37
N GLY C 463 -34.90 0.79 3.15
CA GLY C 463 -34.55 1.78 4.16
C GLY C 463 -35.69 2.18 5.07
N SER C 464 -36.85 1.58 4.87
CA SER C 464 -38.02 1.99 5.63
C SER C 464 -38.08 1.31 6.98
N ALA C 465 -38.89 1.85 7.87
CA ALA C 465 -39.16 1.22 9.15
C ALA C 465 -40.57 1.53 9.54
N ASP C 466 -41.48 1.30 8.61
CA ASP C 466 -42.89 1.53 8.83
C ASP C 466 -43.46 0.35 9.58
N ARG C 467 -44.74 0.42 9.90
CA ARG C 467 -45.43 -0.66 10.58
C ARG C 467 -45.53 -1.89 9.68
N ILE C 468 -45.50 -1.68 8.36
CA ILE C 468 -45.47 -2.79 7.42
C ILE C 468 -44.24 -3.66 7.64
N VAL C 469 -43.11 -3.04 7.95
CA VAL C 469 -41.87 -3.75 8.15
C VAL C 469 -41.69 -4.19 9.60
N ARG C 470 -41.97 -3.30 10.53
CA ARG C 470 -41.73 -3.56 11.94
C ARG C 470 -42.56 -4.68 12.53
N PHE C 471 -43.83 -4.80 12.13
CA PHE C 471 -44.65 -5.81 12.77
C PHE C 471 -45.09 -6.95 11.87
N ASN C 472 -44.69 -6.94 10.61
CA ASN C 472 -45.19 -7.94 9.67
C ASN C 472 -44.09 -8.64 8.92
N TYR C 473 -43.51 -7.94 7.94
CA TYR C 473 -42.47 -8.58 7.13
C TYR C 473 -41.19 -7.77 7.09
N ASN C 474 -40.14 -8.35 7.66
CA ASN C 474 -38.84 -7.70 7.71
C ASN C 474 -37.88 -8.54 6.91
N GLN C 475 -37.59 -8.11 5.68
CA GLN C 475 -36.78 -8.93 4.78
C GLN C 475 -35.37 -9.10 5.31
N ASP C 476 -34.84 -10.32 5.19
CA ASP C 476 -33.46 -10.56 5.56
C ASP C 476 -32.56 -10.27 4.38
N TYR C 477 -31.38 -9.74 4.67
CA TYR C 477 -30.42 -9.44 3.62
C TYR C 477 -29.08 -10.15 3.80
N SER C 478 -29.00 -11.05 4.77
CA SER C 478 -27.74 -11.77 4.99
C SER C 478 -27.45 -12.72 3.83
N ASN C 479 -28.49 -13.21 3.18
CA ASN C 479 -28.33 -14.08 2.02
C ASN C 479 -28.80 -13.33 0.77
N PRO C 480 -28.24 -13.61 -0.41
CA PRO C 480 -28.67 -13.06 -1.67
C PRO C 480 -30.14 -13.31 -1.86
N SER C 481 -30.86 -12.30 -2.30
CA SER C 481 -32.31 -12.44 -2.44
C SER C 481 -32.87 -11.45 -3.43
N CYS C 482 -34.13 -11.68 -3.86
CA CYS C 482 -34.82 -10.76 -4.74
C CYS C 482 -36.31 -10.71 -4.44
N ARG C 483 -36.81 -9.48 -4.28
CA ARG C 483 -38.21 -9.23 -4.02
C ARG C 483 -38.94 -8.89 -5.30
N ILE C 484 -39.85 -9.77 -5.68
CA ILE C 484 -40.58 -9.62 -6.93
C ILE C 484 -42.02 -9.20 -6.71
N HIS C 485 -42.39 -8.08 -7.31
CA HIS C 485 -43.76 -7.58 -7.23
C HIS C 485 -44.44 -7.94 -8.53
N SER C 486 -45.48 -8.75 -8.45
CA SER C 486 -46.13 -9.22 -9.66
C SER C 486 -47.63 -9.34 -9.56
N LYS C 487 -48.24 -9.24 -10.68
CA LYS C 487 -49.68 -9.40 -10.84
C LYS C 487 -49.98 -10.81 -11.28
N VAL C 488 -50.80 -11.52 -10.48
CA VAL C 488 -51.12 -12.89 -10.82
C VAL C 488 -52.59 -12.96 -11.25
N ASN C 489 -52.84 -13.42 -12.49
CA ASN C 489 -54.19 -13.56 -13.04
C ASN C 489 -54.88 -14.79 -12.44
N SER C 490 -56.22 -14.70 -12.27
CA SER C 490 -57.05 -15.76 -11.68
C SER C 490 -57.02 -17.05 -12.50
N SER C 491 -56.59 -16.94 -13.76
CA SER C 491 -56.48 -18.08 -14.67
C SER C 491 -55.40 -19.05 -14.23
N VAL C 492 -54.53 -18.59 -13.32
CA VAL C 492 -53.44 -19.40 -12.81
C VAL C 492 -53.88 -20.21 -11.59
N GLY C 493 -55.06 -19.91 -11.04
CA GLY C 493 -55.57 -20.60 -9.86
C GLY C 493 -55.41 -19.81 -8.56
N ILE C 494 -54.86 -18.60 -8.67
CA ILE C 494 -54.66 -17.75 -7.50
C ILE C 494 -56.01 -17.18 -7.08
N SER C 495 -56.27 -17.16 -5.78
CA SER C 495 -57.50 -16.59 -5.23
C SER C 495 -57.17 -15.66 -4.07
N TYR C 496 -58.09 -14.79 -3.70
CA TYR C 496 -57.84 -13.92 -2.54
C TYR C 496 -59.07 -13.67 -1.67
N SER C 497 -59.60 -14.74 -1.07
CA SER C 497 -60.75 -14.66 -0.19
C SER C 497 -60.33 -14.28 1.23
N GLY C 498 -61.30 -13.83 2.03
CA GLY C 498 -61.06 -13.51 3.44
C GLY C 498 -60.53 -12.10 3.63
N LEU C 499 -60.16 -11.76 4.86
CA LEU C 499 -59.62 -10.43 5.13
C LEU C 499 -58.12 -10.44 5.00
N TYR C 500 -57.62 -9.40 4.36
CA TYR C 500 -56.19 -9.21 4.23
C TYR C 500 -55.77 -8.09 5.12
N SER C 501 -54.86 -8.37 6.02
CA SER C 501 -54.49 -7.38 7.01
C SER C 501 -53.05 -7.43 7.41
N TYR C 502 -52.66 -6.34 8.06
CA TYR C 502 -51.35 -6.17 8.62
C TYR C 502 -51.46 -5.60 10.00
N ILE C 503 -50.46 -5.88 10.80
CA ILE C 503 -50.36 -5.40 12.16
C ILE C 503 -49.82 -4.00 12.15
N THR C 504 -50.48 -3.10 12.86
CA THR C 504 -50.04 -1.72 12.91
C THR C 504 -49.37 -1.43 14.25
N ASN C 505 -49.71 -2.25 15.23
CA ASN C 505 -49.10 -2.12 16.55
C ASN C 505 -49.15 -3.48 17.26
N CYS C 506 -48.25 -3.67 18.24
CA CYS C 506 -48.19 -4.89 19.07
C CYS C 506 -47.25 -4.67 20.26
N ASN C 507 -47.46 -3.60 21.00
CA ASN C 507 -46.67 -3.39 22.19
C ASN C 507 -47.14 -4.27 23.34
N TYR C 508 -46.27 -4.53 24.31
CA TYR C 508 -46.65 -5.35 25.46
C TYR C 508 -45.93 -5.02 26.76
N GLY C 509 -46.54 -5.51 27.84
CA GLY C 509 -45.99 -5.35 29.18
C GLY C 509 -46.25 -3.94 29.71
N GLY C 510 -45.74 -3.66 30.92
CA GLY C 510 -45.98 -2.35 31.54
C GLY C 510 -45.11 -1.25 30.94
N PHE C 511 -44.18 -1.64 30.09
CA PHE C 511 -43.28 -0.67 29.46
C PHE C 511 -43.68 -0.44 28.02
N ASN C 512 -44.80 -1.03 27.60
CA ASN C 512 -45.27 -0.83 26.23
C ASN C 512 -44.16 -1.16 25.22
N LYS C 513 -43.54 -2.30 25.29
CA LYS C 513 -42.42 -2.66 24.42
C LYS C 513 -42.93 -3.25 23.11
N ASP C 514 -42.56 -2.65 22.01
CA ASP C 514 -43.02 -3.04 20.68
C ASP C 514 -42.49 -4.41 20.34
N ASP C 515 -43.37 -5.37 20.07
CA ASP C 515 -42.90 -6.69 19.72
C ASP C 515 -42.58 -6.72 18.21
N VAL C 516 -41.41 -6.20 17.90
CA VAL C 516 -40.91 -5.98 16.55
C VAL C 516 -40.33 -7.25 15.94
N VAL C 517 -40.65 -7.47 14.67
CA VAL C 517 -40.20 -8.62 13.90
C VAL C 517 -38.75 -8.44 13.46
N LYS C 518 -37.98 -9.48 13.66
CA LYS C 518 -36.55 -9.51 13.30
C LYS C 518 -36.33 -9.98 11.89
N PRO C 519 -35.33 -9.49 11.20
CA PRO C 519 -35.12 -9.85 9.81
C PRO C 519 -35.23 -11.35 9.60
N GLY C 520 -36.04 -11.73 8.62
CA GLY C 520 -36.25 -13.12 8.26
C GLY C 520 -37.31 -13.79 9.12
N GLY C 521 -37.83 -13.07 10.11
CA GLY C 521 -38.82 -13.61 11.03
C GLY C 521 -40.23 -13.23 10.66
N ARG C 522 -41.12 -13.34 11.63
CA ARG C 522 -42.53 -13.05 11.43
C ARG C 522 -43.19 -12.59 12.70
N ALA C 523 -44.39 -12.05 12.59
CA ALA C 523 -45.14 -11.62 13.76
C ALA C 523 -45.26 -12.80 14.70
N SER C 524 -45.01 -12.55 15.98
CA SER C 524 -45.07 -13.60 16.97
C SER C 524 -46.50 -14.08 17.19
N GLN C 525 -46.63 -15.27 17.79
CA GLN C 525 -47.96 -15.81 18.00
C GLN C 525 -48.88 -14.88 18.81
N PRO C 526 -48.44 -14.24 19.91
CA PRO C 526 -49.21 -13.23 20.63
C PRO C 526 -49.73 -12.08 19.77
N CYS C 527 -48.94 -11.62 18.77
CA CYS C 527 -49.31 -10.51 17.88
C CYS C 527 -50.35 -10.96 16.87
N VAL C 528 -50.19 -12.16 16.34
CA VAL C 528 -51.16 -12.70 15.41
C VAL C 528 -52.46 -12.98 16.13
N THR C 529 -52.36 -13.56 17.31
CA THR C 529 -53.55 -13.86 18.10
C THR C 529 -54.31 -12.59 18.39
N GLY C 530 -53.59 -11.55 18.80
CA GLY C 530 -54.19 -10.28 19.10
C GLY C 530 -54.82 -9.65 17.89
N ALA C 531 -54.01 -9.45 16.85
CA ALA C 531 -54.47 -8.77 15.65
C ALA C 531 -55.67 -9.44 15.03
N LEU C 532 -55.74 -10.76 15.05
CA LEU C 532 -56.89 -11.42 14.42
C LEU C 532 -58.19 -11.21 15.18
N ASN C 533 -58.11 -10.75 16.42
CA ASN C 533 -59.27 -10.48 17.24
C ASN C 533 -59.48 -8.97 17.40
N SER C 534 -58.67 -8.19 16.70
CA SER C 534 -58.75 -6.75 16.75
C SER C 534 -59.76 -6.27 15.72
N PRO C 535 -60.37 -5.11 15.93
CA PRO C 535 -61.25 -4.46 14.98
C PRO C 535 -60.43 -4.00 13.77
N THR C 536 -61.09 -3.89 12.62
CA THR C 536 -60.42 -3.51 11.39
C THR C 536 -60.34 -2.00 11.19
N ASN C 537 -60.80 -1.26 12.19
CA ASN C 537 -60.78 0.18 12.14
C ASN C 537 -59.48 0.78 12.70
N GLY C 538 -58.54 -0.09 13.04
CA GLY C 538 -57.22 0.34 13.52
C GLY C 538 -57.15 0.61 15.02
N GLN C 539 -58.16 0.14 15.70
CA GLN C 539 -58.28 0.41 17.13
C GLN C 539 -57.50 -0.55 18.03
N VAL C 540 -56.94 -0.03 19.10
CA VAL C 540 -56.15 -0.93 19.93
C VAL C 540 -57.02 -1.82 20.80
N TRP C 541 -56.75 -3.11 20.70
CA TRP C 541 -57.45 -4.11 21.47
C TRP C 541 -56.51 -4.67 22.53
N SER C 542 -56.98 -4.79 23.76
CA SER C 542 -56.12 -5.33 24.81
C SER C 542 -56.55 -6.72 25.21
N PHE C 543 -55.55 -7.58 25.44
CA PHE C 543 -55.80 -8.95 25.86
C PHE C 543 -54.60 -9.53 26.57
N ASN C 544 -54.79 -10.63 27.27
CA ASN C 544 -53.65 -11.31 27.87
C ASN C 544 -53.28 -12.53 27.06
N PHE C 545 -51.98 -12.74 26.89
CA PHE C 545 -51.49 -13.94 26.25
C PHE C 545 -50.65 -14.66 27.28
N GLY C 546 -51.19 -15.72 27.86
CA GLY C 546 -50.52 -16.33 28.98
C GLY C 546 -50.51 -15.33 30.13
N GLY C 547 -49.35 -15.05 30.68
CA GLY C 547 -49.25 -14.11 31.80
C GLY C 547 -48.89 -12.68 31.41
N VAL C 548 -48.82 -12.38 30.11
CA VAL C 548 -48.40 -11.06 29.66
C VAL C 548 -49.48 -10.29 28.90
N PRO C 549 -49.81 -9.05 29.30
CA PRO C 549 -50.75 -8.17 28.61
C PRO C 549 -50.17 -7.63 27.29
N TYR C 550 -50.99 -7.68 26.24
CA TYR C 550 -50.66 -7.19 24.91
C TYR C 550 -51.65 -6.16 24.39
N ARG C 551 -51.20 -5.15 23.72
CA ARG C 551 -52.10 -4.21 23.04
C ARG C 551 -51.79 -4.33 21.55
N THR C 552 -52.72 -4.76 20.71
CA THR C 552 -52.53 -4.93 19.29
C THR C 552 -53.60 -4.22 18.45
N SER C 553 -53.23 -3.91 17.23
CA SER C 553 -54.14 -3.33 16.27
C SER C 553 -53.77 -3.69 14.84
N ARG C 554 -54.77 -3.67 13.97
CA ARG C 554 -54.58 -3.99 12.56
C ARG C 554 -55.42 -3.15 11.63
N LEU C 555 -55.00 -3.11 10.38
CA LEU C 555 -55.75 -2.50 9.29
C LEU C 555 -55.83 -3.48 8.14
N THR C 556 -56.89 -3.39 7.35
CA THR C 556 -57.03 -4.27 6.20
C THR C 556 -56.60 -3.59 4.91
N TYR C 557 -56.30 -4.41 3.91
CA TYR C 557 -55.96 -3.93 2.59
C TYR C 557 -56.70 -4.71 1.52
N THR C 558 -57.76 -5.40 1.95
CA THR C 558 -58.55 -6.25 1.07
C THR C 558 -59.11 -5.44 -0.09
N ASP C 559 -59.46 -4.19 0.19
CA ASP C 559 -60.06 -3.31 -0.80
C ASP C 559 -59.09 -2.88 -1.91
N HIS C 560 -57.81 -3.18 -1.73
CA HIS C 560 -56.80 -2.82 -2.71
C HIS C 560 -56.40 -4.00 -3.58
N LEU C 561 -57.06 -5.13 -3.40
CA LEU C 561 -56.73 -6.32 -4.16
C LEU C 561 -57.73 -6.54 -5.30
N LYS C 562 -57.27 -6.75 -6.47
CA LYS C 562 -58.19 -6.78 -7.61
C LYS C 562 -57.95 -8.03 -8.43
N ASN C 563 -58.69 -8.22 -9.53
CA ASN C 563 -58.68 -9.49 -10.26
C ASN C 563 -57.25 -9.98 -10.57
N PRO C 564 -56.39 -9.19 -11.24
CA PRO C 564 -54.95 -9.43 -11.30
C PRO C 564 -54.46 -9.10 -9.91
N LEU C 565 -54.01 -10.10 -9.19
CA LEU C 565 -53.72 -9.92 -7.78
C LEU C 565 -52.31 -9.49 -7.52
N ASP C 566 -52.15 -8.38 -6.83
CA ASP C 566 -50.82 -7.91 -6.51
C ASP C 566 -50.21 -8.80 -5.45
N MET C 567 -49.15 -9.48 -5.82
CA MET C 567 -48.45 -10.45 -4.97
C MET C 567 -46.99 -10.10 -4.82
N VAL C 568 -46.45 -10.42 -3.66
CA VAL C 568 -45.02 -10.28 -3.45
C VAL C 568 -44.41 -11.63 -3.23
N TYR C 569 -43.41 -11.96 -4.04
CA TYR C 569 -42.67 -13.19 -3.89
C TYR C 569 -41.22 -12.85 -3.60
N VAL C 570 -40.71 -13.31 -2.49
CA VAL C 570 -39.33 -13.00 -2.15
C VAL C 570 -38.52 -14.27 -2.22
N ILE C 571 -37.56 -14.30 -3.12
CA ILE C 571 -36.77 -15.51 -3.30
C ILE C 571 -35.39 -15.30 -2.72
N THR C 572 -35.04 -16.11 -1.73
CA THR C 572 -33.75 -16.02 -1.06
C THR C 572 -32.94 -17.25 -1.36
N VAL C 573 -31.71 -17.08 -1.79
CA VAL C 573 -30.90 -18.25 -2.08
C VAL C 573 -29.66 -18.30 -1.23
N LYS C 574 -29.41 -19.49 -0.73
CA LYS C 574 -28.24 -19.72 0.13
C LYS C 574 -27.14 -20.37 -0.66
N TYR C 575 -25.97 -19.82 -0.51
CA TYR C 575 -24.81 -20.45 -1.11
C TYR C 575 -23.88 -21.00 -0.04
N GLU C 576 -23.66 -22.31 -0.08
CA GLU C 576 -22.75 -23.00 0.83
C GLU C 576 -21.94 -23.98 0.03
N PRO C 577 -20.84 -23.57 -0.61
CA PRO C 577 -20.09 -24.31 -1.58
C PRO C 577 -19.79 -25.71 -1.09
N GLY C 578 -20.12 -26.70 -1.91
CA GLY C 578 -19.94 -28.10 -1.60
C GLY C 578 -21.23 -28.75 -1.07
N ALA C 579 -22.20 -27.92 -0.71
CA ALA C 579 -23.47 -28.43 -0.19
C ALA C 579 -24.66 -27.99 -1.03
N GLU C 580 -24.54 -27.76 -2.33
CA GLU C 580 -25.63 -27.43 -3.26
C GLU C 580 -26.52 -28.61 -3.39
N THR C 581 -27.78 -28.38 -3.21
CA THR C 581 -28.76 -29.44 -3.41
C THR C 581 -29.81 -29.00 -4.41
N VAL C 582 -29.90 -27.70 -4.61
CA VAL C 582 -30.91 -27.12 -5.48
C VAL C 582 -30.24 -26.60 -6.75
N CYS C 583 -30.65 -27.14 -7.91
CA CYS C 583 -30.07 -26.82 -9.21
C CYS C 583 -31.22 -26.59 -10.19
N PRO C 584 -30.99 -25.93 -11.32
CA PRO C 584 -31.95 -25.72 -12.38
C PRO C 584 -32.23 -27.01 -13.12
N LYS C 585 -33.40 -27.09 -13.74
CA LYS C 585 -33.73 -28.21 -14.62
C LYS C 585 -33.05 -28.07 -15.98
N GLN C 586 -32.67 -26.84 -16.31
CA GLN C 586 -32.09 -26.55 -17.61
C GLN C 586 -30.57 -26.57 -17.61
N VAL C 587 -30.01 -27.40 -18.49
CA VAL C 587 -28.57 -27.53 -18.71
C VAL C 587 -28.07 -26.46 -19.68
N ARG C 588 -26.94 -25.92 -19.34
CA ARG C 588 -26.33 -24.89 -20.19
C ARG C 588 -26.24 -25.37 -21.69
N PRO C 589 -26.79 -24.65 -22.73
CA PRO C 589 -26.84 -25.00 -24.14
C PRO C 589 -25.55 -25.44 -24.82
N ASP C 590 -24.42 -24.85 -24.46
CA ASP C 590 -23.17 -25.18 -25.14
C ASP C 590 -22.23 -26.05 -24.31
N TYR C 591 -22.74 -26.63 -23.24
CA TYR C 591 -21.90 -27.44 -22.38
C TYR C 591 -22.14 -28.93 -22.50
N SER C 592 -21.06 -29.70 -22.43
CA SER C 592 -21.14 -31.15 -22.45
C SER C 592 -21.58 -31.72 -21.13
N THR C 593 -22.17 -32.90 -21.14
CA THR C 593 -22.52 -33.58 -19.88
C THR C 593 -21.71 -34.88 -19.69
N ASN C 594 -20.66 -35.06 -20.52
CA ASN C 594 -19.72 -36.17 -20.49
C ASN C 594 -18.31 -35.60 -20.66
N ILE C 595 -17.52 -35.62 -19.58
CA ILE C 595 -16.19 -34.99 -19.51
C ILE C 595 -15.09 -35.79 -20.19
N THR C 596 -15.33 -37.07 -20.50
CA THR C 596 -14.19 -37.88 -20.92
C THR C 596 -13.59 -37.40 -22.23
N GLY C 597 -14.43 -36.87 -23.12
CA GLY C 597 -13.94 -36.42 -24.42
C GLY C 597 -13.23 -35.07 -24.32
N LEU C 598 -13.29 -34.47 -23.13
CA LEU C 598 -12.69 -33.18 -22.86
C LEU C 598 -11.48 -33.26 -21.94
N LEU C 599 -11.01 -34.48 -21.63
CA LEU C 599 -9.88 -34.59 -20.72
C LEU C 599 -8.58 -34.29 -21.42
N GLY C 600 -7.63 -33.72 -20.68
CA GLY C 600 -6.33 -33.40 -21.23
C GLY C 600 -6.44 -32.13 -22.08
N SER C 601 -7.45 -31.32 -21.81
CA SER C 601 -7.68 -30.09 -22.53
C SER C 601 -8.24 -28.95 -21.70
N CYS C 602 -7.89 -27.70 -22.05
CA CYS C 602 -8.37 -26.48 -21.39
C CYS C 602 -9.81 -26.28 -21.81
N ILE C 603 -10.72 -26.33 -20.86
CA ILE C 603 -12.14 -26.16 -21.14
C ILE C 603 -12.78 -25.21 -20.15
N SER C 604 -13.95 -24.72 -20.49
CA SER C 604 -14.76 -23.99 -19.54
C SER C 604 -15.58 -24.98 -18.77
N TYR C 605 -15.98 -24.66 -17.56
CA TYR C 605 -16.83 -25.57 -16.83
C TYR C 605 -17.78 -24.88 -15.88
N ASP C 606 -18.82 -25.62 -15.54
CA ASP C 606 -19.81 -25.26 -14.52
C ASP C 606 -20.18 -26.53 -13.78
N ILE C 607 -19.52 -26.76 -12.64
CA ILE C 607 -19.67 -27.98 -11.89
C ILE C 607 -20.28 -27.68 -10.54
N TYR C 608 -21.54 -28.03 -10.36
CA TYR C 608 -22.27 -27.77 -9.13
C TYR C 608 -22.17 -26.32 -8.70
N GLY C 609 -22.24 -25.40 -9.65
CA GLY C 609 -22.20 -23.98 -9.34
C GLY C 609 -20.81 -23.36 -9.40
N ILE C 610 -19.77 -24.18 -9.50
CA ILE C 610 -18.41 -23.68 -9.57
C ILE C 610 -18.02 -23.48 -11.01
N THR C 611 -17.65 -22.27 -11.38
CA THR C 611 -17.32 -22.02 -12.77
C THR C 611 -15.92 -21.48 -12.95
N GLY C 612 -15.43 -21.62 -14.17
CA GLY C 612 -14.14 -21.09 -14.58
C GLY C 612 -13.57 -21.94 -15.69
N THR C 613 -12.27 -21.81 -15.93
CA THR C 613 -11.62 -22.61 -16.94
C THR C 613 -10.54 -23.44 -16.28
N GLY C 614 -10.20 -24.55 -16.90
CA GLY C 614 -9.15 -25.39 -16.38
C GLY C 614 -8.97 -26.67 -17.17
N VAL C 615 -7.99 -27.45 -16.75
CA VAL C 615 -7.64 -28.68 -17.40
C VAL C 615 -7.95 -29.83 -16.47
N PHE C 616 -8.69 -30.79 -16.96
CA PHE C 616 -9.10 -31.92 -16.15
C PHE C 616 -8.32 -33.17 -16.53
N GLN C 617 -7.95 -33.94 -15.52
CA GLN C 617 -7.28 -35.21 -15.74
C GLN C 617 -7.92 -36.28 -14.87
N LEU C 618 -7.97 -37.51 -15.36
CA LEU C 618 -8.50 -38.59 -14.53
C LEU C 618 -7.42 -38.97 -13.51
N CYS C 619 -7.77 -39.00 -12.21
CA CYS C 619 -6.83 -39.25 -11.12
C CYS C 619 -7.35 -40.27 -10.12
N ASN C 620 -6.45 -40.76 -9.28
CA ASN C 620 -6.83 -41.67 -8.20
C ASN C 620 -7.41 -40.86 -7.04
N ALA C 621 -8.52 -41.34 -6.47
CA ALA C 621 -9.22 -40.71 -5.35
C ALA C 621 -8.38 -40.79 -4.07
N LYS C 628 -17.44 -33.50 -2.13
CA LYS C 628 -17.39 -33.75 -3.58
C LYS C 628 -16.31 -32.90 -4.27
N PHE C 629 -15.85 -31.82 -3.61
CA PHE C 629 -14.73 -31.00 -4.05
C PHE C 629 -13.56 -31.16 -3.13
N VAL C 630 -12.39 -31.25 -3.72
CA VAL C 630 -11.14 -31.38 -3.00
C VAL C 630 -10.42 -30.05 -3.02
N TYR C 631 -10.02 -29.60 -1.84
CA TYR C 631 -9.39 -28.30 -1.72
C TYR C 631 -7.97 -28.38 -1.17
N ASP C 632 -7.17 -27.40 -1.53
CA ASP C 632 -5.87 -27.20 -0.91
C ASP C 632 -6.07 -26.30 0.31
N LYS C 633 -4.97 -25.91 0.90
CA LYS C 633 -4.98 -25.07 2.08
C LYS C 633 -5.22 -23.60 1.78
N PHE C 634 -5.46 -23.17 0.56
CA PHE C 634 -5.64 -21.79 0.15
C PHE C 634 -7.00 -21.63 -0.51
N ASP C 635 -7.88 -22.58 -0.21
CA ASP C 635 -9.25 -22.67 -0.70
C ASP C 635 -9.38 -22.77 -2.21
N ASN C 636 -8.42 -23.43 -2.87
CA ASN C 636 -8.54 -23.66 -4.30
C ASN C 636 -9.06 -25.05 -4.54
N ILE C 637 -9.91 -25.20 -5.55
CA ILE C 637 -10.36 -26.54 -5.92
C ILE C 637 -9.34 -27.18 -6.82
N ILE C 638 -8.87 -28.35 -6.40
CA ILE C 638 -7.81 -29.06 -7.09
C ILE C 638 -8.27 -30.42 -7.61
N GLY C 639 -9.56 -30.67 -7.50
CA GLY C 639 -10.15 -31.93 -7.96
C GLY C 639 -11.58 -32.05 -7.50
N PHE C 640 -12.31 -32.99 -8.09
CA PHE C 640 -13.69 -33.21 -7.68
C PHE C 640 -14.14 -34.63 -8.00
N HIS C 641 -15.20 -35.07 -7.35
CA HIS C 641 -15.80 -36.37 -7.58
C HIS C 641 -17.07 -36.15 -8.37
N SER C 642 -17.08 -36.62 -9.60
CA SER C 642 -18.23 -36.41 -10.47
C SER C 642 -19.26 -37.51 -10.25
N ASP C 643 -20.44 -37.36 -10.82
CA ASP C 643 -21.50 -38.34 -10.62
C ASP C 643 -21.41 -39.64 -11.41
N ASP C 644 -20.36 -39.81 -12.21
CA ASP C 644 -20.20 -41.08 -12.92
C ASP C 644 -19.22 -41.97 -12.17
N GLY C 645 -18.77 -41.51 -11.00
CA GLY C 645 -17.88 -42.26 -10.13
C GLY C 645 -16.40 -41.92 -10.31
N ASN C 646 -16.06 -41.21 -11.37
CA ASN C 646 -14.67 -40.85 -11.61
C ASN C 646 -14.23 -39.63 -10.83
N TYR C 647 -13.00 -39.69 -10.35
CA TYR C 647 -12.38 -38.56 -9.67
C TYR C 647 -11.44 -37.85 -10.63
N TYR C 648 -11.55 -36.53 -10.70
CA TYR C 648 -10.71 -35.77 -11.59
C TYR C 648 -9.86 -34.75 -10.85
N CYS C 649 -8.64 -34.50 -11.35
CA CYS C 649 -7.76 -33.44 -10.89
C CYS C 649 -8.10 -32.19 -11.68
N VAL C 650 -7.98 -31.04 -11.03
CA VAL C 650 -8.24 -29.80 -11.73
C VAL C 650 -7.07 -28.85 -11.62
N ALA C 651 -6.62 -28.36 -12.77
CA ALA C 651 -5.55 -27.38 -12.81
C ALA C 651 -6.02 -26.20 -13.63
N PRO C 652 -5.47 -25.00 -13.41
CA PRO C 652 -5.65 -23.85 -14.27
C PRO C 652 -5.05 -24.19 -15.62
N CYS C 653 -5.49 -23.48 -16.67
CA CYS C 653 -4.97 -23.67 -18.04
C CYS C 653 -3.55 -23.12 -18.12
N VAL C 654 -3.19 -22.33 -17.11
CA VAL C 654 -1.86 -21.80 -16.93
C VAL C 654 -1.27 -22.39 -15.65
N SER C 655 -0.60 -23.54 -15.80
CA SER C 655 -0.08 -24.25 -14.63
C SER C 655 1.41 -24.50 -14.73
N VAL C 656 1.96 -24.42 -15.92
CA VAL C 656 3.38 -24.67 -16.13
C VAL C 656 4.15 -23.35 -16.11
N PRO C 657 5.15 -23.21 -15.26
CA PRO C 657 5.95 -22.02 -15.08
C PRO C 657 6.96 -21.84 -16.20
N VAL C 658 6.45 -21.44 -17.35
CA VAL C 658 7.24 -21.22 -18.55
C VAL C 658 8.07 -19.94 -18.46
N SER C 659 9.34 -20.04 -18.84
CA SER C 659 10.25 -18.92 -18.91
C SER C 659 11.02 -18.95 -20.23
N VAL C 660 11.47 -17.79 -20.67
CA VAL C 660 12.14 -17.67 -21.95
C VAL C 660 13.56 -17.16 -21.82
N ILE C 661 14.46 -17.87 -22.46
CA ILE C 661 15.86 -17.54 -22.51
C ILE C 661 16.08 -16.74 -23.77
N TYR C 662 16.56 -15.52 -23.63
CA TYR C 662 16.70 -14.65 -24.80
C TYR C 662 18.06 -14.01 -24.94
N ASP C 663 18.60 -14.09 -26.15
CA ASP C 663 19.87 -13.43 -26.51
C ASP C 663 19.63 -12.28 -27.48
N ASP C 664 19.83 -11.05 -27.01
CA ASP C 664 19.51 -9.87 -27.81
C ASP C 664 20.56 -9.53 -28.88
N ASN C 665 21.60 -10.29 -29.05
CA ASN C 665 22.61 -10.08 -30.07
C ASN C 665 22.24 -10.89 -31.29
N THR C 666 21.63 -12.00 -31.07
CA THR C 666 21.27 -12.89 -32.16
C THR C 666 19.76 -12.94 -32.34
N ASN C 667 19.04 -12.41 -31.36
CA ASN C 667 17.59 -12.45 -31.30
C ASN C 667 17.12 -13.89 -31.30
N GLN C 668 17.85 -14.73 -30.59
CA GLN C 668 17.52 -16.15 -30.48
C GLN C 668 16.87 -16.41 -29.15
N TYR C 669 16.01 -17.40 -29.11
CA TYR C 669 15.35 -17.72 -27.86
C TYR C 669 15.11 -19.21 -27.68
N ALA C 670 14.93 -19.60 -26.44
CA ALA C 670 14.64 -20.98 -26.07
C ALA C 670 13.73 -20.99 -24.84
N THR C 671 13.05 -22.10 -24.62
CA THR C 671 12.09 -22.15 -23.52
C THR C 671 12.41 -23.15 -22.43
N LEU C 672 12.23 -22.70 -21.20
CA LEU C 672 12.32 -23.56 -20.04
C LEU C 672 10.95 -23.75 -19.41
N PHE C 673 10.60 -25.00 -19.16
CA PHE C 673 9.36 -25.34 -18.50
C PHE C 673 9.75 -25.78 -17.10
N GLY C 674 9.83 -24.82 -16.19
CA GLY C 674 10.51 -25.10 -14.94
C GLY C 674 9.85 -26.16 -14.12
N SER C 675 10.67 -27.06 -13.56
CA SER C 675 10.23 -28.14 -12.67
C SER C 675 9.35 -29.21 -13.31
N VAL C 676 9.21 -29.20 -14.63
CA VAL C 676 8.29 -30.14 -15.29
C VAL C 676 9.13 -31.20 -15.98
N ALA C 677 8.75 -32.46 -15.82
CA ALA C 677 9.38 -33.53 -16.57
C ALA C 677 8.94 -33.42 -18.04
N CYS C 678 9.85 -33.65 -18.98
CA CYS C 678 9.63 -33.50 -20.43
C CYS C 678 8.57 -34.46 -20.95
N GLN C 679 8.19 -35.51 -20.28
CA GLN C 679 7.12 -36.38 -20.76
C GLN C 679 5.82 -35.68 -20.74
N HIS C 680 5.65 -34.86 -19.76
CA HIS C 680 4.33 -34.26 -19.57
C HIS C 680 4.11 -33.07 -20.52
N ILE C 681 5.19 -32.60 -21.15
CA ILE C 681 5.10 -31.41 -21.97
C ILE C 681 4.26 -31.66 -23.22
N SER C 682 4.39 -32.81 -23.86
CA SER C 682 3.63 -33.05 -25.09
C SER C 682 2.13 -32.93 -24.85
N THR C 683 1.68 -33.47 -23.73
CA THR C 683 0.27 -33.46 -23.36
C THR C 683 -0.31 -32.10 -23.03
N MET C 684 0.54 -31.13 -22.75
CA MET C 684 0.08 -29.80 -22.37
C MET C 684 0.29 -28.82 -23.51
N ALA C 685 0.65 -29.33 -24.68
CA ALA C 685 1.01 -28.51 -25.82
C ALA C 685 -0.07 -27.50 -26.20
N ALA C 686 -1.32 -27.89 -26.02
CA ALA C 686 -2.45 -27.06 -26.41
C ALA C 686 -2.52 -25.72 -25.67
N GLN C 687 -1.86 -25.60 -24.52
CA GLN C 687 -1.93 -24.35 -23.77
C GLN C 687 -0.73 -23.44 -23.99
N PHE C 688 0.24 -23.88 -24.80
CA PHE C 688 1.43 -23.08 -25.02
C PHE C 688 1.23 -22.24 -26.27
N SER C 689 2.23 -21.41 -26.60
CA SER C 689 2.10 -20.50 -27.73
C SER C 689 1.87 -21.29 -29.01
N ARG C 690 1.35 -20.65 -30.05
CA ARG C 690 1.00 -21.39 -31.26
C ARG C 690 2.18 -22.14 -31.86
N GLU C 691 3.32 -21.49 -31.90
CA GLU C 691 4.56 -22.07 -32.40
C GLU C 691 5.16 -23.13 -31.50
N THR C 692 4.90 -23.10 -30.22
CA THR C 692 5.32 -24.14 -29.28
C THR C 692 4.42 -25.35 -29.47
N ARG C 693 3.13 -25.11 -29.59
CA ARG C 693 2.16 -26.16 -29.75
C ARG C 693 2.46 -26.96 -31.00
N ALA C 694 2.74 -26.26 -32.09
CA ALA C 694 3.03 -26.94 -33.35
C ALA C 694 4.31 -27.76 -33.25
N SER C 695 5.31 -27.23 -32.57
CA SER C 695 6.61 -27.90 -32.44
C SER C 695 6.50 -29.15 -31.58
N LEU C 696 5.58 -29.13 -30.62
CA LEU C 696 5.31 -30.29 -29.79
C LEU C 696 4.33 -31.31 -30.40
N VAL C 697 3.82 -31.02 -31.61
CA VAL C 697 2.85 -31.85 -32.32
C VAL C 697 3.40 -32.06 -33.74
N ASN C 703 15.05 -31.83 -29.51
CA ASN C 703 13.65 -31.56 -29.13
C ASN C 703 13.65 -31.08 -27.68
N LEU C 704 13.37 -31.92 -26.71
CA LEU C 704 13.30 -31.59 -25.29
C LEU C 704 14.43 -32.26 -24.50
N LEU C 705 15.11 -31.48 -23.65
CA LEU C 705 16.12 -32.02 -22.77
C LEU C 705 15.65 -31.90 -21.34
N GLN C 706 15.93 -32.92 -20.53
CA GLN C 706 15.56 -32.82 -19.13
C GLN C 706 16.74 -32.27 -18.35
N THR C 707 16.51 -31.22 -17.58
CA THR C 707 17.58 -30.62 -16.80
C THR C 707 17.12 -30.65 -15.35
N SER C 708 18.02 -30.27 -14.44
CA SER C 708 17.74 -30.26 -13.00
C SER C 708 16.89 -29.08 -12.56
N VAL C 709 16.49 -28.24 -13.51
CA VAL C 709 15.67 -27.09 -13.20
C VAL C 709 14.35 -27.18 -13.96
N GLY C 710 14.15 -28.25 -14.73
CA GLY C 710 12.96 -28.35 -15.55
C GLY C 710 13.29 -28.86 -16.95
N CYS C 711 12.32 -28.80 -17.85
CA CYS C 711 12.46 -29.28 -19.22
C CYS C 711 12.81 -28.13 -20.16
N VAL C 712 13.80 -28.31 -21.02
CA VAL C 712 14.14 -27.22 -21.92
C VAL C 712 13.97 -27.59 -23.38
N MET C 713 13.41 -26.64 -24.10
CA MET C 713 13.14 -26.76 -25.52
C MET C 713 13.97 -25.76 -26.31
N GLY C 714 14.72 -26.23 -27.30
CA GLY C 714 15.56 -25.32 -28.08
C GLY C 714 17.00 -25.30 -27.60
N PHE C 715 17.41 -26.37 -26.92
CA PHE C 715 18.77 -26.53 -26.42
C PHE C 715 19.41 -27.81 -26.93
N HIS C 716 20.73 -27.79 -27.00
CA HIS C 716 21.50 -28.99 -27.31
C HIS C 716 22.50 -29.25 -26.19
N GLU C 717 22.87 -30.50 -25.99
CA GLU C 717 23.80 -30.82 -24.92
C GLU C 717 25.21 -30.41 -25.30
N THR C 718 25.95 -29.89 -24.32
CA THR C 718 27.33 -29.42 -24.55
C THR C 718 28.12 -29.55 -23.24
N ASN C 719 29.42 -29.81 -23.33
CA ASN C 719 30.27 -29.90 -22.11
C ASN C 719 30.98 -28.57 -21.90
N ASP C 720 30.54 -27.53 -22.62
CA ASP C 720 31.19 -26.19 -22.51
C ASP C 720 30.72 -25.51 -21.22
N THR C 721 31.59 -24.68 -20.62
CA THR C 721 31.23 -23.98 -19.41
C THR C 721 31.25 -22.48 -19.63
N VAL C 722 30.66 -21.76 -18.71
CA VAL C 722 30.53 -20.32 -18.82
C VAL C 722 31.22 -19.57 -17.70
N GLU C 723 31.97 -18.54 -18.08
CA GLU C 723 32.64 -17.67 -17.12
C GLU C 723 31.65 -16.62 -16.58
N ASP C 724 31.36 -15.60 -17.37
CA ASP C 724 30.32 -14.64 -17.02
C ASP C 724 28.99 -15.16 -17.56
N CYS C 725 28.11 -15.62 -16.66
CA CYS C 725 26.86 -16.29 -17.03
C CYS C 725 25.64 -15.37 -16.92
N ASN C 726 25.31 -14.71 -18.04
CA ASN C 726 24.19 -13.78 -18.08
C ASN C 726 22.88 -14.46 -18.42
N LEU C 727 22.94 -15.76 -18.69
CA LEU C 727 21.75 -16.53 -18.99
C LEU C 727 21.67 -17.74 -18.08
N SER C 728 21.77 -17.51 -16.79
CA SER C 728 21.74 -18.63 -15.87
C SER C 728 20.36 -19.24 -15.81
N LEU C 729 20.30 -20.56 -15.83
CA LEU C 729 19.04 -21.28 -15.71
C LEU C 729 18.83 -21.65 -14.26
N GLY C 730 19.93 -21.82 -13.55
CA GLY C 730 19.91 -22.18 -12.14
C GLY C 730 20.61 -23.49 -11.89
N GLN C 731 20.98 -23.73 -10.64
CA GLN C 731 21.68 -24.94 -10.26
C GLN C 731 22.94 -25.17 -11.08
N SER C 732 23.71 -24.10 -11.28
CA SER C 732 24.97 -24.12 -12.03
C SER C 732 24.78 -24.41 -13.52
N LEU C 733 23.55 -24.31 -14.01
CA LEU C 733 23.30 -24.43 -15.45
C LEU C 733 23.27 -23.07 -16.11
N CYS C 734 23.89 -22.95 -17.28
CA CYS C 734 23.93 -21.72 -18.08
C CYS C 734 23.60 -21.99 -19.53
N ALA C 735 22.84 -21.08 -20.13
CA ALA C 735 22.55 -21.18 -21.55
C ALA C 735 23.68 -20.54 -22.32
N ILE C 736 24.14 -21.19 -23.36
CA ILE C 736 25.19 -20.67 -24.20
C ILE C 736 24.62 -20.27 -25.55
N PRO C 737 24.56 -18.98 -25.89
CA PRO C 737 23.94 -18.44 -27.08
C PRO C 737 24.50 -19.06 -28.35
N PRO C 738 23.69 -19.20 -29.40
CA PRO C 738 24.06 -19.60 -30.73
C PRO C 738 24.97 -18.56 -31.36
N ASN C 739 25.73 -18.97 -32.36
CA ASN C 739 26.58 -18.02 -33.07
C ASN C 739 25.90 -17.54 -34.36
N THR C 740 24.66 -17.94 -34.55
CA THR C 740 23.90 -17.60 -35.75
C THR C 740 22.72 -16.69 -35.43
N ASN C 741 22.60 -15.61 -36.18
CA ASN C 741 21.50 -14.66 -36.02
C ASN C 741 20.19 -15.24 -36.52
N LEU C 742 19.09 -14.87 -35.85
CA LEU C 742 17.75 -15.35 -36.19
C LEU C 742 17.39 -15.09 -37.65
N ARG C 743 17.96 -14.03 -38.23
CA ARG C 743 17.67 -13.69 -39.62
C ARG C 743 18.00 -14.85 -40.55
N VAL C 744 19.01 -15.63 -40.19
CA VAL C 744 19.39 -16.80 -40.96
C VAL C 744 18.40 -17.91 -40.66
N GLY C 745 18.10 -18.07 -39.38
CA GLY C 745 17.12 -19.06 -38.92
C GLY C 745 17.27 -19.34 -37.44
N ARG C 746 16.32 -20.08 -36.87
CA ARG C 746 16.42 -20.43 -35.47
C ARG C 746 17.49 -21.47 -35.26
N SER C 747 18.12 -21.39 -34.12
CA SER C 747 19.13 -22.36 -33.72
C SER C 747 19.04 -22.59 -32.24
N THR C 748 19.68 -23.64 -31.76
CA THR C 748 19.58 -23.98 -30.36
C THR C 748 20.69 -23.40 -29.50
N PHE C 749 20.40 -23.30 -28.21
CA PHE C 749 21.36 -22.84 -27.21
C PHE C 749 22.10 -24.01 -26.64
N GLY C 750 23.35 -23.82 -26.30
CA GLY C 750 24.05 -24.89 -25.64
C GLY C 750 23.53 -24.97 -24.22
N LEU C 751 23.33 -26.18 -23.72
CA LEU C 751 22.98 -26.37 -22.34
C LEU C 751 24.25 -26.69 -21.58
N GLY C 752 24.92 -25.66 -21.09
CA GLY C 752 26.21 -25.84 -20.48
C GLY C 752 26.13 -25.56 -19.00
N SER C 753 27.25 -25.24 -18.42
CA SER C 753 27.27 -25.02 -16.97
C SER C 753 28.19 -23.90 -16.57
N LEU C 754 27.97 -23.41 -15.38
CA LEU C 754 28.79 -22.36 -14.80
C LEU C 754 30.16 -22.96 -14.51
N ALA C 755 31.21 -22.28 -14.94
CA ALA C 755 32.57 -22.78 -14.78
C ALA C 755 33.03 -22.73 -13.34
N TYR C 756 33.75 -23.76 -12.91
CA TYR C 756 34.39 -23.71 -11.61
C TYR C 756 35.87 -23.63 -11.90
N ASN C 757 36.43 -22.46 -11.68
CA ASN C 757 37.85 -22.28 -11.95
C ASN C 757 38.57 -22.60 -10.65
N SER C 758 39.08 -23.82 -10.61
CA SER C 758 39.64 -24.36 -9.38
C SER C 758 40.96 -23.65 -9.07
N PRO C 759 41.40 -23.66 -7.80
CA PRO C 759 42.65 -23.13 -7.28
C PRO C 759 43.84 -23.97 -7.68
N LEU C 760 45.02 -23.39 -7.62
CA LEU C 760 46.22 -24.19 -7.82
C LEU C 760 46.39 -25.13 -6.65
N ARG C 761 46.77 -26.36 -6.93
CA ARG C 761 46.92 -27.36 -5.88
C ARG C 761 48.37 -27.51 -5.48
N VAL C 762 48.69 -27.04 -4.27
CA VAL C 762 50.04 -27.07 -3.74
C VAL C 762 49.94 -28.06 -2.60
N ASP C 763 50.68 -29.15 -2.65
CA ASP C 763 50.52 -30.22 -1.65
C ASP C 763 51.52 -30.10 -0.51
N ALA C 764 51.07 -30.47 0.66
CA ALA C 764 51.97 -30.33 1.79
C ALA C 764 52.99 -31.45 1.90
N LEU C 765 54.09 -31.19 2.59
CA LEU C 765 55.12 -32.20 2.77
C LEU C 765 55.03 -32.80 4.15
N ASN C 766 55.34 -34.10 4.27
CA ASN C 766 55.38 -34.73 5.59
C ASN C 766 56.78 -34.46 6.13
N SER C 767 57.13 -33.19 6.18
CA SER C 767 58.41 -32.66 6.57
C SER C 767 58.43 -31.58 7.62
N SER C 768 59.62 -31.14 8.03
CA SER C 768 59.77 -30.02 8.97
C SER C 768 59.89 -28.79 8.06
N GLU C 769 59.84 -29.07 6.76
CA GLU C 769 59.91 -28.07 5.69
C GLU C 769 58.56 -28.00 5.01
N PHE C 770 58.31 -26.95 4.24
CA PHE C 770 57.04 -26.86 3.53
C PHE C 770 57.18 -26.26 2.15
N LYS C 771 56.24 -26.53 1.30
CA LYS C 771 56.27 -25.92 -0.03
C LYS C 771 55.63 -24.56 0.05
N VAL C 772 56.17 -23.66 -0.70
CA VAL C 772 55.58 -22.35 -0.85
C VAL C 772 55.53 -21.97 -2.33
N SER C 773 54.38 -21.48 -2.76
CA SER C 773 54.24 -21.01 -4.13
C SER C 773 54.47 -19.50 -4.19
N LEU C 774 55.50 -19.11 -4.92
CA LEU C 774 55.90 -17.73 -5.03
C LEU C 774 55.71 -17.27 -6.47
N PRO C 775 55.38 -16.00 -6.72
CA PRO C 775 55.33 -15.41 -8.05
C PRO C 775 56.68 -15.35 -8.75
N LEU C 776 56.70 -15.70 -10.04
CA LEU C 776 57.93 -15.54 -10.85
C LEU C 776 57.75 -14.28 -11.68
N ASN C 777 56.51 -14.00 -12.07
CA ASN C 777 56.19 -12.79 -12.88
C ASN C 777 54.98 -12.12 -12.23
N PHE C 778 54.49 -11.01 -12.79
CA PHE C 778 53.25 -10.42 -12.22
C PHE C 778 52.68 -9.32 -13.11
N THR C 779 51.38 -9.04 -12.97
CA THR C 779 50.74 -7.95 -13.66
C THR C 779 50.03 -7.07 -12.66
N PHE C 780 49.62 -5.90 -13.10
CA PHE C 780 48.76 -5.08 -12.27
C PHE C 780 47.37 -5.17 -12.85
N GLY C 781 46.38 -5.13 -12.00
CA GLY C 781 45.01 -5.16 -12.49
C GLY C 781 44.21 -4.12 -11.76
N VAL C 782 43.12 -3.69 -12.36
CA VAL C 782 42.29 -2.70 -11.72
C VAL C 782 40.93 -3.25 -11.42
N THR C 783 40.57 -3.25 -10.14
CA THR C 783 39.24 -3.67 -9.76
C THR C 783 38.41 -2.41 -9.75
N GLN C 784 37.40 -2.38 -10.60
CA GLN C 784 36.58 -1.20 -10.70
C GLN C 784 35.34 -1.41 -9.86
N GLU C 785 34.93 -0.37 -9.18
CA GLU C 785 33.77 -0.48 -8.32
C GLU C 785 32.94 0.78 -8.29
N TYR C 786 31.64 0.63 -8.39
CA TYR C 786 30.77 1.78 -8.27
C TYR C 786 29.93 1.71 -7.01
N ILE C 787 29.96 2.79 -6.24
CA ILE C 787 29.14 2.88 -5.05
C ILE C 787 28.16 4.03 -5.16
N GLU C 788 26.88 3.71 -5.06
CA GLU C 788 25.83 4.72 -5.13
C GLU C 788 25.70 5.30 -3.73
N THR C 789 25.88 6.61 -3.58
CA THR C 789 25.89 7.17 -2.23
C THR C 789 24.67 8.01 -1.90
N SER C 790 23.87 8.32 -2.90
CA SER C 790 22.67 9.10 -2.69
C SER C 790 21.70 8.80 -3.80
N ILE C 791 20.44 9.15 -3.61
CA ILE C 791 19.47 8.95 -4.67
C ILE C 791 18.89 10.26 -5.12
N GLN C 792 18.21 10.23 -6.25
CA GLN C 792 17.64 11.46 -6.76
C GLN C 792 16.61 12.01 -5.77
N LYS C 793 16.75 13.29 -5.46
CA LYS C 793 15.86 13.99 -4.52
C LYS C 793 14.66 14.54 -5.24
N ILE C 794 13.48 14.15 -4.77
CA ILE C 794 12.24 14.55 -5.41
C ILE C 794 11.29 15.21 -4.42
N THR C 795 10.64 16.27 -4.87
CA THR C 795 9.57 16.87 -4.08
C THR C 795 8.32 16.78 -4.93
N VAL C 796 7.17 16.70 -4.28
CA VAL C 796 5.94 16.57 -5.04
C VAL C 796 4.89 17.56 -4.61
N ASP C 797 4.26 18.22 -5.56
CA ASP C 797 3.15 19.08 -5.23
C ASP C 797 1.96 18.16 -5.16
N CYS C 798 1.72 17.57 -3.99
CA CYS C 798 0.72 16.59 -3.71
C CYS C 798 -0.69 17.10 -4.10
N LYS C 799 -1.01 18.31 -3.68
CA LYS C 799 -2.34 18.80 -3.99
C LYS C 799 -2.57 18.84 -5.49
N GLN C 800 -1.59 19.33 -6.25
CA GLN C 800 -1.70 19.35 -7.71
C GLN C 800 -1.68 17.96 -8.31
N TYR C 801 -0.82 17.09 -7.80
CA TYR C 801 -0.71 15.74 -8.31
C TYR C 801 -2.04 15.01 -8.22
N VAL C 802 -2.69 15.12 -7.08
CA VAL C 802 -3.94 14.42 -6.84
C VAL C 802 -5.17 15.06 -7.53
N CYS C 803 -5.34 16.39 -7.38
CA CYS C 803 -6.60 17.06 -7.81
C CYS C 803 -6.48 17.87 -9.10
N ASN C 804 -5.27 18.13 -9.57
CA ASN C 804 -5.11 18.85 -10.84
C ASN C 804 -5.96 20.10 -10.97
N GLY C 805 -6.05 20.91 -9.92
CA GLY C 805 -6.76 22.19 -9.99
C GLY C 805 -8.28 22.11 -9.77
N PHE C 806 -8.82 20.93 -9.49
CA PHE C 806 -10.26 20.81 -9.30
C PHE C 806 -10.71 20.98 -7.85
N ALA C 807 -11.56 21.98 -7.63
CA ALA C 807 -12.02 22.32 -6.29
C ALA C 807 -12.81 21.20 -5.62
N LYS C 808 -13.60 20.44 -6.38
CA LYS C 808 -14.39 19.39 -5.71
C LYS C 808 -13.50 18.29 -5.14
N CYS C 809 -12.44 17.90 -5.87
CA CYS C 809 -11.44 16.95 -5.42
C CYS C 809 -10.73 17.49 -4.18
N GLU C 810 -10.35 18.76 -4.21
CA GLU C 810 -9.63 19.33 -3.09
C GLU C 810 -10.45 19.25 -1.81
N LYS C 811 -11.78 19.39 -1.92
CA LYS C 811 -12.65 19.24 -0.76
C LYS C 811 -12.77 17.79 -0.32
N LEU C 812 -12.92 16.86 -1.27
CA LEU C 812 -13.03 15.46 -0.94
C LEU C 812 -11.77 14.93 -0.30
N LEU C 813 -10.64 15.47 -0.73
CA LEU C 813 -9.33 15.10 -0.23
C LEU C 813 -9.17 15.37 1.27
N GLU C 814 -9.99 16.25 1.83
CA GLU C 814 -9.92 16.57 3.26
C GLU C 814 -10.32 15.36 4.10
N GLN C 815 -10.98 14.37 3.50
CA GLN C 815 -11.52 13.15 4.15
C GLN C 815 -10.45 12.08 4.27
N TYR C 816 -9.29 12.48 3.85
CA TYR C 816 -8.16 11.60 4.05
C TYR C 816 -7.18 12.22 5.04
N GLY C 817 -7.63 13.29 5.71
CA GLY C 817 -6.83 13.97 6.71
C GLY C 817 -5.79 14.84 6.04
N GLN C 818 -4.76 15.21 6.77
CA GLN C 818 -3.74 16.09 6.23
C GLN C 818 -2.73 15.25 5.45
N PHE C 819 -3.23 14.60 4.41
CA PHE C 819 -2.44 13.69 3.62
C PHE C 819 -1.23 14.35 2.95
N CYS C 820 -1.46 15.47 2.28
CA CYS C 820 -0.44 16.18 1.53
C CYS C 820 0.60 16.79 2.44
N SER C 821 0.19 17.20 3.63
CA SER C 821 1.15 17.76 4.56
C SER C 821 2.14 16.68 4.95
N LYS C 822 1.64 15.46 5.17
CA LYS C 822 2.49 14.34 5.52
C LYS C 822 3.43 13.96 4.39
N ILE C 823 2.95 13.98 3.15
CA ILE C 823 3.81 13.68 2.01
C ILE C 823 4.91 14.72 1.89
N ASN C 824 4.55 15.99 2.04
CA ASN C 824 5.52 17.06 1.93
C ASN C 824 6.61 16.96 2.98
N GLN C 825 6.32 16.44 4.12
CA GLN C 825 7.25 16.38 5.21
C GLN C 825 8.08 15.15 5.11
N ALA C 826 7.48 14.13 4.60
CA ALA C 826 8.22 12.90 4.39
C ALA C 826 9.27 13.07 3.32
N LEU C 827 8.92 13.76 2.24
CA LEU C 827 9.87 13.98 1.16
C LEU C 827 10.91 14.99 1.57
N HIS C 828 10.51 16.00 2.34
CA HIS C 828 11.47 16.98 2.79
C HIS C 828 12.54 16.29 3.64
N GLY C 829 12.10 15.45 4.57
CA GLY C 829 13.01 14.72 5.43
C GLY C 829 13.96 13.84 4.62
N ALA C 830 13.41 13.07 3.69
CA ALA C 830 14.24 12.19 2.88
C ALA C 830 15.28 12.97 2.09
N ASN C 831 14.90 14.12 1.59
CA ASN C 831 15.80 14.94 0.78
C ASN C 831 16.91 15.53 1.64
N LEU C 832 16.60 15.86 2.89
CA LEU C 832 17.62 16.38 3.80
C LEU C 832 18.64 15.31 4.09
N ARG C 833 18.19 14.07 4.21
CA ARG C 833 19.09 12.96 4.47
C ARG C 833 20.06 12.77 3.33
N GLN C 834 19.60 12.97 2.09
CA GLN C 834 20.50 12.77 0.96
C GLN C 834 21.60 13.80 1.00
N ASP C 835 21.28 15.03 1.43
CA ASP C 835 22.30 16.06 1.54
C ASP C 835 23.28 15.75 2.65
N ASP C 836 22.80 15.15 3.74
CA ASP C 836 23.70 14.76 4.82
C ASP C 836 24.63 13.64 4.37
N PHE C 837 24.16 12.74 3.52
CA PHE C 837 25.01 11.67 3.04
C PHE C 837 26.17 12.29 2.27
N VAL C 838 25.87 13.32 1.48
CA VAL C 838 26.89 14.03 0.73
C VAL C 838 27.84 14.80 1.64
N ARG C 839 27.31 15.51 2.63
CA ARG C 839 28.16 16.26 3.53
C ARG C 839 29.14 15.36 4.26
N ASN C 840 28.69 14.31 4.87
CA ASN C 840 29.57 13.33 5.49
C ASN C 840 30.49 12.61 4.49
N LEU C 841 30.06 12.24 3.29
CA LEU C 841 30.92 11.56 2.36
C LEU C 841 32.11 12.42 2.01
N PHE C 842 31.87 13.70 1.80
CA PHE C 842 32.95 14.57 1.42
C PHE C 842 33.76 15.07 2.59
N GLU C 843 33.40 14.65 3.80
CA GLU C 843 34.20 14.97 4.97
C GLU C 843 35.35 13.99 4.95
N SER C 844 35.05 12.78 4.48
CA SER C 844 36.05 11.73 4.32
C SER C 844 36.95 12.00 3.12
N VAL C 845 36.37 12.52 2.04
CA VAL C 845 37.14 12.85 0.84
C VAL C 845 38.09 14.02 1.10
N LYS C 846 37.72 14.91 2.00
CA LYS C 846 38.43 16.16 2.31
C LYS C 846 39.74 15.85 2.94
N THR C 847 40.78 16.50 2.39
CA THR C 847 42.11 16.28 2.92
C THR C 847 42.57 17.54 3.67
N PRO C 848 43.26 17.39 4.80
CA PRO C 848 43.97 18.44 5.52
C PRO C 848 45.03 19.13 4.68
N GLN C 849 45.85 18.32 4.01
CA GLN C 849 46.98 18.82 3.23
C GLN C 849 47.07 18.06 1.92
N THR C 850 47.58 18.72 0.89
CA THR C 850 47.77 18.09 -0.41
C THR C 850 49.02 18.62 -1.11
N VAL C 851 49.51 17.90 -2.10
CA VAL C 851 50.54 18.46 -2.95
C VAL C 851 49.86 18.80 -4.29
N PRO C 852 49.91 20.06 -4.74
CA PRO C 852 49.22 20.55 -5.92
C PRO C 852 49.52 19.71 -7.13
N LEU C 853 48.50 19.45 -7.93
CA LEU C 853 48.67 18.63 -9.12
C LEU C 853 49.23 19.43 -10.26
N THR C 854 50.21 18.84 -10.92
CA THR C 854 50.83 19.39 -12.10
C THR C 854 50.88 18.27 -13.11
N THR C 855 51.19 18.57 -14.35
CA THR C 855 51.33 17.46 -15.28
C THR C 855 52.60 16.72 -14.92
N GLY C 856 52.62 15.42 -15.17
CA GLY C 856 53.79 14.62 -14.83
C GLY C 856 53.77 14.24 -13.35
N PHE C 857 52.60 14.40 -12.73
CA PHE C 857 52.37 14.11 -11.31
C PHE C 857 52.83 12.71 -10.92
N GLY C 858 52.53 11.73 -11.77
CA GLY C 858 52.84 10.35 -11.46
C GLY C 858 54.29 9.98 -11.75
N GLY C 859 55.07 10.90 -12.32
CA GLY C 859 56.45 10.60 -12.70
C GLY C 859 56.45 9.53 -13.79
N GLU C 860 57.10 8.42 -13.51
CA GLU C 860 57.20 7.31 -14.45
C GLU C 860 55.83 6.65 -14.66
N PHE C 861 54.93 6.89 -13.70
CA PHE C 861 53.60 6.33 -13.74
C PHE C 861 52.66 7.35 -14.38
N ASN C 862 51.91 6.93 -15.39
CA ASN C 862 51.02 7.79 -16.16
C ASN C 862 49.62 7.88 -15.51
N LEU C 863 49.39 9.03 -14.84
CA LEU C 863 48.14 9.33 -14.13
C LEU C 863 47.37 10.44 -14.86
N THR C 864 47.67 10.63 -16.15
CA THR C 864 47.07 11.70 -16.94
C THR C 864 45.55 11.59 -16.96
N LEU C 865 45.05 10.38 -17.03
CA LEU C 865 43.63 10.12 -17.09
C LEU C 865 42.91 10.50 -15.79
N LEU C 866 43.66 10.65 -14.69
CA LEU C 866 43.10 10.98 -13.39
C LEU C 866 43.22 12.47 -13.05
N GLU C 867 44.26 13.13 -13.55
CA GLU C 867 44.44 14.54 -13.21
C GLU C 867 43.34 15.37 -13.91
N PRO C 868 42.93 16.53 -13.36
CA PRO C 868 41.98 17.46 -13.93
C PRO C 868 42.39 17.95 -15.29
N LEU C 869 41.42 18.17 -16.16
CA LEU C 869 41.70 18.68 -17.50
C LEU C 869 42.30 20.09 -17.41
N SER C 870 41.89 20.85 -16.39
CA SER C 870 42.42 22.19 -16.13
C SER C 870 43.90 22.18 -15.76
N VAL C 871 44.43 21.03 -15.37
CA VAL C 871 45.86 20.88 -15.09
C VAL C 871 46.61 20.62 -16.40
N SER C 872 46.09 19.67 -17.21
CA SER C 872 46.65 19.27 -18.50
C SER C 872 45.86 19.94 -19.63
N ASN C 877 37.49 22.90 -16.91
CA ASN C 877 37.20 21.60 -16.25
C ASN C 877 38.06 21.33 -15.03
N ALA C 878 37.46 21.10 -13.93
CA ALA C 878 37.92 20.54 -12.66
C ALA C 878 37.90 19.02 -12.67
N ARG C 879 37.20 18.45 -13.64
CA ARG C 879 37.05 17.01 -13.73
C ARG C 879 38.17 16.39 -14.55
N SER C 880 38.51 15.15 -14.24
CA SER C 880 39.54 14.37 -14.92
C SER C 880 39.04 13.82 -16.24
N ALA C 881 39.95 13.31 -17.06
CA ALA C 881 39.55 12.72 -18.31
C ALA C 881 38.65 11.50 -18.11
N LEU C 882 38.98 10.61 -17.15
CA LEU C 882 38.08 9.48 -16.90
C LEU C 882 36.75 9.94 -16.38
N GLU C 883 36.65 10.96 -15.60
CA GLU C 883 35.36 11.32 -15.05
C GLU C 883 34.53 12.00 -16.10
N GLU C 884 35.14 12.71 -17.00
CA GLU C 884 34.33 13.20 -18.11
C GLU C 884 33.87 12.05 -18.98
N LEU C 885 34.74 11.08 -19.19
CA LEU C 885 34.46 9.93 -20.05
C LEU C 885 33.32 9.09 -19.46
N LEU C 886 33.34 8.90 -18.15
CA LEU C 886 32.31 8.16 -17.45
C LEU C 886 30.97 8.84 -17.58
N PHE C 887 30.95 10.16 -17.38
CA PHE C 887 29.70 10.91 -17.47
C PHE C 887 29.18 10.99 -18.90
N ASP C 888 30.03 10.90 -19.90
CA ASP C 888 29.62 10.98 -21.30
C ASP C 888 29.18 9.65 -21.83
N LYS C 889 29.50 8.56 -21.23
CA LYS C 889 29.10 7.22 -21.68
C LYS C 889 27.93 6.69 -20.86
N VAL C 890 27.58 7.29 -19.74
CA VAL C 890 26.35 6.92 -19.03
C VAL C 890 25.22 7.81 -19.55
N THR C 891 24.10 7.20 -19.93
CA THR C 891 23.03 7.99 -20.51
C THR C 891 22.12 8.55 -19.44
N ILE C 892 22.15 9.87 -19.31
CA ILE C 892 21.41 10.59 -18.28
C ILE C 892 20.60 11.71 -18.90
N ALA C 893 19.32 11.79 -18.58
CA ALA C 893 18.50 12.90 -19.06
C ALA C 893 18.96 14.16 -18.37
N ASP C 894 18.99 15.29 -19.09
CA ASP C 894 19.38 16.57 -18.50
C ASP C 894 18.24 17.15 -17.66
N PRO C 895 18.37 17.24 -16.33
CA PRO C 895 17.35 17.70 -15.40
C PRO C 895 16.87 19.11 -15.70
N GLY C 896 17.68 19.90 -16.40
CA GLY C 896 17.26 21.26 -16.69
C GLY C 896 17.22 22.13 -15.45
N TYR C 897 18.18 21.97 -14.55
CA TYR C 897 18.17 22.72 -13.30
C TYR C 897 18.11 24.22 -13.56
N MET C 898 18.83 24.69 -14.59
CA MET C 898 18.90 26.16 -14.84
C MET C 898 17.58 26.65 -15.45
N GLN C 899 17.53 26.83 -16.77
CA GLN C 899 16.26 27.23 -17.44
C GLN C 899 15.69 26.01 -18.17
N GLY C 900 15.17 25.04 -17.42
CA GLY C 900 14.68 23.80 -18.03
C GLY C 900 13.21 23.90 -18.38
N TYR C 901 12.51 24.72 -17.61
CA TYR C 901 11.09 24.97 -17.77
C TYR C 901 10.83 25.59 -19.11
N ASP C 902 11.75 26.45 -19.52
CA ASP C 902 11.66 27.21 -20.75
C ASP C 902 11.87 26.29 -21.95
N ASP C 903 12.71 25.27 -21.80
CA ASP C 903 12.96 24.33 -22.90
C ASP C 903 11.74 23.46 -23.23
N CYS C 904 10.92 23.13 -22.24
CA CYS C 904 9.75 22.28 -22.36
C CYS C 904 8.43 22.96 -22.73
N MET C 905 8.40 24.24 -22.54
CA MET C 905 7.18 25.00 -22.84
C MET C 905 6.70 24.82 -24.30
N ARG C 913 13.27 15.96 -22.91
CA ARG C 913 12.73 14.60 -22.70
C ARG C 913 11.47 14.61 -21.84
N ASP C 914 10.84 13.48 -21.78
CA ASP C 914 9.49 13.40 -21.21
C ASP C 914 9.42 13.30 -19.69
N LEU C 915 10.36 12.61 -19.04
CA LEU C 915 10.31 12.54 -17.59
C LEU C 915 10.75 13.83 -16.95
N ILE C 916 11.34 14.72 -17.74
CA ILE C 916 11.73 16.01 -17.24
C ILE C 916 10.60 17.02 -17.45
N CYS C 917 9.98 17.01 -18.64
CA CYS C 917 8.87 17.93 -18.95
C CYS C 917 7.60 17.51 -18.20
N ALA C 918 7.52 16.24 -17.81
CA ALA C 918 6.43 15.73 -16.99
C ALA C 918 6.42 16.41 -15.64
N GLN C 919 7.55 16.98 -15.22
CA GLN C 919 7.61 17.61 -13.92
C GLN C 919 6.61 18.74 -13.84
N TYR C 920 6.41 19.44 -14.96
CA TYR C 920 5.64 20.66 -14.95
C TYR C 920 4.21 20.40 -15.34
N VAL C 921 3.87 19.13 -15.49
CA VAL C 921 2.53 18.74 -15.82
C VAL C 921 1.97 17.90 -14.68
N ALA C 922 2.73 16.88 -14.31
CA ALA C 922 2.36 15.94 -13.25
C ALA C 922 2.35 16.61 -11.88
N GLY C 923 3.26 17.57 -11.65
CA GLY C 923 3.31 18.23 -10.36
C GLY C 923 4.39 17.70 -9.44
N TYR C 924 5.58 17.46 -9.98
CA TYR C 924 6.71 17.00 -9.17
C TYR C 924 7.98 17.64 -9.66
N LYS C 925 9.01 17.67 -8.82
CA LYS C 925 10.25 18.29 -9.23
C LYS C 925 11.48 17.53 -8.80
N VAL C 926 12.41 17.40 -9.73
CA VAL C 926 13.74 16.86 -9.47
C VAL C 926 14.62 17.96 -8.90
N LEU C 927 15.23 17.69 -7.76
CA LEU C 927 16.06 18.69 -7.12
C LEU C 927 17.53 18.49 -7.43
N PRO C 928 18.30 19.57 -7.52
CA PRO C 928 19.73 19.56 -7.70
C PRO C 928 20.42 19.05 -6.44
N PRO C 929 21.63 18.50 -6.58
CA PRO C 929 22.48 18.00 -5.53
C PRO C 929 23.04 19.15 -4.72
N LEU C 930 23.49 18.85 -3.51
CA LEU C 930 24.08 19.85 -2.64
C LEU C 930 25.24 20.57 -3.32
N MET C 931 26.15 19.80 -3.88
CA MET C 931 27.35 20.31 -4.52
C MET C 931 27.23 20.27 -6.04
N ASP C 932 27.84 21.23 -6.71
CA ASP C 932 27.88 21.16 -8.17
C ASP C 932 29.05 20.28 -8.59
N VAL C 933 29.26 20.16 -9.90
CA VAL C 933 30.30 19.26 -10.37
C VAL C 933 31.69 19.79 -10.12
N ASN C 934 31.90 21.07 -10.17
CA ASN C 934 33.20 21.61 -9.89
C ASN C 934 33.58 21.34 -8.46
N MET C 935 32.74 21.59 -7.53
CA MET C 935 33.11 21.38 -6.14
C MET C 935 33.41 19.93 -5.84
N GLU C 936 32.60 19.01 -6.36
CA GLU C 936 32.87 17.60 -6.09
C GLU C 936 34.19 17.21 -6.73
N ALA C 937 34.45 17.77 -7.91
CA ALA C 937 35.68 17.50 -8.62
C ALA C 937 36.87 18.05 -7.86
N ALA C 938 36.71 19.21 -7.24
CA ALA C 938 37.78 19.80 -6.45
C ALA C 938 38.14 18.87 -5.30
N TYR C 939 37.12 18.25 -4.70
CA TYR C 939 37.36 17.34 -3.60
C TYR C 939 38.13 16.10 -4.03
N THR C 940 37.77 15.51 -5.17
CA THR C 940 38.48 14.32 -5.64
C THR C 940 39.87 14.69 -6.20
N SER C 941 40.01 15.92 -6.70
CA SER C 941 41.31 16.39 -7.16
C SER C 941 42.28 16.49 -6.01
N SER C 942 41.81 17.06 -4.90
CA SER C 942 42.63 17.19 -3.70
C SER C 942 42.94 15.82 -3.13
N LEU C 943 41.99 14.90 -3.23
CA LEU C 943 42.21 13.55 -2.74
C LEU C 943 43.32 12.88 -3.55
N LEU C 944 43.31 13.03 -4.88
CA LEU C 944 44.36 12.45 -5.72
C LEU C 944 45.73 12.97 -5.31
N GLY C 945 45.80 14.26 -5.03
CA GLY C 945 47.05 14.91 -4.65
C GLY C 945 47.53 14.55 -3.24
N SER C 946 46.76 13.77 -2.50
CA SER C 946 47.18 13.41 -1.15
C SER C 946 47.55 11.94 -1.05
N ILE C 947 47.43 11.20 -2.14
CA ILE C 947 47.68 9.76 -2.06
C ILE C 947 49.13 9.43 -1.79
N ALA C 948 50.04 10.03 -2.54
CA ALA C 948 51.45 9.70 -2.42
C ALA C 948 51.98 9.99 -1.02
N GLY C 949 51.47 11.05 -0.42
CA GLY C 949 51.92 11.49 0.90
C GLY C 949 51.20 10.88 2.11
N ALA C 950 50.27 9.94 1.86
CA ALA C 950 49.43 9.30 2.86
C ALA C 950 49.52 7.78 2.71
N TRP C 952 52.31 6.93 5.56
CA TRP C 952 53.77 6.97 5.50
C TRP C 952 54.36 6.58 6.88
N THR C 953 53.90 7.24 7.95
CA THR C 953 54.29 7.01 9.36
C THR C 953 53.05 6.84 10.21
N ALA C 954 53.25 6.50 11.47
CA ALA C 954 52.13 6.42 12.41
C ALA C 954 51.50 7.80 12.58
N GLY C 955 50.17 7.86 12.67
CA GLY C 955 49.49 9.12 12.90
C GLY C 955 49.04 9.73 11.58
N LEU C 956 48.01 10.58 11.65
CA LEU C 956 47.48 11.24 10.45
C LEU C 956 47.78 12.73 10.47
N SER C 957 48.66 13.14 11.35
CA SER C 957 48.95 14.55 11.56
C SER C 957 49.86 15.21 10.54
N SER C 958 50.85 14.49 10.04
CA SER C 958 51.79 15.07 9.09
C SER C 958 51.45 14.72 7.67
N PHE C 959 52.03 15.46 6.74
CA PHE C 959 51.88 15.17 5.31
C PHE C 959 53.22 15.20 4.60
N ALA C 960 53.53 14.17 3.83
CA ALA C 960 54.80 14.14 3.14
C ALA C 960 54.62 14.36 1.65
N ALA C 961 55.30 15.36 1.10
CA ALA C 961 55.20 15.66 -0.32
C ALA C 961 56.15 14.77 -1.10
N ILE C 962 55.79 13.51 -1.12
CA ILE C 962 56.54 12.43 -1.75
C ILE C 962 56.00 12.19 -3.15
N PRO C 963 56.86 12.06 -4.18
CA PRO C 963 56.50 11.74 -5.53
C PRO C 963 55.71 10.46 -5.58
N PHE C 964 54.75 10.40 -6.48
CA PHE C 964 53.92 9.22 -6.61
C PHE C 964 54.75 7.97 -6.83
N ALA C 965 55.76 8.07 -7.70
CA ALA C 965 56.56 6.89 -8.00
C ALA C 965 57.22 6.32 -6.75
N GLN C 966 57.68 7.19 -5.85
CA GLN C 966 58.30 6.71 -4.63
C GLN C 966 57.29 6.04 -3.73
N SER C 967 56.09 6.57 -3.71
CA SER C 967 55.03 5.98 -2.89
C SER C 967 54.72 4.56 -3.37
N ILE C 968 54.68 4.37 -4.69
CA ILE C 968 54.40 3.04 -5.24
C ILE C 968 55.48 2.07 -4.86
N PHE C 969 56.74 2.48 -4.95
CA PHE C 969 57.80 1.55 -4.63
C PHE C 969 57.79 1.17 -3.16
N TYR C 970 57.48 2.11 -2.27
CA TYR C 970 57.36 1.77 -0.86
C TYR C 970 56.14 0.88 -0.59
N ARG C 971 55.05 1.12 -1.32
CA ARG C 971 53.83 0.31 -1.21
C ARG C 971 54.09 -1.13 -1.64
N LEU C 972 54.94 -1.31 -2.66
CA LEU C 972 55.32 -2.63 -3.14
C LEU C 972 56.27 -3.33 -2.17
N ASN C 973 57.20 -2.57 -1.61
CA ASN C 973 58.14 -3.12 -0.64
C ASN C 973 57.41 -3.60 0.60
N GLY C 974 56.37 -2.87 0.98
CA GLY C 974 55.59 -3.16 2.16
C GLY C 974 54.75 -4.43 2.04
N VAL C 975 54.67 -5.00 0.84
CA VAL C 975 53.87 -6.19 0.67
C VAL C 975 54.72 -7.38 0.25
N GLY C 976 56.04 -7.30 0.47
CA GLY C 976 56.88 -8.45 0.22
C GLY C 976 57.78 -8.42 -1.01
N ILE C 977 57.90 -7.30 -1.71
CA ILE C 977 58.82 -7.26 -2.86
C ILE C 977 60.09 -6.57 -2.43
N THR C 978 61.22 -7.23 -2.55
CA THR C 978 62.45 -6.67 -2.01
C THR C 978 62.94 -5.48 -2.81
N GLN C 979 63.84 -4.69 -2.21
CA GLN C 979 64.37 -3.49 -2.86
C GLN C 979 65.21 -3.75 -4.09
N GLN C 980 66.00 -4.81 -4.07
CA GLN C 980 66.76 -5.19 -5.28
C GLN C 980 65.83 -5.46 -6.44
N VAL C 981 64.71 -6.06 -6.20
CA VAL C 981 63.75 -6.39 -7.24
C VAL C 981 63.14 -5.12 -7.77
N LEU C 982 62.75 -4.24 -6.86
CA LEU C 982 62.11 -3.00 -7.27
C LEU C 982 63.06 -2.14 -8.06
N SER C 983 64.34 -2.14 -7.69
CA SER C 983 65.33 -1.35 -8.39
C SER C 983 65.63 -1.89 -9.79
N GLU C 984 65.74 -3.21 -9.91
CA GLU C 984 66.01 -3.83 -11.20
C GLU C 984 64.84 -3.71 -12.15
N ASN C 985 63.63 -3.81 -11.61
CA ASN C 985 62.41 -3.82 -12.42
C ASN C 985 61.65 -2.50 -12.39
N GLN C 986 62.26 -1.41 -11.96
CA GLN C 986 61.47 -0.18 -11.82
C GLN C 986 60.83 0.30 -13.13
N LYS C 987 61.46 0.03 -14.27
CA LYS C 987 60.88 0.41 -15.55
C LYS C 987 59.73 -0.53 -15.93
N ILE C 988 59.88 -1.78 -15.54
CA ILE C 988 58.91 -2.82 -15.82
C ILE C 988 57.67 -2.59 -14.98
N ILE C 989 57.86 -2.21 -13.74
CA ILE C 989 56.78 -1.94 -12.82
C ILE C 989 55.97 -0.76 -13.32
N ALA C 990 56.65 0.31 -13.72
CA ALA C 990 55.93 1.48 -14.24
C ALA C 990 55.18 1.13 -15.52
N ASN C 991 55.77 0.32 -16.40
CA ASN C 991 55.09 -0.01 -17.63
C ASN C 991 53.86 -0.88 -17.40
N LYS C 992 53.97 -1.86 -16.50
CA LYS C 992 52.82 -2.71 -16.23
C LYS C 992 51.71 -1.95 -15.54
N PHE C 993 52.07 -1.04 -14.64
CA PHE C 993 51.11 -0.21 -13.95
C PHE C 993 50.36 0.63 -14.96
N ASN C 994 51.10 1.25 -15.87
CA ASN C 994 50.53 2.13 -16.86
C ASN C 994 49.63 1.34 -17.80
N GLN C 995 50.03 0.17 -18.11
CA GLN C 995 49.15 -0.62 -18.97
C GLN C 995 47.86 -0.80 -18.21
N ALA C 996 47.90 -1.38 -17.02
CA ALA C 996 46.70 -1.70 -16.26
C ALA C 996 45.77 -0.53 -16.03
N LEU C 997 46.33 0.65 -15.78
CA LEU C 997 45.51 1.80 -15.44
C LEU C 997 44.94 2.44 -16.70
N GLY C 998 45.78 2.60 -17.72
CA GLY C 998 45.41 3.27 -18.96
C GLY C 998 44.40 2.46 -19.77
N ALA C 999 44.26 1.20 -19.42
CA ALA C 999 43.32 0.30 -20.07
C ALA C 999 41.90 0.80 -19.86
N MET C 1000 41.69 1.57 -18.80
CA MET C 1000 40.36 2.04 -18.46
C MET C 1000 39.79 3.02 -19.46
N GLN C 1001 40.63 3.58 -20.32
CA GLN C 1001 40.13 4.54 -21.29
C GLN C 1001 39.15 3.89 -22.26
N THR C 1002 39.24 2.58 -22.42
CA THR C 1002 38.34 1.85 -23.30
C THR C 1002 37.52 0.84 -22.51
N GLY C 1003 37.52 0.99 -21.18
CA GLY C 1003 36.88 0.03 -20.30
C GLY C 1003 35.40 0.25 -20.04
N PHE C 1004 34.87 1.44 -20.31
CA PHE C 1004 33.48 1.72 -19.99
C PHE C 1004 32.54 1.19 -21.06
N THR C 1005 32.41 -0.13 -21.07
CA THR C 1005 31.63 -0.86 -22.06
C THR C 1005 30.64 -1.79 -21.38
N THR C 1006 29.93 -2.59 -22.17
CA THR C 1006 28.92 -3.51 -21.67
C THR C 1006 29.50 -4.72 -20.94
N THR C 1007 30.81 -4.91 -21.01
CA THR C 1007 31.44 -6.04 -20.35
C THR C 1007 31.98 -5.62 -18.98
N ASN C 1008 31.84 -4.33 -18.67
CA ASN C 1008 32.31 -3.76 -17.43
C ASN C 1008 31.19 -3.66 -16.42
N GLU C 1009 31.16 -4.58 -15.46
CA GLU C 1009 30.06 -4.64 -14.51
C GLU C 1009 29.98 -3.39 -13.63
N ALA C 1010 31.12 -2.87 -13.22
CA ALA C 1010 31.12 -1.68 -12.36
C ALA C 1010 30.51 -0.51 -13.09
N PHE C 1011 30.76 -0.44 -14.39
CA PHE C 1011 30.21 0.61 -15.24
C PHE C 1011 28.72 0.43 -15.46
N GLN C 1012 28.30 -0.78 -15.76
CA GLN C 1012 26.88 -1.01 -16.01
C GLN C 1012 26.05 -0.69 -14.78
N LYS C 1013 26.54 -1.03 -13.62
CA LYS C 1013 26.03 -0.61 -12.30
C LYS C 1013 25.82 0.88 -12.17
N VAL C 1014 26.52 1.75 -12.89
CA VAL C 1014 26.34 3.18 -12.82
C VAL C 1014 25.08 3.50 -13.60
N GLN C 1015 24.96 2.89 -14.77
CA GLN C 1015 23.79 3.08 -15.62
C GLN C 1015 22.54 2.55 -14.94
N ASP C 1016 22.67 1.46 -14.21
CA ASP C 1016 21.52 0.88 -13.52
C ASP C 1016 21.02 1.81 -12.42
N ALA C 1017 21.94 2.47 -11.71
CA ALA C 1017 21.54 3.42 -10.68
C ALA C 1017 20.75 4.55 -11.30
N VAL C 1018 21.17 4.99 -12.49
CA VAL C 1018 20.49 6.04 -13.21
C VAL C 1018 19.10 5.59 -13.65
N ASN C 1019 19.02 4.37 -14.16
CA ASN C 1019 17.76 3.82 -14.63
C ASN C 1019 16.77 3.66 -13.49
N THR C 1020 17.28 3.32 -12.30
CA THR C 1020 16.43 3.15 -11.13
C THR C 1020 15.75 4.45 -10.75
N ASN C 1021 16.49 5.55 -10.79
CA ASN C 1021 15.89 6.84 -10.48
C ASN C 1021 14.84 7.20 -11.51
N ALA C 1022 15.12 6.89 -12.78
CA ALA C 1022 14.17 7.18 -13.85
C ALA C 1022 12.86 6.43 -13.69
N GLN C 1023 12.95 5.17 -13.27
CA GLN C 1023 11.76 4.34 -13.09
C GLN C 1023 10.87 4.87 -11.98
N ALA C 1024 11.48 5.39 -10.92
CA ALA C 1024 10.70 5.92 -9.81
C ALA C 1024 9.85 7.10 -10.31
N LEU C 1025 10.41 7.91 -11.20
CA LEU C 1025 9.68 9.05 -11.72
C LEU C 1025 8.68 8.64 -12.76
N ALA C 1026 8.99 7.58 -13.48
CA ALA C 1026 8.06 7.08 -14.47
C ALA C 1026 6.77 6.70 -13.80
N LYS C 1027 6.86 6.29 -12.58
CA LYS C 1027 5.71 5.80 -11.82
C LYS C 1027 4.86 6.95 -11.35
N LEU C 1028 5.43 8.08 -11.03
CA LEU C 1028 4.63 9.25 -10.71
C LEU C 1028 3.99 9.84 -11.96
N ALA C 1029 4.75 9.93 -13.04
CA ALA C 1029 4.25 10.54 -14.26
C ALA C 1029 3.20 9.67 -14.96
N SER C 1030 3.38 8.36 -14.93
CA SER C 1030 2.53 7.46 -15.69
C SER C 1030 1.27 7.07 -14.96
N GLU C 1031 1.30 6.96 -13.64
CA GLU C 1031 0.15 6.44 -12.94
C GLU C 1031 -1.00 7.44 -12.86
N LEU C 1032 -0.75 8.68 -13.24
CA LEU C 1032 -1.81 9.67 -13.34
C LEU C 1032 -2.83 9.33 -14.41
N SER C 1033 -2.39 8.56 -15.42
CA SER C 1033 -3.24 8.20 -16.55
C SER C 1033 -4.15 7.04 -16.21
N ASN C 1034 -3.94 6.43 -15.05
CA ASN C 1034 -4.74 5.29 -14.65
C ASN C 1034 -6.13 5.71 -14.25
N THR C 1035 -7.07 4.81 -14.48
CA THR C 1035 -8.46 5.01 -14.12
C THR C 1035 -8.83 3.97 -13.10
N PHE C 1036 -8.75 4.33 -11.83
CA PHE C 1036 -8.81 3.32 -10.77
C PHE C 1036 -10.22 2.90 -10.42
N GLY C 1037 -10.91 2.29 -11.38
CA GLY C 1037 -12.29 1.86 -11.20
C GLY C 1037 -13.27 2.97 -11.55
N ALA C 1038 -12.72 4.12 -11.90
CA ALA C 1038 -13.49 5.29 -12.27
C ALA C 1038 -13.88 5.20 -13.75
N ILE C 1039 -14.76 6.07 -14.20
CA ILE C 1039 -15.11 6.12 -15.62
C ILE C 1039 -14.03 6.80 -16.44
N SER C 1040 -13.16 7.55 -15.77
CA SER C 1040 -12.11 8.30 -16.42
C SER C 1040 -10.97 8.64 -15.47
N SER C 1041 -9.78 8.82 -16.03
CA SER C 1041 -8.62 9.28 -15.27
C SER C 1041 -8.71 10.77 -15.00
N SER C 1042 -9.58 11.44 -15.73
CA SER C 1042 -9.76 12.88 -15.62
C SER C 1042 -10.89 13.28 -14.71
N ILE C 1043 -10.57 14.12 -13.73
CA ILE C 1043 -11.58 14.61 -12.81
C ILE C 1043 -12.60 15.41 -13.58
N GLY C 1044 -12.12 16.18 -14.55
CA GLY C 1044 -13.00 17.00 -15.38
C GLY C 1044 -14.02 16.16 -16.14
N ASP C 1045 -13.61 14.97 -16.58
CA ASP C 1045 -14.52 14.09 -17.32
C ASP C 1045 -15.57 13.51 -16.39
N ILE C 1046 -15.19 13.26 -15.14
CA ILE C 1046 -16.14 12.74 -14.16
C ILE C 1046 -17.20 13.79 -13.86
N ILE C 1047 -16.76 15.02 -13.62
CA ILE C 1047 -17.66 16.10 -13.28
C ILE C 1047 -18.65 16.40 -14.40
N GLN C 1048 -18.21 16.35 -15.64
CA GLN C 1048 -19.08 16.66 -16.76
C GLN C 1048 -19.92 15.49 -17.24
N ARG C 1049 -19.78 14.31 -16.64
CA ARG C 1049 -20.55 13.16 -17.10
C ARG C 1049 -21.52 12.62 -16.07
N LEU C 1050 -21.16 12.68 -14.81
CA LEU C 1050 -21.98 12.09 -13.76
C LEU C 1050 -22.66 13.13 -12.89
N ASP C 1051 -23.66 12.71 -12.12
CA ASP C 1051 -24.37 13.65 -11.25
C ASP C 1051 -23.55 13.89 -9.98
N VAL C 1052 -24.02 14.78 -9.12
CA VAL C 1052 -23.20 15.21 -8.00
C VAL C 1052 -22.88 14.15 -6.95
N LEU C 1053 -23.65 13.07 -6.91
CA LEU C 1053 -23.42 12.02 -5.93
C LEU C 1053 -22.44 10.97 -6.40
N GLU C 1054 -22.57 10.57 -7.65
CA GLU C 1054 -21.66 9.62 -8.25
C GLU C 1054 -20.30 10.26 -8.50
N GLN C 1055 -20.29 11.59 -8.65
CA GLN C 1055 -19.05 12.31 -8.84
C GLN C 1055 -18.23 12.13 -7.60
N GLU C 1056 -18.85 12.15 -6.42
CA GLU C 1056 -18.05 12.03 -5.21
C GLU C 1056 -17.47 10.63 -5.12
N VAL C 1057 -18.25 9.63 -5.49
CA VAL C 1057 -17.74 8.27 -5.43
C VAL C 1057 -16.61 8.07 -6.43
N GLN C 1058 -16.82 8.53 -7.64
CA GLN C 1058 -15.85 8.39 -8.71
C GLN C 1058 -14.59 9.19 -8.48
N ILE C 1059 -14.72 10.39 -7.92
CA ILE C 1059 -13.56 11.20 -7.63
C ILE C 1059 -12.81 10.54 -6.48
N ASP C 1060 -13.52 10.02 -5.47
CA ASP C 1060 -12.85 9.33 -4.38
C ASP C 1060 -12.08 8.11 -4.89
N ARG C 1061 -12.62 7.39 -5.86
CA ARG C 1061 -11.89 6.25 -6.41
C ARG C 1061 -10.59 6.72 -7.03
N LEU C 1062 -10.67 7.82 -7.77
CA LEU C 1062 -9.53 8.38 -8.46
C LEU C 1062 -8.51 8.95 -7.47
N ILE C 1063 -9.00 9.59 -6.39
CA ILE C 1063 -8.12 10.12 -5.35
C ILE C 1063 -7.41 8.98 -4.66
N ASN C 1064 -8.14 7.95 -4.27
CA ASN C 1064 -7.54 6.86 -3.55
C ASN C 1064 -6.36 6.29 -4.33
N GLY C 1065 -6.51 6.12 -5.63
CA GLY C 1065 -5.43 5.62 -6.48
C GLY C 1065 -4.24 6.58 -6.51
N ARG C 1066 -4.45 7.84 -6.55
CA ARG C 1066 -3.40 8.84 -6.65
C ARG C 1066 -2.75 8.93 -5.30
N LEU C 1067 -3.44 8.77 -4.16
CA LEU C 1067 -2.84 8.78 -2.83
C LEU C 1067 -1.96 7.56 -2.66
N THR C 1068 -2.43 6.43 -3.20
CA THR C 1068 -1.70 5.18 -3.15
C THR C 1068 -0.38 5.32 -3.87
N THR C 1069 -0.41 5.95 -5.04
CA THR C 1069 0.80 6.15 -5.81
C THR C 1069 1.80 6.99 -5.04
N LEU C 1070 1.33 8.07 -4.43
CA LEU C 1070 2.21 8.93 -3.66
C LEU C 1070 2.78 8.22 -2.44
N ASN C 1071 1.97 7.40 -1.78
CA ASN C 1071 2.46 6.66 -0.63
C ASN C 1071 3.50 5.65 -1.03
N ALA C 1072 3.28 4.98 -2.16
CA ALA C 1072 4.22 4.00 -2.67
C ALA C 1072 5.52 4.67 -3.03
N PHE C 1073 5.43 5.88 -3.59
CA PHE C 1073 6.62 6.64 -3.95
C PHE C 1073 7.43 7.01 -2.73
N VAL C 1074 6.76 7.51 -1.70
CA VAL C 1074 7.48 7.89 -0.49
C VAL C 1074 8.12 6.68 0.16
N ALA C 1075 7.39 5.57 0.24
CA ALA C 1075 7.93 4.37 0.84
C ALA C 1075 9.16 3.86 0.10
N GLN C 1076 9.20 3.76 -1.16
CA GLN C 1076 10.40 3.43 -1.88
C GLN C 1076 11.50 4.44 -1.73
N GLN C 1077 11.21 5.70 -1.77
CA GLN C 1077 12.31 6.63 -1.57
C GLN C 1077 12.95 6.34 -0.23
N LEU C 1078 12.15 5.99 0.77
CA LEU C 1078 12.70 5.69 2.09
C LEU C 1078 13.51 4.40 2.10
N VAL C 1079 13.06 3.40 1.36
CA VAL C 1079 13.81 2.15 1.28
C VAL C 1079 15.14 2.41 0.58
N ARG C 1080 15.15 3.18 -0.47
CA ARG C 1080 16.31 3.58 -1.28
C ARG C 1080 17.18 4.53 -0.48
N SER C 1081 16.64 5.28 0.46
CA SER C 1081 17.45 6.15 1.31
C SER C 1081 18.27 5.31 2.26
N GLU C 1082 17.70 4.21 2.76
CA GLU C 1082 18.44 3.32 3.65
C GLU C 1082 19.54 2.62 2.88
N SER C 1083 19.27 2.29 1.62
CA SER C 1083 20.28 1.66 0.79
C SER C 1083 21.45 2.62 0.62
N ALA C 1084 21.14 3.88 0.30
CA ALA C 1084 22.16 4.90 0.12
C ALA C 1084 22.92 5.15 1.41
N ALA C 1085 22.26 5.08 2.56
CA ALA C 1085 22.96 5.30 3.81
C ALA C 1085 24.05 4.26 3.99
N ARG C 1086 23.73 3.02 3.65
CA ARG C 1086 24.66 1.92 3.76
C ARG C 1086 25.82 2.05 2.78
N SER C 1087 25.50 2.40 1.54
CA SER C 1087 26.51 2.52 0.52
C SER C 1087 27.37 3.75 0.73
N ALA C 1088 26.81 4.82 1.27
CA ALA C 1088 27.58 6.02 1.57
C ALA C 1088 28.60 5.68 2.65
N GLN C 1089 28.19 4.87 3.61
CA GLN C 1089 29.07 4.41 4.67
C GLN C 1089 30.22 3.59 4.11
N LEU C 1090 29.92 2.72 3.16
CA LEU C 1090 30.93 1.91 2.52
C LEU C 1090 31.91 2.79 1.76
N ALA C 1091 31.40 3.78 1.04
CA ALA C 1091 32.25 4.67 0.29
C ALA C 1091 33.20 5.41 1.22
N LYS C 1092 32.71 5.84 2.39
CA LYS C 1092 33.58 6.51 3.34
C LYS C 1092 34.70 5.60 3.79
N ASP C 1093 34.39 4.34 4.09
CA ASP C 1093 35.41 3.43 4.55
C ASP C 1093 36.45 3.19 3.48
N LYS C 1094 36.03 3.08 2.23
CA LYS C 1094 36.99 2.87 1.15
C LYS C 1094 37.82 4.11 0.86
N VAL C 1095 37.24 5.29 0.94
CA VAL C 1095 38.06 6.47 0.74
C VAL C 1095 39.15 6.52 1.81
N ASN C 1096 38.79 6.26 3.05
CA ASN C 1096 39.75 6.36 4.13
C ASN C 1096 40.71 5.18 4.19
N GLU C 1097 40.25 3.99 3.80
CA GLU C 1097 41.09 2.81 3.87
C GLU C 1097 41.83 2.36 2.59
N CYS C 1098 41.24 2.60 1.41
CA CYS C 1098 41.81 2.20 0.11
C CYS C 1098 42.57 3.30 -0.58
N VAL C 1099 42.09 4.53 -0.41
CA VAL C 1099 42.68 5.68 -1.11
C VAL C 1099 43.67 6.44 -0.24
N LYS C 1100 43.24 6.82 0.96
CA LYS C 1100 44.09 7.60 1.87
C LYS C 1100 45.10 6.74 2.62
N SER C 1101 45.05 5.44 2.40
CA SER C 1101 45.98 4.53 3.03
C SER C 1101 46.12 3.27 2.20
N GLN C 1102 46.91 2.32 2.68
CA GLN C 1102 47.06 1.05 1.99
C GLN C 1102 46.50 -0.08 2.82
N SER C 1103 45.37 -0.59 2.40
CA SER C 1103 44.69 -1.66 3.11
C SER C 1103 45.48 -2.95 3.07
N THR C 1104 45.45 -3.66 4.18
CA THR C 1104 46.04 -4.98 4.29
C THR C 1104 44.94 -6.02 4.39
N ARG C 1105 43.69 -5.55 4.34
CA ARG C 1105 42.52 -6.39 4.41
C ARG C 1105 42.32 -7.08 3.06
N SER C 1106 42.11 -8.38 3.06
CA SER C 1106 41.86 -9.10 1.81
C SER C 1106 40.45 -8.77 1.32
N GLY C 1107 40.24 -8.74 0.00
CA GLY C 1107 38.89 -8.56 -0.55
C GLY C 1107 38.48 -7.09 -0.57
N PHE C 1108 38.61 -6.45 0.57
CA PHE C 1108 38.34 -5.05 0.72
C PHE C 1108 39.40 -4.35 -0.12
N CYS C 1109 39.01 -3.35 -0.92
CA CYS C 1109 39.87 -2.61 -1.85
C CYS C 1109 40.23 -3.46 -3.08
N GLY C 1110 39.49 -4.53 -3.32
CA GLY C 1110 39.66 -5.28 -4.55
C GLY C 1110 40.43 -6.58 -4.39
N GLN C 1111 40.63 -7.26 -5.52
CA GLN C 1111 41.28 -8.56 -5.52
C GLN C 1111 42.78 -8.43 -5.67
N GLY C 1112 43.51 -9.43 -5.20
CA GLY C 1112 44.96 -9.43 -5.28
C GLY C 1112 45.51 -8.60 -4.13
N THR C 1113 46.78 -8.25 -4.20
CA THR C 1113 47.35 -7.49 -3.10
C THR C 1113 47.16 -6.01 -3.38
N HIS C 1114 46.53 -5.30 -2.47
CA HIS C 1114 46.24 -3.90 -2.72
C HIS C 1114 47.47 -3.03 -2.71
N ILE C 1115 47.58 -2.16 -3.72
CA ILE C 1115 48.67 -1.20 -3.78
C ILE C 1115 48.15 0.22 -3.64
N VAL C 1116 47.32 0.67 -4.58
CA VAL C 1116 46.82 2.04 -4.56
C VAL C 1116 45.42 2.18 -5.15
N SER C 1117 44.59 3.07 -4.59
CA SER C 1117 43.27 3.31 -5.16
C SER C 1117 43.10 4.75 -5.59
N PHE C 1118 42.26 4.94 -6.59
CA PHE C 1118 41.92 6.25 -7.08
C PHE C 1118 40.41 6.43 -7.09
N VAL C 1119 39.93 7.65 -6.88
CA VAL C 1119 38.50 7.92 -6.93
C VAL C 1119 38.13 9.11 -7.80
N ILE C 1120 37.11 8.90 -8.63
CA ILE C 1120 36.53 9.94 -9.45
C ILE C 1120 35.05 9.95 -9.14
N ASN C 1121 34.37 11.03 -9.47
CA ASN C 1121 32.94 11.10 -9.21
C ASN C 1121 32.17 10.34 -10.27
N ALA C 1122 30.99 9.86 -9.88
CA ALA C 1122 30.10 9.15 -10.76
C ALA C 1122 28.71 9.68 -10.56
N PRO C 1123 27.79 9.51 -11.50
CA PRO C 1123 26.41 9.82 -11.32
C PRO C 1123 25.93 9.13 -10.06
N ASN C 1124 25.33 9.89 -9.15
CA ASN C 1124 24.76 9.37 -7.90
C ASN C 1124 25.76 8.72 -6.94
N GLY C 1125 27.06 8.92 -7.13
CA GLY C 1125 28.02 8.29 -6.23
C GLY C 1125 29.47 8.46 -6.66
N LEU C 1126 30.30 7.50 -6.25
CA LEU C 1126 31.73 7.52 -6.52
C LEU C 1126 32.19 6.28 -7.28
N TYR C 1127 33.20 6.46 -8.13
CA TYR C 1127 33.75 5.34 -8.87
C TYR C 1127 35.17 5.07 -8.39
N PHE C 1128 35.38 3.88 -7.85
CA PHE C 1128 36.66 3.51 -7.29
C PHE C 1128 37.43 2.65 -8.27
N MET C 1129 38.73 2.88 -8.34
CA MET C 1129 39.61 2.09 -9.18
C MET C 1129 40.78 1.60 -8.35
N HIS C 1130 40.75 0.32 -8.01
CA HIS C 1130 41.74 -0.23 -7.10
C HIS C 1130 42.82 -0.95 -7.87
N VAL C 1131 44.06 -0.51 -7.75
CA VAL C 1131 45.13 -1.17 -8.47
C VAL C 1131 45.77 -2.19 -7.56
N GLY C 1132 45.72 -3.45 -7.97
CA GLY C 1132 46.27 -4.52 -7.16
C GLY C 1132 47.38 -5.26 -7.89
N TYR C 1133 48.15 -5.99 -7.12
CA TYR C 1133 49.26 -6.80 -7.61
C TYR C 1133 48.81 -8.25 -7.76
N HIS C 1134 48.88 -8.75 -8.99
CA HIS C 1134 48.40 -10.08 -9.33
C HIS C 1134 49.46 -10.95 -9.98
N PRO C 1135 49.97 -11.97 -9.30
CA PRO C 1135 50.92 -12.93 -9.82
C PRO C 1135 50.37 -13.55 -11.09
N SER C 1136 51.21 -13.72 -12.08
CA SER C 1136 50.76 -14.31 -13.34
C SER C 1136 51.35 -15.68 -13.58
N GLN C 1137 52.43 -16.00 -12.87
CA GLN C 1137 53.14 -17.29 -13.01
C GLN C 1137 53.79 -17.59 -11.70
N HIS C 1138 53.78 -18.83 -11.30
CA HIS C 1138 54.29 -19.24 -10.00
C HIS C 1138 55.38 -20.30 -10.06
N ILE C 1139 56.19 -20.35 -9.00
CA ILE C 1139 57.22 -21.36 -8.78
C ILE C 1139 57.01 -21.93 -7.39
N GLU C 1140 57.15 -23.21 -7.20
CA GLU C 1140 57.06 -23.83 -5.88
C GLU C 1140 58.44 -24.19 -5.43
N VAL C 1141 58.79 -23.78 -4.26
CA VAL C 1141 60.09 -24.08 -3.67
C VAL C 1141 59.86 -24.58 -2.26
N VAL C 1142 60.88 -25.15 -1.66
CA VAL C 1142 60.79 -25.62 -0.28
C VAL C 1142 61.37 -24.58 0.66
N ALA C 1143 60.61 -24.29 1.71
CA ALA C 1143 60.94 -23.27 2.68
C ALA C 1143 61.04 -23.81 4.10
N ALA C 1144 61.84 -23.12 4.90
CA ALA C 1144 62.00 -23.42 6.32
C ALA C 1144 61.15 -22.50 7.18
N TYR C 1145 60.84 -22.95 8.39
CA TYR C 1145 60.13 -22.12 9.36
C TYR C 1145 61.13 -21.16 10.00
N GLY C 1146 62.39 -21.56 9.96
CA GLY C 1146 63.50 -20.81 10.53
C GLY C 1146 64.76 -21.66 10.45
N LEU C 1147 65.90 -21.03 10.73
CA LEU C 1147 67.21 -21.69 10.69
C LEU C 1147 67.93 -21.49 12.01
N CYS C 1148 68.66 -22.52 12.47
CA CYS C 1148 69.46 -22.47 13.69
C CYS C 1148 70.90 -22.90 13.38
N ASP C 1149 71.83 -22.34 14.15
CA ASP C 1149 73.21 -22.77 14.03
C ASP C 1149 73.38 -24.11 14.72
N ALA C 1150 73.71 -25.14 13.95
CA ALA C 1150 73.79 -26.48 14.52
C ALA C 1150 74.78 -26.53 15.69
N ALA C 1151 75.84 -25.72 15.62
CA ALA C 1151 76.87 -25.69 16.66
C ALA C 1151 76.44 -24.86 17.88
N ASN C 1152 75.43 -24.02 17.68
CA ASN C 1152 74.94 -23.09 18.68
C ASN C 1152 73.42 -23.04 18.62
N PRO C 1153 72.74 -24.09 19.11
CA PRO C 1153 71.33 -24.41 18.89
C PRO C 1153 70.36 -23.40 19.48
N THR C 1154 70.87 -22.48 20.29
CA THR C 1154 70.04 -21.46 20.90
C THR C 1154 70.00 -20.20 20.02
N ASN C 1155 70.83 -20.17 18.98
CA ASN C 1155 70.89 -19.03 18.08
C ASN C 1155 70.10 -19.36 16.80
N CYS C 1156 68.88 -18.82 16.69
CA CYS C 1156 67.96 -19.11 15.58
C CYS C 1156 67.40 -17.83 14.98
N ILE C 1157 67.14 -17.89 13.68
CA ILE C 1157 66.57 -16.78 12.94
C ILE C 1157 65.33 -17.15 12.14
N ALA C 1158 64.53 -16.14 11.84
CA ALA C 1158 63.33 -16.28 11.03
C ALA C 1158 63.30 -15.15 10.02
N PRO C 1159 62.70 -15.35 8.84
CA PRO C 1159 62.57 -14.39 7.77
C PRO C 1159 61.54 -13.33 8.10
N VAL C 1160 61.75 -12.12 7.60
CA VAL C 1160 60.79 -11.04 7.74
C VAL C 1160 60.27 -10.63 6.37
N ASN C 1161 58.94 -10.72 6.19
CA ASN C 1161 58.29 -10.42 4.91
C ASN C 1161 58.68 -11.31 3.72
N GLY C 1162 59.08 -12.52 4.07
CA GLY C 1162 59.56 -13.48 3.11
C GLY C 1162 59.81 -14.87 3.61
N TYR C 1163 60.55 -15.64 2.84
CA TYR C 1163 60.81 -17.03 3.15
C TYR C 1163 62.27 -17.39 3.06
N PHE C 1164 62.66 -18.38 3.86
CA PHE C 1164 63.96 -19.01 3.72
C PHE C 1164 63.78 -20.21 2.84
N ILE C 1165 64.34 -20.18 1.66
CA ILE C 1165 64.12 -21.25 0.71
C ILE C 1165 65.42 -21.95 0.38
N LYS C 1166 65.34 -23.22 0.00
CA LYS C 1166 66.55 -24.01 -0.20
C LYS C 1166 66.80 -24.41 -1.64
N ASN C 1167 68.08 -24.72 -1.94
CA ASN C 1167 68.56 -25.31 -3.20
C ASN C 1167 68.16 -24.47 -4.42
N GLN C 1168 68.44 -23.15 -4.36
CA GLN C 1168 68.14 -22.21 -5.45
C GLN C 1168 69.40 -21.53 -6.01
N THR C 1169 70.39 -21.26 -5.14
CA THR C 1169 71.59 -20.52 -5.56
C THR C 1169 72.81 -21.33 -5.22
N THR C 1170 73.66 -21.63 -6.22
CA THR C 1170 74.83 -22.52 -6.05
C THR C 1170 74.35 -23.97 -5.95
N ARG C 1171 73.34 -24.19 -5.12
CA ARG C 1171 72.71 -25.52 -4.99
C ARG C 1171 73.70 -26.56 -4.47
N GLY C 1172 74.39 -26.27 -3.35
CA GLY C 1172 75.23 -27.24 -2.69
C GLY C 1172 74.69 -27.59 -1.31
N VAL C 1173 75.58 -27.88 -0.37
CA VAL C 1173 75.21 -28.29 0.98
C VAL C 1173 74.73 -27.11 1.81
N ASP C 1174 73.60 -27.30 2.50
CA ASP C 1174 73.01 -26.27 3.36
C ASP C 1174 72.80 -24.95 2.62
N ASP C 1175 72.28 -25.04 1.40
CA ASP C 1175 72.00 -23.86 0.61
C ASP C 1175 70.69 -23.21 0.98
N TRP C 1176 70.76 -22.13 1.77
CA TRP C 1176 69.57 -21.42 2.17
C TRP C 1176 69.70 -19.97 1.76
N SER C 1177 68.61 -19.40 1.27
CA SER C 1177 68.58 -18.02 0.81
C SER C 1177 67.25 -17.39 1.13
N TYR C 1178 67.18 -16.08 1.05
CA TYR C 1178 65.95 -15.37 1.36
C TYR C 1178 65.25 -14.87 0.12
N THR C 1179 63.93 -14.96 0.12
CA THR C 1179 63.14 -14.38 -0.96
C THR C 1179 62.00 -13.57 -0.39
N GLY C 1180 61.62 -12.49 -1.08
CA GLY C 1180 60.48 -11.71 -0.65
C GLY C 1180 59.27 -12.59 -0.91
N SER C 1181 58.27 -12.50 -0.05
CA SER C 1181 57.08 -13.31 -0.20
C SER C 1181 56.14 -12.97 -1.37
N SER C 1182 56.37 -11.84 -2.01
CA SER C 1182 55.50 -11.49 -3.14
C SER C 1182 56.24 -11.52 -4.46
N PHE C 1183 57.50 -11.96 -4.44
CA PHE C 1183 58.24 -12.09 -5.68
C PHE C 1183 59.46 -12.94 -5.49
N TYR C 1184 59.57 -14.00 -6.28
CA TYR C 1184 60.69 -14.91 -6.19
C TYR C 1184 61.95 -14.27 -6.73
N ALA C 1185 62.89 -14.05 -5.84
CA ALA C 1185 64.15 -13.42 -6.18
C ALA C 1185 65.19 -13.66 -5.10
N PRO C 1186 65.76 -14.86 -5.02
CA PRO C 1186 66.61 -15.32 -3.95
C PRO C 1186 67.80 -14.38 -3.77
N GLU C 1187 68.10 -14.06 -2.52
CA GLU C 1187 69.21 -13.21 -2.16
C GLU C 1187 69.84 -13.73 -0.87
N PRO C 1188 71.10 -13.40 -0.56
CA PRO C 1188 71.78 -13.83 0.64
C PRO C 1188 71.01 -13.46 1.89
N ILE C 1189 71.04 -14.35 2.87
CA ILE C 1189 70.39 -14.09 4.15
C ILE C 1189 71.27 -13.15 4.95
N THR C 1190 70.70 -12.04 5.36
CA THR C 1190 71.42 -11.03 6.12
C THR C 1190 70.57 -10.60 7.30
N THR C 1191 71.12 -9.78 8.17
CA THR C 1191 70.39 -9.31 9.35
C THR C 1191 69.30 -8.31 8.98
N LEU C 1192 69.25 -7.89 7.72
CA LEU C 1192 68.22 -6.97 7.27
C LEU C 1192 66.96 -7.71 6.82
N ASN C 1193 67.08 -9.03 6.65
CA ASN C 1193 65.98 -9.85 6.15
C ASN C 1193 65.43 -10.74 7.24
N THR C 1194 66.04 -10.68 8.42
CA THR C 1194 65.72 -11.60 9.48
C THR C 1194 65.51 -10.96 10.83
N ARG C 1195 65.01 -11.78 11.73
CA ARG C 1195 64.78 -11.43 13.14
C ARG C 1195 65.33 -12.59 13.96
N TYR C 1196 65.80 -12.35 15.17
CA TYR C 1196 66.18 -13.46 16.02
C TYR C 1196 64.97 -13.97 16.76
N VAL C 1197 64.86 -15.29 16.82
CA VAL C 1197 63.72 -15.94 17.42
C VAL C 1197 64.11 -17.03 18.40
N ALA C 1198 63.17 -17.45 19.24
CA ALA C 1198 63.40 -18.59 20.10
C ALA C 1198 63.47 -19.84 19.21
N PRO C 1199 64.29 -20.84 19.56
CA PRO C 1199 64.40 -22.12 18.89
C PRO C 1199 63.08 -22.87 18.85
N GLN C 1200 62.85 -23.58 17.75
CA GLN C 1200 61.65 -24.39 17.58
C GLN C 1200 62.02 -25.75 17.00
N VAL C 1201 61.20 -26.75 17.28
CA VAL C 1201 61.42 -28.11 16.80
C VAL C 1201 61.36 -28.24 15.28
N THR C 1202 60.77 -27.25 14.61
CA THR C 1202 60.63 -27.26 13.17
C THR C 1202 61.72 -26.47 12.44
N PHE C 1203 62.67 -25.91 13.19
CA PHE C 1203 63.73 -25.12 12.57
C PHE C 1203 64.87 -26.00 12.11
N GLN C 1204 65.49 -25.63 11.01
CA GLN C 1204 66.57 -26.43 10.46
C GLN C 1204 67.87 -26.18 11.20
N ASN C 1205 68.67 -27.25 11.34
CA ASN C 1205 70.00 -27.14 11.98
C ASN C 1205 71.03 -27.23 10.85
N ILE C 1206 71.76 -26.14 10.60
CA ILE C 1206 72.75 -26.04 9.50
C ILE C 1206 74.20 -25.93 9.96
N SER C 1207 75.07 -26.71 9.33
CA SER C 1207 76.51 -26.69 9.47
C SER C 1207 77.40 -25.79 8.50
N THR C 1208 77.12 -26.07 7.23
CA THR C 1208 77.78 -25.41 6.12
C THR C 1208 77.20 -24.14 5.55
N ASN C 1209 78.08 -23.26 5.16
CA ASN C 1209 77.62 -22.02 4.54
C ASN C 1209 76.57 -21.47 5.50
N LEU C 1210 76.96 -21.27 6.73
CA LEU C 1210 76.12 -20.68 7.74
C LEU C 1210 75.92 -19.18 7.41
N PRO C 1211 74.67 -18.68 7.39
CA PRO C 1211 74.31 -17.28 7.19
C PRO C 1211 74.98 -16.36 8.21
N PRO C 1212 75.38 -15.14 7.82
CA PRO C 1212 75.95 -14.09 8.66
C PRO C 1212 75.24 -13.82 10.01
N PRO C 1213 73.89 -13.84 10.09
CA PRO C 1213 73.16 -13.66 11.34
C PRO C 1213 73.43 -14.76 12.35
N LEU C 1214 73.90 -15.92 11.87
CA LEU C 1214 74.18 -17.04 12.74
C LEU C 1214 75.69 -17.20 13.04
N LEU C 1215 76.55 -16.95 12.10
CA LEU C 1215 78.01 -16.89 12.38
C LEU C 1215 78.18 -15.95 13.57
#